data_8EPL
#
_entry.id   8EPL
#
_cell.length_a   1.00
_cell.length_b   1.00
_cell.length_c   1.00
_cell.angle_alpha   90.00
_cell.angle_beta   90.00
_cell.angle_gamma   90.00
#
_symmetry.space_group_name_H-M   'P 1'
#
loop_
_entity.id
_entity.type
_entity.pdbx_description
1 polymer 'Voltage-dependent R-type calcium channel subunit alpha-1E'
2 polymer 'Voltage-dependent L-type calcium channel subunit beta-3'
3 polymer 'Voltage-dependent calcium channel subunit alpha-2/delta-1'
4 branched 2-acetamido-2-deoxy-beta-D-glucopyranose-(1-4)-2-acetamido-2-deoxy-beta-D-glucopyranose
5 branched 2-acetamido-2-deoxy-beta-D-glucopyranose-(1-4)-2-acetamido-2-deoxy-beta-D-glucopyranose-(1-4)-2-acetamido-2-deoxy-beta-D-glucopyranose-(1-4)-2-acetamido-2-deoxy-beta-D-glucopyranose
6 non-polymer 'CALCIUM ION'
7 non-polymer CHOLESTEROL
8 non-polymer 1,2-Distearoyl-sn-glycerophosphoethanolamine
9 non-polymer '[(2R)-1-octadecanoyloxy-3-[oxidanyl-[(1R,2R,3S,4R,5R,6S)-2,3,6-tris(oxidanyl)-4,5-diphosphonooxy-cyclohexyl]oxy-phospho ryl]oxy-propan-2-yl] (8Z)-icosa-5,8,11,14-tetraenoate'
10 non-polymer 2-acetamido-2-deoxy-beta-D-glucopyranose
#
loop_
_entity_poly.entity_id
_entity_poly.type
_entity_poly.pdbx_seq_one_letter_code
_entity_poly.pdbx_strand_id
1 'polypeptide(L)'
;MARFGEAVVARPGSGDGDSDQSRNRQGTPVPASGQAAAYKQTKAQRARTMALYNPIPVRQNCFTVNRSLFIFGEDNIVRK
YAKKLIDWPPFEYMILATIIANCIVLALEQHLPEDDKTPMSRRLEKTEPYFIGIFCFEAGIKIVALGFIFHKGSYLRNGW
NVMDFIVVLSGILATAGTHFNTHVDLRTLRAVRVLRPLKLVSGIPSLQIVLKSIMKAMVPLLQIGLLLFFAILMFAIIGL
EFYSGKLHRACFMNNSGILEGFDPPHPCGVQGCPAGYECKDWIGPNDGITQFDNILFAVLTVFQCITMEGWTTVLYNTND
ALGATWNWLYFIPLIIIGSFFVLNLVLGVLSGEFAKERERVENRRAFMKLRRQQQIERELNGYRAWIDKAEEVMLAEENK
NAGTSALEVLRRATIKRSRTEAMTRDSSDEHCVDISSVGTPLARASIKSAKVDGVSYFRHKERLLRISIRHMVKSQVFYW
IVLSLVALNTACVAIVHHNQPQWLTHLLYYAEFLFLGLFLLEMSLKMYGMGPRLYFHSSFNCFDFGVTVGSIFEVVWAIF
RPGTSFGISVLRALRLLRIFKITKYWASLRNLVVSLMSSMKSIISLLFLLFLFIVVFALLGMQLFGGRFNFNDGTPSANF
DTFPAAIMTVFQILTGEDWNEVMYNGIRSQGGVSSGMWSAIYFIVLTLFGNYTLLNVFLAIAVDNLANAQELTKDEQEEE
EAFNQKHALQKAKEVSPMSAPNMPSIERDRRRRHHMSMWEPRSSHLRERRRRHHMSVWEQRTSQLRKHMQMSSQEALNRE
EAPTMNPLNPLNPLSSLNPLNAHPSLYRRPRAIEGLALGLALEKFEEERISRGGSLKGDGGDRSSALDNQRTPLSLGQRE
PPWLARPCHGNCDPTQQEAGGGEAVVTFEDRARHRQSQRRSRHRRVRTEGKESSSASRSRSASQERSLDEAMPTEGEKDH
ELRGNHGAKEPTIQEERAQDLRRTNSLMVSRGSGLAGGLDEADTPLVLPHPELEVGKHVVLTEQEPEGSSEQALLGNVQL
DMGRVISQSEPDLSCITANTDKATTESTSVTVAIPDVDPLVDSTVVHISNKTDGEASPLKEAEIREDEEEVEKKKQKKEK
RETGKAMVPHSSMFIFSTTNPIRRACHYIVNLRYFEMCILLVIAASSIALAAEDPVLTNSERNKVLRYFDYVFTGVFTFE
MVIKMIDQGLILQDGSYFRDLWNILDFVVVVGALVAFALANALGTNKGRDIKTIKSLRVLRVLRPLKTIKRLPKLKAVFD
CVVTSLKNVFNILIVYKLFMFIFAVIAVQLFKGKFFYCTDSSKDTEKECIGNYVDHEKNKMEVKGREWKRHEFHYDNIIW
ALLTLFTVSTGEGWPQVLQHSVDVTEEDRGPSRSNRMEMSIFYVVYFVVFPFFFVNIFVALIIITFQEQGDKMMEECSLE
KNERACIDFAISAKPLTRYMPQNRHTFQYRVWHFVVSPSFEYTIMAMIALNTVVLMMKYYSAPCTYELALKYLNIAFTMV
FSLECVLKVIAFGFLNYFRDTWNIFDFITVIGSITEIILTDSKLVNTSGFNMSFLKLFRAARLIKLLRQGYTIRILLWTF
VQSFKALPYVCLLIAMLFFIYAIIGMQVFGNIKLDEESHINRHNNFRSFFGSLMLLFRSATGEAWQEIMLSCLGEKGCEP
DTTAPSGQNENERCGTDLAYVYFVSFIFFCSFLMLNLFVAVIMDNFEYLTRDSSILGPHHLDEFVRVWAEYDRAACGRIH
YTEMYEMLTLMSPPLGLGKRCPSKVAYKRLVLMNMPVAEDMTVHFTSTLMALIRTALDIKIAKGGADRQQLDSELQKETL
AIWPHLSQKMLDLLVPMPKASDLTVGKIYAAMMIMDYYKQSKVKKQRQQLEEQKNAPMFQRMEPSSLPQEIIANAKALPY
LQQDPVSGLSGRSGYPSMSPLSPQDIFQLACMDPADDGQFQERQSLEPEVSELKSVQPSNHGIYLPSDTQEHAGSGRASS
MPRLTVDPQVVTDPSSMRRSFSTIRDKRSNSSWLEEFSMERSSENTYKSRRRSYHSSLRLSAHRLNSDSGHKSDTHRSGG
RERGRSKERKHLLSPDVSRCNSEERGTQADWESPERRQSRSPSEGRSQTPNRQGTGSLSESSIPSVSDTSTPRRSRRQLP
PVPPKPRPLLSYSSLIRHAGSISPPADGSEEGSPLTSQALESNNACLTESSNSPHPQQSQHASPQRYISEPYLALHEDSH
ASDCGEEETLTFEAAVATSLGRSNTIGSAPPLRHSWQMPNGHYRRRRRGGPGPGMMCGAVNNLLSDTEEDDKC
;
A
2 'polypeptide(L)'
;MYDDSYVPGFEDSEAGSADSYTSRPSLDSDVSLEEDRESARREVESQAQQQLERAKHKPVAFAVRTNVSYCGVLDEECPV
QGSGVNFEAKDFLHIKEKYSNDWWIGRLVKEGGDIAFIPSPQRLESIRLKQEQKARRSGNPSSLSDIGNRRSPPPSLAKQ
KQKQAEHVPPYDVVPSMRPVVLVGPSLKGYEVTDMMQKALFDFLKHRFDGRISITRVTADLSLAKRSVLNNPGKRTIIER
SSARSSIAEVQSEIERIFELAKSLQLVVLDADTINHPAQLAKTSLAPIIVFVKVSSPKVLQRLIRSRGKSQMKHLTVQMM
AYDKLVQCPPESFDVILDENQLEDACEHLAEYLEVYWRATHHPAPGPGLLGPPSAIPGLQNQQLLGERGEEHSPLERDSL
MPSDEASESSRQAWTGSSQRSSRHLEEDYADAYQDLYQPHRQHTSGLPSANGHDPQDRLLAQDSEHNHSDRNWQRNRPWP
KDSY
;
B
3 'polypeptide(L)'
;MAAGCLLALTLTLFQSLLIGPSSEEPFPSAVTIKSWVDKMQEDLVTLAKTASGVNQLVDIYEKYQDLYTVEPNNARQLVE
IAARDIEKLLSNRSKALVRLALEAEKVQAAHQWREDFASNEVVYYNAKDDLDPEKNDSEPGSQRIKPVFIEDANFGRQIS
YQHAAVHIPTDIYEGSTIVLNELNWTSALDEVFKKNREEDPSLLWQVFGSATGLARYYPASPWVDNSRTPNKIDLYDVRR
RPWYIQGAASPKDMLILVDVSGSVSGLTLKLIRTSVSEMLETLSDDDFVNVASFNSNAQDVSCFQHLVQANVRNKKVLKD
AVNNITAKGITDYKKGFSFAFEQLLNYNVSRANCNKIIMLFTDGGEERAQEIFNKYNKDKKVRVFTFSVGQHNYDRGPIQ
WMACENKGYYYEIPSIGAIRINTQEYLDVLGRPMVLAGDKAKQVQWTNVYLDALELGLVITGTLPVFNITGQFENKTNLK
NQLILGVMGVDVSLEDIKRLTPRFTLCPNGYYFAIDPNGYVLLHPNLQPKPIGVGIPTINLRKRRPNIQNPKSQEPVTLD
FLDAELENDIKVEIRNKMIDGESGEKTFRTLVKSQDERYIDKGNRTYTWTPVNGTDYSLALVLPTYSFYYIKAKLEETIT
QARYSETLKPDNFEESGYTFIAPRDYCNDLKISDNNTEFLLNFNEFIDRKTPNNPSCNADLINRVLLDAGFTNELVQNYW
SKQKNIKGVKARFVVTDGGITRVYPKEAGENWQENPETYEDSFYKRSLDNDNYVFTAPYFNKSGPGAYESGIMVSKAVEI
YIQGKLLKPAVVGIKIDVNSWIENFTKTSIRDPCAGPVCDCKRNSDVMDCVILDDGGFLLMANHDDYTNQIGRFFGEIDP
SLMRHLVNISVYAFNKSYDYQSVCEPGAAPKQGAGHRSAYVPSVADILQIGWWATAAAWSILQQFLLSLTFPRLLEAVEM
EDDDFTASLSKQSCITEQTQYFFDNDSKSFSGVLDCGNCSRIFHGEKLMNTNLIFIMVESKGTCPCDTRLLIQAEQTSDG
PNPCDMVKQPRYRKGPDVCFDNNVLEDYTDCGGVSGLNPSLWYIIGIQFLLLWLVSGSTHRLL
;
C
#
# COMPACT_ATOMS: atom_id res chain seq x y z
N LEU A 85 -9.80 -47.84 -24.77
CA LEU A 85 -10.42 -46.55 -25.06
C LEU A 85 -9.46 -45.70 -25.90
N ILE A 86 -8.74 -46.34 -26.83
CA ILE A 86 -7.74 -45.63 -27.62
C ILE A 86 -8.35 -44.53 -28.48
N ASP A 87 -9.66 -44.56 -28.69
CA ASP A 87 -10.35 -43.51 -29.43
C ASP A 87 -11.07 -42.61 -28.45
N TRP A 88 -10.73 -41.33 -28.46
CA TRP A 88 -11.30 -40.38 -27.51
C TRP A 88 -11.83 -39.15 -28.20
N PRO A 89 -12.87 -39.30 -29.02
CA PRO A 89 -13.31 -38.12 -29.77
C PRO A 89 -13.58 -36.90 -28.87
N PRO A 90 -14.45 -37.01 -27.84
CA PRO A 90 -14.63 -35.83 -27.01
C PRO A 90 -14.07 -36.02 -25.62
N PHE A 91 -13.56 -37.21 -25.32
CA PHE A 91 -13.01 -37.50 -24.00
C PHE A 91 -12.10 -36.38 -23.53
N GLU A 92 -11.22 -35.88 -24.41
CA GLU A 92 -10.32 -34.80 -24.04
C GLU A 92 -11.09 -33.52 -23.74
N TYR A 93 -12.13 -33.24 -24.51
CA TYR A 93 -12.96 -32.06 -24.24
C TYR A 93 -13.65 -32.17 -22.88
N MET A 94 -14.16 -33.36 -22.54
CA MET A 94 -14.81 -33.54 -21.25
C MET A 94 -13.82 -33.42 -20.10
N ILE A 95 -12.60 -33.94 -20.29
CA ILE A 95 -11.57 -33.78 -19.27
C ILE A 95 -11.22 -32.31 -19.10
N LEU A 96 -11.15 -31.57 -20.21
CA LEU A 96 -10.88 -30.14 -20.13
C LEU A 96 -11.98 -29.40 -19.38
N ALA A 97 -13.24 -29.77 -19.63
CA ALA A 97 -14.35 -29.16 -18.91
C ALA A 97 -14.28 -29.49 -17.41
N THR A 98 -13.90 -30.72 -17.08
CA THR A 98 -13.75 -31.09 -15.67
C THR A 98 -12.65 -30.27 -15.01
N ILE A 99 -11.54 -30.04 -15.72
CA ILE A 99 -10.45 -29.24 -15.17
C ILE A 99 -10.90 -27.80 -14.97
N ILE A 100 -11.69 -27.27 -15.92
CA ILE A 100 -12.22 -25.91 -15.78
C ILE A 100 -13.12 -25.82 -14.55
N ALA A 101 -13.98 -26.83 -14.35
CA ALA A 101 -14.87 -26.82 -13.19
C ALA A 101 -14.05 -26.89 -11.89
N ASN A 102 -13.01 -27.71 -11.87
CA ASN A 102 -12.15 -27.78 -10.69
C ASN A 102 -11.46 -26.46 -10.42
N CYS A 103 -11.02 -25.77 -11.49
CA CYS A 103 -10.43 -24.45 -11.32
C CYS A 103 -11.42 -23.48 -10.72
N ILE A 104 -12.66 -23.50 -11.20
CA ILE A 104 -13.69 -22.60 -10.65
C ILE A 104 -13.94 -22.91 -9.18
N VAL A 105 -14.01 -24.19 -8.84
CA VAL A 105 -14.23 -24.57 -7.45
C VAL A 105 -13.09 -24.10 -6.57
N LEU A 106 -11.85 -24.27 -7.03
CA LEU A 106 -10.70 -23.78 -6.28
C LEU A 106 -10.72 -22.26 -6.16
N ALA A 107 -11.30 -21.56 -7.14
CA ALA A 107 -11.35 -20.11 -7.10
C ALA A 107 -12.39 -19.56 -6.13
N LEU A 108 -13.36 -20.38 -5.72
CA LEU A 108 -14.42 -19.93 -4.82
C LEU A 108 -14.11 -20.18 -3.35
N GLU A 109 -12.98 -20.81 -3.05
CA GLU A 109 -12.65 -21.11 -1.67
C GLU A 109 -12.31 -19.84 -0.89
N GLN A 110 -12.73 -19.81 0.37
CA GLN A 110 -12.43 -18.71 1.27
C GLN A 110 -11.75 -19.28 2.51
N HIS A 111 -10.64 -18.68 2.90
CA HIS A 111 -9.83 -19.18 4.01
C HIS A 111 -10.04 -18.31 5.24
N LEU A 112 -10.32 -18.94 6.37
CA LEU A 112 -10.55 -18.26 7.62
C LEU A 112 -9.58 -18.75 8.68
N PRO A 113 -9.23 -17.91 9.66
CA PRO A 113 -8.22 -18.29 10.65
C PRO A 113 -8.75 -19.28 11.68
N GLU A 114 -7.80 -19.96 12.32
CA GLU A 114 -8.04 -20.79 13.50
C GLU A 114 -9.15 -21.81 13.29
N ASP A 115 -9.05 -22.53 12.17
CA ASP A 115 -9.94 -23.65 11.85
C ASP A 115 -11.40 -23.17 11.85
N ASP A 116 -11.71 -22.30 10.90
CA ASP A 116 -13.06 -21.80 10.68
C ASP A 116 -13.43 -22.02 9.22
N LYS A 117 -14.68 -22.35 8.97
CA LYS A 117 -15.15 -22.66 7.63
C LYS A 117 -16.41 -21.88 7.31
N THR A 118 -16.41 -21.19 6.17
CA THR A 118 -17.63 -20.63 5.64
C THR A 118 -18.58 -21.75 5.25
N PRO A 119 -19.90 -21.59 5.45
CA PRO A 119 -20.82 -22.65 5.02
C PRO A 119 -20.72 -22.99 3.55
N MET A 120 -20.39 -22.01 2.70
CA MET A 120 -20.18 -22.31 1.29
C MET A 120 -18.98 -23.24 1.09
N SER A 121 -17.90 -23.00 1.83
CA SER A 121 -16.71 -23.82 1.68
C SER A 121 -16.95 -25.27 2.07
N ARG A 122 -17.81 -25.50 3.06
CA ARG A 122 -18.15 -26.86 3.45
C ARG A 122 -18.85 -27.60 2.32
N ARG A 123 -19.76 -26.92 1.62
CA ARG A 123 -20.42 -27.54 0.47
C ARG A 123 -19.42 -27.81 -0.66
N LEU A 124 -18.51 -26.88 -0.90
CA LEU A 124 -17.49 -27.09 -1.92
C LEU A 124 -16.57 -28.25 -1.56
N GLU A 125 -16.34 -28.49 -0.28
CA GLU A 125 -15.52 -29.62 0.15
C GLU A 125 -16.12 -30.96 -0.26
N LYS A 126 -17.43 -31.02 -0.53
CA LYS A 126 -18.07 -32.26 -0.90
C LYS A 126 -17.82 -32.67 -2.34
N THR A 127 -17.39 -31.73 -3.19
CA THR A 127 -17.20 -32.01 -4.62
C THR A 127 -15.84 -32.63 -4.92
N GLU A 128 -14.91 -32.64 -3.97
CA GLU A 128 -13.58 -33.17 -4.24
C GLU A 128 -13.56 -34.65 -4.61
N PRO A 129 -14.31 -35.55 -3.95
CA PRO A 129 -14.26 -36.96 -4.36
C PRO A 129 -14.65 -37.20 -5.81
N TYR A 130 -15.60 -36.42 -6.34
CA TYR A 130 -15.98 -36.59 -7.74
C TYR A 130 -14.82 -36.26 -8.68
N PHE A 131 -14.15 -35.14 -8.43
CA PHE A 131 -12.99 -34.77 -9.24
C PHE A 131 -11.87 -35.79 -9.11
N ILE A 132 -11.65 -36.28 -7.88
CA ILE A 132 -10.60 -37.27 -7.66
C ILE A 132 -10.91 -38.55 -8.42
N GLY A 133 -12.18 -38.98 -8.39
CA GLY A 133 -12.55 -40.17 -9.13
C GLY A 133 -12.42 -40.00 -10.63
N ILE A 134 -12.82 -38.83 -11.15
CA ILE A 134 -12.69 -38.59 -12.58
C ILE A 134 -11.23 -38.61 -13.01
N PHE A 135 -10.35 -37.97 -12.23
CA PHE A 135 -8.94 -37.96 -12.57
C PHE A 135 -8.31 -39.35 -12.40
N CYS A 136 -8.77 -40.13 -11.41
CA CYS A 136 -8.30 -41.49 -11.28
C CYS A 136 -8.71 -42.33 -12.50
N PHE A 137 -9.94 -42.14 -12.98
CA PHE A 137 -10.39 -42.84 -14.18
C PHE A 137 -9.54 -42.46 -15.39
N GLU A 138 -9.30 -41.17 -15.59
CA GLU A 138 -8.52 -40.75 -16.75
C GLU A 138 -7.07 -41.20 -16.64
N ALA A 139 -6.54 -41.33 -15.42
CA ALA A 139 -5.19 -41.85 -15.25
C ALA A 139 -5.14 -43.35 -15.49
N GLY A 140 -6.14 -44.10 -15.03
CA GLY A 140 -6.18 -45.52 -15.27
C GLY A 140 -6.35 -45.87 -16.73
N ILE A 141 -7.13 -45.07 -17.47
CA ILE A 141 -7.28 -45.28 -18.90
C ILE A 141 -5.97 -45.09 -19.66
N LYS A 142 -5.02 -44.33 -19.09
CA LYS A 142 -3.75 -44.08 -19.77
C LYS A 142 -2.60 -44.89 -19.22
N ILE A 143 -2.71 -45.45 -18.01
CA ILE A 143 -1.64 -46.30 -17.50
C ILE A 143 -1.70 -47.70 -18.12
N VAL A 144 -2.84 -48.38 -17.98
CA VAL A 144 -2.94 -49.78 -18.38
C VAL A 144 -3.51 -49.96 -19.79
N ALA A 145 -4.01 -48.88 -20.40
CA ALA A 145 -4.51 -48.96 -21.77
C ALA A 145 -3.72 -48.11 -22.74
N LEU A 146 -2.58 -47.56 -22.32
CA LEU A 146 -1.66 -46.89 -23.23
C LEU A 146 -0.25 -47.44 -23.02
N GLY A 147 0.03 -47.88 -21.80
CA GLY A 147 1.32 -48.46 -21.48
C GLY A 147 2.01 -47.81 -20.31
N PHE A 148 2.50 -48.61 -19.38
CA PHE A 148 3.25 -48.12 -18.23
C PHE A 148 4.63 -48.76 -18.10
N ILE A 149 4.74 -50.06 -18.40
CA ILE A 149 6.02 -50.74 -18.28
C ILE A 149 6.83 -50.63 -19.57
N PHE A 150 6.16 -50.63 -20.71
CA PHE A 150 6.84 -50.56 -22.01
C PHE A 150 7.46 -49.17 -22.16
N HIS A 151 8.78 -49.09 -21.98
CA HIS A 151 9.45 -47.80 -21.80
C HIS A 151 9.39 -46.91 -23.03
N LYS A 152 9.07 -47.46 -24.19
CA LYS A 152 9.12 -46.66 -25.42
C LYS A 152 8.11 -45.51 -25.38
N GLY A 153 6.83 -45.85 -25.30
CA GLY A 153 5.79 -44.84 -25.29
C GLY A 153 4.88 -44.93 -24.08
N SER A 154 5.46 -45.20 -22.92
CA SER A 154 4.67 -45.41 -21.70
C SER A 154 4.03 -44.11 -21.24
N TYR A 155 3.14 -44.24 -20.25
CA TYR A 155 2.39 -43.10 -19.76
C TYR A 155 3.26 -42.14 -18.96
N LEU A 156 4.10 -42.67 -18.07
CA LEU A 156 4.84 -41.84 -17.14
C LEU A 156 6.13 -41.27 -17.71
N ARG A 157 6.57 -41.74 -18.88
CA ARG A 157 7.81 -41.24 -19.46
C ARG A 157 7.68 -39.83 -20.02
N ASN A 158 6.47 -39.33 -20.18
CA ASN A 158 6.26 -37.95 -20.60
C ASN A 158 6.32 -37.03 -19.38
N GLY A 159 7.04 -35.92 -19.54
CA GLY A 159 7.17 -34.98 -18.44
C GLY A 159 5.86 -34.37 -18.02
N TRP A 160 4.96 -34.12 -18.98
CA TRP A 160 3.68 -33.52 -18.69
C TRP A 160 2.69 -34.48 -18.04
N ASN A 161 3.00 -35.77 -18.01
CA ASN A 161 2.12 -36.76 -17.41
C ASN A 161 2.54 -37.17 -16.02
N VAL A 162 3.83 -37.06 -15.69
CA VAL A 162 4.25 -37.34 -14.32
C VAL A 162 3.65 -36.31 -13.36
N MET A 163 3.46 -35.07 -13.82
CA MET A 163 2.80 -34.06 -12.99
C MET A 163 1.34 -34.45 -12.73
N ASP A 164 0.65 -34.92 -13.76
CA ASP A 164 -0.73 -35.38 -13.58
C ASP A 164 -0.80 -36.54 -12.61
N PHE A 165 0.12 -37.50 -12.76
CA PHE A 165 0.14 -38.66 -11.89
C PHE A 165 0.42 -38.26 -10.44
N ILE A 166 1.37 -37.33 -10.25
CA ILE A 166 1.67 -36.84 -8.91
C ILE A 166 0.45 -36.16 -8.30
N VAL A 167 -0.24 -35.33 -9.08
CA VAL A 167 -1.41 -34.62 -8.57
C VAL A 167 -2.50 -35.61 -8.15
N VAL A 168 -2.79 -36.59 -9.02
CA VAL A 168 -3.84 -37.55 -8.71
C VAL A 168 -3.46 -38.41 -7.51
N LEU A 169 -2.21 -38.88 -7.46
CA LEU A 169 -1.79 -39.75 -6.37
C LEU A 169 -1.79 -39.01 -5.04
N SER A 170 -1.34 -37.74 -5.03
CA SER A 170 -1.36 -36.98 -3.80
C SER A 170 -2.77 -36.59 -3.37
N GLY A 171 -3.67 -36.37 -4.34
CA GLY A 171 -5.06 -36.17 -3.99
C GLY A 171 -5.69 -37.39 -3.36
N ILE A 172 -5.33 -38.58 -3.83
CA ILE A 172 -5.84 -39.82 -3.27
C ILE A 172 -5.45 -39.94 -1.80
N LEU A 173 -4.20 -39.61 -1.48
CA LEU A 173 -3.72 -39.71 -0.11
C LEU A 173 -4.46 -38.75 0.82
N ALA A 174 -4.96 -37.63 0.28
CA ALA A 174 -5.72 -36.70 1.10
C ALA A 174 -7.00 -37.35 1.61
N THR A 175 -7.69 -38.09 0.76
CA THR A 175 -8.89 -38.83 1.18
C THR A 175 -8.58 -40.03 2.04
N ALA A 176 -7.31 -40.46 2.10
CA ALA A 176 -6.93 -41.57 2.96
C ALA A 176 -6.83 -41.18 4.42
N GLY A 177 -6.76 -39.88 4.73
CA GLY A 177 -6.69 -39.41 6.09
C GLY A 177 -8.02 -39.25 6.79
N THR A 178 -9.12 -39.53 6.11
CA THR A 178 -10.45 -39.40 6.70
C THR A 178 -10.68 -40.46 7.77
N LEU A 186 -0.49 -32.46 5.57
CA LEU A 186 -1.42 -31.75 4.70
C LEU A 186 -0.73 -31.19 3.47
N ARG A 187 0.61 -31.11 3.51
CA ARG A 187 1.37 -30.64 2.37
C ARG A 187 1.20 -31.59 1.19
N THR A 188 1.22 -32.89 1.44
CA THR A 188 0.98 -33.89 0.42
C THR A 188 -0.50 -34.21 0.26
N LEU A 189 -1.38 -33.49 0.97
CA LEU A 189 -2.81 -33.71 0.92
C LEU A 189 -3.56 -32.60 0.18
N ARG A 190 -3.34 -31.34 0.55
CA ARG A 190 -4.14 -30.25 0.01
C ARG A 190 -3.28 -29.17 -0.63
N ALA A 191 -2.04 -29.00 -0.14
CA ALA A 191 -1.18 -27.94 -0.66
C ALA A 191 -0.69 -28.21 -2.07
N VAL A 192 -0.89 -29.43 -2.59
CA VAL A 192 -0.41 -29.78 -3.92
C VAL A 192 -1.50 -29.68 -4.99
N ARG A 193 -2.75 -29.51 -4.59
CA ARG A 193 -3.83 -29.40 -5.57
C ARG A 193 -3.87 -28.03 -6.25
N VAL A 194 -2.98 -27.10 -5.86
CA VAL A 194 -2.88 -25.82 -6.56
C VAL A 194 -2.26 -25.95 -7.92
N LEU A 195 -1.68 -27.09 -8.26
CA LEU A 195 -1.19 -27.37 -9.59
C LEU A 195 -2.27 -27.87 -10.53
N ARG A 196 -3.50 -28.01 -10.05
CA ARG A 196 -4.60 -28.42 -10.91
C ARG A 196 -4.81 -27.50 -12.10
N PRO A 197 -4.75 -26.16 -11.99
CA PRO A 197 -4.87 -25.33 -13.19
C PRO A 197 -3.78 -25.59 -14.22
N LEU A 198 -2.62 -26.07 -13.79
CA LEU A 198 -1.55 -26.37 -14.74
C LEU A 198 -1.88 -27.55 -15.65
N LYS A 199 -2.93 -28.30 -15.35
CA LYS A 199 -3.34 -29.40 -16.21
C LYS A 199 -3.96 -28.90 -17.51
N LEU A 200 -4.38 -27.63 -17.56
CA LEU A 200 -4.86 -27.06 -18.81
C LEU A 200 -3.74 -26.96 -19.85
N VAL A 201 -2.51 -26.69 -19.40
CA VAL A 201 -1.39 -26.59 -20.33
C VAL A 201 -1.15 -27.92 -21.03
N SER A 202 -1.19 -29.02 -20.28
CA SER A 202 -1.02 -30.33 -20.89
C SER A 202 -2.24 -30.72 -21.73
N GLY A 203 -3.42 -30.19 -21.39
CA GLY A 203 -4.61 -30.50 -22.15
C GLY A 203 -4.58 -29.91 -23.56
N ILE A 204 -4.02 -28.71 -23.70
CA ILE A 204 -3.98 -28.00 -24.97
C ILE A 204 -2.52 -27.96 -25.44
N PRO A 205 -2.15 -28.73 -26.48
CA PRO A 205 -0.77 -28.69 -26.95
C PRO A 205 -0.34 -27.33 -27.50
N SER A 206 -1.28 -26.48 -27.89
CA SER A 206 -0.92 -25.12 -28.31
C SER A 206 -0.30 -24.35 -27.15
N LEU A 207 -0.89 -24.47 -25.96
CA LEU A 207 -0.29 -23.85 -24.78
C LEU A 207 1.05 -24.49 -24.46
N GLN A 208 1.21 -25.78 -24.74
CA GLN A 208 2.51 -26.42 -24.58
C GLN A 208 3.55 -25.79 -25.49
N ILE A 209 3.19 -25.52 -26.74
CA ILE A 209 4.11 -24.87 -27.67
C ILE A 209 4.46 -23.48 -27.20
N VAL A 210 3.46 -22.72 -26.74
CA VAL A 210 3.70 -21.36 -26.26
C VAL A 210 4.63 -21.37 -25.06
N LEU A 211 4.39 -22.27 -24.10
CA LEU A 211 5.26 -22.37 -22.93
C LEU A 211 6.66 -22.81 -23.31
N LYS A 212 6.78 -23.71 -24.29
CA LYS A 212 8.09 -24.12 -24.77
C LYS A 212 8.85 -22.94 -25.36
N SER A 213 8.17 -22.11 -26.13
CA SER A 213 8.79 -20.90 -26.67
C SER A 213 9.22 -19.97 -25.55
N ILE A 214 8.36 -19.77 -24.56
CA ILE A 214 8.70 -18.91 -23.42
C ILE A 214 9.97 -19.40 -22.74
N MET A 215 10.02 -20.69 -22.43
CA MET A 215 11.18 -21.26 -21.76
C MET A 215 12.43 -21.18 -22.64
N LYS A 216 12.29 -21.43 -23.94
CA LYS A 216 13.44 -21.39 -24.83
C LYS A 216 14.03 -19.99 -24.90
N ALA A 217 13.19 -18.97 -24.89
CA ALA A 217 13.69 -17.60 -24.91
C ALA A 217 14.44 -17.23 -23.64
N MET A 218 14.19 -17.93 -22.53
CA MET A 218 14.75 -17.57 -21.23
C MET A 218 16.03 -18.33 -20.88
N VAL A 219 16.44 -19.29 -21.70
CA VAL A 219 17.67 -20.04 -21.41
C VAL A 219 18.90 -19.15 -21.39
N PRO A 220 19.15 -18.29 -22.38
CA PRO A 220 20.38 -17.48 -22.35
C PRO A 220 20.49 -16.56 -21.15
N LEU A 221 19.38 -16.26 -20.49
CA LEU A 221 19.44 -15.42 -19.29
C LEU A 221 20.10 -16.12 -18.12
N LEU A 222 20.22 -17.45 -18.17
CA LEU A 222 20.69 -18.20 -17.00
C LEU A 222 22.08 -17.72 -16.56
N GLN A 223 22.99 -17.55 -17.53
CA GLN A 223 24.32 -17.06 -17.18
C GLN A 223 24.23 -15.70 -16.51
N ILE A 224 23.37 -14.81 -17.01
CA ILE A 224 23.15 -13.52 -16.36
C ILE A 224 22.75 -13.74 -14.92
N GLY A 225 21.83 -14.68 -14.67
CA GLY A 225 21.44 -14.98 -13.32
C GLY A 225 22.62 -15.35 -12.44
N LEU A 226 23.55 -16.15 -12.98
CA LEU A 226 24.76 -16.46 -12.24
C LEU A 226 25.50 -15.19 -11.88
N LEU A 227 25.69 -14.30 -12.86
CA LEU A 227 26.37 -13.03 -12.58
C LEU A 227 25.61 -12.22 -11.54
N LEU A 228 24.30 -12.40 -11.45
CA LEU A 228 23.56 -11.75 -10.38
C LEU A 228 23.92 -12.35 -9.03
N PHE A 229 23.89 -13.68 -8.94
CA PHE A 229 24.06 -14.33 -7.63
C PHE A 229 25.41 -13.98 -7.02
N PHE A 230 26.48 -14.09 -7.82
CA PHE A 230 27.80 -13.71 -7.35
C PHE A 230 27.79 -12.29 -6.80
N ALA A 231 27.16 -11.36 -7.52
CA ALA A 231 27.06 -9.99 -7.03
C ALA A 231 26.36 -9.95 -5.68
N ILE A 232 25.23 -10.66 -5.57
CA ILE A 232 24.53 -10.74 -4.29
C ILE A 232 25.42 -11.38 -3.25
N LEU A 233 26.22 -12.37 -3.65
CA LEU A 233 27.17 -12.97 -2.72
C LEU A 233 28.29 -12.00 -2.37
N MET A 234 28.71 -11.16 -3.32
CA MET A 234 29.86 -10.30 -3.07
C MET A 234 29.51 -9.22 -2.06
N PHE A 235 28.35 -8.57 -2.23
CA PHE A 235 27.99 -7.46 -1.35
C PHE A 235 27.56 -7.96 0.02
N ALA A 236 26.84 -9.08 0.06
CA ALA A 236 26.37 -9.61 1.34
C ALA A 236 27.53 -9.85 2.28
N ILE A 237 28.59 -10.50 1.79
CA ILE A 237 29.78 -10.71 2.60
C ILE A 237 30.35 -9.36 3.06
N ILE A 238 30.39 -8.38 2.16
CA ILE A 238 30.86 -7.05 2.55
C ILE A 238 29.94 -6.47 3.61
N GLY A 239 28.64 -6.73 3.49
CA GLY A 239 27.72 -6.29 4.53
C GLY A 239 27.82 -7.09 5.80
N LEU A 240 28.35 -8.31 5.71
CA LEU A 240 28.50 -9.14 6.90
C LEU A 240 29.69 -8.69 7.75
N GLU A 241 30.74 -8.17 7.13
CA GLU A 241 31.92 -7.74 7.86
C GLU A 241 31.81 -6.34 8.43
N PHE A 242 30.75 -5.60 8.10
CA PHE A 242 30.62 -4.21 8.52
C PHE A 242 29.34 -3.93 9.29
N TYR A 243 28.22 -4.53 8.91
CA TYR A 243 26.93 -4.20 9.49
C TYR A 243 26.38 -5.31 10.38
N SER A 244 27.18 -6.31 10.73
CA SER A 244 26.69 -7.45 11.50
C SER A 244 26.56 -7.05 12.97
N GLY A 245 25.33 -7.09 13.48
CA GLY A 245 25.08 -6.76 14.86
C GLY A 245 25.12 -5.29 15.20
N LYS A 246 25.17 -4.40 14.20
CA LYS A 246 25.23 -2.97 14.43
C LYS A 246 23.87 -2.30 14.40
N LEU A 247 22.78 -3.06 14.27
CA LEU A 247 21.44 -2.52 14.18
C LEU A 247 20.52 -3.15 15.22
N HIS A 248 21.01 -3.21 16.46
CA HIS A 248 20.28 -3.84 17.55
C HIS A 248 19.95 -2.89 18.70
N ARG A 249 20.34 -1.63 18.61
CA ARG A 249 20.03 -0.64 19.64
C ARG A 249 19.25 0.51 19.02
N ALA A 250 18.38 1.12 19.82
CA ALA A 250 17.55 2.22 19.34
C ALA A 250 17.24 3.16 20.49
N CYS A 251 16.81 4.37 20.14
CA CYS A 251 16.45 5.39 21.13
C CYS A 251 15.05 5.12 21.64
N PHE A 252 14.94 4.81 22.92
CA PHE A 252 13.67 4.42 23.54
C PHE A 252 13.28 5.28 24.72
N MET A 253 14.24 5.67 25.57
CA MET A 253 13.91 6.31 26.84
C MET A 253 13.12 7.59 26.63
N ASN A 254 11.87 7.58 27.14
CA ASN A 254 11.00 8.75 27.04
C ASN A 254 10.23 8.99 28.34
N ASN A 255 10.67 8.39 29.45
CA ASN A 255 9.98 8.44 30.74
C ASN A 255 8.47 8.35 30.58
N SER A 256 8.04 7.35 29.82
CA SER A 256 6.62 7.16 29.54
C SER A 256 6.19 5.71 29.63
N GLY A 257 7.00 4.83 30.21
CA GLY A 257 6.63 3.42 30.33
C GLY A 257 7.63 2.48 29.71
N ILE A 258 8.89 2.89 29.62
CA ILE A 258 9.98 2.09 29.07
C ILE A 258 9.60 1.64 27.66
N LEU A 259 9.11 2.58 26.86
CA LEU A 259 8.58 2.27 25.54
C LEU A 259 8.62 3.56 24.71
N GLU A 260 7.85 3.56 23.61
CA GLU A 260 7.65 4.73 22.74
C GLU A 260 8.86 4.96 21.85
N GLY A 261 8.91 6.12 21.21
CA GLY A 261 9.87 6.41 20.18
C GLY A 261 9.19 6.75 18.87
N PHE A 262 10.01 7.19 17.92
CA PHE A 262 9.51 7.63 16.63
C PHE A 262 8.93 6.45 15.85
N ASP A 263 7.90 6.73 15.05
CA ASP A 263 7.30 5.70 14.20
C ASP A 263 8.31 5.08 13.25
N PRO A 264 9.16 5.85 12.55
CA PRO A 264 10.36 5.24 11.95
C PRO A 264 11.48 5.19 12.96
N PRO A 265 11.58 4.10 13.74
CA PRO A 265 12.44 4.12 14.93
C PRO A 265 13.88 4.45 14.57
N HIS A 266 14.53 5.22 15.45
CA HIS A 266 15.87 5.73 15.23
C HIS A 266 16.88 4.79 15.88
N PRO A 267 17.59 3.97 15.11
CA PRO A 267 18.58 3.09 15.72
C PRO A 267 19.74 3.86 16.31
N CYS A 268 20.26 3.35 17.43
CA CYS A 268 21.39 3.95 18.10
C CYS A 268 22.70 3.53 17.42
N GLY A 269 23.76 4.24 17.76
CA GLY A 269 25.07 3.98 17.18
C GLY A 269 26.19 4.43 18.09
N VAL A 270 27.24 4.99 17.49
CA VAL A 270 28.44 5.37 18.23
C VAL A 270 28.39 6.79 18.77
N GLN A 271 27.27 7.50 18.54
CA GLN A 271 27.15 8.88 19.00
C GLN A 271 26.05 9.09 20.04
N GLY A 272 25.08 8.19 20.12
CA GLY A 272 24.01 8.32 21.09
C GLY A 272 22.82 9.09 20.54
N CYS A 273 21.79 9.18 21.37
CA CYS A 273 20.57 9.87 20.99
C CYS A 273 20.77 11.38 21.02
N PRO A 274 20.05 12.12 20.18
CA PRO A 274 20.26 13.57 20.11
C PRO A 274 19.67 14.33 21.28
N ALA A 275 18.78 13.69 22.05
CA ALA A 275 17.99 14.39 23.05
C ALA A 275 17.72 13.48 24.25
N GLY A 276 16.71 13.80 25.04
CA GLY A 276 16.41 13.03 26.23
C GLY A 276 15.89 11.64 25.90
N TYR A 277 16.68 10.90 25.12
CA TYR A 277 16.46 9.50 24.82
C TYR A 277 17.73 8.74 25.17
N GLU A 278 17.59 7.46 25.48
CA GLU A 278 18.73 6.63 25.81
C GLU A 278 18.69 5.34 25.00
N CYS A 279 19.88 4.89 24.61
CA CYS A 279 20.00 3.70 23.79
C CYS A 279 19.56 2.46 24.56
N LYS A 280 18.77 1.62 23.91
CA LYS A 280 18.24 0.42 24.53
C LYS A 280 18.18 -0.69 23.49
N ASP A 281 18.14 -1.92 23.97
CA ASP A 281 18.13 -3.08 23.07
C ASP A 281 16.90 -3.06 22.19
N TRP A 282 17.12 -3.33 20.90
CA TRP A 282 16.08 -3.23 19.89
C TRP A 282 16.03 -4.53 19.10
N ILE A 283 14.81 -4.99 18.80
CA ILE A 283 14.65 -6.27 18.11
C ILE A 283 15.23 -6.20 16.70
N GLY A 284 14.95 -5.12 15.98
CA GLY A 284 15.42 -4.97 14.62
C GLY A 284 14.54 -4.02 13.82
N PRO A 285 15.03 -3.59 12.66
CA PRO A 285 14.28 -2.60 11.87
C PRO A 285 12.89 -3.04 11.47
N ASN A 286 12.80 -4.12 10.69
CA ASN A 286 11.51 -4.66 10.27
C ASN A 286 11.13 -5.85 11.15
N ASP A 287 10.97 -5.57 12.44
CA ASP A 287 10.76 -6.62 13.45
C ASP A 287 11.89 -7.66 13.41
N GLY A 288 13.11 -7.18 13.19
CA GLY A 288 14.27 -8.06 13.20
C GLY A 288 14.54 -8.80 11.91
N ILE A 289 14.00 -8.35 10.79
CA ILE A 289 14.13 -9.06 9.52
C ILE A 289 15.20 -8.42 8.64
N THR A 290 15.23 -7.09 8.55
CA THR A 290 16.17 -6.38 7.69
C THR A 290 17.46 -6.11 8.47
N GLN A 291 18.44 -6.98 8.30
CA GLN A 291 19.70 -6.87 9.05
C GLN A 291 20.76 -7.71 8.34
N PHE A 292 21.98 -7.64 8.84
CA PHE A 292 23.09 -8.41 8.31
C PHE A 292 23.69 -9.31 9.38
N ASP A 293 22.86 -10.01 10.14
CA ASP A 293 23.35 -10.82 11.26
C ASP A 293 24.18 -11.99 10.77
N ASN A 294 23.59 -12.86 9.95
CA ASN A 294 24.31 -13.95 9.32
C ASN A 294 24.19 -13.80 7.80
N ILE A 295 24.72 -14.80 7.07
CA ILE A 295 24.79 -14.66 5.62
C ILE A 295 23.42 -14.76 4.98
N LEU A 296 22.46 -15.44 5.62
CA LEU A 296 21.13 -15.54 5.04
C LEU A 296 20.39 -14.22 5.14
N PHE A 297 20.45 -13.57 6.30
CA PHE A 297 19.84 -12.25 6.45
C PHE A 297 20.51 -11.23 5.54
N ALA A 298 21.84 -11.29 5.42
CA ALA A 298 22.55 -10.38 4.53
C ALA A 298 22.15 -10.61 3.09
N VAL A 299 22.02 -11.86 2.67
CA VAL A 299 21.63 -12.16 1.29
C VAL A 299 20.22 -11.66 1.03
N LEU A 300 19.30 -11.87 1.98
CA LEU A 300 17.93 -11.38 1.81
C LEU A 300 17.89 -9.86 1.72
N THR A 301 18.65 -9.16 2.58
CA THR A 301 18.67 -7.71 2.54
C THR A 301 19.26 -7.19 1.23
N VAL A 302 20.33 -7.82 0.75
CA VAL A 302 20.94 -7.39 -0.51
C VAL A 302 19.99 -7.64 -1.67
N PHE A 303 19.32 -8.78 -1.68
CA PHE A 303 18.36 -9.06 -2.75
C PHE A 303 17.22 -8.05 -2.73
N GLN A 304 16.74 -7.69 -1.54
CA GLN A 304 15.70 -6.67 -1.45
C GLN A 304 16.21 -5.32 -1.94
N CYS A 305 17.48 -5.02 -1.68
CA CYS A 305 18.03 -3.73 -2.10
C CYS A 305 18.21 -3.65 -3.61
N ILE A 306 18.69 -4.72 -4.25
CA ILE A 306 18.91 -4.68 -5.69
C ILE A 306 17.61 -4.58 -6.46
N THR A 307 16.48 -4.91 -5.83
CA THR A 307 15.18 -4.70 -6.45
C THR A 307 14.68 -3.28 -6.24
N MET A 308 15.46 -2.43 -5.56
CA MET A 308 15.12 -1.03 -5.32
C MET A 308 13.80 -0.89 -4.56
N GLU A 309 13.54 -1.81 -3.64
CA GLU A 309 12.35 -1.79 -2.81
C GLU A 309 12.79 -1.56 -1.37
N GLY A 310 12.68 -0.32 -0.90
CA GLY A 310 13.04 -0.02 0.47
C GLY A 310 14.51 0.00 0.77
N TRP A 311 15.37 0.16 -0.25
CA TRP A 311 16.80 0.20 -0.01
C TRP A 311 17.22 1.48 0.70
N THR A 312 16.47 2.56 0.52
CA THR A 312 16.79 3.81 1.21
C THR A 312 16.54 3.68 2.71
N THR A 313 15.55 2.88 3.12
CA THR A 313 15.35 2.64 4.55
C THR A 313 16.55 1.91 5.15
N VAL A 314 17.09 0.94 4.43
CA VAL A 314 18.30 0.25 4.90
C VAL A 314 19.46 1.21 4.96
N LEU A 315 19.59 2.08 3.96
CA LEU A 315 20.68 3.05 3.95
C LEU A 315 20.58 4.01 5.14
N TYR A 316 19.37 4.46 5.44
CA TYR A 316 19.20 5.41 6.53
C TYR A 316 19.31 4.74 7.90
N ASN A 317 19.00 3.45 7.98
CA ASN A 317 19.17 2.73 9.24
C ASN A 317 20.64 2.66 9.64
N THR A 318 21.52 2.45 8.67
CA THR A 318 22.95 2.42 8.95
C THR A 318 23.59 3.80 8.90
N ASN A 319 22.85 4.83 8.51
CA ASN A 319 23.39 6.18 8.51
C ASN A 319 23.47 6.74 9.92
N ASP A 320 22.44 6.51 10.73
CA ASP A 320 22.41 7.00 12.10
C ASP A 320 22.91 5.97 13.11
N ALA A 321 23.31 4.77 12.65
CA ALA A 321 23.89 3.77 13.52
C ALA A 321 25.41 3.68 13.42
N LEU A 322 26.00 4.17 12.32
CA LEU A 322 27.45 4.17 12.18
C LEU A 322 27.98 5.47 11.59
N GLY A 323 27.15 6.48 11.44
CA GLY A 323 27.59 7.67 10.73
C GLY A 323 27.35 7.58 9.24
N ALA A 324 27.10 8.73 8.63
CA ALA A 324 26.76 8.80 7.22
C ALA A 324 27.97 9.03 6.31
N THR A 325 29.17 8.69 6.79
CA THR A 325 30.38 9.03 6.04
C THR A 325 30.63 8.02 4.91
N TRP A 326 30.57 6.73 5.21
CA TRP A 326 30.96 5.70 4.25
C TRP A 326 29.81 4.80 3.79
N ASN A 327 28.62 4.92 4.38
CA ASN A 327 27.53 4.02 4.01
C ASN A 327 27.13 4.21 2.55
N TRP A 328 27.14 5.46 2.06
CA TRP A 328 26.79 5.72 0.68
C TRP A 328 27.72 4.99 -0.29
N LEU A 329 28.93 4.67 0.15
CA LEU A 329 29.88 3.95 -0.70
C LEU A 329 29.51 2.48 -0.87
N TYR A 330 28.59 1.96 -0.07
CA TYR A 330 28.15 0.58 -0.17
C TYR A 330 26.84 0.41 -0.93
N PHE A 331 25.92 1.36 -0.80
CA PHE A 331 24.60 1.21 -1.40
C PHE A 331 24.51 1.80 -2.80
N ILE A 332 25.19 2.92 -3.06
CA ILE A 332 25.16 3.50 -4.41
C ILE A 332 25.75 2.55 -5.45
N PRO A 333 26.93 1.96 -5.25
CA PRO A 333 27.38 0.94 -6.21
C PRO A 333 26.45 -0.26 -6.29
N LEU A 334 25.87 -0.67 -5.15
CA LEU A 334 25.02 -1.85 -5.13
C LEU A 334 23.83 -1.70 -6.05
N ILE A 335 23.22 -0.50 -6.06
CA ILE A 335 22.14 -0.23 -7.00
C ILE A 335 22.69 -0.12 -8.42
N ILE A 336 23.86 0.49 -8.58
CA ILE A 336 24.40 0.72 -9.92
C ILE A 336 24.83 -0.59 -10.56
N ILE A 337 25.50 -1.45 -9.80
CA ILE A 337 25.96 -2.73 -10.32
C ILE A 337 24.86 -3.78 -10.26
N GLY A 338 24.23 -3.95 -9.11
CA GLY A 338 23.26 -5.02 -8.94
C GLY A 338 22.00 -4.83 -9.76
N SER A 339 21.55 -3.58 -9.90
CA SER A 339 20.25 -3.30 -10.48
C SER A 339 20.32 -2.76 -11.91
N PHE A 340 21.04 -1.66 -12.14
CA PHE A 340 21.08 -1.06 -13.46
C PHE A 340 21.92 -1.89 -14.42
N PHE A 341 23.10 -2.34 -13.98
CA PHE A 341 23.98 -3.11 -14.85
C PHE A 341 23.34 -4.44 -15.25
N VAL A 342 22.69 -5.10 -14.30
CA VAL A 342 22.05 -6.38 -14.59
C VAL A 342 20.88 -6.17 -15.55
N LEU A 343 20.12 -5.08 -15.37
CA LEU A 343 19.03 -4.79 -16.30
C LEU A 343 19.57 -4.53 -17.70
N ASN A 344 20.67 -3.78 -17.81
CA ASN A 344 21.28 -3.55 -19.11
C ASN A 344 21.72 -4.85 -19.76
N LEU A 345 22.36 -5.73 -19.00
CA LEU A 345 22.82 -7.01 -19.54
C LEU A 345 21.64 -7.86 -19.98
N VAL A 346 20.58 -7.89 -19.19
CA VAL A 346 19.40 -8.68 -19.54
C VAL A 346 18.78 -8.15 -20.83
N LEU A 347 18.64 -6.83 -20.93
CA LEU A 347 18.08 -6.25 -22.16
C LEU A 347 18.94 -6.56 -23.37
N GLY A 348 20.26 -6.44 -23.23
CA GLY A 348 21.14 -6.73 -24.36
C GLY A 348 21.07 -8.18 -24.80
N VAL A 349 21.12 -9.11 -23.84
CA VAL A 349 21.06 -10.52 -24.16
C VAL A 349 19.72 -10.86 -24.81
N LEU A 350 18.63 -10.34 -24.26
CA LEU A 350 17.31 -10.63 -24.81
C LEU A 350 17.17 -10.08 -26.22
N SER A 351 17.63 -8.86 -26.46
CA SER A 351 17.53 -8.27 -27.80
C SER A 351 18.38 -9.05 -28.79
N GLY A 352 19.58 -9.45 -28.39
CA GLY A 352 20.40 -10.27 -29.27
C GLY A 352 19.75 -11.60 -29.61
N GLU A 353 19.16 -12.25 -28.61
CA GLU A 353 18.49 -13.52 -28.85
C GLU A 353 17.27 -13.35 -29.75
N PHE A 354 16.52 -12.26 -29.57
CA PHE A 354 15.38 -12.00 -30.44
C PHE A 354 15.82 -11.78 -31.88
N ALA A 355 16.88 -10.99 -32.07
CA ALA A 355 17.40 -10.78 -33.42
C ALA A 355 17.88 -12.09 -34.05
N LYS A 356 18.57 -12.91 -33.27
CA LYS A 356 19.06 -14.18 -33.78
C LYS A 356 17.91 -15.12 -34.15
N GLU A 357 16.88 -15.18 -33.31
CA GLU A 357 15.78 -16.11 -33.53
C GLU A 357 14.76 -15.62 -34.54
N ARG A 358 14.79 -14.33 -34.89
CA ARG A 358 13.89 -13.84 -35.93
C ARG A 358 14.27 -14.36 -37.31
N GLU A 359 15.50 -14.88 -37.47
CA GLU A 359 15.98 -15.32 -38.77
C GLU A 359 15.91 -16.84 -38.94
N ARG A 360 15.22 -17.53 -38.05
CA ARG A 360 15.02 -18.97 -38.23
C ARG A 360 14.14 -19.24 -39.44
N VAL A 361 14.21 -20.48 -39.93
CA VAL A 361 13.53 -20.82 -41.18
C VAL A 361 12.02 -20.67 -41.03
N GLU A 362 11.45 -21.15 -39.92
CA GLU A 362 10.01 -21.06 -39.72
C GLU A 362 9.56 -19.61 -39.60
N ASN A 363 10.32 -18.80 -38.86
CA ASN A 363 9.98 -17.39 -38.73
C ASN A 363 10.07 -16.66 -40.07
N ARG A 364 11.10 -16.98 -40.86
CA ARG A 364 11.22 -16.38 -42.19
C ARG A 364 10.05 -16.78 -43.07
N ARG A 365 9.64 -18.05 -43.01
CA ARG A 365 8.50 -18.49 -43.80
C ARG A 365 7.22 -17.78 -43.39
N ALA A 366 6.99 -17.63 -42.08
CA ALA A 366 5.81 -16.92 -41.62
C ALA A 366 5.82 -15.46 -42.06
N PHE A 367 6.98 -14.80 -41.96
CA PHE A 367 7.06 -13.41 -42.37
C PHE A 367 6.87 -13.26 -43.87
N MET A 368 7.40 -14.21 -44.66
CA MET A 368 7.17 -14.16 -46.10
C MET A 368 5.71 -14.34 -46.43
N LYS A 369 5.02 -15.23 -45.72
CA LYS A 369 3.59 -15.40 -45.91
C LYS A 369 2.84 -14.10 -45.61
N LEU A 370 3.19 -13.45 -44.50
CA LEU A 370 2.55 -12.18 -44.16
C LEU A 370 2.85 -11.11 -45.20
N ARG A 371 4.09 -11.06 -45.68
CA ARG A 371 4.47 -10.07 -46.70
C ARG A 371 3.70 -10.29 -48.00
N ARG A 372 3.55 -11.54 -48.43
CA ARG A 372 2.81 -11.80 -49.66
C ARG A 372 1.33 -11.49 -49.48
N GLN A 373 0.78 -11.77 -48.29
CA GLN A 373 -0.61 -11.39 -48.02
C GLN A 373 -0.77 -9.88 -48.14
N GLN A 374 0.14 -9.14 -47.51
CA GLN A 374 0.07 -7.68 -47.56
C GLN A 374 0.23 -7.14 -48.97
N GLN A 375 1.15 -7.72 -49.75
CA GLN A 375 1.34 -7.28 -51.12
C GLN A 375 0.10 -7.54 -51.98
N ILE A 376 -0.51 -8.72 -51.82
CA ILE A 376 -1.73 -9.03 -52.55
C ILE A 376 -2.84 -8.06 -52.18
N GLU A 377 -2.97 -7.77 -50.88
CA GLU A 377 -4.01 -6.84 -50.45
C GLU A 377 -3.76 -5.44 -50.99
N ARG A 378 -2.50 -4.99 -51.00
CA ARG A 378 -2.16 -3.68 -51.51
C ARG A 378 -2.47 -3.57 -53.00
N GLU A 379 -2.16 -4.62 -53.76
CA GLU A 379 -2.46 -4.58 -55.20
C GLU A 379 -3.95 -4.73 -55.47
N LEU A 380 -4.69 -5.42 -54.60
CA LEU A 380 -6.13 -5.57 -54.79
C LEU A 380 -6.88 -4.29 -54.43
N ASN A 381 -6.40 -3.53 -53.45
CA ASN A 381 -7.08 -2.30 -53.07
C ASN A 381 -7.07 -1.27 -54.18
N GLY A 382 -5.96 -1.16 -54.91
CA GLY A 382 -5.89 -0.18 -55.99
C GLY A 382 -6.85 -0.49 -57.12
N TYR A 383 -7.04 -1.78 -57.43
CA TYR A 383 -7.94 -2.15 -58.52
C TYR A 383 -9.39 -1.87 -58.16
N ARG A 384 -9.74 -1.93 -56.87
CA ARG A 384 -11.13 -1.68 -56.47
C ARG A 384 -11.55 -0.25 -56.76
N ALA A 385 -10.60 0.68 -56.81
CA ALA A 385 -10.93 2.06 -57.16
C ALA A 385 -11.47 2.15 -58.58
N TRP A 386 -10.91 1.34 -59.50
CA TRP A 386 -11.38 1.35 -60.88
C TRP A 386 -12.85 0.95 -60.96
N ILE A 387 -13.25 -0.07 -60.20
CA ILE A 387 -14.62 -0.57 -60.28
C ILE A 387 -15.61 0.48 -59.80
N ASP A 388 -15.30 1.17 -58.71
CA ASP A 388 -16.20 2.20 -58.20
C ASP A 388 -16.21 3.43 -59.09
N LYS A 389 -15.04 3.85 -59.57
CA LYS A 389 -14.97 5.02 -60.44
C LYS A 389 -15.75 4.80 -61.73
N ALA A 390 -15.59 3.62 -62.34
CA ALA A 390 -16.38 3.30 -63.52
C ALA A 390 -17.87 3.25 -63.20
N GLU A 391 -18.22 2.61 -62.09
CA GLU A 391 -19.63 2.45 -61.73
C GLU A 391 -20.30 3.79 -61.48
N GLU A 392 -19.60 4.73 -60.87
CA GLU A 392 -20.16 6.06 -60.64
C GLU A 392 -20.43 6.78 -61.96
N VAL A 393 -19.54 6.63 -62.94
CA VAL A 393 -19.68 7.38 -64.18
C VAL A 393 -20.88 6.88 -64.98
N MET A 394 -21.05 5.56 -65.11
CA MET A 394 -22.13 5.03 -65.95
C MET A 394 -23.49 5.43 -65.39
N LEU A 395 -23.66 5.35 -64.07
CA LEU A 395 -24.92 5.78 -63.46
C LEU A 395 -25.12 7.28 -63.65
N ALA A 396 -24.04 8.06 -63.58
CA ALA A 396 -24.14 9.49 -63.82
C ALA A 396 -24.58 9.79 -65.26
N GLU A 397 -24.04 9.03 -66.23
CA GLU A 397 -24.42 9.19 -67.61
C GLU A 397 -25.55 8.26 -68.04
N GLU A 398 -26.08 7.46 -67.11
CA GLU A 398 -27.21 6.56 -67.33
C GLU A 398 -27.13 5.80 -68.65
N ILE A 469 -23.82 5.66 -55.49
CA ILE A 469 -24.76 6.69 -55.08
C ILE A 469 -24.18 7.50 -53.92
N ARG A 470 -23.58 6.80 -52.95
CA ARG A 470 -23.02 7.45 -51.77
C ARG A 470 -21.61 7.97 -52.05
N HIS A 471 -21.54 8.96 -52.93
CA HIS A 471 -20.27 9.57 -53.30
C HIS A 471 -19.81 10.65 -52.34
N MET A 472 -20.70 11.16 -51.48
CA MET A 472 -20.32 12.21 -50.55
C MET A 472 -19.58 11.70 -49.33
N VAL A 473 -19.63 10.39 -49.04
CA VAL A 473 -18.94 9.82 -47.89
C VAL A 473 -17.50 9.44 -48.21
N LYS A 474 -17.03 9.71 -49.42
CA LYS A 474 -15.64 9.45 -49.79
C LYS A 474 -14.90 10.74 -50.14
N SER A 475 -15.42 11.89 -49.75
CA SER A 475 -14.82 13.17 -50.04
C SER A 475 -14.01 13.68 -48.84
N GLN A 476 -13.08 14.59 -49.12
CA GLN A 476 -12.25 15.16 -48.06
C GLN A 476 -13.08 15.98 -47.10
N VAL A 477 -14.06 16.74 -47.61
CA VAL A 477 -14.84 17.63 -46.76
C VAL A 477 -15.62 16.84 -45.72
N PHE A 478 -16.28 15.75 -46.15
CA PHE A 478 -17.04 14.93 -45.22
C PHE A 478 -16.11 14.24 -44.21
N TYR A 479 -14.98 13.72 -44.68
CA TYR A 479 -14.02 13.05 -43.82
C TYR A 479 -13.41 14.01 -42.80
N TRP A 480 -13.34 15.30 -43.11
CA TRP A 480 -12.84 16.29 -42.17
C TRP A 480 -13.92 16.81 -41.24
N ILE A 481 -15.16 16.93 -41.70
CA ILE A 481 -16.26 17.32 -40.82
C ILE A 481 -16.55 16.25 -39.77
N VAL A 482 -16.59 14.99 -40.18
CA VAL A 482 -16.85 13.91 -39.23
C VAL A 482 -15.67 13.69 -38.30
N LEU A 483 -14.50 14.22 -38.64
CA LEU A 483 -13.33 14.13 -37.77
C LEU A 483 -13.19 15.33 -36.86
N SER A 484 -13.68 16.50 -37.27
CA SER A 484 -13.76 17.65 -36.39
C SER A 484 -14.89 17.54 -35.37
N LEU A 485 -15.99 16.87 -35.75
CA LEU A 485 -17.04 16.60 -34.78
C LEU A 485 -16.54 15.68 -33.67
N VAL A 486 -15.69 14.70 -34.01
CA VAL A 486 -15.07 13.85 -33.01
C VAL A 486 -14.20 14.67 -32.06
N ALA A 487 -13.42 15.60 -32.62
CA ALA A 487 -12.57 16.45 -31.79
C ALA A 487 -13.41 17.33 -30.87
N LEU A 488 -14.54 17.83 -31.37
CA LEU A 488 -15.44 18.62 -30.53
C LEU A 488 -16.04 17.77 -29.41
N ASN A 489 -16.38 16.52 -29.73
CA ASN A 489 -16.88 15.61 -28.68
C ASN A 489 -15.80 15.26 -27.68
N THR A 490 -14.54 15.14 -28.14
CA THR A 490 -13.46 14.79 -27.24
C THR A 490 -13.26 15.85 -26.16
N ALA A 491 -13.27 17.13 -26.54
CA ALA A 491 -13.13 18.19 -25.56
C ALA A 491 -14.37 18.32 -24.69
N CYS A 492 -15.52 17.90 -25.20
CA CYS A 492 -16.76 17.99 -24.42
C CYS A 492 -16.70 17.09 -23.20
N VAL A 493 -16.17 15.88 -23.35
CA VAL A 493 -16.09 14.94 -22.23
C VAL A 493 -14.87 15.15 -21.35
N ALA A 494 -13.91 15.97 -21.78
CA ALA A 494 -12.70 16.21 -21.02
C ALA A 494 -12.81 17.40 -20.07
N ILE A 495 -13.98 18.02 -19.97
CA ILE A 495 -14.19 19.15 -19.07
C ILE A 495 -15.04 18.79 -17.87
N VAL A 496 -15.49 17.54 -17.76
CA VAL A 496 -16.24 17.10 -16.59
C VAL A 496 -15.31 17.10 -15.38
N HIS A 497 -15.76 17.68 -14.28
CA HIS A 497 -14.98 17.70 -13.05
C HIS A 497 -15.91 17.81 -11.86
N HIS A 498 -15.38 17.51 -10.68
CA HIS A 498 -16.15 17.63 -9.46
C HIS A 498 -16.52 19.08 -9.19
N ASN A 499 -17.74 19.30 -8.69
CA ASN A 499 -18.25 20.63 -8.39
C ASN A 499 -18.26 21.52 -9.64
N GLN A 500 -18.59 20.92 -10.78
CA GLN A 500 -18.71 21.69 -12.00
C GLN A 500 -19.97 22.55 -11.95
N PRO A 501 -20.00 23.65 -12.71
CA PRO A 501 -21.18 24.53 -12.68
C PRO A 501 -22.44 23.79 -13.10
N GLN A 502 -23.56 24.19 -12.50
CA GLN A 502 -24.82 23.47 -12.70
C GLN A 502 -25.28 23.53 -14.14
N TRP A 503 -25.11 24.68 -14.80
CA TRP A 503 -25.51 24.79 -16.20
C TRP A 503 -24.64 23.92 -17.10
N LEU A 504 -23.38 23.72 -16.73
CA LEU A 504 -22.47 22.91 -17.55
C LEU A 504 -22.93 21.46 -17.59
N THR A 505 -23.45 20.94 -16.47
CA THR A 505 -23.97 19.58 -16.45
C THR A 505 -25.14 19.43 -17.42
N HIS A 506 -26.06 20.39 -17.43
CA HIS A 506 -27.19 20.33 -18.36
C HIS A 506 -26.72 20.44 -19.80
N LEU A 507 -25.77 21.34 -20.07
CA LEU A 507 -25.26 21.48 -21.43
C LEU A 507 -24.63 20.19 -21.91
N LEU A 508 -23.83 19.54 -21.06
CA LEU A 508 -23.21 18.27 -21.44
C LEU A 508 -24.25 17.16 -21.58
N TYR A 509 -25.29 17.17 -20.74
CA TYR A 509 -26.34 16.17 -20.85
C TYR A 509 -27.05 16.26 -22.20
N TYR A 510 -27.31 17.49 -22.67
CA TYR A 510 -27.88 17.63 -24.01
C TYR A 510 -26.86 17.33 -25.10
N ALA A 511 -25.58 17.65 -24.85
CA ALA A 511 -24.56 17.43 -25.87
C ALA A 511 -24.33 15.94 -26.14
N GLU A 512 -24.40 15.11 -25.10
CA GLU A 512 -24.23 13.67 -25.30
C GLU A 512 -25.34 13.11 -26.19
N PHE A 513 -26.59 13.50 -25.94
CA PHE A 513 -27.69 13.06 -26.79
C PHE A 513 -27.50 13.57 -28.21
N LEU A 514 -27.13 14.84 -28.37
CA LEU A 514 -26.95 15.40 -29.71
C LEU A 514 -25.86 14.65 -30.48
N PHE A 515 -24.74 14.39 -29.82
CA PHE A 515 -23.63 13.73 -30.50
C PHE A 515 -23.97 12.28 -30.81
N LEU A 516 -24.65 11.57 -29.91
CA LEU A 516 -25.05 10.19 -30.20
C LEU A 516 -26.00 10.14 -31.39
N GLY A 517 -26.99 11.05 -31.42
CA GLY A 517 -27.89 11.08 -32.56
C GLY A 517 -27.20 11.43 -33.85
N LEU A 518 -26.28 12.39 -33.80
CA LEU A 518 -25.55 12.79 -35.00
C LEU A 518 -24.67 11.66 -35.52
N PHE A 519 -24.04 10.91 -34.62
CA PHE A 519 -23.20 9.81 -35.06
C PHE A 519 -24.02 8.64 -35.56
N LEU A 520 -25.21 8.42 -35.01
CA LEU A 520 -26.12 7.45 -35.60
C LEU A 520 -26.53 7.86 -37.01
N LEU A 521 -26.81 9.15 -37.20
CA LEU A 521 -27.11 9.66 -38.54
C LEU A 521 -25.93 9.46 -39.49
N GLU A 522 -24.72 9.71 -38.99
CA GLU A 522 -23.52 9.50 -39.78
C GLU A 522 -23.37 8.03 -40.18
N MET A 523 -23.62 7.11 -39.24
CA MET A 523 -23.58 5.69 -39.55
C MET A 523 -24.66 5.31 -40.56
N SER A 524 -25.79 6.00 -40.53
CA SER A 524 -26.88 5.69 -41.46
C SER A 524 -26.48 5.83 -42.92
N LEU A 525 -25.42 6.60 -43.20
CA LEU A 525 -24.91 6.76 -44.56
C LEU A 525 -23.86 5.71 -44.90
N LYS A 526 -23.86 4.57 -44.23
CA LYS A 526 -22.89 3.51 -44.49
C LYS A 526 -23.58 2.18 -44.70
N SER A 538 -10.68 -2.61 -43.83
CA SER A 538 -10.73 -1.26 -43.27
C SER A 538 -10.98 -1.32 -41.77
N SER A 539 -12.10 -1.94 -41.39
CA SER A 539 -12.50 -2.13 -40.00
C SER A 539 -12.84 -0.81 -39.33
N PHE A 540 -12.77 0.30 -40.07
CA PHE A 540 -13.20 1.58 -39.53
C PHE A 540 -14.66 1.52 -39.11
N ASN A 541 -15.53 1.04 -39.99
CA ASN A 541 -16.93 0.86 -39.64
C ASN A 541 -17.10 -0.24 -38.60
N CYS A 542 -16.28 -1.29 -38.67
CA CYS A 542 -16.40 -2.38 -37.71
C CYS A 542 -16.11 -1.91 -36.28
N PHE A 543 -15.30 -0.86 -36.13
CA PHE A 543 -15.03 -0.32 -34.81
C PHE A 543 -16.01 0.80 -34.44
N ASP A 544 -16.38 1.63 -35.42
CA ASP A 544 -17.32 2.72 -35.14
C ASP A 544 -18.69 2.17 -34.76
N PHE A 545 -19.13 1.08 -35.40
CA PHE A 545 -20.39 0.45 -35.04
C PHE A 545 -20.36 -0.06 -33.61
N GLY A 546 -19.26 -0.71 -33.22
CA GLY A 546 -19.14 -1.17 -31.84
C GLY A 546 -19.15 -0.03 -30.85
N VAL A 547 -18.43 1.05 -31.16
CA VAL A 547 -18.40 2.21 -30.27
C VAL A 547 -19.79 2.81 -30.12
N THR A 548 -20.52 2.95 -31.23
CA THR A 548 -21.84 3.57 -31.16
C THR A 548 -22.84 2.68 -30.44
N VAL A 549 -22.80 1.37 -30.68
CA VAL A 549 -23.73 0.47 -29.99
C VAL A 549 -23.40 0.40 -28.50
N GLY A 550 -22.11 0.46 -28.15
CA GLY A 550 -21.75 0.54 -26.75
C GLY A 550 -22.21 1.84 -26.10
N SER A 551 -22.15 2.94 -26.85
CA SER A 551 -22.65 4.21 -26.33
C SER A 551 -24.15 4.15 -26.11
N ILE A 552 -24.89 3.53 -27.03
CA ILE A 552 -26.33 3.37 -26.86
C ILE A 552 -26.63 2.51 -25.64
N PHE A 553 -25.90 1.41 -25.47
CA PHE A 553 -26.09 0.55 -24.30
C PHE A 553 -25.76 1.30 -23.01
N GLU A 554 -24.74 2.16 -23.05
CA GLU A 554 -24.33 2.89 -21.85
C GLU A 554 -25.34 3.95 -21.47
N VAL A 555 -25.88 4.69 -22.45
CA VAL A 555 -26.86 5.72 -22.14
C VAL A 555 -28.18 5.08 -21.70
N VAL A 556 -28.56 3.96 -22.33
CA VAL A 556 -29.76 3.26 -21.93
C VAL A 556 -29.61 2.70 -20.51
N TRP A 557 -28.45 2.10 -20.23
CA TRP A 557 -28.21 1.56 -18.89
C TRP A 557 -28.20 2.66 -17.84
N ALA A 558 -27.62 3.81 -18.17
CA ALA A 558 -27.55 4.90 -17.20
C ALA A 558 -28.93 5.43 -16.85
N ILE A 559 -29.83 5.52 -17.83
CA ILE A 559 -31.17 6.02 -17.56
C ILE A 559 -31.93 5.07 -16.64
N PHE A 560 -31.85 3.77 -16.91
CA PHE A 560 -32.57 2.80 -16.09
C PHE A 560 -32.02 2.77 -14.67
N ARG A 561 -30.70 2.88 -14.51
CA ARG A 561 -30.05 2.86 -13.20
C ARG A 561 -29.16 4.10 -13.09
N PRO A 562 -29.75 5.27 -12.79
CA PRO A 562 -28.94 6.47 -12.66
C PRO A 562 -28.00 6.40 -11.47
N GLY A 563 -26.88 7.13 -11.60
CA GLY A 563 -25.91 7.21 -10.52
C GLY A 563 -24.49 6.91 -10.98
N THR A 564 -24.34 5.97 -11.90
CA THR A 564 -23.03 5.56 -12.39
C THR A 564 -22.99 5.64 -13.90
N SER A 565 -21.88 6.17 -14.43
CA SER A 565 -21.67 6.25 -15.88
C SER A 565 -20.17 6.11 -16.12
N PHE A 566 -19.74 4.94 -16.59
CA PHE A 566 -18.32 4.71 -16.84
C PHE A 566 -17.81 5.64 -17.92
N GLY A 567 -18.53 5.74 -19.03
CA GLY A 567 -18.12 6.61 -20.12
C GLY A 567 -17.43 5.85 -21.22
N ILE A 568 -18.16 5.54 -22.29
CA ILE A 568 -17.60 4.82 -23.43
C ILE A 568 -17.58 5.65 -24.70
N SER A 569 -18.31 6.77 -24.75
CA SER A 569 -18.26 7.64 -25.92
C SER A 569 -16.85 8.15 -26.16
N VAL A 570 -16.06 8.31 -25.10
CA VAL A 570 -14.68 8.76 -25.25
C VAL A 570 -13.85 7.78 -26.06
N LEU A 571 -14.28 6.52 -26.14
CA LEU A 571 -13.58 5.57 -27.00
C LEU A 571 -13.61 6.00 -28.46
N ARG A 572 -14.63 6.75 -28.86
CA ARG A 572 -14.69 7.25 -30.23
C ARG A 572 -13.61 8.28 -30.50
N ALA A 573 -12.93 8.78 -29.46
CA ALA A 573 -11.75 9.61 -29.67
C ALA A 573 -10.62 8.85 -30.31
N LEU A 574 -10.67 7.51 -30.32
CA LEU A 574 -9.65 6.73 -30.99
C LEU A 574 -9.63 6.98 -32.49
N ARG A 575 -10.73 7.49 -33.05
CA ARG A 575 -10.77 7.82 -34.47
C ARG A 575 -9.91 9.02 -34.83
N LEU A 576 -9.42 9.76 -33.82
CA LEU A 576 -8.47 10.83 -34.07
C LEU A 576 -7.13 10.33 -34.58
N LEU A 577 -6.84 9.04 -34.44
CA LEU A 577 -5.62 8.45 -34.98
C LEU A 577 -5.62 8.42 -36.50
N ARG A 578 -6.76 8.59 -37.14
CA ARG A 578 -6.84 8.60 -38.59
C ARG A 578 -6.28 9.88 -39.20
N ILE A 579 -6.01 10.90 -38.38
CA ILE A 579 -5.36 12.11 -38.86
C ILE A 579 -3.93 11.86 -39.29
N PHE A 580 -3.36 10.71 -38.95
CA PHE A 580 -2.02 10.35 -39.40
C PHE A 580 -1.96 10.05 -40.89
N LYS A 581 -3.09 9.85 -41.54
CA LYS A 581 -3.09 9.51 -42.96
C LYS A 581 -2.49 10.62 -43.81
N ILE A 582 -2.70 11.88 -43.42
CA ILE A 582 -2.15 13.00 -44.16
C ILE A 582 -0.66 13.17 -43.95
N THR A 583 -0.05 12.41 -43.03
CA THR A 583 1.37 12.50 -42.74
C THR A 583 2.13 11.39 -43.46
N LYS A 584 3.44 11.41 -43.30
CA LYS A 584 4.31 10.38 -43.86
C LYS A 584 4.59 9.25 -42.88
N TYR A 585 3.98 9.28 -41.69
CA TYR A 585 4.16 8.24 -40.69
C TYR A 585 3.00 7.26 -40.63
N TRP A 586 2.12 7.27 -41.65
CA TRP A 586 0.98 6.36 -41.64
C TRP A 586 1.40 4.94 -41.96
N ALA A 587 2.39 4.76 -42.84
CA ALA A 587 2.77 3.43 -43.27
C ALA A 587 3.31 2.59 -42.10
N SER A 588 4.17 3.18 -41.28
CA SER A 588 4.76 2.44 -40.17
C SER A 588 3.70 2.04 -39.15
N LEU A 589 2.79 2.95 -38.81
CA LEU A 589 1.75 2.65 -37.85
C LEU A 589 0.79 1.58 -38.38
N ARG A 590 0.41 1.70 -39.66
CA ARG A 590 -0.46 0.69 -40.25
C ARG A 590 0.22 -0.67 -40.28
N ASN A 591 1.52 -0.69 -40.59
CA ASN A 591 2.26 -1.96 -40.59
C ASN A 591 2.34 -2.55 -39.20
N LEU A 592 2.54 -1.71 -38.18
CA LEU A 592 2.57 -2.21 -36.80
C LEU A 592 1.24 -2.82 -36.42
N VAL A 593 0.14 -2.16 -36.76
CA VAL A 593 -1.17 -2.69 -36.43
C VAL A 593 -1.44 -3.98 -37.19
N VAL A 594 -1.03 -4.03 -38.47
CA VAL A 594 -1.23 -5.24 -39.26
C VAL A 594 -0.46 -6.41 -38.68
N SER A 595 0.81 -6.17 -38.29
CA SER A 595 1.60 -7.23 -37.69
C SER A 595 1.01 -7.68 -36.36
N LEU A 596 0.53 -6.74 -35.56
CA LEU A 596 -0.09 -7.10 -34.28
C LEU A 596 -1.34 -7.94 -34.49
N MET A 597 -2.18 -7.56 -35.45
CA MET A 597 -3.41 -8.30 -35.70
C MET A 597 -3.12 -9.68 -36.28
N SER A 598 -2.10 -9.80 -37.13
CA SER A 598 -1.73 -11.09 -37.67
C SER A 598 -1.27 -12.04 -36.57
N SER A 599 -0.44 -11.55 -35.66
CA SER A 599 0.04 -12.35 -34.52
C SER A 599 -0.79 -12.03 -33.28
N MET A 600 -2.07 -12.41 -33.35
CA MET A 600 -2.97 -12.20 -32.22
C MET A 600 -3.25 -13.47 -31.43
N LYS A 601 -3.28 -14.63 -32.08
CA LYS A 601 -3.43 -15.88 -31.35
C LYS A 601 -2.27 -16.09 -30.39
N SER A 602 -1.04 -15.79 -30.83
CA SER A 602 0.11 -15.94 -29.97
C SER A 602 0.05 -14.99 -28.78
N ILE A 603 -0.37 -13.75 -29.00
CA ILE A 603 -0.47 -12.79 -27.91
C ILE A 603 -1.53 -13.23 -26.90
N ILE A 604 -2.68 -13.70 -27.41
CA ILE A 604 -3.73 -14.17 -26.51
C ILE A 604 -3.26 -15.38 -25.71
N SER A 605 -2.54 -16.30 -26.36
CA SER A 605 -2.02 -17.46 -25.66
C SER A 605 -1.01 -17.07 -24.59
N LEU A 606 -0.13 -16.12 -24.90
CA LEU A 606 0.85 -15.64 -23.92
C LEU A 606 0.16 -15.03 -22.72
N LEU A 607 -0.85 -14.18 -22.96
CA LEU A 607 -1.57 -13.55 -21.87
C LEU A 607 -2.31 -14.58 -21.03
N PHE A 608 -2.91 -15.58 -21.68
CA PHE A 608 -3.60 -16.63 -20.93
C PHE A 608 -2.64 -17.46 -20.11
N LEU A 609 -1.45 -17.74 -20.64
CA LEU A 609 -0.47 -18.51 -19.87
C LEU A 609 0.03 -17.72 -18.66
N LEU A 610 0.27 -16.42 -18.83
CA LEU A 610 0.63 -15.59 -17.69
C LEU A 610 -0.49 -15.57 -16.67
N PHE A 611 -1.74 -15.49 -17.12
CA PHE A 611 -2.88 -15.55 -16.21
C PHE A 611 -2.93 -16.87 -15.47
N LEU A 612 -2.65 -17.97 -16.15
CA LEU A 612 -2.66 -19.29 -15.50
C LEU A 612 -1.58 -19.37 -14.43
N PHE A 613 -0.38 -18.89 -14.72
CA PHE A 613 0.68 -18.92 -13.72
C PHE A 613 0.36 -18.01 -12.54
N ILE A 614 -0.24 -16.86 -12.81
CA ILE A 614 -0.67 -15.97 -11.72
C ILE A 614 -1.72 -16.65 -10.86
N VAL A 615 -2.64 -17.39 -11.48
CA VAL A 615 -3.65 -18.12 -10.73
C VAL A 615 -3.01 -19.20 -9.85
N VAL A 616 -2.03 -19.92 -10.40
CA VAL A 616 -1.35 -20.95 -9.63
C VAL A 616 -0.65 -20.34 -8.42
N PHE A 617 0.05 -19.23 -8.63
CA PHE A 617 0.75 -18.59 -7.52
C PHE A 617 -0.23 -18.01 -6.51
N ALA A 618 -1.37 -17.50 -6.96
CA ALA A 618 -2.39 -16.99 -6.05
C ALA A 618 -2.94 -18.12 -5.17
N LEU A 619 -3.18 -19.29 -5.77
CA LEU A 619 -3.66 -20.43 -4.99
C LEU A 619 -2.61 -20.90 -3.99
N LEU A 620 -1.33 -20.93 -4.40
CA LEU A 620 -0.27 -21.31 -3.48
C LEU A 620 -0.16 -20.33 -2.31
N GLY A 621 -0.29 -19.03 -2.60
CA GLY A 621 -0.30 -18.04 -1.54
C GLY A 621 -1.52 -18.15 -0.64
N MET A 622 -2.67 -18.51 -1.20
CA MET A 622 -3.85 -18.76 -0.39
C MET A 622 -3.63 -19.92 0.56
N GLN A 623 -2.96 -20.97 0.09
CA GLN A 623 -2.64 -22.10 0.96
C GLN A 623 -1.67 -21.69 2.07
N LEU A 624 -0.60 -20.98 1.70
CA LEU A 624 0.45 -20.67 2.67
C LEU A 624 -0.02 -19.65 3.70
N PHE A 625 -0.62 -18.55 3.24
CA PHE A 625 -0.95 -17.41 4.11
C PHE A 625 -2.43 -17.11 4.20
N GLY A 626 -3.29 -18.01 3.72
CA GLY A 626 -4.72 -17.74 3.77
C GLY A 626 -5.24 -17.83 5.19
N GLY A 627 -5.98 -16.80 5.61
CA GLY A 627 -6.50 -16.75 6.97
C GLY A 627 -5.42 -16.66 8.03
N ARG A 628 -4.39 -15.86 7.78
CA ARG A 628 -3.32 -15.66 8.74
C ARG A 628 -2.86 -14.22 8.84
N PHE A 629 -3.49 -13.28 8.14
CA PHE A 629 -3.03 -11.91 8.08
C PHE A 629 -3.80 -10.97 9.00
N ASN A 630 -4.72 -11.47 9.82
CA ASN A 630 -5.44 -10.61 10.74
C ASN A 630 -4.64 -10.53 12.03
N PHE A 631 -3.86 -9.47 12.17
CA PHE A 631 -3.04 -9.24 13.34
C PHE A 631 -3.85 -8.44 14.37
N ASN A 632 -3.17 -7.96 15.42
CA ASN A 632 -3.88 -7.24 16.47
C ASN A 632 -4.29 -5.84 16.01
N ASP A 633 -3.58 -5.27 15.04
CA ASP A 633 -3.89 -3.93 14.55
C ASP A 633 -4.75 -3.96 13.28
N GLY A 634 -5.16 -5.13 12.81
CA GLY A 634 -6.00 -5.21 11.63
C GLY A 634 -5.36 -5.98 10.49
N THR A 635 -6.18 -6.50 9.58
CA THR A 635 -5.63 -7.22 8.44
C THR A 635 -5.26 -6.25 7.32
N PRO A 636 -4.11 -6.45 6.68
CA PRO A 636 -3.71 -5.56 5.59
C PRO A 636 -4.56 -5.75 4.35
N SER A 637 -4.59 -4.73 3.50
CA SER A 637 -5.33 -4.82 2.25
C SER A 637 -4.75 -5.87 1.32
N ALA A 638 -3.46 -6.15 1.43
CA ALA A 638 -2.80 -7.16 0.61
C ALA A 638 -2.74 -8.45 1.41
N ASN A 639 -3.80 -9.24 1.33
CA ASN A 639 -3.91 -10.52 2.02
C ASN A 639 -4.29 -11.60 1.03
N PHE A 640 -4.18 -12.85 1.48
CA PHE A 640 -4.48 -14.03 0.66
C PHE A 640 -5.71 -14.76 1.16
N ASP A 641 -6.73 -14.02 1.61
CA ASP A 641 -7.91 -14.65 2.19
C ASP A 641 -8.89 -15.09 1.09
N THR A 642 -9.33 -14.15 0.26
CA THR A 642 -10.19 -14.46 -0.87
C THR A 642 -9.37 -14.53 -2.15
N PHE A 643 -9.95 -15.16 -3.17
CA PHE A 643 -9.27 -15.27 -4.45
C PHE A 643 -9.00 -13.92 -5.09
N PRO A 644 -9.96 -12.98 -5.15
CA PRO A 644 -9.60 -11.65 -5.67
C PRO A 644 -8.49 -10.96 -4.90
N ALA A 645 -8.49 -11.06 -3.57
CA ALA A 645 -7.43 -10.44 -2.78
C ALA A 645 -6.09 -11.13 -3.03
N ALA A 646 -6.09 -12.46 -3.11
CA ALA A 646 -4.84 -13.18 -3.38
C ALA A 646 -4.29 -12.84 -4.75
N ILE A 647 -5.16 -12.76 -5.76
CA ILE A 647 -4.69 -12.43 -7.10
C ILE A 647 -4.21 -10.99 -7.17
N MET A 648 -4.85 -10.08 -6.44
CA MET A 648 -4.37 -8.70 -6.39
C MET A 648 -3.00 -8.61 -5.74
N THR A 649 -2.80 -9.34 -4.64
CA THR A 649 -1.50 -9.35 -3.98
C THR A 649 -0.42 -9.94 -4.88
N VAL A 650 -0.74 -11.04 -5.57
CA VAL A 650 0.23 -11.66 -6.46
C VAL A 650 0.58 -10.73 -7.61
N PHE A 651 -0.42 -10.03 -8.16
CA PHE A 651 -0.15 -9.06 -9.22
C PHE A 651 0.74 -7.93 -8.71
N GLN A 652 0.48 -7.44 -7.50
CA GLN A 652 1.30 -6.37 -6.94
C GLN A 652 2.73 -6.84 -6.73
N ILE A 653 2.92 -8.07 -6.27
CA ILE A 653 4.28 -8.60 -6.12
C ILE A 653 4.95 -8.76 -7.47
N LEU A 654 4.19 -9.16 -8.49
CA LEU A 654 4.75 -9.29 -9.83
C LEU A 654 5.24 -7.95 -10.35
N THR A 655 4.45 -6.89 -10.16
CA THR A 655 4.93 -5.56 -10.52
C THR A 655 6.07 -5.09 -9.64
N GLY A 656 6.35 -5.78 -8.54
CA GLY A 656 7.51 -5.49 -7.73
C GLY A 656 7.42 -4.22 -6.92
N GLU A 657 6.22 -3.75 -6.59
CA GLU A 657 6.03 -2.55 -5.81
C GLU A 657 5.55 -2.92 -4.41
N ASP A 658 6.33 -2.52 -3.40
CA ASP A 658 6.03 -2.79 -2.00
C ASP A 658 5.86 -4.28 -1.73
N TRP A 659 6.66 -5.09 -2.42
CA TRP A 659 6.61 -6.53 -2.18
C TRP A 659 7.28 -6.90 -0.87
N ASN A 660 8.25 -6.10 -0.43
CA ASN A 660 8.92 -6.39 0.84
C ASN A 660 7.96 -6.23 2.02
N GLU A 661 7.04 -5.26 1.94
CA GLU A 661 6.07 -5.10 3.00
C GLU A 661 5.11 -6.28 3.08
N VAL A 662 4.78 -6.88 1.94
CA VAL A 662 3.99 -8.11 1.94
C VAL A 662 4.81 -9.27 2.48
N MET A 663 6.09 -9.34 2.15
CA MET A 663 6.93 -10.40 2.66
C MET A 663 7.07 -10.33 4.17
N TYR A 664 7.13 -9.11 4.72
CA TYR A 664 7.21 -8.96 6.17
C TYR A 664 5.96 -9.52 6.85
N ASN A 665 4.79 -9.24 6.28
CA ASN A 665 3.56 -9.81 6.82
C ASN A 665 3.55 -11.33 6.69
N GLY A 666 4.03 -11.84 5.56
CA GLY A 666 4.08 -13.27 5.36
C GLY A 666 5.05 -13.98 6.25
N ILE A 667 6.09 -13.29 6.73
CA ILE A 667 7.05 -13.88 7.66
C ILE A 667 6.50 -13.88 9.07
N ARG A 668 5.96 -12.75 9.51
CA ARG A 668 5.43 -12.63 10.86
C ARG A 668 4.12 -13.36 11.05
N SER A 669 3.54 -13.91 9.98
CA SER A 669 2.36 -14.76 10.09
C SER A 669 2.71 -16.22 10.32
N GLN A 670 3.91 -16.65 9.92
CA GLN A 670 4.33 -18.03 10.09
C GLN A 670 5.11 -18.27 11.37
N GLY A 671 5.25 -17.26 12.22
CA GLY A 671 5.96 -17.43 13.47
C GLY A 671 7.07 -16.41 13.70
N GLY A 672 7.01 -15.29 12.98
CA GLY A 672 7.98 -14.24 13.16
C GLY A 672 9.32 -14.54 12.54
N VAL A 673 10.32 -13.75 12.93
CA VAL A 673 11.67 -13.90 12.39
C VAL A 673 12.33 -15.16 12.92
N SER A 674 11.79 -15.76 13.98
CA SER A 674 12.41 -16.96 14.56
C SER A 674 12.25 -18.16 13.63
N SER A 675 11.01 -18.45 13.23
CA SER A 675 10.72 -19.68 12.49
C SER A 675 9.82 -19.42 11.29
N GLY A 676 9.77 -18.18 10.80
CA GLY A 676 8.93 -17.86 9.67
C GLY A 676 9.71 -17.41 8.46
N MET A 677 11.04 -17.43 8.56
CA MET A 677 11.88 -16.94 7.47
C MET A 677 11.87 -17.87 6.26
N TRP A 678 11.39 -19.11 6.39
CA TRP A 678 11.28 -19.99 5.24
C TRP A 678 10.24 -19.51 4.25
N SER A 679 9.31 -18.65 4.68
CA SER A 679 8.27 -18.13 3.82
C SER A 679 8.76 -17.03 2.89
N ALA A 680 10.01 -16.59 3.04
CA ALA A 680 10.57 -15.61 2.12
C ALA A 680 10.82 -16.19 0.74
N ILE A 681 10.96 -17.52 0.63
CA ILE A 681 11.28 -18.14 -0.64
C ILE A 681 10.16 -17.91 -1.65
N TYR A 682 8.92 -17.96 -1.19
CA TYR A 682 7.77 -17.69 -2.06
C TYR A 682 7.89 -16.32 -2.70
N PHE A 683 8.16 -15.29 -1.89
CA PHE A 683 8.24 -13.94 -2.41
C PHE A 683 9.48 -13.74 -3.28
N ILE A 684 10.59 -14.38 -2.93
CA ILE A 684 11.80 -14.26 -3.75
C ILE A 684 11.56 -14.83 -5.14
N VAL A 685 10.99 -16.04 -5.20
CA VAL A 685 10.72 -16.68 -6.49
C VAL A 685 9.71 -15.86 -7.29
N LEU A 686 8.66 -15.39 -6.63
CA LEU A 686 7.65 -14.58 -7.33
C LEU A 686 8.27 -13.31 -7.90
N THR A 687 9.10 -12.63 -7.10
CA THR A 687 9.70 -11.39 -7.56
C THR A 687 10.62 -11.63 -8.74
N LEU A 688 11.47 -12.66 -8.67
CA LEU A 688 12.38 -12.95 -9.76
C LEU A 688 11.63 -13.29 -11.05
N PHE A 689 10.71 -14.25 -10.97
CA PHE A 689 10.02 -14.74 -12.15
C PHE A 689 8.85 -13.86 -12.56
N GLY A 690 8.63 -12.74 -11.88
CA GLY A 690 7.74 -11.73 -12.40
C GLY A 690 8.50 -10.56 -12.97
N ASN A 691 9.64 -10.24 -12.37
CA ASN A 691 10.48 -9.18 -12.91
C ASN A 691 11.02 -9.55 -14.28
N TYR A 692 11.48 -10.80 -14.45
CA TYR A 692 12.19 -11.11 -15.67
C TYR A 692 11.35 -11.86 -16.71
N THR A 693 10.44 -12.73 -16.30
CA THR A 693 9.58 -13.41 -17.27
C THR A 693 8.64 -12.43 -17.96
N LEU A 694 8.07 -11.48 -17.20
CA LEU A 694 7.20 -10.48 -17.80
C LEU A 694 7.94 -9.65 -18.83
N LEU A 695 9.15 -9.20 -18.49
CA LEU A 695 9.96 -8.44 -19.44
C LEU A 695 10.29 -9.27 -20.66
N ASN A 696 10.66 -10.53 -20.47
CA ASN A 696 10.92 -11.40 -21.61
C ASN A 696 9.72 -11.46 -22.54
N VAL A 697 8.55 -11.77 -22.00
CA VAL A 697 7.36 -11.97 -22.83
C VAL A 697 7.00 -10.68 -23.56
N PHE A 698 6.91 -9.57 -22.84
CA PHE A 698 6.40 -8.35 -23.45
C PHE A 698 7.42 -7.73 -24.39
N LEU A 699 8.70 -7.76 -24.04
CA LEU A 699 9.73 -7.28 -24.95
C LEU A 699 9.81 -8.14 -26.20
N ALA A 700 9.61 -9.45 -26.06
CA ALA A 700 9.58 -10.31 -27.25
C ALA A 700 8.43 -9.92 -28.15
N ILE A 701 7.25 -9.70 -27.58
CA ILE A 701 6.10 -9.26 -28.39
C ILE A 701 6.43 -7.96 -29.11
N ALA A 702 6.94 -6.98 -28.37
CA ALA A 702 7.20 -5.67 -28.96
C ALA A 702 8.24 -5.75 -30.06
N VAL A 703 9.34 -6.46 -29.82
CA VAL A 703 10.42 -6.53 -30.79
C VAL A 703 9.97 -7.28 -32.04
N ASP A 704 9.34 -8.44 -31.86
CA ASP A 704 8.93 -9.24 -33.01
C ASP A 704 7.80 -8.59 -33.80
N ASN A 705 7.02 -7.71 -33.19
CA ASN A 705 5.97 -7.02 -33.94
C ASN A 705 6.40 -5.67 -34.49
N LEU A 706 7.48 -5.08 -33.96
CA LEU A 706 7.98 -3.84 -34.52
C LEU A 706 9.01 -4.06 -35.62
N ALA A 707 9.85 -5.09 -35.50
CA ALA A 707 10.78 -5.41 -36.58
C ALA A 707 10.03 -5.87 -37.82
N ASN A 708 8.94 -6.62 -37.65
CA ASN A 708 8.11 -7.01 -38.78
C ASN A 708 7.53 -5.78 -39.48
N ALA A 709 7.04 -4.82 -38.68
CA ALA A 709 6.51 -3.59 -39.26
C ALA A 709 7.59 -2.81 -40.01
N GLN A 710 8.80 -2.74 -39.44
CA GLN A 710 9.89 -2.05 -40.11
C GLN A 710 10.23 -2.71 -41.43
N GLU A 711 10.32 -4.04 -41.45
CA GLU A 711 10.63 -4.75 -42.69
C GLU A 711 9.52 -4.57 -43.72
N LEU A 712 8.25 -4.64 -43.28
CA LEU A 712 7.14 -4.43 -44.19
C LEU A 712 7.17 -3.03 -44.79
N THR A 713 7.47 -2.03 -43.96
CA THR A 713 7.54 -0.66 -44.46
C THR A 713 8.67 -0.50 -45.48
N LYS A 714 9.84 -1.08 -45.18
CA LYS A 714 10.96 -0.94 -46.10
C LYS A 714 10.73 -1.71 -47.40
N ASP A 715 9.99 -2.82 -47.34
CA ASP A 715 9.68 -3.57 -48.56
C ASP A 715 8.49 -3.01 -49.31
N GLU A 716 7.66 -2.18 -48.67
CA GLU A 716 6.56 -1.51 -49.35
C GLU A 716 6.97 -0.20 -49.98
N GLN A 717 7.89 0.54 -49.35
CA GLN A 717 8.35 1.81 -49.90
C GLN A 717 9.52 1.65 -50.86
N GLU A 718 10.11 0.45 -50.96
CA GLU A 718 11.17 0.21 -51.92
C GLU A 718 10.69 -0.50 -53.18
N GLU A 719 9.56 -1.18 -53.14
CA GLU A 719 9.00 -1.76 -54.35
C GLU A 719 8.24 -0.75 -55.18
N GLU A 720 7.87 0.39 -54.60
CA GLU A 720 7.32 1.49 -55.38
C GLU A 720 8.41 2.30 -56.08
N GLU A 721 9.59 2.41 -55.47
CA GLU A 721 10.70 3.11 -56.13
C GLU A 721 11.16 2.34 -57.36
N ALA A 722 11.34 1.03 -57.23
CA ALA A 722 11.75 0.21 -58.37
C ALA A 722 10.68 0.22 -59.45
N PHE A 723 9.41 0.15 -59.06
CA PHE A 723 8.33 0.20 -60.04
C PHE A 723 8.29 1.54 -60.75
N ASN A 724 8.49 2.64 -60.01
CA ASN A 724 8.47 3.96 -60.61
C ASN A 724 9.64 4.16 -61.57
N GLN A 725 10.82 3.63 -61.22
CA GLN A 725 11.95 3.69 -62.13
C GLN A 725 11.76 2.78 -63.34
N LYS A 726 10.81 1.85 -63.29
CA LYS A 726 10.46 1.03 -64.44
C LYS A 726 9.30 1.61 -65.23
N HIS A 727 8.43 2.39 -64.59
CA HIS A 727 7.32 3.02 -65.29
C HIS A 727 7.83 4.00 -66.34
N ALA A 728 8.88 4.76 -66.03
CA ALA A 728 9.47 5.65 -67.02
C ALA A 728 10.21 4.87 -68.11
N LEU A 729 10.73 3.69 -67.77
CA LEU A 729 11.44 2.87 -68.75
C LEU A 729 10.51 2.26 -69.79
N GLN A 730 9.23 2.12 -69.47
CA GLN A 730 8.27 1.54 -70.41
C GLN A 730 6.93 2.26 -70.35
N HIS A 773 22.61 3.56 -47.67
CA HIS A 773 22.76 2.64 -46.56
C HIS A 773 22.73 3.36 -45.22
N HIS A 774 21.58 3.97 -44.90
CA HIS A 774 21.35 4.60 -43.62
C HIS A 774 20.77 3.64 -42.60
N MET A 775 21.01 2.33 -42.78
CA MET A 775 20.43 1.33 -41.90
C MET A 775 20.99 1.44 -40.49
N SER A 776 20.15 1.12 -39.51
CA SER A 776 20.58 1.07 -38.13
C SER A 776 21.45 -0.16 -37.90
N VAL A 777 22.03 -0.24 -36.70
CA VAL A 777 22.84 -1.41 -36.35
C VAL A 777 22.00 -2.67 -36.39
N TRP A 778 20.76 -2.59 -35.90
CA TRP A 778 19.86 -3.74 -35.94
C TRP A 778 19.61 -4.20 -37.37
N GLU A 779 19.34 -3.25 -38.27
CA GLU A 779 19.05 -3.61 -39.66
C GLU A 779 20.25 -4.27 -40.32
N GLN A 780 21.44 -3.68 -40.14
CA GLN A 780 22.64 -4.25 -40.74
C GLN A 780 22.91 -5.65 -40.21
N ARG A 781 22.87 -5.81 -38.88
CA ARG A 781 23.18 -7.12 -38.30
C ARG A 781 22.16 -8.16 -38.69
N THR A 782 20.87 -7.80 -38.71
CA THR A 782 19.83 -8.76 -39.08
C THR A 782 19.89 -9.12 -40.56
N SER A 783 20.24 -8.17 -41.44
CA SER A 783 20.42 -8.50 -42.84
C SER A 783 21.61 -9.41 -43.06
N GLN A 784 22.72 -9.14 -42.37
CA GLN A 784 23.90 -9.99 -42.51
C GLN A 784 23.67 -11.38 -41.91
N LEU A 785 22.88 -11.45 -40.84
CA LEU A 785 22.58 -12.74 -40.22
C LEU A 785 21.72 -13.63 -41.10
N ARG A 786 20.97 -13.05 -42.03
CA ARG A 786 20.08 -13.81 -42.90
C ARG A 786 20.81 -14.41 -44.09
N LYS A 787 21.67 -13.62 -44.75
CA LYS A 787 22.40 -14.12 -45.90
C LYS A 787 23.46 -15.15 -45.52
N HIS A 788 23.83 -15.24 -44.24
CA HIS A 788 24.77 -16.23 -43.75
C HIS A 788 24.09 -17.43 -43.12
N MET A 789 22.77 -17.53 -43.24
CA MET A 789 22.00 -18.59 -42.59
C MET A 789 21.64 -19.73 -43.54
N GLN A 790 21.32 -19.42 -44.80
CA GLN A 790 20.94 -20.46 -45.75
C GLN A 790 22.09 -21.40 -46.03
N MET A 791 23.26 -20.85 -46.36
CA MET A 791 24.46 -21.62 -46.67
C MET A 791 24.20 -22.68 -47.75
N ILE A 1142 35.53 48.31 -33.44
CA ILE A 1142 35.58 47.86 -34.82
C ILE A 1142 35.74 46.34 -34.87
N ARG A 1143 35.29 45.73 -35.98
CA ARG A 1143 35.32 44.29 -36.13
C ARG A 1143 36.57 43.78 -36.84
N ARG A 1144 37.67 44.52 -36.76
CA ARG A 1144 38.93 44.08 -37.35
C ARG A 1144 39.72 43.19 -36.39
N ALA A 1145 39.81 43.58 -35.13
CA ALA A 1145 40.57 42.82 -34.14
C ALA A 1145 39.70 41.88 -33.31
N CYS A 1146 38.38 42.07 -33.32
CA CYS A 1146 37.49 41.16 -32.60
C CYS A 1146 37.55 39.75 -33.20
N HIS A 1147 37.60 39.66 -34.53
CA HIS A 1147 37.75 38.37 -35.18
C HIS A 1147 39.06 37.69 -34.77
N TYR A 1148 40.15 38.46 -34.72
CA TYR A 1148 41.42 37.90 -34.29
C TYR A 1148 41.36 37.43 -32.84
N ILE A 1149 40.75 38.22 -31.96
CA ILE A 1149 40.73 37.87 -30.54
C ILE A 1149 39.79 36.70 -30.29
N VAL A 1150 38.80 36.49 -31.15
CA VAL A 1150 37.91 35.35 -30.95
C VAL A 1150 38.44 34.09 -31.65
N ASN A 1151 39.31 34.26 -32.64
CA ASN A 1151 39.86 33.12 -33.37
C ASN A 1151 41.18 32.63 -32.79
N LEU A 1152 41.55 33.07 -31.60
CA LEU A 1152 42.76 32.61 -30.96
C LEU A 1152 42.65 31.14 -30.61
N ARG A 1153 43.79 30.44 -30.64
CA ARG A 1153 43.80 29.02 -30.32
C ARG A 1153 43.38 28.77 -28.88
N TYR A 1154 44.00 29.49 -27.94
CA TYR A 1154 43.71 29.32 -26.52
C TYR A 1154 42.68 30.34 -26.04
N PHE A 1155 41.52 30.33 -26.72
CA PHE A 1155 40.40 31.18 -26.34
C PHE A 1155 39.20 30.37 -25.86
N GLU A 1156 38.77 29.38 -26.63
CA GLU A 1156 37.66 28.53 -26.19
C GLU A 1156 38.01 27.76 -24.93
N MET A 1157 39.28 27.39 -24.76
CA MET A 1157 39.68 26.62 -23.59
C MET A 1157 39.45 27.39 -22.30
N CYS A 1158 39.92 28.64 -22.25
CA CYS A 1158 39.71 29.46 -21.06
C CYS A 1158 38.23 29.69 -20.81
N ILE A 1159 37.42 29.75 -21.87
CA ILE A 1159 35.98 29.85 -21.70
C ILE A 1159 35.44 28.59 -21.03
N LEU A 1160 35.95 27.42 -21.42
CA LEU A 1160 35.53 26.20 -20.75
C LEU A 1160 35.94 26.20 -19.28
N LEU A 1161 37.16 26.65 -18.97
CA LEU A 1161 37.58 26.70 -17.57
C LEU A 1161 36.71 27.65 -16.76
N VAL A 1162 36.39 28.82 -17.31
CA VAL A 1162 35.57 29.77 -16.55
C VAL A 1162 34.15 29.25 -16.38
N ILE A 1163 33.61 28.55 -17.39
CA ILE A 1163 32.28 27.97 -17.26
C ILE A 1163 32.26 26.88 -16.19
N ALA A 1164 33.29 26.01 -16.20
CA ALA A 1164 33.38 24.97 -15.19
C ALA A 1164 33.53 25.57 -13.79
N ALA A 1165 34.33 26.62 -13.67
CA ALA A 1165 34.49 27.30 -12.38
C ALA A 1165 33.18 27.89 -11.91
N SER A 1166 32.40 28.49 -12.82
CA SER A 1166 31.11 29.04 -12.44
C SER A 1166 30.15 27.94 -12.00
N SER A 1167 30.17 26.79 -12.69
CA SER A 1167 29.31 25.68 -12.29
C SER A 1167 29.70 25.18 -10.89
N ILE A 1168 31.00 25.02 -10.64
CA ILE A 1168 31.46 24.56 -9.33
C ILE A 1168 31.07 25.57 -8.25
N ALA A 1169 31.15 26.87 -8.59
CA ALA A 1169 30.72 27.91 -7.66
C ALA A 1169 29.23 27.78 -7.36
N LEU A 1170 28.43 27.50 -8.37
CA LEU A 1170 27.00 27.25 -8.15
C LEU A 1170 26.79 26.07 -7.23
N ALA A 1171 27.64 25.03 -7.35
CA ALA A 1171 27.49 23.85 -6.50
C ALA A 1171 27.69 24.19 -5.03
N ALA A 1172 28.70 25.00 -4.72
CA ALA A 1172 29.03 25.35 -3.33
C ALA A 1172 28.27 26.60 -2.94
N GLU A 1173 27.11 26.41 -2.29
CA GLU A 1173 26.28 27.53 -1.89
C GLU A 1173 25.30 27.06 -0.82
N ASP A 1174 25.06 27.93 0.17
CA ASP A 1174 24.11 27.63 1.24
C ASP A 1174 22.77 28.26 0.93
N PRO A 1175 21.70 27.48 0.77
CA PRO A 1175 20.39 28.08 0.47
C PRO A 1175 19.64 28.57 1.70
N VAL A 1176 20.03 28.17 2.91
CA VAL A 1176 19.34 28.59 4.12
C VAL A 1176 19.91 29.93 4.60
N LEU A 1177 21.20 29.96 4.90
CA LEU A 1177 21.87 31.16 5.38
C LEU A 1177 22.19 32.04 4.17
N THR A 1178 21.25 32.92 3.83
CA THR A 1178 21.40 33.75 2.64
C THR A 1178 22.58 34.71 2.76
N ASN A 1179 22.75 35.33 3.91
CA ASN A 1179 23.79 36.34 4.12
C ASN A 1179 24.87 35.75 5.02
N SER A 1180 25.85 35.09 4.40
CA SER A 1180 26.99 34.54 5.11
C SER A 1180 28.26 34.94 4.36
N GLU A 1181 29.41 34.64 4.98
CA GLU A 1181 30.68 34.93 4.32
C GLU A 1181 30.82 34.14 3.03
N ARG A 1182 30.45 32.85 3.06
CA ARG A 1182 30.54 32.02 1.87
C ARG A 1182 29.64 32.54 0.76
N ASN A 1183 28.40 32.89 1.09
CA ASN A 1183 27.48 33.39 0.08
C ASN A 1183 27.95 34.73 -0.48
N LYS A 1184 28.52 35.58 0.37
CA LYS A 1184 29.04 36.86 -0.09
C LYS A 1184 30.20 36.67 -1.07
N VAL A 1185 31.14 35.79 -0.73
CA VAL A 1185 32.25 35.52 -1.64
C VAL A 1185 31.73 34.89 -2.94
N LEU A 1186 30.71 34.04 -2.84
CA LEU A 1186 30.13 33.43 -4.02
C LEU A 1186 29.49 34.47 -4.93
N ARG A 1187 28.79 35.45 -4.34
CA ARG A 1187 28.22 36.53 -5.14
C ARG A 1187 29.31 37.38 -5.77
N TYR A 1188 30.40 37.62 -5.05
CA TYR A 1188 31.52 38.37 -5.61
C TYR A 1188 32.11 37.63 -6.81
N PHE A 1189 32.22 36.30 -6.71
CA PHE A 1189 32.66 35.51 -7.86
C PHE A 1189 31.65 35.57 -9.00
N ASP A 1190 30.36 35.55 -8.67
CA ASP A 1190 29.33 35.65 -9.70
C ASP A 1190 29.43 36.97 -10.45
N TYR A 1191 29.87 38.04 -9.77
CA TYR A 1191 30.06 39.32 -10.44
C TYR A 1191 31.06 39.20 -11.60
N VAL A 1192 32.25 38.66 -11.32
CA VAL A 1192 33.23 38.53 -12.38
C VAL A 1192 32.79 37.48 -13.41
N PHE A 1193 32.04 36.46 -12.98
CA PHE A 1193 31.56 35.46 -13.92
C PHE A 1193 30.62 36.08 -14.94
N THR A 1194 29.66 36.88 -14.48
CA THR A 1194 28.74 37.53 -15.41
C THR A 1194 29.44 38.63 -16.21
N GLY A 1195 30.47 39.27 -15.64
CA GLY A 1195 31.26 40.21 -16.43
C GLY A 1195 31.94 39.54 -17.60
N VAL A 1196 32.58 38.40 -17.34
CA VAL A 1196 33.24 37.65 -18.42
C VAL A 1196 32.21 37.15 -19.42
N PHE A 1197 31.04 36.72 -18.92
CA PHE A 1197 30.01 36.21 -19.82
C PHE A 1197 29.47 37.31 -20.73
N THR A 1198 29.30 38.52 -20.20
CA THR A 1198 28.97 39.66 -21.04
C THR A 1198 30.09 39.91 -22.04
N PHE A 1199 31.35 39.75 -21.61
CA PHE A 1199 32.46 39.98 -22.52
C PHE A 1199 32.58 38.89 -23.59
N GLU A 1200 32.19 37.65 -23.28
CA GLU A 1200 32.35 36.60 -24.28
C GLU A 1200 31.42 36.78 -25.47
N MET A 1201 30.31 37.51 -25.29
CA MET A 1201 29.29 37.60 -26.33
C MET A 1201 29.23 38.94 -27.01
N VAL A 1202 29.65 40.03 -26.35
CA VAL A 1202 29.63 41.33 -27.00
C VAL A 1202 30.61 41.37 -28.17
N ILE A 1203 31.67 40.57 -28.11
CA ILE A 1203 32.62 40.53 -29.22
C ILE A 1203 32.11 39.67 -30.37
N LYS A 1204 31.12 38.80 -30.13
CA LYS A 1204 30.53 38.01 -31.20
C LYS A 1204 29.40 38.74 -31.91
N MET A 1205 28.67 39.60 -31.18
CA MET A 1205 27.59 40.36 -31.81
C MET A 1205 28.13 41.44 -32.74
N ILE A 1206 29.29 42.02 -32.42
CA ILE A 1206 29.91 43.03 -33.26
C ILE A 1206 30.84 42.35 -34.25
N ASP A 1207 30.78 41.02 -34.30
CA ASP A 1207 31.51 40.22 -35.28
C ASP A 1207 30.60 39.50 -36.25
N GLN A 1208 29.53 38.87 -35.76
CA GLN A 1208 28.57 38.21 -36.62
C GLN A 1208 27.37 39.10 -36.94
N GLY A 1209 27.37 40.34 -36.49
CA GLY A 1209 26.35 41.30 -36.88
C GLY A 1209 24.94 40.96 -36.44
N LEU A 1210 24.79 40.38 -35.24
CA LEU A 1210 23.49 40.01 -34.68
C LEU A 1210 22.81 39.09 -35.70
N ILE A 1211 21.54 39.30 -36.02
CA ILE A 1211 20.83 38.47 -37.00
C ILE A 1211 20.93 39.15 -38.36
N LEU A 1212 21.47 38.42 -39.34
CA LEU A 1212 21.67 38.96 -40.67
C LEU A 1212 20.47 38.67 -41.57
N LEU A 1221 19.61 30.50 -33.25
CA LEU A 1221 20.66 29.49 -33.16
C LEU A 1221 20.73 28.90 -31.76
N TRP A 1222 21.84 28.24 -31.46
CA TRP A 1222 22.00 27.61 -30.14
C TRP A 1222 22.29 28.62 -29.04
N ASN A 1223 22.87 29.77 -29.37
CA ASN A 1223 23.32 30.74 -28.39
C ASN A 1223 22.22 31.71 -27.96
N ILE A 1224 20.95 31.34 -28.13
CA ILE A 1224 19.86 32.13 -27.55
C ILE A 1224 19.89 32.02 -26.02
N LEU A 1225 20.10 30.81 -25.50
CA LEU A 1225 20.17 30.63 -24.05
C LEU A 1225 21.37 31.34 -23.46
N ASP A 1226 22.47 31.42 -24.19
CA ASP A 1226 23.61 32.21 -23.72
C ASP A 1226 23.23 33.68 -23.60
N PHE A 1227 22.50 34.20 -24.58
CA PHE A 1227 22.05 35.59 -24.52
C PHE A 1227 21.13 35.82 -23.33
N VAL A 1228 20.19 34.89 -23.10
CA VAL A 1228 19.26 35.08 -21.98
C VAL A 1228 19.97 34.93 -20.64
N VAL A 1229 21.00 34.08 -20.57
CA VAL A 1229 21.78 33.95 -19.34
C VAL A 1229 22.54 35.23 -19.06
N VAL A 1230 23.17 35.80 -20.09
CA VAL A 1230 23.93 37.04 -19.89
C VAL A 1230 23.00 38.18 -19.51
N VAL A 1231 21.85 38.29 -20.19
CA VAL A 1231 20.95 39.41 -19.93
C VAL A 1231 20.30 39.28 -18.56
N GLY A 1232 19.83 38.09 -18.21
CA GLY A 1232 19.16 37.92 -16.93
C GLY A 1232 20.05 38.18 -15.74
N ALA A 1233 21.37 37.97 -15.91
CA ALA A 1233 22.29 38.26 -14.82
C ALA A 1233 22.44 39.76 -14.61
N LEU A 1234 22.44 40.54 -15.69
CA LEU A 1234 22.53 42.00 -15.55
C LEU A 1234 21.30 42.55 -14.84
N VAL A 1235 20.11 42.09 -15.21
CA VAL A 1235 18.89 42.49 -14.53
C VAL A 1235 18.89 42.02 -13.08
N ALA A 1236 19.65 40.96 -12.77
CA ALA A 1236 19.65 40.43 -11.42
C ALA A 1236 20.18 41.44 -10.41
N PHE A 1237 21.26 42.14 -10.73
CA PHE A 1237 21.74 43.19 -9.85
C PHE A 1237 21.34 44.59 -10.33
N ALA A 1238 20.65 44.70 -11.46
CA ALA A 1238 20.02 45.97 -11.80
C ALA A 1238 18.88 46.29 -10.84
N LEU A 1239 18.11 45.28 -10.45
CA LEU A 1239 17.01 45.45 -9.51
C LEU A 1239 17.45 45.29 -8.07
N ALA A 1240 18.40 44.39 -7.80
CA ALA A 1240 18.89 44.21 -6.44
C ALA A 1240 19.57 45.48 -5.93
N ASN A 1241 20.33 46.14 -6.79
CA ASN A 1241 21.00 47.39 -6.45
C ASN A 1241 20.22 48.62 -6.88
N ALA A 1242 18.97 48.45 -7.30
CA ALA A 1242 18.15 49.58 -7.70
C ALA A 1242 17.91 50.53 -6.53
N LEU A 1243 17.64 49.98 -5.35
CA LEU A 1243 17.42 50.80 -4.16
C LEU A 1243 18.71 50.99 -3.39
N ARG A 1249 11.62 45.43 -0.86
CA ARG A 1249 10.28 45.13 -1.35
C ARG A 1249 10.35 44.21 -2.56
N ASP A 1250 9.54 43.14 -2.53
CA ASP A 1250 9.44 42.18 -3.62
C ASP A 1250 10.81 41.57 -3.96
N ILE A 1251 11.45 41.02 -2.93
CA ILE A 1251 12.72 40.34 -3.12
C ILE A 1251 12.55 38.95 -3.73
N LYS A 1252 11.30 38.45 -3.80
CA LYS A 1252 11.07 37.13 -4.37
C LYS A 1252 11.42 37.08 -5.85
N THR A 1253 11.17 38.16 -6.59
CA THR A 1253 11.54 38.19 -7.99
C THR A 1253 13.04 38.06 -8.18
N ILE A 1254 13.82 38.54 -7.20
CA ILE A 1254 15.27 38.43 -7.30
C ILE A 1254 15.70 36.97 -7.22
N LYS A 1255 15.17 36.24 -6.24
CA LYS A 1255 15.48 34.82 -6.11
C LYS A 1255 14.98 34.04 -7.31
N SER A 1256 13.79 34.38 -7.81
CA SER A 1256 13.24 33.70 -8.98
C SER A 1256 14.09 33.94 -10.22
N LEU A 1257 14.69 35.13 -10.34
CA LEU A 1257 15.54 35.42 -11.48
C LEU A 1257 16.92 34.83 -11.36
N ARG A 1258 17.42 34.64 -10.13
CA ARG A 1258 18.75 34.07 -9.95
C ARG A 1258 18.80 32.57 -10.24
N VAL A 1259 17.65 31.90 -10.35
CA VAL A 1259 17.63 30.50 -10.73
C VAL A 1259 17.99 30.30 -12.20
N LEU A 1260 18.04 31.39 -12.98
CA LEU A 1260 18.34 31.26 -14.40
C LEU A 1260 19.77 30.77 -14.62
N ARG A 1261 20.71 31.21 -13.80
CA ARG A 1261 22.12 30.88 -14.03
C ARG A 1261 22.41 29.38 -13.96
N VAL A 1262 21.43 28.57 -13.54
CA VAL A 1262 21.61 27.12 -13.59
C VAL A 1262 21.70 26.59 -15.01
N LEU A 1263 21.47 27.42 -16.02
CA LEU A 1263 21.77 27.02 -17.39
C LEU A 1263 23.24 27.18 -17.75
N ARG A 1264 24.08 27.60 -16.81
CA ARG A 1264 25.51 27.70 -17.09
C ARG A 1264 26.14 26.36 -17.50
N PRO A 1265 25.85 25.22 -16.84
CA PRO A 1265 26.41 23.96 -17.35
C PRO A 1265 25.97 23.63 -18.76
N LEU A 1266 24.77 24.07 -19.17
CA LEU A 1266 24.28 23.78 -20.51
C LEU A 1266 25.05 24.53 -21.60
N LYS A 1267 25.89 25.49 -21.22
CA LYS A 1267 26.69 26.23 -22.20
C LYS A 1267 27.87 25.43 -22.71
N THR A 1268 28.18 24.28 -22.10
CA THR A 1268 29.30 23.46 -22.55
C THR A 1268 28.93 22.52 -23.69
N ILE A 1269 27.65 22.38 -24.01
CA ILE A 1269 27.24 21.44 -25.05
C ILE A 1269 27.74 21.90 -26.42
N LYS A 1270 27.59 23.19 -26.71
CA LYS A 1270 28.03 23.71 -28.00
C LYS A 1270 29.54 23.64 -28.15
N ARG A 1271 30.28 23.90 -27.07
CA ARG A 1271 31.73 23.97 -27.16
C ARG A 1271 32.35 22.60 -27.39
N LEU A 1272 31.92 21.60 -26.63
CA LEU A 1272 32.44 20.25 -26.80
C LEU A 1272 31.75 19.57 -27.97
N PRO A 1273 32.48 19.14 -29.00
CA PRO A 1273 31.81 18.53 -30.16
C PRO A 1273 31.23 17.15 -29.86
N LYS A 1274 31.88 16.36 -29.00
CA LYS A 1274 31.35 15.03 -28.69
C LYS A 1274 30.08 15.13 -27.85
N LEU A 1275 30.04 16.09 -26.92
CA LEU A 1275 28.83 16.32 -26.15
C LEU A 1275 27.69 16.75 -27.07
N LYS A 1276 27.99 17.62 -28.05
CA LYS A 1276 26.98 18.01 -29.02
C LYS A 1276 26.52 16.81 -29.84
N ALA A 1277 27.44 15.91 -30.20
CA ALA A 1277 27.07 14.73 -30.96
C ALA A 1277 26.12 13.84 -30.16
N VAL A 1278 26.41 13.61 -28.88
CA VAL A 1278 25.53 12.76 -28.09
C VAL A 1278 24.18 13.45 -27.85
N PHE A 1279 24.19 14.77 -27.68
CA PHE A 1279 22.93 15.50 -27.55
C PHE A 1279 22.08 15.37 -28.81
N ASP A 1280 22.73 15.47 -29.98
CA ASP A 1280 22.01 15.30 -31.24
C ASP A 1280 21.49 13.88 -31.39
N CYS A 1281 22.26 12.88 -30.93
CA CYS A 1281 21.77 11.51 -30.97
C CYS A 1281 20.53 11.34 -30.10
N VAL A 1282 20.54 11.93 -28.90
CA VAL A 1282 19.37 11.87 -28.03
C VAL A 1282 18.18 12.55 -28.69
N VAL A 1283 18.41 13.71 -29.31
CA VAL A 1283 17.32 14.42 -29.97
C VAL A 1283 16.74 13.60 -31.12
N THR A 1284 17.61 12.96 -31.91
CA THR A 1284 17.12 12.14 -33.02
C THR A 1284 16.34 10.94 -32.51
N SER A 1285 16.78 10.34 -31.40
CA SER A 1285 16.01 9.24 -30.81
C SER A 1285 14.64 9.73 -30.36
N LEU A 1286 14.59 10.91 -29.75
CA LEU A 1286 13.30 11.47 -29.34
C LEU A 1286 12.40 11.73 -30.54
N LYS A 1287 12.97 12.21 -31.65
CA LYS A 1287 12.19 12.42 -32.86
C LYS A 1287 11.65 11.09 -33.40
N ASN A 1288 12.47 10.04 -33.35
CA ASN A 1288 12.04 8.73 -33.82
C ASN A 1288 10.90 8.19 -32.96
N VAL A 1289 10.92 8.45 -31.65
CA VAL A 1289 9.90 7.91 -30.75
C VAL A 1289 8.65 8.79 -30.64
N PHE A 1290 8.73 10.05 -31.09
CA PHE A 1290 7.61 10.98 -30.93
C PHE A 1290 6.32 10.45 -31.56
N ASN A 1291 6.42 9.72 -32.67
CA ASN A 1291 5.22 9.25 -33.35
C ASN A 1291 4.42 8.28 -32.47
N ILE A 1292 5.12 7.38 -31.79
CA ILE A 1292 4.44 6.47 -30.86
C ILE A 1292 4.10 7.20 -29.56
N LEU A 1293 4.87 8.23 -29.22
CA LEU A 1293 4.55 9.03 -28.04
C LEU A 1293 3.17 9.69 -28.17
N ILE A 1294 2.82 10.10 -29.39
CA ILE A 1294 1.51 10.71 -29.62
C ILE A 1294 0.39 9.71 -29.31
N VAL A 1295 0.54 8.47 -29.80
CA VAL A 1295 -0.47 7.43 -29.55
C VAL A 1295 -0.54 7.10 -28.06
N TYR A 1296 0.62 7.04 -27.40
CA TYR A 1296 0.65 6.81 -25.97
C TYR A 1296 -0.11 7.89 -25.23
N LYS A 1297 0.10 9.15 -25.61
CA LYS A 1297 -0.59 10.26 -24.95
C LYS A 1297 -2.10 10.18 -25.19
N LEU A 1298 -2.51 9.81 -26.40
CA LEU A 1298 -3.94 9.69 -26.67
C LEU A 1298 -4.59 8.60 -25.83
N PHE A 1299 -3.94 7.43 -25.74
CA PHE A 1299 -4.49 6.36 -24.92
C PHE A 1299 -4.51 6.74 -23.44
N MET A 1300 -3.46 7.42 -22.97
CA MET A 1300 -3.44 7.88 -21.59
C MET A 1300 -4.57 8.88 -21.32
N PHE A 1301 -4.83 9.77 -22.27
CA PHE A 1301 -5.93 10.71 -22.13
C PHE A 1301 -7.28 9.98 -22.06
N ILE A 1302 -7.45 8.96 -22.90
CA ILE A 1302 -8.70 8.20 -22.87
C ILE A 1302 -8.89 7.54 -21.51
N PHE A 1303 -7.83 6.89 -21.00
CA PHE A 1303 -7.93 6.25 -19.70
C PHE A 1303 -8.20 7.26 -18.59
N ALA A 1304 -7.57 8.43 -18.66
CA ALA A 1304 -7.79 9.45 -17.65
C ALA A 1304 -9.22 9.96 -17.68
N VAL A 1305 -9.79 10.13 -18.87
CA VAL A 1305 -11.18 10.54 -18.98
C VAL A 1305 -12.10 9.49 -18.38
N ILE A 1306 -11.84 8.21 -18.69
CA ILE A 1306 -12.64 7.15 -18.11
C ILE A 1306 -12.44 7.09 -16.59
N ALA A 1307 -11.21 7.29 -16.13
CA ALA A 1307 -10.93 7.24 -14.70
C ALA A 1307 -11.62 8.37 -13.95
N VAL A 1308 -11.82 9.52 -14.60
CA VAL A 1308 -12.53 10.62 -13.96
C VAL A 1308 -13.97 10.23 -13.67
N GLN A 1309 -14.66 9.68 -14.68
CA GLN A 1309 -16.05 9.31 -14.51
C GLN A 1309 -16.24 8.22 -13.45
N LEU A 1310 -15.17 7.52 -13.07
CA LEU A 1310 -15.26 6.44 -12.11
C LEU A 1310 -15.09 6.92 -10.67
N PHE A 1311 -14.10 7.77 -10.41
CA PHE A 1311 -13.77 8.20 -9.06
C PHE A 1311 -13.77 9.73 -8.91
N LYS A 1312 -14.69 10.41 -9.58
CA LYS A 1312 -14.74 11.87 -9.48
C LYS A 1312 -15.49 12.27 -8.22
N GLY A 1313 -14.81 12.96 -7.32
CA GLY A 1313 -15.42 13.41 -6.08
C GLY A 1313 -15.53 12.36 -5.01
N LYS A 1314 -15.12 11.12 -5.29
CA LYS A 1314 -15.30 10.01 -4.37
C LYS A 1314 -14.07 9.74 -3.51
N PHE A 1315 -13.03 10.58 -3.63
CA PHE A 1315 -11.79 10.41 -2.87
C PHE A 1315 -11.72 11.30 -1.63
N PHE A 1316 -12.86 11.56 -1.01
CA PHE A 1316 -12.92 12.37 0.20
C PHE A 1316 -13.10 11.49 1.42
N TYR A 1317 -12.56 11.95 2.55
CA TYR A 1317 -12.68 11.18 3.79
C TYR A 1317 -12.57 12.11 4.98
N CYS A 1318 -13.21 11.72 6.06
CA CYS A 1318 -13.10 12.43 7.33
C CYS A 1318 -11.97 11.83 8.15
N THR A 1319 -11.42 12.65 9.06
CA THR A 1319 -10.27 12.22 9.85
C THR A 1319 -10.64 11.06 10.78
N ASP A 1320 -11.89 11.02 11.24
CA ASP A 1320 -12.39 9.88 12.00
C ASP A 1320 -13.37 9.09 11.14
N SER A 1321 -13.26 7.77 11.18
CA SER A 1321 -14.02 6.90 10.30
C SER A 1321 -15.52 6.90 10.57
N SER A 1322 -15.95 7.47 11.70
CA SER A 1322 -17.37 7.45 12.03
C SER A 1322 -18.19 8.29 11.06
N LYS A 1323 -17.68 9.46 10.68
CA LYS A 1323 -18.42 10.38 9.83
C LYS A 1323 -18.28 9.99 8.36
N ASP A 1324 -19.34 10.24 7.60
CA ASP A 1324 -19.39 9.86 6.19
C ASP A 1324 -19.51 11.03 5.24
N THR A 1325 -20.03 12.17 5.68
CA THR A 1325 -20.21 13.32 4.82
C THR A 1325 -19.55 14.55 5.45
N GLU A 1326 -19.54 15.65 4.70
CA GLU A 1326 -18.87 16.86 5.17
C GLU A 1326 -19.68 17.57 6.24
N LYS A 1327 -21.00 17.41 6.23
CA LYS A 1327 -21.83 18.05 7.24
C LYS A 1327 -21.49 17.53 8.64
N GLU A 1328 -21.32 16.21 8.78
CA GLU A 1328 -20.99 15.65 10.08
C GLU A 1328 -19.53 15.86 10.45
N CYS A 1329 -18.63 15.95 9.45
CA CYS A 1329 -17.19 16.02 9.70
C CYS A 1329 -16.81 17.44 10.14
N ILE A 1330 -17.26 17.78 11.35
CA ILE A 1330 -16.92 19.06 11.96
C ILE A 1330 -16.97 18.90 13.48
N GLY A 1331 -15.99 19.49 14.17
CA GLY A 1331 -15.92 19.44 15.61
C GLY A 1331 -14.62 18.82 16.09
N ASN A 1332 -14.69 18.15 17.23
CA ASN A 1332 -13.54 17.48 17.83
C ASN A 1332 -13.91 16.03 18.09
N TYR A 1333 -12.88 15.17 18.15
CA TYR A 1333 -13.10 13.76 18.41
C TYR A 1333 -11.89 13.19 19.12
N VAL A 1334 -12.11 12.07 19.81
CA VAL A 1334 -11.05 11.40 20.56
C VAL A 1334 -10.40 10.36 19.65
N ASP A 1335 -9.09 10.45 19.49
CA ASP A 1335 -8.33 9.54 18.63
C ASP A 1335 -7.67 8.47 19.47
N HIS A 1336 -7.93 7.21 19.14
CA HIS A 1336 -7.44 6.08 19.91
C HIS A 1336 -6.32 5.33 19.18
N GLU A 1337 -5.51 6.06 18.42
CA GLU A 1337 -4.37 5.45 17.76
C GLU A 1337 -3.26 5.17 18.76
N LYS A 1338 -2.37 4.24 18.39
CA LYS A 1338 -1.20 3.83 19.15
C LYS A 1338 -1.47 3.72 20.65
N ASN A 1339 -2.65 3.22 21.02
CA ASN A 1339 -3.01 2.96 22.41
C ASN A 1339 -2.90 4.22 23.27
N LYS A 1340 -3.24 5.38 22.69
CA LYS A 1340 -3.16 6.64 23.41
C LYS A 1340 -4.27 7.55 22.94
N MET A 1341 -5.00 8.14 23.88
CA MET A 1341 -6.11 9.03 23.57
C MET A 1341 -5.61 10.44 23.31
N GLU A 1342 -6.33 11.15 22.44
CA GLU A 1342 -6.00 12.53 22.12
C GLU A 1342 -7.21 13.17 21.45
N VAL A 1343 -7.44 14.45 21.75
CA VAL A 1343 -8.54 15.20 21.16
C VAL A 1343 -8.00 15.92 19.93
N LYS A 1344 -8.60 15.63 18.77
CA LYS A 1344 -8.18 16.23 17.51
C LYS A 1344 -9.39 16.76 16.76
N GLY A 1345 -9.17 17.81 15.99
CA GLY A 1345 -10.24 18.37 15.19
C GLY A 1345 -10.61 17.48 14.01
N ARG A 1346 -11.87 17.59 13.59
CA ARG A 1346 -12.37 16.79 12.47
C ARG A 1346 -12.14 17.57 11.18
N GLU A 1347 -11.48 16.94 10.22
CA GLU A 1347 -11.14 17.55 8.96
C GLU A 1347 -11.70 16.71 7.81
N TRP A 1348 -12.38 17.37 6.88
CA TRP A 1348 -12.91 16.70 5.69
C TRP A 1348 -11.86 16.83 4.59
N LYS A 1349 -10.95 15.87 4.55
CA LYS A 1349 -9.79 15.94 3.67
C LYS A 1349 -10.04 15.14 2.40
N ARG A 1350 -9.13 15.33 1.44
CA ARG A 1350 -9.14 14.60 0.18
C ARG A 1350 -7.84 13.81 0.07
N HIS A 1351 -7.93 12.65 -0.58
CA HIS A 1351 -6.74 11.86 -0.81
C HIS A 1351 -5.74 12.63 -1.66
N GLU A 1352 -4.46 12.39 -1.41
CA GLU A 1352 -3.41 13.21 -2.03
C GLU A 1352 -3.44 13.09 -3.54
N PHE A 1353 -3.64 11.90 -4.07
CA PHE A 1353 -3.77 11.67 -5.50
C PHE A 1353 -5.19 11.19 -5.80
N HIS A 1354 -5.89 11.91 -6.67
CA HIS A 1354 -7.29 11.67 -6.90
C HIS A 1354 -7.58 11.81 -8.40
N TYR A 1355 -8.85 11.81 -8.75
CA TYR A 1355 -9.32 11.93 -10.13
C TYR A 1355 -10.41 12.98 -10.24
N ASP A 1356 -10.26 14.11 -9.53
CA ASP A 1356 -11.32 15.11 -9.51
C ASP A 1356 -11.52 15.76 -10.88
N ASN A 1357 -10.43 16.03 -11.60
CA ASN A 1357 -10.54 16.49 -12.97
C ASN A 1357 -9.52 15.75 -13.84
N ILE A 1358 -9.31 16.19 -15.06
CA ILE A 1358 -8.47 15.42 -15.97
C ILE A 1358 -6.99 15.64 -15.69
N ILE A 1359 -6.60 16.79 -15.16
CA ILE A 1359 -5.19 17.03 -14.84
C ILE A 1359 -4.77 16.17 -13.66
N TRP A 1360 -5.60 16.13 -12.62
CA TRP A 1360 -5.31 15.27 -11.47
C TRP A 1360 -5.34 13.81 -11.86
N ALA A 1361 -6.27 13.42 -12.73
CA ALA A 1361 -6.30 12.04 -13.22
C ALA A 1361 -5.04 11.70 -13.99
N LEU A 1362 -4.56 12.62 -14.82
CA LEU A 1362 -3.33 12.38 -15.58
C LEU A 1362 -2.14 12.25 -14.65
N LEU A 1363 -2.05 13.10 -13.62
CA LEU A 1363 -0.96 12.99 -12.67
C LEU A 1363 -1.01 11.68 -11.89
N THR A 1364 -2.20 11.28 -11.45
CA THR A 1364 -2.34 10.02 -10.73
C THR A 1364 -1.95 8.84 -11.60
N LEU A 1365 -2.40 8.84 -12.86
CA LEU A 1365 -2.06 7.75 -13.77
C LEU A 1365 -0.57 7.73 -14.09
N PHE A 1366 0.07 8.91 -14.18
CA PHE A 1366 1.51 8.93 -14.38
C PHE A 1366 2.24 8.31 -13.19
N THR A 1367 1.81 8.66 -11.97
CA THR A 1367 2.45 8.08 -10.79
C THR A 1367 2.22 6.58 -10.72
N VAL A 1368 1.04 6.12 -11.15
CA VAL A 1368 0.77 4.68 -11.20
C VAL A 1368 1.67 4.01 -12.23
N SER A 1369 1.83 4.64 -13.40
CA SER A 1369 2.66 4.08 -14.46
C SER A 1369 4.12 3.97 -14.03
N THR A 1370 4.61 4.98 -13.30
CA THR A 1370 5.95 4.87 -12.72
C THR A 1370 6.03 3.70 -11.75
N GLY A 1371 4.90 3.30 -11.18
CA GLY A 1371 4.85 2.17 -10.26
C GLY A 1371 4.95 2.53 -8.81
N GLU A 1372 4.81 3.81 -8.46
CA GLU A 1372 5.02 4.27 -7.10
C GLU A 1372 3.69 4.55 -6.42
N GLY A 1373 3.49 3.93 -5.26
CA GLY A 1373 2.30 4.19 -4.46
C GLY A 1373 1.01 3.74 -5.09
N TRP A 1374 1.07 2.94 -6.15
CA TRP A 1374 -0.13 2.48 -6.83
C TRP A 1374 -0.97 1.51 -6.00
N PRO A 1375 -0.40 0.69 -5.09
CA PRO A 1375 -1.27 -0.07 -4.19
C PRO A 1375 -2.18 0.80 -3.33
N GLN A 1376 -1.67 1.95 -2.85
CA GLN A 1376 -2.49 2.83 -2.04
C GLN A 1376 -3.61 3.46 -2.87
N VAL A 1377 -3.31 3.85 -4.11
CA VAL A 1377 -4.35 4.40 -4.99
C VAL A 1377 -5.38 3.33 -5.31
N LEU A 1378 -4.94 2.09 -5.53
CA LEU A 1378 -5.89 1.00 -5.75
C LEU A 1378 -6.79 0.79 -4.54
N GLN A 1379 -6.21 0.83 -3.34
CA GLN A 1379 -7.01 0.68 -2.13
C GLN A 1379 -8.02 1.81 -1.99
N HIS A 1380 -7.60 3.04 -2.27
CA HIS A 1380 -8.53 4.17 -2.20
C HIS A 1380 -9.65 4.02 -3.22
N SER A 1381 -9.33 3.54 -4.42
CA SER A 1381 -10.34 3.37 -5.46
C SER A 1381 -11.29 2.25 -5.11
N VAL A 1382 -10.80 1.19 -4.45
CA VAL A 1382 -11.67 0.10 -4.04
C VAL A 1382 -12.61 0.55 -2.92
N ASP A 1383 -12.11 1.39 -2.01
CA ASP A 1383 -12.94 1.89 -0.91
C ASP A 1383 -13.98 2.90 -1.37
N VAL A 1384 -13.94 3.31 -2.64
CA VAL A 1384 -14.89 4.30 -3.16
C VAL A 1384 -16.32 3.80 -2.99
N THR A 1385 -17.19 4.68 -2.48
CA THR A 1385 -18.60 4.34 -2.29
C THR A 1385 -19.54 5.17 -3.15
N GLU A 1386 -19.52 6.51 -3.03
CA GLU A 1386 -20.52 7.34 -3.68
C GLU A 1386 -19.93 8.73 -3.92
N GLU A 1387 -20.79 9.63 -4.40
CA GLU A 1387 -20.33 10.91 -4.94
C GLU A 1387 -19.69 11.78 -3.86
N ASP A 1388 -20.29 11.86 -2.67
CA ASP A 1388 -19.80 12.74 -1.62
C ASP A 1388 -19.85 12.04 -0.26
N ARG A 1389 -19.39 10.80 -0.22
CA ARG A 1389 -19.40 10.02 1.00
C ARG A 1389 -18.01 9.48 1.30
N GLY A 1390 -17.72 9.30 2.59
CA GLY A 1390 -16.47 8.76 3.03
C GLY A 1390 -16.35 7.30 2.68
N PRO A 1391 -15.11 6.80 2.60
CA PRO A 1391 -14.88 5.47 2.04
C PRO A 1391 -15.46 4.36 2.91
N SER A 1392 -15.79 3.25 2.25
CA SER A 1392 -16.18 2.00 2.91
C SER A 1392 -15.22 0.92 2.46
N ARG A 1393 -14.61 0.22 3.42
CA ARG A 1393 -13.53 -0.71 3.11
C ARG A 1393 -14.01 -1.83 2.19
N SER A 1394 -13.25 -2.05 1.10
CA SER A 1394 -13.52 -3.13 0.15
C SER A 1394 -14.94 -3.07 -0.40
N ASN A 1395 -15.48 -1.86 -0.55
CA ASN A 1395 -16.84 -1.71 -1.03
C ASN A 1395 -16.99 -2.20 -2.46
N ARG A 1396 -16.14 -1.72 -3.36
CA ARG A 1396 -16.22 -2.03 -4.79
C ARG A 1396 -14.88 -2.65 -5.20
N MET A 1397 -14.78 -3.96 -5.04
CA MET A 1397 -13.55 -4.65 -5.40
C MET A 1397 -13.39 -4.85 -6.89
N GLU A 1398 -14.46 -4.67 -7.68
CA GLU A 1398 -14.37 -4.78 -9.13
C GLU A 1398 -13.63 -3.60 -9.74
N MET A 1399 -13.32 -2.55 -8.97
CA MET A 1399 -12.56 -1.43 -9.48
C MET A 1399 -11.11 -1.79 -9.76
N SER A 1400 -10.64 -2.97 -9.34
CA SER A 1400 -9.30 -3.42 -9.65
C SER A 1400 -9.16 -3.90 -11.09
N ILE A 1401 -10.28 -4.04 -11.81
CA ILE A 1401 -10.21 -4.34 -13.24
C ILE A 1401 -9.55 -3.19 -13.99
N PHE A 1402 -9.90 -1.95 -13.63
CA PHE A 1402 -9.34 -0.78 -14.28
C PHE A 1402 -7.81 -0.76 -14.16
N TYR A 1403 -7.31 -1.03 -12.96
CA TYR A 1403 -5.86 -0.95 -12.75
C TYR A 1403 -5.14 -2.11 -13.41
N VAL A 1404 -5.76 -3.29 -13.44
CA VAL A 1404 -5.15 -4.43 -14.11
C VAL A 1404 -5.04 -4.15 -15.62
N VAL A 1405 -6.12 -3.64 -16.21
CA VAL A 1405 -6.09 -3.31 -17.63
C VAL A 1405 -5.06 -2.21 -17.91
N TYR A 1406 -5.01 -1.20 -17.04
CA TYR A 1406 -4.04 -0.12 -17.22
C TYR A 1406 -2.62 -0.65 -17.16
N PHE A 1407 -2.33 -1.54 -16.20
CA PHE A 1407 -0.99 -2.10 -16.09
C PHE A 1407 -0.65 -3.00 -17.27
N VAL A 1408 -1.62 -3.76 -17.77
CA VAL A 1408 -1.37 -4.60 -18.93
C VAL A 1408 -1.08 -3.74 -20.16
N VAL A 1409 -1.72 -2.58 -20.26
CA VAL A 1409 -1.55 -1.75 -21.46
C VAL A 1409 -0.29 -0.89 -21.36
N PHE A 1410 -0.26 0.05 -20.42
CA PHE A 1410 0.77 1.09 -20.50
C PHE A 1410 2.16 0.64 -20.02
N PRO A 1411 2.35 0.20 -18.77
CA PRO A 1411 3.71 -0.12 -18.33
C PRO A 1411 4.22 -1.47 -18.83
N PHE A 1412 3.34 -2.36 -19.27
CA PHE A 1412 3.76 -3.66 -19.77
C PHE A 1412 3.94 -3.71 -21.28
N PHE A 1413 3.15 -2.93 -22.03
CA PHE A 1413 3.17 -2.99 -23.48
C PHE A 1413 3.76 -1.75 -24.12
N PHE A 1414 3.28 -0.55 -23.76
CA PHE A 1414 3.75 0.66 -24.43
C PHE A 1414 5.21 0.96 -24.08
N VAL A 1415 5.61 0.76 -22.83
CA VAL A 1415 7.00 1.02 -22.45
C VAL A 1415 7.94 0.09 -23.21
N ASN A 1416 7.58 -1.18 -23.30
CA ASN A 1416 8.38 -2.10 -24.09
C ASN A 1416 8.34 -1.77 -25.57
N ILE A 1417 7.25 -1.17 -26.04
CA ILE A 1417 7.21 -0.68 -27.42
C ILE A 1417 8.24 0.43 -27.61
N PHE A 1418 8.33 1.36 -26.66
CA PHE A 1418 9.33 2.41 -26.74
C PHE A 1418 10.73 1.82 -26.74
N VAL A 1419 10.99 0.87 -25.85
CA VAL A 1419 12.32 0.27 -25.76
C VAL A 1419 12.68 -0.44 -27.06
N ALA A 1420 11.74 -1.22 -27.60
CA ALA A 1420 12.00 -1.94 -28.85
C ALA A 1420 12.22 -0.99 -30.01
N LEU A 1421 11.42 0.09 -30.09
CA LEU A 1421 11.60 1.04 -31.17
C LEU A 1421 12.95 1.74 -31.09
N ILE A 1422 13.40 2.07 -29.88
CA ILE A 1422 14.73 2.67 -29.74
C ILE A 1422 15.80 1.65 -30.09
N ILE A 1423 15.58 0.38 -29.77
CA ILE A 1423 16.58 -0.66 -30.03
C ILE A 1423 16.75 -0.87 -31.53
N ILE A 1424 15.64 -1.01 -32.25
CA ILE A 1424 15.71 -1.40 -33.66
C ILE A 1424 15.97 -0.26 -34.61
N THR A 1425 16.00 0.99 -34.12
CA THR A 1425 16.25 2.15 -34.97
C THR A 1425 17.38 2.99 -34.39
N PHE A 1426 18.47 2.35 -33.98
CA PHE A 1426 19.61 3.03 -33.39
C PHE A 1426 20.69 3.22 -34.46
N GLN A 1427 20.90 4.46 -34.87
CA GLN A 1427 21.92 4.77 -35.85
C GLN A 1427 23.30 4.74 -35.21
N GLU A 1428 24.28 4.20 -35.93
CA GLU A 1428 25.64 4.15 -35.44
C GLU A 1428 26.20 5.56 -35.27
N GLN A 1429 26.86 5.79 -34.14
CA GLN A 1429 27.35 7.10 -33.77
C GLN A 1429 28.83 7.30 -34.08
N GLY A 1430 29.67 6.30 -33.81
CA GLY A 1430 31.10 6.47 -34.01
C GLY A 1430 31.48 6.62 -35.48
N ASP A 1431 30.90 5.79 -36.35
CA ASP A 1431 31.28 5.79 -37.75
C ASP A 1431 30.65 6.95 -38.51
N LYS A 1432 29.32 6.98 -38.57
CA LYS A 1432 28.58 7.98 -39.35
C LYS A 1432 29.05 8.00 -40.80
N MET A 1433 29.29 6.80 -41.34
CA MET A 1433 29.82 6.65 -42.70
C MET A 1433 28.97 5.66 -43.47
N MET A 1434 29.02 5.77 -44.80
CA MET A 1434 28.17 4.98 -45.69
C MET A 1434 28.87 3.74 -46.23
N GLU A 1435 30.13 3.86 -46.63
CA GLU A 1435 30.86 2.80 -47.34
C GLU A 1435 32.16 2.48 -46.62
N GLU A 1436 32.07 2.24 -45.31
CA GLU A 1436 33.27 1.95 -44.53
C GLU A 1436 34.00 0.72 -45.05
N CYS A 1437 33.28 -0.35 -45.32
CA CYS A 1437 33.88 -1.54 -45.91
C CYS A 1437 33.07 -2.01 -47.11
N SER A 1438 31.76 -1.74 -47.09
CA SER A 1438 30.83 -2.03 -48.17
C SER A 1438 30.72 -3.53 -48.49
N LEU A 1439 31.35 -4.39 -47.69
CA LEU A 1439 31.28 -5.82 -47.93
C LEU A 1439 30.94 -6.57 -46.64
N GLU A 1440 31.30 -5.99 -45.50
CA GLU A 1440 31.05 -6.59 -44.20
C GLU A 1440 31.20 -5.51 -43.14
N LYS A 1441 30.83 -5.87 -41.91
CA LYS A 1441 30.92 -4.93 -40.80
C LYS A 1441 31.68 -5.47 -39.60
N ASN A 1442 31.53 -6.76 -39.28
CA ASN A 1442 32.18 -7.32 -38.10
C ASN A 1442 33.61 -7.75 -38.34
N GLU A 1443 33.92 -8.25 -39.54
CA GLU A 1443 35.25 -8.76 -39.82
C GLU A 1443 36.31 -7.66 -39.94
N ARG A 1444 35.89 -6.38 -39.95
CA ARG A 1444 36.86 -5.30 -40.00
C ARG A 1444 37.83 -5.37 -38.83
N ALA A 1445 37.31 -5.62 -37.62
CA ALA A 1445 38.17 -5.86 -36.48
C ALA A 1445 38.99 -7.14 -36.67
N CYS A 1446 38.35 -8.20 -37.19
CA CYS A 1446 39.07 -9.45 -37.43
C CYS A 1446 40.12 -9.28 -38.52
N ILE A 1447 39.83 -8.49 -39.55
CA ILE A 1447 40.82 -8.20 -40.58
C ILE A 1447 42.03 -7.50 -39.98
N ASP A 1448 41.79 -6.49 -39.14
CA ASP A 1448 42.88 -5.82 -38.45
C ASP A 1448 43.44 -6.62 -37.30
N PHE A 1449 42.73 -7.66 -36.85
CA PHE A 1449 43.22 -8.49 -35.76
C PHE A 1449 44.38 -9.38 -36.18
N ALA A 1450 44.48 -9.71 -37.47
CA ALA A 1450 45.51 -10.63 -37.92
C ALA A 1450 46.91 -10.08 -37.65
N ILE A 1451 47.12 -8.79 -37.93
CA ILE A 1451 48.42 -8.18 -37.67
C ILE A 1451 48.63 -7.90 -36.19
N SER A 1452 47.57 -7.92 -35.39
CA SER A 1452 47.66 -7.64 -33.96
C SER A 1452 47.65 -8.90 -33.11
N ALA A 1453 47.59 -10.09 -33.73
CA ALA A 1453 47.51 -11.34 -32.98
C ALA A 1453 48.93 -11.87 -32.67
N LYS A 1454 49.64 -11.09 -31.86
CA LYS A 1454 50.98 -11.50 -31.44
C LYS A 1454 50.87 -12.70 -30.50
N PRO A 1455 51.69 -13.73 -30.67
CA PRO A 1455 51.63 -14.89 -29.78
C PRO A 1455 52.17 -14.60 -28.40
N LEU A 1456 51.41 -13.84 -27.60
CA LEU A 1456 51.86 -13.46 -26.26
C LEU A 1456 51.95 -14.70 -25.38
N THR A 1457 53.17 -15.14 -25.09
CA THR A 1457 53.38 -16.33 -24.30
C THR A 1457 53.11 -16.07 -22.83
N ARG A 1458 52.92 -17.16 -22.08
CA ARG A 1458 52.74 -17.09 -20.64
C ARG A 1458 54.08 -17.09 -19.89
N TYR A 1459 55.17 -16.75 -20.58
CA TYR A 1459 56.48 -16.55 -19.97
C TYR A 1459 56.98 -17.82 -19.30
N MET A 1460 57.21 -18.85 -20.12
CA MET A 1460 57.82 -20.07 -19.63
C MET A 1460 59.27 -19.82 -19.22
N PRO A 1461 59.79 -20.60 -18.28
CA PRO A 1461 61.18 -20.41 -17.85
C PRO A 1461 62.16 -20.70 -18.96
N GLN A 1462 63.28 -19.98 -18.95
CA GLN A 1462 64.34 -20.14 -19.93
C GLN A 1462 65.60 -20.79 -19.35
N ASN A 1463 65.81 -20.70 -18.04
CA ASN A 1463 67.04 -21.22 -17.44
C ASN A 1463 67.10 -22.74 -17.55
N ARG A 1464 65.98 -23.42 -17.22
CA ARG A 1464 65.91 -24.88 -17.21
C ARG A 1464 67.00 -25.49 -16.34
N HIS A 1465 66.97 -25.13 -15.05
CA HIS A 1465 67.97 -25.59 -14.09
C HIS A 1465 67.33 -26.27 -12.89
N THR A 1466 68.13 -26.59 -11.88
CA THR A 1466 67.62 -27.32 -10.73
C THR A 1466 66.77 -26.46 -9.82
N PHE A 1467 66.87 -25.14 -9.90
CA PHE A 1467 66.15 -24.27 -8.99
C PHE A 1467 64.82 -23.79 -9.60
N GLN A 1468 64.88 -23.12 -10.75
CA GLN A 1468 63.69 -22.52 -11.33
C GLN A 1468 62.75 -23.58 -11.91
N TYR A 1469 63.31 -24.58 -12.61
CA TYR A 1469 62.48 -25.54 -13.32
C TYR A 1469 61.84 -26.56 -12.39
N ARG A 1470 62.56 -26.97 -11.33
CA ARG A 1470 62.02 -28.01 -10.46
C ARG A 1470 60.73 -27.55 -9.77
N VAL A 1471 60.69 -26.31 -9.30
CA VAL A 1471 59.47 -25.80 -8.69
C VAL A 1471 58.42 -25.46 -9.74
N TRP A 1472 58.81 -25.22 -10.99
CA TRP A 1472 57.85 -24.89 -12.02
C TRP A 1472 56.94 -26.07 -12.34
N HIS A 1473 57.48 -27.29 -12.32
CA HIS A 1473 56.66 -28.45 -12.61
C HIS A 1473 55.58 -28.68 -11.55
N PHE A 1474 55.68 -28.02 -10.40
CA PHE A 1474 54.65 -28.05 -9.38
C PHE A 1474 53.69 -26.87 -9.48
N VAL A 1475 53.76 -26.11 -10.57
CA VAL A 1475 52.86 -24.98 -10.81
C VAL A 1475 51.83 -25.33 -11.88
N VAL A 1476 52.29 -25.82 -13.04
CA VAL A 1476 51.38 -26.18 -14.11
C VAL A 1476 50.76 -27.56 -13.86
N SER A 1477 51.28 -28.31 -12.91
CA SER A 1477 50.74 -29.62 -12.59
C SER A 1477 49.28 -29.50 -12.16
N PRO A 1478 48.45 -30.50 -12.48
CA PRO A 1478 47.02 -30.39 -12.13
C PRO A 1478 46.75 -30.54 -10.65
N SER A 1479 47.72 -31.02 -9.87
CA SER A 1479 47.55 -31.07 -8.42
C SER A 1479 47.53 -29.67 -7.82
N PHE A 1480 48.40 -28.78 -8.29
CA PHE A 1480 48.52 -27.45 -7.70
C PHE A 1480 47.28 -26.61 -7.98
N GLU A 1481 46.86 -26.55 -9.24
CA GLU A 1481 45.74 -25.67 -9.61
C GLU A 1481 44.44 -26.13 -8.96
N TYR A 1482 44.18 -27.43 -8.96
CA TYR A 1482 42.97 -27.94 -8.33
C TYR A 1482 43.00 -27.74 -6.82
N THR A 1483 44.17 -27.91 -6.20
CA THR A 1483 44.29 -27.65 -4.77
C THR A 1483 44.03 -26.18 -4.47
N ILE A 1484 44.53 -25.28 -5.31
CA ILE A 1484 44.30 -23.85 -5.10
C ILE A 1484 42.82 -23.53 -5.27
N MET A 1485 42.15 -24.15 -6.25
CA MET A 1485 40.72 -23.95 -6.42
C MET A 1485 39.94 -24.44 -5.20
N ALA A 1486 40.32 -25.61 -4.66
CA ALA A 1486 39.67 -26.11 -3.45
C ALA A 1486 39.91 -25.18 -2.27
N MET A 1487 41.11 -24.64 -2.15
CA MET A 1487 41.40 -23.69 -1.08
C MET A 1487 40.55 -22.42 -1.23
N ILE A 1488 40.38 -21.95 -2.47
CA ILE A 1488 39.55 -20.77 -2.69
C ILE A 1488 38.10 -21.05 -2.30
N ALA A 1489 37.60 -22.23 -2.68
CA ALA A 1489 36.23 -22.60 -2.31
C ALA A 1489 36.07 -22.67 -0.80
N LEU A 1490 37.04 -23.28 -0.11
CA LEU A 1490 36.97 -23.36 1.34
C LEU A 1490 37.05 -21.98 1.98
N ASN A 1491 37.86 -21.09 1.41
CA ASN A 1491 37.96 -19.73 1.94
C ASN A 1491 36.64 -18.98 1.78
N THR A 1492 35.98 -19.14 0.63
CA THR A 1492 34.67 -18.52 0.46
C THR A 1492 33.63 -19.11 1.39
N VAL A 1493 33.72 -20.41 1.67
CA VAL A 1493 32.81 -21.02 2.64
C VAL A 1493 33.06 -20.45 4.03
N VAL A 1494 34.34 -20.23 4.38
CA VAL A 1494 34.69 -19.70 5.69
C VAL A 1494 34.22 -18.25 5.82
N LEU A 1495 34.31 -17.48 4.73
CA LEU A 1495 33.98 -16.05 4.80
C LEU A 1495 32.51 -15.84 5.17
N MET A 1496 31.62 -16.69 4.67
CA MET A 1496 30.20 -16.59 4.97
C MET A 1496 29.79 -17.42 6.18
N MET A 1497 30.73 -17.77 7.05
CA MET A 1497 30.48 -18.61 8.20
C MET A 1497 30.35 -17.81 9.49
N LYS A 1498 30.42 -16.49 9.41
CA LYS A 1498 30.37 -15.61 10.57
C LYS A 1498 28.93 -15.22 10.87
N TYR A 1499 28.61 -15.05 12.16
CA TYR A 1499 27.30 -14.60 12.56
C TYR A 1499 27.39 -13.84 13.88
N TYR A 1500 26.35 -13.05 14.15
CA TYR A 1500 26.33 -12.21 15.35
C TYR A 1500 26.11 -13.05 16.60
N SER A 1501 26.69 -12.58 17.71
CA SER A 1501 26.59 -13.24 19.00
C SER A 1501 27.14 -14.67 18.94
N ALA A 1502 28.23 -14.84 18.23
CA ALA A 1502 28.89 -16.13 18.14
C ALA A 1502 29.68 -16.41 19.43
N PRO A 1503 29.84 -17.69 19.79
CA PRO A 1503 30.68 -18.02 20.95
C PRO A 1503 32.12 -17.56 20.71
N CYS A 1504 32.79 -17.23 21.82
CA CYS A 1504 34.16 -16.72 21.73
C CYS A 1504 35.09 -17.76 21.10
N THR A 1505 34.90 -19.03 21.45
CA THR A 1505 35.70 -20.09 20.83
C THR A 1505 35.41 -20.18 19.34
N TYR A 1506 34.16 -19.95 18.94
CA TYR A 1506 33.81 -19.98 17.52
C TYR A 1506 34.51 -18.85 16.77
N GLU A 1507 34.52 -17.64 17.34
CA GLU A 1507 35.24 -16.54 16.71
C GLU A 1507 36.74 -16.81 16.65
N LEU A 1508 37.28 -17.42 17.71
CA LEU A 1508 38.70 -17.76 17.71
C LEU A 1508 39.03 -18.77 16.62
N ALA A 1509 38.17 -19.79 16.46
CA ALA A 1509 38.38 -20.77 15.40
C ALA A 1509 38.29 -20.12 14.03
N LEU A 1510 37.33 -19.20 13.85
CA LEU A 1510 37.25 -18.47 12.58
C LEU A 1510 38.51 -17.67 12.33
N LYS A 1511 39.05 -17.03 13.37
CA LYS A 1511 40.27 -16.25 13.22
C LYS A 1511 41.45 -17.11 12.82
N TYR A 1512 41.61 -18.28 13.47
CA TYR A 1512 42.74 -19.13 13.14
C TYR A 1512 42.55 -19.82 11.80
N LEU A 1513 41.31 -20.01 11.35
CA LEU A 1513 41.09 -20.56 10.02
C LEU A 1513 41.56 -19.58 8.95
N ASN A 1514 41.35 -18.28 9.17
CA ASN A 1514 41.84 -17.28 8.24
C ASN A 1514 43.36 -17.29 8.15
N ILE A 1515 44.03 -17.51 9.28
CA ILE A 1515 45.49 -17.55 9.29
C ILE A 1515 45.99 -18.69 8.41
N ALA A 1516 45.35 -19.86 8.50
CA ALA A 1516 45.78 -20.99 7.69
C ALA A 1516 45.62 -20.71 6.21
N PHE A 1517 44.51 -20.09 5.81
CA PHE A 1517 44.27 -19.84 4.40
C PHE A 1517 45.19 -18.76 3.85
N THR A 1518 45.51 -17.75 4.67
CA THR A 1518 46.36 -16.67 4.19
C THR A 1518 47.82 -17.10 4.07
N MET A 1519 48.22 -18.18 4.73
CA MET A 1519 49.57 -18.71 4.52
C MET A 1519 49.66 -19.45 3.18
N VAL A 1520 48.64 -20.24 2.85
CA VAL A 1520 48.66 -20.99 1.60
C VAL A 1520 48.68 -20.04 0.41
N PHE A 1521 47.85 -18.99 0.46
CA PHE A 1521 47.84 -18.01 -0.63
C PHE A 1521 49.13 -17.21 -0.65
N SER A 1522 49.70 -16.91 0.52
CA SER A 1522 51.00 -16.25 0.55
C SER A 1522 52.10 -17.14 -0.03
N LEU A 1523 52.09 -18.42 0.34
CA LEU A 1523 53.08 -19.34 -0.21
C LEU A 1523 52.91 -19.49 -1.73
N GLU A 1524 51.67 -19.51 -2.21
CA GLU A 1524 51.44 -19.56 -3.65
C GLU A 1524 51.99 -18.33 -4.34
N CYS A 1525 51.82 -17.16 -3.75
CA CYS A 1525 52.32 -15.92 -4.34
C CYS A 1525 53.84 -15.93 -4.43
N VAL A 1526 54.52 -16.35 -3.36
CA VAL A 1526 55.99 -16.40 -3.37
C VAL A 1526 56.53 -17.59 -4.14
N LEU A 1527 55.69 -18.56 -4.47
CA LEU A 1527 56.13 -19.70 -5.25
C LEU A 1527 55.98 -19.48 -6.75
N LYS A 1528 55.08 -18.57 -7.16
CA LYS A 1528 55.00 -18.21 -8.57
C LYS A 1528 56.23 -17.40 -9.01
N VAL A 1529 56.67 -16.46 -8.17
CA VAL A 1529 57.77 -15.59 -8.55
C VAL A 1529 59.07 -16.38 -8.71
N ILE A 1530 59.20 -17.51 -8.01
CA ILE A 1530 60.39 -18.34 -8.17
C ILE A 1530 60.47 -18.91 -9.58
N ALA A 1531 59.33 -19.38 -10.11
CA ALA A 1531 59.32 -20.00 -11.43
C ALA A 1531 59.29 -18.96 -12.54
N PHE A 1532 58.26 -18.12 -12.57
CA PHE A 1532 58.10 -17.17 -13.67
C PHE A 1532 59.13 -16.03 -13.58
N GLY A 1533 59.31 -15.47 -12.39
CA GLY A 1533 60.23 -14.36 -12.23
C GLY A 1533 59.62 -13.15 -11.55
N PHE A 1534 60.42 -12.44 -10.75
CA PHE A 1534 59.90 -11.32 -9.98
C PHE A 1534 59.40 -10.21 -10.88
N LEU A 1535 60.19 -9.83 -11.88
CA LEU A 1535 59.76 -8.84 -12.86
C LEU A 1535 58.91 -9.46 -13.97
N ASN A 1536 58.69 -10.77 -13.91
CA ASN A 1536 57.92 -11.50 -14.91
C ASN A 1536 56.55 -11.93 -14.39
N TYR A 1537 56.43 -12.21 -13.09
CA TYR A 1537 55.16 -12.60 -12.51
C TYR A 1537 54.18 -11.43 -12.46
N PHE A 1538 54.68 -10.21 -12.44
CA PHE A 1538 53.83 -9.02 -12.44
C PHE A 1538 53.29 -8.65 -13.82
N ARG A 1539 53.68 -9.37 -14.87
CA ARG A 1539 53.21 -9.07 -16.22
C ARG A 1539 51.71 -9.32 -16.39
N ASP A 1540 51.07 -10.01 -15.45
CA ASP A 1540 49.67 -10.38 -15.57
C ASP A 1540 48.84 -9.59 -14.55
N THR A 1541 47.65 -9.15 -14.98
CA THR A 1541 46.79 -8.35 -14.11
C THR A 1541 46.29 -9.16 -12.93
N TRP A 1542 45.91 -10.42 -13.17
CA TRP A 1542 45.33 -11.23 -12.09
C TRP A 1542 46.38 -11.56 -11.03
N ASN A 1543 47.63 -11.77 -11.44
CA ASN A 1543 48.69 -12.03 -10.48
C ASN A 1543 48.97 -10.80 -9.62
N ILE A 1544 48.89 -9.61 -10.21
CA ILE A 1544 49.01 -8.38 -9.43
C ILE A 1544 47.87 -8.30 -8.42
N PHE A 1545 46.66 -8.66 -8.85
CA PHE A 1545 45.52 -8.65 -7.95
C PHE A 1545 45.73 -9.62 -6.78
N ASP A 1546 46.25 -10.82 -7.07
CA ASP A 1546 46.51 -11.78 -6.01
C ASP A 1546 47.58 -11.27 -5.05
N PHE A 1547 48.64 -10.67 -5.58
CA PHE A 1547 49.69 -10.13 -4.72
C PHE A 1547 49.16 -9.04 -3.82
N ILE A 1548 48.36 -8.12 -4.37
CA ILE A 1548 47.81 -7.03 -3.57
C ILE A 1548 46.87 -7.59 -2.51
N THR A 1549 46.04 -8.57 -2.87
CA THR A 1549 45.11 -9.17 -1.92
C THR A 1549 45.86 -9.82 -0.76
N VAL A 1550 46.90 -10.60 -1.07
CA VAL A 1550 47.61 -11.30 -0.01
C VAL A 1550 48.40 -10.32 0.85
N ILE A 1551 48.95 -9.27 0.24
CA ILE A 1551 49.67 -8.26 1.03
C ILE A 1551 48.73 -7.54 1.98
N GLY A 1552 47.54 -7.17 1.48
CA GLY A 1552 46.56 -6.53 2.35
C GLY A 1552 46.09 -7.45 3.46
N SER A 1553 45.90 -8.74 3.16
CA SER A 1553 45.49 -9.69 4.18
C SER A 1553 46.58 -9.84 5.25
N ILE A 1554 47.85 -9.90 4.84
CA ILE A 1554 48.95 -10.00 5.79
C ILE A 1554 49.01 -8.75 6.66
N THR A 1555 48.84 -7.57 6.04
CA THR A 1555 48.82 -6.34 6.81
C THR A 1555 47.69 -6.34 7.82
N GLU A 1556 46.51 -6.81 7.42
CA GLU A 1556 45.36 -6.84 8.34
C GLU A 1556 45.61 -7.79 9.50
N ILE A 1557 46.12 -8.99 9.22
CA ILE A 1557 46.31 -9.95 10.31
C ILE A 1557 47.42 -9.48 11.24
N ILE A 1558 48.43 -8.79 10.70
CA ILE A 1558 49.52 -8.31 11.55
C ILE A 1558 49.03 -7.20 12.48
N LEU A 1559 48.25 -6.25 11.95
CA LEU A 1559 47.93 -5.04 12.69
C LEU A 1559 46.93 -5.26 13.82
N THR A 1560 46.11 -6.32 13.76
CA THR A 1560 45.08 -6.55 14.76
C THR A 1560 45.33 -7.81 15.57
N ASP A 1561 46.57 -8.31 15.60
CA ASP A 1561 46.87 -9.52 16.35
C ASP A 1561 48.07 -9.32 17.27
N SER A 1562 49.01 -8.46 16.86
CA SER A 1562 50.22 -8.26 17.63
C SER A 1562 49.91 -7.65 18.98
N LYS A 1563 50.57 -8.17 20.02
CA LYS A 1563 50.28 -7.73 21.39
C LYS A 1563 50.66 -6.28 21.60
N LEU A 1564 51.78 -5.84 21.02
CA LEU A 1564 52.28 -4.49 21.23
C LEU A 1564 52.32 -3.63 19.97
N VAL A 1565 52.27 -4.23 18.78
CA VAL A 1565 52.23 -3.47 17.53
C VAL A 1565 50.74 -3.26 17.22
N ASN A 1566 50.18 -2.19 17.78
CA ASN A 1566 48.76 -1.89 17.63
C ASN A 1566 48.60 -0.38 17.48
N THR A 1567 47.35 0.05 17.30
CA THR A 1567 47.02 1.46 17.12
C THR A 1567 45.88 1.85 18.04
N SER A 1568 45.88 3.12 18.46
CA SER A 1568 44.85 3.66 19.32
C SER A 1568 44.09 4.83 18.67
N GLY A 1569 44.50 5.26 17.49
CA GLY A 1569 43.88 6.40 16.84
C GLY A 1569 43.10 6.05 15.59
N PHE A 1570 43.72 6.24 14.43
CA PHE A 1570 43.07 6.00 13.16
C PHE A 1570 42.58 4.55 13.06
N ASN A 1571 41.38 4.38 12.52
CA ASN A 1571 40.75 3.07 12.41
C ASN A 1571 41.08 2.47 11.05
N MET A 1572 41.89 1.40 11.06
CA MET A 1572 42.21 0.67 9.84
C MET A 1572 41.24 -0.48 9.62
N SER A 1573 39.94 -0.17 9.62
CA SER A 1573 38.91 -1.17 9.45
C SER A 1573 38.60 -1.49 8.00
N PHE A 1574 39.11 -0.69 7.06
CA PHE A 1574 38.87 -0.97 5.64
C PHE A 1574 39.61 -2.22 5.17
N LEU A 1575 40.67 -2.62 5.88
CA LEU A 1575 41.48 -3.74 5.43
C LEU A 1575 40.70 -5.05 5.34
N LYS A 1576 39.56 -5.14 6.02
CA LYS A 1576 38.71 -6.32 5.90
C LYS A 1576 38.34 -6.58 4.45
N LEU A 1577 38.23 -5.52 3.64
CA LEU A 1577 37.91 -5.70 2.22
C LEU A 1577 38.95 -6.57 1.53
N PHE A 1578 40.23 -6.39 1.88
CA PHE A 1578 41.27 -7.22 1.29
C PHE A 1578 41.06 -8.69 1.60
N ARG A 1579 40.44 -9.00 2.74
CA ARG A 1579 40.09 -10.38 3.04
C ARG A 1579 38.86 -10.83 2.25
N ALA A 1580 37.92 -9.92 1.99
CA ALA A 1580 36.69 -10.26 1.30
C ALA A 1580 36.83 -10.20 -0.22
N ALA A 1581 37.94 -9.69 -0.74
CA ALA A 1581 38.16 -9.58 -2.17
C ALA A 1581 38.73 -10.86 -2.76
N ARG A 1582 38.69 -11.98 -2.04
CA ARG A 1582 39.14 -13.25 -2.55
C ARG A 1582 38.06 -14.02 -3.28
N LEU A 1583 36.82 -13.51 -3.28
CA LEU A 1583 35.77 -14.15 -4.08
C LEU A 1583 36.07 -14.04 -5.57
N ILE A 1584 36.58 -12.88 -6.00
CA ILE A 1584 36.86 -12.64 -7.41
C ILE A 1584 37.84 -13.67 -7.97
N LYS A 1585 38.63 -14.31 -7.11
CA LYS A 1585 39.51 -15.37 -7.56
C LYS A 1585 38.73 -16.48 -8.25
N LEU A 1586 37.63 -16.92 -7.64
CA LEU A 1586 36.82 -17.95 -8.29
C LEU A 1586 36.09 -17.42 -9.52
N LEU A 1587 36.08 -16.10 -9.74
CA LEU A 1587 35.61 -15.56 -11.00
C LEU A 1587 36.50 -15.98 -12.17
N ARG A 1588 37.73 -16.42 -11.90
CA ARG A 1588 38.57 -16.94 -12.96
C ARG A 1588 38.02 -18.23 -13.54
N GLN A 1589 37.31 -19.02 -12.73
CA GLN A 1589 36.72 -20.26 -13.22
C GLN A 1589 35.64 -19.98 -14.27
N GLY A 1590 34.83 -18.96 -14.04
CA GLY A 1590 33.78 -18.61 -14.98
C GLY A 1590 34.33 -18.01 -16.25
N TYR A 1591 34.23 -18.75 -17.36
CA TYR A 1591 34.80 -18.28 -18.62
C TYR A 1591 33.84 -17.33 -19.33
N THR A 1592 32.66 -17.83 -19.72
CA THR A 1592 31.72 -17.01 -20.47
C THR A 1592 31.25 -15.80 -19.68
N ILE A 1593 31.07 -15.96 -18.37
CA ILE A 1593 30.71 -14.83 -17.51
C ILE A 1593 31.79 -13.76 -17.58
N ARG A 1594 33.05 -14.17 -17.50
CA ARG A 1594 34.15 -13.22 -17.55
C ARG A 1594 34.22 -12.52 -18.90
N ILE A 1595 34.03 -13.26 -20.00
CA ILE A 1595 34.07 -12.63 -21.32
C ILE A 1595 32.94 -11.63 -21.48
N LEU A 1596 31.73 -12.00 -21.04
CA LEU A 1596 30.59 -11.09 -21.17
C LEU A 1596 30.79 -9.82 -20.33
N LEU A 1597 31.25 -9.99 -19.08
CA LEU A 1597 31.51 -8.84 -18.23
C LEU A 1597 32.58 -7.93 -18.83
N TRP A 1598 33.65 -8.54 -19.34
CA TRP A 1598 34.73 -7.75 -19.92
C TRP A 1598 34.25 -7.01 -21.17
N THR A 1599 33.44 -7.66 -22.00
CA THR A 1599 32.92 -7.02 -23.19
C THR A 1599 32.07 -5.81 -22.84
N PHE A 1600 31.16 -5.97 -21.89
CA PHE A 1600 30.28 -4.85 -21.53
C PHE A 1600 31.08 -3.72 -20.88
N VAL A 1601 32.04 -4.05 -20.01
CA VAL A 1601 32.86 -3.02 -19.39
C VAL A 1601 33.71 -2.29 -20.43
N GLN A 1602 34.27 -3.03 -21.39
CA GLN A 1602 35.06 -2.41 -22.44
C GLN A 1602 34.22 -1.47 -23.29
N SER A 1603 32.99 -1.87 -23.61
CA SER A 1603 32.12 -1.00 -24.38
C SER A 1603 31.51 0.12 -23.55
N PHE A 1604 31.63 0.07 -22.23
CA PHE A 1604 31.20 1.19 -21.39
C PHE A 1604 32.13 2.39 -21.47
N LYS A 1605 33.43 2.17 -21.63
CA LYS A 1605 34.39 3.26 -21.68
C LYS A 1605 34.57 3.83 -23.09
N ALA A 1606 33.97 3.19 -24.10
CA ALA A 1606 34.01 3.74 -25.45
C ALA A 1606 33.10 4.95 -25.62
N LEU A 1607 32.18 5.17 -24.67
CA LEU A 1607 31.22 6.27 -24.72
C LEU A 1607 31.22 6.98 -23.36
N PRO A 1608 32.21 7.84 -23.12
CA PRO A 1608 32.28 8.55 -21.84
C PRO A 1608 31.49 9.85 -21.80
N TYR A 1609 30.69 10.15 -22.82
CA TYR A 1609 29.94 11.40 -22.87
C TYR A 1609 28.45 11.23 -22.65
N VAL A 1610 27.91 10.02 -22.83
CA VAL A 1610 26.53 9.77 -22.42
C VAL A 1610 26.43 9.80 -20.90
N CYS A 1611 27.40 9.18 -20.22
CA CYS A 1611 27.47 9.29 -18.76
C CYS A 1611 27.69 10.74 -18.35
N LEU A 1612 28.44 11.50 -19.13
CA LEU A 1612 28.63 12.92 -18.84
C LEU A 1612 27.31 13.68 -18.98
N LEU A 1613 26.50 13.33 -19.98
CA LEU A 1613 25.20 13.98 -20.14
C LEU A 1613 24.29 13.67 -18.96
N ILE A 1614 24.28 12.41 -18.51
CA ILE A 1614 23.46 12.03 -17.36
C ILE A 1614 23.93 12.78 -16.11
N ALA A 1615 25.25 12.87 -15.93
CA ALA A 1615 25.79 13.61 -14.80
C ALA A 1615 25.43 15.09 -14.87
N MET A 1616 25.44 15.67 -16.07
CA MET A 1616 25.05 17.06 -16.23
C MET A 1616 23.59 17.27 -15.87
N LEU A 1617 22.71 16.36 -16.29
CA LEU A 1617 21.30 16.48 -15.92
C LEU A 1617 21.12 16.38 -14.41
N PHE A 1618 21.82 15.43 -13.77
CA PHE A 1618 21.75 15.32 -12.32
C PHE A 1618 22.23 16.60 -11.64
N PHE A 1619 23.34 17.15 -12.12
CA PHE A 1619 23.89 18.37 -11.53
C PHE A 1619 22.92 19.53 -11.67
N ILE A 1620 22.34 19.69 -12.86
CA ILE A 1620 21.43 20.82 -13.10
C ILE A 1620 20.21 20.70 -12.21
N TYR A 1621 19.61 19.51 -12.14
CA TYR A 1621 18.41 19.37 -11.32
C TYR A 1621 18.73 19.49 -9.84
N ALA A 1622 19.90 19.04 -9.40
CA ALA A 1622 20.29 19.21 -8.01
C ALA A 1622 20.47 20.69 -7.67
N ILE A 1623 21.09 21.45 -8.56
CA ILE A 1623 21.26 22.89 -8.32
C ILE A 1623 19.90 23.57 -8.25
N ILE A 1624 18.99 23.23 -9.18
CA ILE A 1624 17.67 23.83 -9.17
C ILE A 1624 16.94 23.51 -7.86
N GLY A 1625 16.96 22.25 -7.45
CA GLY A 1625 16.29 21.87 -6.22
C GLY A 1625 16.87 22.56 -5.00
N MET A 1626 18.21 22.67 -4.94
CA MET A 1626 18.83 23.34 -3.82
C MET A 1626 18.47 24.82 -3.79
N GLN A 1627 18.39 25.46 -4.96
CA GLN A 1627 18.07 26.88 -5.01
C GLN A 1627 16.59 27.17 -4.80
N VAL A 1628 15.72 26.18 -4.96
CA VAL A 1628 14.27 26.38 -4.86
C VAL A 1628 13.70 25.73 -3.60
N PHE A 1629 14.05 24.48 -3.34
CA PHE A 1629 13.53 23.75 -2.18
C PHE A 1629 14.53 23.66 -1.04
N GLY A 1630 15.60 24.45 -1.09
CA GLY A 1630 16.65 24.30 -0.10
C GLY A 1630 16.35 24.83 1.29
N ASN A 1631 15.27 25.59 1.45
CA ASN A 1631 14.99 26.24 2.73
C ASN A 1631 13.70 25.71 3.38
N ILE A 1632 13.18 24.58 2.91
CA ILE A 1632 12.00 23.99 3.54
C ILE A 1632 12.38 23.45 4.90
N LYS A 1633 11.53 23.71 5.89
CA LYS A 1633 11.80 23.25 7.26
C LYS A 1633 11.78 21.73 7.31
N LEU A 1634 12.82 21.16 7.91
CA LEU A 1634 12.92 19.72 8.05
C LEU A 1634 11.90 19.25 9.08
N ASP A 1635 10.95 18.42 8.65
CA ASP A 1635 9.89 17.93 9.51
C ASP A 1635 9.83 16.42 9.40
N GLU A 1636 9.81 15.74 10.54
CA GLU A 1636 9.53 14.31 10.54
C GLU A 1636 8.07 14.08 10.20
N GLU A 1637 7.73 12.82 9.90
CA GLU A 1637 6.45 12.39 9.35
C GLU A 1637 6.22 12.89 7.94
N SER A 1638 7.18 13.61 7.35
CA SER A 1638 7.16 14.01 5.96
C SER A 1638 8.40 13.44 5.27
N HIS A 1639 8.47 13.60 3.96
CA HIS A 1639 9.57 13.07 3.18
C HIS A 1639 10.66 14.10 2.92
N ILE A 1640 10.54 15.29 3.47
CA ILE A 1640 11.63 16.25 3.52
C ILE A 1640 12.04 16.35 4.99
N ASN A 1641 13.05 15.59 5.38
CA ASN A 1641 13.48 15.51 6.76
C ASN A 1641 15.00 15.47 6.79
N ARG A 1642 15.56 15.10 7.96
CA ARG A 1642 17.00 15.08 8.12
C ARG A 1642 17.69 14.10 7.19
N HIS A 1643 16.96 13.07 6.74
CA HIS A 1643 17.54 12.07 5.83
C HIS A 1643 17.42 12.48 4.37
N ASN A 1644 16.33 13.16 4.00
CA ASN A 1644 16.05 13.48 2.60
C ASN A 1644 15.69 14.97 2.53
N ASN A 1645 16.60 15.78 2.01
CA ASN A 1645 16.33 17.20 1.86
C ASN A 1645 17.25 17.79 0.80
N PHE A 1646 16.90 18.99 0.35
CA PHE A 1646 17.66 19.73 -0.65
C PHE A 1646 18.63 20.72 -0.02
N ARG A 1647 18.99 20.52 1.25
CA ARG A 1647 19.77 21.53 1.97
C ARG A 1647 21.18 21.67 1.39
N SER A 1648 21.81 20.56 1.06
CA SER A 1648 23.18 20.57 0.55
C SER A 1648 23.21 20.00 -0.86
N PHE A 1649 24.33 20.24 -1.55
CA PHE A 1649 24.49 19.73 -2.90
C PHE A 1649 24.48 18.20 -2.90
N PHE A 1650 25.19 17.57 -1.97
CA PHE A 1650 25.21 16.12 -1.91
C PHE A 1650 23.90 15.54 -1.40
N GLY A 1651 23.24 16.23 -0.48
CA GLY A 1651 21.91 15.81 -0.07
C GLY A 1651 20.92 15.86 -1.21
N SER A 1652 20.97 16.91 -2.02
CA SER A 1652 20.11 17.01 -3.19
C SER A 1652 20.44 15.93 -4.22
N LEU A 1653 21.73 15.65 -4.40
CA LEU A 1653 22.13 14.60 -5.33
C LEU A 1653 21.62 13.23 -4.87
N MET A 1654 21.70 12.97 -3.56
CA MET A 1654 21.18 11.73 -3.02
C MET A 1654 19.67 11.65 -3.17
N LEU A 1655 18.97 12.77 -2.96
CA LEU A 1655 17.53 12.80 -3.16
C LEU A 1655 17.17 12.50 -4.61
N LEU A 1656 17.92 13.08 -5.55
CA LEU A 1656 17.65 12.85 -6.96
C LEU A 1656 17.91 11.39 -7.34
N PHE A 1657 18.99 10.80 -6.80
CA PHE A 1657 19.24 9.38 -7.06
C PHE A 1657 18.13 8.51 -6.48
N ARG A 1658 17.66 8.82 -5.28
CA ARG A 1658 16.56 8.09 -4.68
C ARG A 1658 15.31 8.17 -5.54
N SER A 1659 15.00 9.37 -6.05
CA SER A 1659 13.85 9.52 -6.94
C SER A 1659 14.05 8.77 -8.25
N ALA A 1660 15.28 8.76 -8.77
CA ALA A 1660 15.57 8.04 -10.00
C ALA A 1660 15.31 6.55 -9.83
N THR A 1661 15.71 5.98 -8.70
CA THR A 1661 15.35 4.60 -8.40
C THR A 1661 13.89 4.45 -8.04
N GLY A 1662 13.16 5.56 -7.88
CA GLY A 1662 11.73 5.51 -7.63
C GLY A 1662 11.36 4.94 -6.30
N GLU A 1663 11.69 5.64 -5.21
CA GLU A 1663 11.38 5.13 -3.87
C GLU A 1663 10.06 5.67 -3.36
N ALA A 1664 9.97 6.97 -3.14
CA ALA A 1664 8.73 7.65 -2.81
C ALA A 1664 8.68 9.01 -3.46
N TRP A 1665 9.08 9.11 -4.73
CA TRP A 1665 9.28 10.42 -5.34
C TRP A 1665 8.00 11.25 -5.34
N GLN A 1666 6.84 10.61 -5.40
CA GLN A 1666 5.60 11.37 -5.30
C GLN A 1666 5.37 11.91 -3.90
N GLU A 1667 5.80 11.16 -2.88
CA GLU A 1667 5.72 11.65 -1.51
C GLU A 1667 6.63 12.86 -1.31
N ILE A 1668 7.84 12.81 -1.88
CA ILE A 1668 8.74 13.97 -1.82
C ILE A 1668 8.12 15.15 -2.56
N MET A 1669 7.54 14.89 -3.73
CA MET A 1669 6.90 15.95 -4.51
C MET A 1669 5.79 16.62 -3.70
N LEU A 1670 4.98 15.83 -3.01
CA LEU A 1670 3.93 16.41 -2.17
C LEU A 1670 4.51 17.16 -0.97
N SER A 1671 5.59 16.63 -0.39
CA SER A 1671 6.18 17.25 0.80
C SER A 1671 6.96 18.51 0.48
N CYS A 1672 7.27 18.77 -0.79
CA CYS A 1672 7.90 20.02 -1.20
C CYS A 1672 6.93 20.83 -2.07
N LEU A 1673 5.66 20.83 -1.69
CA LEU A 1673 4.59 21.45 -2.48
C LEU A 1673 3.73 22.29 -1.56
N GLY A 1674 3.55 23.57 -1.90
CA GLY A 1674 2.57 24.38 -1.21
C GLY A 1674 3.11 25.52 -0.38
N GLU A 1675 2.74 25.54 0.90
CA GLU A 1675 3.07 26.63 1.82
C GLU A 1675 3.76 26.10 3.06
N LYS A 1676 4.77 25.25 2.84
CA LYS A 1676 5.49 24.64 3.94
C LYS A 1676 6.24 25.69 4.76
N GLY A 1677 6.39 25.42 6.05
CA GLY A 1677 7.16 26.31 6.90
C GLY A 1677 8.60 26.41 6.44
N CYS A 1678 9.21 27.56 6.70
CA CYS A 1678 10.52 27.88 6.16
C CYS A 1678 11.59 27.73 7.25
N GLU A 1679 12.80 27.41 6.82
CA GLU A 1679 13.90 27.25 7.75
C GLU A 1679 14.23 28.58 8.41
N PRO A 1680 14.51 28.60 9.71
CA PRO A 1680 14.91 29.86 10.37
C PRO A 1680 16.30 30.29 9.89
N ASP A 1681 16.37 31.50 9.36
CA ASP A 1681 17.64 32.05 8.88
C ASP A 1681 18.38 32.68 10.06
N THR A 1682 19.52 32.10 10.42
CA THR A 1682 20.29 32.62 11.56
C THR A 1682 20.78 34.04 11.30
N THR A 1683 21.27 34.31 10.09
CA THR A 1683 21.76 35.62 9.72
C THR A 1683 20.62 36.43 9.12
N ALA A 1684 20.96 37.59 8.53
CA ALA A 1684 19.99 38.49 7.91
C ALA A 1684 18.86 38.85 8.86
N PRO A 1685 19.13 39.69 9.87
CA PRO A 1685 18.07 40.04 10.82
C PRO A 1685 16.95 40.81 10.15
N SER A 1686 15.74 40.65 10.70
CA SER A 1686 14.55 41.29 10.13
C SER A 1686 13.58 41.59 11.26
N GLY A 1687 12.64 42.49 10.97
CA GLY A 1687 11.64 42.92 11.92
C GLY A 1687 10.42 42.04 12.04
N GLN A 1688 10.37 40.92 11.33
CA GLN A 1688 9.26 39.98 11.38
C GLN A 1688 9.72 38.67 12.00
N ASN A 1689 8.77 37.74 12.16
CA ASN A 1689 9.03 36.43 12.72
C ASN A 1689 8.98 35.31 11.68
N GLU A 1690 8.04 35.38 10.74
CA GLU A 1690 7.93 34.36 9.70
C GLU A 1690 7.84 34.91 8.28
N ASN A 1691 7.40 36.16 8.10
CA ASN A 1691 7.25 36.76 6.78
C ASN A 1691 6.34 35.91 5.90
N GLU A 1692 6.92 35.05 5.07
CA GLU A 1692 6.18 34.21 4.15
C GLU A 1692 6.75 32.79 4.19
N ARG A 1693 5.89 31.82 3.85
CA ARG A 1693 6.31 30.44 3.80
C ARG A 1693 6.97 30.13 2.46
N CYS A 1694 7.99 29.29 2.49
CA CYS A 1694 8.74 28.93 1.30
C CYS A 1694 8.42 27.50 0.88
N GLY A 1695 8.77 27.19 -0.38
CA GLY A 1695 8.35 25.96 -1.01
C GLY A 1695 7.40 26.28 -2.14
N THR A 1696 7.79 25.99 -3.38
CA THR A 1696 7.02 26.45 -4.53
C THR A 1696 5.94 25.42 -4.90
N ASP A 1697 5.09 25.80 -5.83
CA ASP A 1697 4.13 24.90 -6.46
C ASP A 1697 4.64 24.38 -7.79
N LEU A 1698 5.85 24.76 -8.19
CA LEU A 1698 6.50 24.23 -9.38
C LEU A 1698 7.16 22.88 -9.14
N ALA A 1699 6.89 22.25 -7.99
CA ALA A 1699 7.48 20.95 -7.71
C ALA A 1699 6.99 19.91 -8.70
N TYR A 1700 5.69 19.92 -9.03
CA TYR A 1700 5.11 18.97 -9.96
C TYR A 1700 5.98 18.80 -11.20
N VAL A 1701 6.14 19.89 -11.96
CA VAL A 1701 6.98 19.85 -13.16
C VAL A 1701 8.36 19.33 -12.80
N TYR A 1702 8.95 19.91 -11.75
CA TYR A 1702 10.31 19.56 -11.36
C TYR A 1702 10.48 18.06 -11.19
N PHE A 1703 9.45 17.37 -10.71
CA PHE A 1703 9.59 15.93 -10.58
C PHE A 1703 9.11 15.22 -11.84
N VAL A 1704 8.01 15.67 -12.43
CA VAL A 1704 7.47 14.96 -13.59
C VAL A 1704 8.43 15.08 -14.76
N SER A 1705 9.11 16.22 -14.89
CA SER A 1705 10.13 16.35 -15.91
C SER A 1705 11.36 15.50 -15.60
N PHE A 1706 11.67 15.30 -14.32
CA PHE A 1706 12.86 14.52 -13.97
C PHE A 1706 12.64 13.03 -14.19
N ILE A 1707 11.46 12.52 -13.87
CA ILE A 1707 11.19 11.10 -14.01
C ILE A 1707 11.23 10.70 -15.48
N PHE A 1708 10.77 11.58 -16.37
CA PHE A 1708 10.85 11.30 -17.80
C PHE A 1708 12.28 11.43 -18.29
N PHE A 1709 12.84 12.64 -18.22
CA PHE A 1709 14.16 12.92 -18.76
C PHE A 1709 15.17 11.85 -18.35
N CYS A 1710 15.38 11.71 -17.04
CA CYS A 1710 16.34 10.73 -16.54
C CYS A 1710 16.10 9.36 -17.16
N SER A 1711 14.85 8.88 -17.10
CA SER A 1711 14.53 7.57 -17.66
C SER A 1711 14.96 7.51 -19.12
N PHE A 1712 14.58 8.51 -19.91
CA PHE A 1712 14.99 8.54 -21.30
C PHE A 1712 16.51 8.53 -21.41
N LEU A 1713 17.17 9.41 -20.65
CA LEU A 1713 18.62 9.46 -20.70
C LEU A 1713 19.25 8.15 -20.23
N MET A 1714 18.55 7.40 -19.37
CA MET A 1714 19.06 6.09 -19.01
C MET A 1714 18.89 5.12 -20.18
N LEU A 1715 17.71 5.12 -20.80
CA LEU A 1715 17.45 4.18 -21.88
C LEU A 1715 18.41 4.40 -23.04
N ASN A 1716 18.56 5.65 -23.46
CA ASN A 1716 19.51 5.98 -24.52
C ASN A 1716 20.93 5.58 -24.16
N LEU A 1717 21.24 5.46 -22.87
CA LEU A 1717 22.54 4.93 -22.48
C LEU A 1717 22.58 3.42 -22.71
N PHE A 1718 21.57 2.70 -22.22
CA PHE A 1718 21.58 1.23 -22.28
C PHE A 1718 21.72 0.76 -23.72
N VAL A 1719 20.88 1.29 -24.61
CA VAL A 1719 20.94 0.91 -26.02
C VAL A 1719 22.31 1.25 -26.60
N ALA A 1720 22.87 2.40 -26.19
CA ALA A 1720 24.19 2.78 -26.68
C ALA A 1720 25.25 1.74 -26.32
N VAL A 1721 25.05 1.03 -25.21
CA VAL A 1721 25.94 -0.06 -24.85
C VAL A 1721 25.52 -1.35 -25.54
N ILE A 1722 24.23 -1.55 -25.77
CA ILE A 1722 23.75 -2.79 -26.39
C ILE A 1722 24.17 -2.85 -27.85
N MET A 1723 23.95 -1.76 -28.59
CA MET A 1723 24.27 -1.76 -30.02
C MET A 1723 25.77 -1.73 -30.27
N ASP A 1724 26.58 -1.32 -29.29
CA ASP A 1724 28.02 -1.38 -29.44
C ASP A 1724 28.54 -2.81 -29.37
N ASN A 1725 27.81 -3.71 -28.72
CA ASN A 1725 28.19 -5.11 -28.60
C ASN A 1725 27.23 -6.05 -29.32
N PHE A 1726 26.51 -5.55 -30.32
CA PHE A 1726 25.53 -6.38 -31.00
C PHE A 1726 26.17 -7.52 -31.78
N GLU A 1727 27.46 -7.39 -32.13
CA GLU A 1727 28.17 -8.50 -32.77
C GLU A 1727 28.34 -9.66 -31.79
N TYR A 1728 28.63 -9.36 -30.53
CA TYR A 1728 28.79 -10.42 -29.53
C TYR A 1728 27.45 -11.01 -29.13
N LEU A 1729 26.44 -10.16 -28.92
CA LEU A 1729 25.16 -10.65 -28.42
C LEU A 1729 24.47 -11.58 -29.41
N THR A 1730 24.72 -11.39 -30.70
CA THR A 1730 24.27 -12.32 -31.73
C THR A 1730 25.51 -13.03 -32.26
N ARG A 1731 25.89 -14.11 -31.57
CA ARG A 1731 27.13 -14.81 -31.91
C ARG A 1731 26.92 -15.78 -33.05
N ASP A 1732 25.83 -16.57 -33.00
CA ASP A 1732 25.52 -17.57 -34.00
C ASP A 1732 26.68 -18.57 -34.14
N SER A 1733 26.88 -19.33 -33.06
CA SER A 1733 28.06 -20.16 -32.94
C SER A 1733 28.02 -21.35 -33.88
N SER A 1734 28.04 -21.07 -35.18
CA SER A 1734 28.21 -22.05 -36.25
C SER A 1734 29.30 -21.65 -37.23
N ILE A 1735 29.45 -20.36 -37.51
CA ILE A 1735 30.49 -19.84 -38.39
C ILE A 1735 31.25 -18.73 -37.65
N LEU A 1736 31.30 -18.84 -36.33
CA LEU A 1736 31.92 -17.80 -35.51
C LEU A 1736 33.37 -17.57 -35.92
N GLY A 1737 33.74 -16.29 -36.03
CA GLY A 1737 35.07 -15.92 -36.44
C GLY A 1737 35.88 -15.12 -35.43
N PRO A 1738 35.24 -14.23 -34.64
CA PRO A 1738 36.00 -13.53 -33.58
C PRO A 1738 36.28 -14.41 -32.37
N HIS A 1739 35.35 -15.31 -32.07
CA HIS A 1739 35.53 -16.22 -30.94
C HIS A 1739 36.49 -17.36 -31.27
N HIS A 1740 36.75 -17.61 -32.55
CA HIS A 1740 37.66 -18.67 -32.97
C HIS A 1740 39.12 -18.24 -32.97
N LEU A 1741 39.40 -16.94 -32.83
CA LEU A 1741 40.77 -16.45 -32.89
C LEU A 1741 41.61 -16.95 -31.73
N ASP A 1742 41.00 -17.11 -30.55
CA ASP A 1742 41.75 -17.60 -29.39
C ASP A 1742 42.25 -19.01 -29.61
N GLU A 1743 41.43 -19.86 -30.22
CA GLU A 1743 41.85 -21.24 -30.49
C GLU A 1743 43.05 -21.28 -31.42
N PHE A 1744 43.02 -20.49 -32.49
CA PHE A 1744 44.16 -20.48 -33.41
C PHE A 1744 45.40 -19.88 -32.75
N VAL A 1745 45.20 -18.85 -31.93
CA VAL A 1745 46.32 -18.24 -31.22
C VAL A 1745 46.99 -19.25 -30.31
N ARG A 1746 46.20 -19.99 -29.53
CA ARG A 1746 46.78 -20.96 -28.61
C ARG A 1746 47.41 -22.12 -29.37
N VAL A 1747 46.83 -22.53 -30.50
CA VAL A 1747 47.44 -23.58 -31.30
C VAL A 1747 48.81 -23.15 -31.83
N TRP A 1748 48.90 -21.94 -32.38
CA TRP A 1748 50.17 -21.45 -32.90
C TRP A 1748 51.18 -21.28 -31.77
N ALA A 1749 50.74 -20.81 -30.60
CA ALA A 1749 51.65 -20.69 -29.47
C ALA A 1749 52.15 -22.04 -28.99
N GLU A 1750 51.29 -23.06 -28.99
CA GLU A 1750 51.69 -24.35 -28.48
C GLU A 1750 52.59 -25.11 -29.44
N TYR A 1751 52.41 -24.93 -30.75
CA TYR A 1751 53.19 -25.71 -31.70
C TYR A 1751 54.64 -25.22 -31.77
N ASP A 1752 54.83 -23.91 -31.91
CA ASP A 1752 56.17 -23.33 -31.85
C ASP A 1752 56.37 -22.66 -30.50
N ARG A 1753 57.37 -23.14 -29.75
CA ARG A 1753 57.62 -22.57 -28.43
C ARG A 1753 58.02 -21.10 -28.54
N ALA A 1754 58.85 -20.76 -29.51
CA ALA A 1754 59.19 -19.38 -29.84
C ALA A 1754 58.88 -19.14 -31.31
N ALA A 1755 58.20 -18.03 -31.60
CA ALA A 1755 57.80 -17.73 -32.97
C ALA A 1755 59.00 -17.56 -33.87
N CYS A 1756 60.00 -16.80 -33.43
CA CYS A 1756 61.22 -16.51 -34.18
C CYS A 1756 60.97 -15.83 -35.51
N GLY A 1757 59.73 -15.40 -35.77
CA GLY A 1757 59.40 -14.76 -37.03
C GLY A 1757 59.36 -15.70 -38.22
N ARG A 1758 59.31 -17.01 -38.00
CA ARG A 1758 59.32 -17.98 -39.08
C ARG A 1758 58.29 -19.07 -38.79
N ILE A 1759 57.80 -19.69 -39.86
CA ILE A 1759 56.87 -20.80 -39.80
C ILE A 1759 57.47 -21.98 -40.54
N HIS A 1760 57.51 -23.14 -39.89
CA HIS A 1760 58.06 -24.32 -40.53
C HIS A 1760 57.05 -24.89 -41.53
N TYR A 1761 57.56 -25.77 -42.40
CA TYR A 1761 56.79 -26.35 -43.50
C TYR A 1761 56.35 -27.77 -43.20
N THR A 1762 56.02 -28.07 -41.95
CA THR A 1762 55.63 -29.41 -41.55
C THR A 1762 54.26 -29.48 -40.89
N GLU A 1763 53.90 -28.49 -40.08
CA GLU A 1763 52.66 -28.54 -39.32
C GLU A 1763 51.45 -27.95 -40.06
N MET A 1764 51.67 -27.29 -41.20
CA MET A 1764 50.54 -26.74 -41.95
C MET A 1764 49.65 -27.83 -42.53
N TYR A 1765 50.23 -28.91 -43.06
CA TYR A 1765 49.41 -29.91 -43.72
C TYR A 1765 48.52 -30.66 -42.73
N GLU A 1766 48.81 -30.56 -41.43
CA GLU A 1766 48.00 -31.17 -40.40
C GLU A 1766 47.25 -30.14 -39.56
N MET A 1767 47.21 -28.87 -40.02
CA MET A 1767 46.56 -27.82 -39.24
C MET A 1767 45.04 -27.99 -39.20
N LEU A 1768 44.43 -28.24 -40.35
CA LEU A 1768 42.97 -28.27 -40.43
C LEU A 1768 42.38 -29.44 -39.66
N THR A 1769 43.13 -30.53 -39.52
CA THR A 1769 42.61 -31.72 -38.84
C THR A 1769 42.37 -31.45 -37.36
N LEU A 1770 43.36 -30.90 -36.66
CA LEU A 1770 43.23 -30.66 -35.23
C LEU A 1770 42.44 -29.39 -34.94
N MET A 1771 42.45 -28.42 -35.85
CA MET A 1771 41.70 -27.19 -35.67
C MET A 1771 40.19 -27.49 -35.70
N SER A 1772 39.42 -26.60 -35.07
CA SER A 1772 38.02 -26.87 -34.78
C SER A 1772 37.25 -27.20 -36.05
N PRO A 1773 36.36 -28.19 -36.01
CA PRO A 1773 35.61 -28.62 -37.21
C PRO A 1773 34.80 -27.51 -37.86
N PRO A 1774 34.17 -26.59 -37.10
CA PRO A 1774 33.35 -25.56 -37.75
C PRO A 1774 34.09 -24.69 -38.77
N LEU A 1775 35.41 -24.82 -38.89
CA LEU A 1775 36.17 -24.10 -39.90
C LEU A 1775 37.12 -25.06 -40.61
N GLY A 1776 37.38 -24.77 -41.88
CA GLY A 1776 38.41 -25.46 -42.63
C GLY A 1776 38.07 -26.90 -43.02
N LEU A 1777 37.84 -27.76 -42.03
CA LEU A 1777 37.60 -29.17 -42.27
C LEU A 1777 36.39 -29.61 -41.46
N GLY A 1778 35.31 -29.97 -42.15
CA GLY A 1778 34.14 -30.53 -41.51
C GLY A 1778 34.17 -32.05 -41.51
N LYS A 1779 34.53 -32.64 -42.65
CA LYS A 1779 34.61 -34.09 -42.78
C LYS A 1779 35.58 -34.42 -43.90
N ARG A 1780 35.71 -35.72 -44.19
CA ARG A 1780 36.59 -36.16 -45.26
C ARG A 1780 35.97 -35.95 -46.64
N CYS A 1781 34.65 -35.98 -46.74
CA CYS A 1781 33.99 -35.71 -48.02
C CYS A 1781 34.27 -34.30 -48.54
N PRO A 1782 34.16 -33.24 -47.74
CA PRO A 1782 34.56 -31.91 -48.23
C PRO A 1782 36.04 -31.62 -48.13
N SER A 1783 36.86 -32.60 -47.73
CA SER A 1783 38.30 -32.37 -47.64
C SER A 1783 38.91 -32.13 -49.01
N LYS A 1784 38.37 -32.76 -50.05
CA LYS A 1784 38.87 -32.50 -51.40
C LYS A 1784 38.64 -31.04 -51.79
N VAL A 1785 37.44 -30.51 -51.51
CA VAL A 1785 37.16 -29.10 -51.79
C VAL A 1785 38.05 -28.21 -50.93
N ALA A 1786 38.24 -28.57 -49.66
CA ALA A 1786 39.07 -27.77 -48.77
C ALA A 1786 40.51 -27.68 -49.28
N TYR A 1787 41.06 -28.80 -49.75
CA TYR A 1787 42.41 -28.78 -50.30
C TYR A 1787 42.45 -28.05 -51.65
N LYS A 1788 41.41 -28.18 -52.46
CA LYS A 1788 41.33 -27.41 -53.69
C LYS A 1788 41.24 -25.92 -53.42
N ARG A 1789 40.82 -25.53 -52.22
CA ARG A 1789 40.87 -24.14 -51.78
C ARG A 1789 42.27 -23.73 -51.33
N LEU A 1790 43.28 -24.52 -51.65
CA LEU A 1790 44.67 -24.21 -51.33
C LEU A 1790 45.59 -24.22 -52.54
N VAL A 1791 45.33 -25.07 -53.53
CA VAL A 1791 46.21 -25.26 -54.66
C VAL A 1791 45.52 -24.72 -55.92
N LEU A 1792 46.26 -24.72 -57.03
CA LEU A 1792 45.77 -24.27 -58.33
C LEU A 1792 45.43 -22.77 -58.32
N MET A 1793 46.12 -22.00 -57.49
CA MET A 1793 46.00 -20.55 -57.47
C MET A 1793 47.34 -19.99 -57.01
N ASN A 1794 47.35 -18.72 -56.58
CA ASN A 1794 48.58 -18.10 -56.14
C ASN A 1794 49.01 -18.71 -54.81
N MET A 1795 49.88 -19.71 -54.87
CA MET A 1795 50.35 -20.51 -53.73
C MET A 1795 51.59 -19.88 -53.12
N PRO A 1796 51.67 -19.76 -51.79
CA PRO A 1796 52.91 -19.25 -51.17
C PRO A 1796 54.04 -20.27 -51.14
N VAL A 1797 53.80 -21.52 -51.53
CA VAL A 1797 54.83 -22.56 -51.50
C VAL A 1797 55.80 -22.46 -52.66
N ALA A 1798 55.67 -21.44 -53.51
CA ALA A 1798 56.68 -21.20 -54.54
C ALA A 1798 58.06 -21.03 -53.91
N GLU A 1799 58.14 -20.28 -52.82
CA GLU A 1799 59.29 -20.30 -51.93
C GLU A 1799 58.87 -21.03 -50.66
N ASP A 1800 59.52 -22.16 -50.38
CA ASP A 1800 59.07 -23.05 -49.32
C ASP A 1800 59.22 -22.44 -47.93
N MET A 1801 59.93 -21.32 -47.79
CA MET A 1801 60.19 -20.69 -46.51
C MET A 1801 59.39 -19.40 -46.34
N THR A 1802 58.15 -19.39 -46.83
CA THR A 1802 57.29 -18.23 -46.76
C THR A 1802 56.25 -18.39 -45.66
N VAL A 1803 55.40 -17.37 -45.52
CA VAL A 1803 54.38 -17.36 -44.49
C VAL A 1803 53.25 -18.30 -44.90
N HIS A 1804 52.83 -19.16 -43.97
CA HIS A 1804 51.78 -20.14 -44.24
C HIS A 1804 50.64 -20.08 -43.24
N PHE A 1805 50.65 -19.11 -42.32
CA PHE A 1805 49.59 -18.94 -41.32
C PHE A 1805 48.57 -17.89 -41.74
N THR A 1806 49.02 -16.65 -41.97
CA THR A 1806 48.09 -15.59 -42.37
C THR A 1806 47.46 -15.89 -43.72
N SER A 1807 48.17 -16.58 -44.61
CA SER A 1807 47.61 -16.92 -45.91
C SER A 1807 46.38 -17.81 -45.76
N THR A 1808 46.51 -18.91 -45.02
CA THR A 1808 45.36 -19.78 -44.81
C THR A 1808 44.29 -19.10 -43.94
N LEU A 1809 44.69 -18.19 -43.07
CA LEU A 1809 43.70 -17.44 -42.29
C LEU A 1809 42.82 -16.59 -43.19
N MET A 1810 43.43 -15.83 -44.11
CA MET A 1810 42.63 -15.01 -45.00
C MET A 1810 41.87 -15.88 -46.01
N ALA A 1811 42.43 -17.04 -46.38
CA ALA A 1811 41.69 -17.96 -47.24
C ALA A 1811 40.41 -18.44 -46.54
N LEU A 1812 40.53 -18.79 -45.26
CA LEU A 1812 39.36 -19.19 -44.49
C LEU A 1812 38.37 -18.05 -44.34
N ILE A 1813 38.87 -16.83 -44.08
CA ILE A 1813 37.99 -15.69 -43.89
C ILE A 1813 37.20 -15.40 -45.15
N ARG A 1814 37.88 -15.39 -46.31
CA ARG A 1814 37.19 -15.17 -47.57
C ARG A 1814 36.23 -16.33 -47.88
N THR A 1815 36.64 -17.56 -47.59
CA THR A 1815 35.77 -18.70 -47.83
C THR A 1815 34.55 -18.67 -46.92
N ALA A 1816 34.74 -18.33 -45.64
CA ALA A 1816 33.63 -18.33 -44.69
C ALA A 1816 32.64 -17.22 -45.01
N LEU A 1817 33.14 -16.01 -45.27
CA LEU A 1817 32.29 -14.85 -45.51
C LEU A 1817 32.78 -14.09 -46.74
N ASP A 1818 31.81 -13.62 -47.54
CA ASP A 1818 32.07 -12.77 -48.70
C ASP A 1818 33.00 -13.44 -49.71
N ILE A 1819 32.52 -14.55 -50.27
CA ILE A 1819 33.26 -15.23 -51.33
C ILE A 1819 33.15 -14.38 -52.60
N LYS A 1820 34.27 -13.78 -53.02
CA LYS A 1820 34.26 -12.90 -54.17
C LYS A 1820 35.43 -13.13 -55.12
N ILE A 1821 36.41 -13.96 -54.76
CA ILE A 1821 37.60 -14.18 -55.58
C ILE A 1821 37.66 -15.61 -56.11
N ALA A 1822 37.22 -16.59 -55.32
CA ALA A 1822 37.31 -17.99 -55.74
C ALA A 1822 36.45 -18.25 -56.98
N LYS A 1823 35.24 -17.68 -57.02
CA LYS A 1823 34.37 -17.89 -58.18
C LYS A 1823 34.99 -17.33 -59.46
N GLY A 1824 35.56 -16.14 -59.39
CA GLY A 1824 36.23 -15.54 -60.53
C GLY A 1824 37.57 -16.19 -60.82
N GLY A 1825 38.53 -15.99 -59.91
CA GLY A 1825 39.83 -16.61 -60.03
C GLY A 1825 40.73 -16.03 -61.09
N ALA A 1826 40.39 -14.87 -61.66
CA ALA A 1826 41.16 -14.28 -62.72
C ALA A 1826 41.73 -12.91 -62.38
N ASP A 1827 40.94 -12.04 -61.76
CA ASP A 1827 41.37 -10.69 -61.40
C ASP A 1827 41.65 -10.61 -59.91
N ARG A 1828 42.84 -10.14 -59.56
CA ARG A 1828 43.25 -10.02 -58.17
C ARG A 1828 43.87 -8.68 -57.81
N GLN A 1829 44.35 -7.90 -58.79
CA GLN A 1829 45.02 -6.64 -58.47
C GLN A 1829 44.06 -5.63 -57.85
N GLN A 1830 42.82 -5.57 -58.34
CA GLN A 1830 41.87 -4.60 -57.81
C GLN A 1830 41.52 -4.92 -56.35
N LEU A 1831 41.45 -6.20 -56.00
CA LEU A 1831 41.20 -6.57 -54.61
C LEU A 1831 42.36 -6.16 -53.72
N ASP A 1832 43.60 -6.35 -54.18
CA ASP A 1832 44.75 -5.90 -53.41
C ASP A 1832 44.75 -4.39 -53.26
N SER A 1833 44.39 -3.66 -54.31
CA SER A 1833 44.32 -2.20 -54.22
C SER A 1833 43.25 -1.76 -53.23
N GLU A 1834 42.10 -2.43 -53.24
CA GLU A 1834 41.04 -2.10 -52.28
C GLU A 1834 41.49 -2.38 -50.85
N LEU A 1835 42.15 -3.50 -50.63
CA LEU A 1835 42.65 -3.82 -49.29
C LEU A 1835 43.69 -2.80 -48.84
N GLN A 1836 44.58 -2.39 -49.74
CA GLN A 1836 45.59 -1.40 -49.39
C GLN A 1836 44.97 -0.05 -49.08
N LYS A 1837 43.98 0.37 -49.86
CA LYS A 1837 43.36 1.67 -49.66
C LYS A 1837 42.43 1.70 -48.46
N GLU A 1838 41.89 0.55 -48.05
CA GLU A 1838 41.00 0.49 -46.91
C GLU A 1838 41.75 0.48 -45.58
N THR A 1839 43.06 0.26 -45.59
CA THR A 1839 43.89 0.18 -44.39
C THR A 1839 45.15 1.01 -44.58
N LEU A 1840 44.99 2.27 -45.01
CA LEU A 1840 46.14 3.11 -45.28
C LEU A 1840 46.88 3.47 -43.98
N ALA A 1841 46.16 3.87 -42.95
CA ALA A 1841 46.78 4.29 -41.69
C ALA A 1841 46.72 3.18 -40.64
N ILE A 1842 47.38 2.06 -40.96
CA ILE A 1842 47.50 0.96 -39.99
C ILE A 1842 48.96 0.54 -39.89
N TRP A 1843 49.88 1.46 -40.15
CA TRP A 1843 51.30 1.14 -40.25
C TRP A 1843 51.50 0.03 -41.27
N PRO A 1844 51.36 0.33 -42.56
CA PRO A 1844 51.19 -0.72 -43.57
C PRO A 1844 52.42 -1.58 -43.80
N HIS A 1845 52.67 -2.53 -42.90
CA HIS A 1845 53.64 -3.59 -43.15
C HIS A 1845 52.99 -4.83 -43.77
N LEU A 1846 51.78 -4.67 -44.32
CA LEU A 1846 51.01 -5.74 -44.96
C LEU A 1846 51.60 -6.20 -46.27
N SER A 1847 52.77 -5.68 -46.67
CA SER A 1847 53.37 -6.09 -47.94
C SER A 1847 53.73 -7.58 -47.94
N GLN A 1848 54.11 -8.12 -46.80
CA GLN A 1848 54.40 -9.55 -46.69
C GLN A 1848 53.23 -10.36 -46.16
N LYS A 1849 52.25 -9.71 -45.53
CA LYS A 1849 51.10 -10.44 -45.00
C LYS A 1849 50.30 -11.09 -46.13
N MET A 1850 50.17 -10.39 -47.26
CA MET A 1850 49.52 -10.98 -48.43
C MET A 1850 50.28 -12.20 -48.93
N LEU A 1851 51.60 -12.12 -48.95
CA LEU A 1851 52.43 -13.22 -49.42
C LEU A 1851 52.67 -14.25 -48.32
N GLU B 38 23.12 18.78 -117.59
CA GLU B 38 21.80 18.35 -118.04
C GLU B 38 20.70 19.18 -117.37
N SER B 39 19.91 19.88 -118.19
CA SER B 39 18.84 20.71 -117.66
C SER B 39 17.57 19.92 -117.38
N ALA B 40 17.48 18.68 -117.86
CA ALA B 40 16.27 17.89 -117.63
C ALA B 40 16.13 17.50 -116.15
N ARG B 41 17.21 17.00 -115.55
CA ARG B 41 17.15 16.59 -114.15
C ARG B 41 16.91 17.78 -113.23
N ARG B 42 17.55 18.92 -113.51
CA ARG B 42 17.37 20.09 -112.67
C ARG B 42 15.94 20.63 -112.76
N GLU B 43 15.36 20.62 -113.95
CA GLU B 43 14.02 21.17 -114.12
C GLU B 43 12.98 20.31 -113.42
N VAL B 44 13.06 18.98 -113.58
CA VAL B 44 12.11 18.10 -112.91
C VAL B 44 12.32 18.14 -111.41
N GLU B 45 13.56 18.40 -110.96
CA GLU B 45 13.80 18.55 -109.53
C GLU B 45 13.09 19.78 -108.97
N SER B 46 13.15 20.90 -109.70
CA SER B 46 12.52 22.13 -109.23
C SER B 46 11.00 21.99 -109.17
N GLN B 47 10.40 21.37 -110.18
CA GLN B 47 8.94 21.19 -110.19
C GLN B 47 8.51 20.29 -109.05
N ALA B 48 9.23 19.19 -108.81
CA ALA B 48 8.87 18.28 -107.72
C ALA B 48 9.08 18.94 -106.36
N GLN B 49 10.18 19.69 -106.19
CA GLN B 49 10.45 20.31 -104.90
C GLN B 49 9.42 21.41 -104.59
N GLN B 50 9.06 22.21 -105.60
CA GLN B 50 8.08 23.27 -105.39
C GLN B 50 6.70 22.70 -105.05
N GLN B 51 6.40 21.50 -105.55
CA GLN B 51 5.14 20.85 -105.19
C GLN B 51 5.08 20.51 -103.70
N LEU B 52 6.23 20.15 -103.11
CA LEU B 52 6.24 19.79 -101.70
C LEU B 52 5.84 20.97 -100.82
N GLU B 53 6.33 22.17 -101.14
CA GLU B 53 5.96 23.35 -100.37
C GLU B 53 4.55 23.83 -100.71
N ARG B 54 4.11 23.67 -101.97
CA ARG B 54 2.80 24.13 -102.37
C ARG B 54 1.69 23.30 -101.72
N ALA B 55 1.92 22.00 -101.59
CA ALA B 55 0.93 21.08 -101.01
C ALA B 55 1.26 20.71 -99.57
N LYS B 56 2.17 21.44 -98.92
CA LYS B 56 2.53 21.14 -97.54
C LYS B 56 1.37 21.36 -96.57
N HIS B 57 0.37 22.17 -96.96
CA HIS B 57 -0.70 22.53 -96.05
C HIS B 57 -2.05 22.01 -96.53
N LYS B 58 -2.09 20.75 -96.96
CA LYS B 58 -3.33 20.13 -97.40
C LYS B 58 -3.61 18.87 -96.60
N PRO B 59 -4.88 18.49 -96.44
CA PRO B 59 -5.19 17.27 -95.69
C PRO B 59 -4.69 16.01 -96.39
N VAL B 60 -4.42 14.99 -95.59
CA VAL B 60 -3.90 13.74 -96.12
C VAL B 60 -4.99 12.99 -96.85
N ALA B 61 -4.58 12.18 -97.84
CA ALA B 61 -5.54 11.40 -98.62
C ALA B 61 -5.88 10.09 -97.92
N PHE B 62 -4.89 9.22 -97.73
CA PHE B 62 -5.10 7.93 -97.10
C PHE B 62 -3.80 7.50 -96.41
N ALA B 63 -3.73 6.22 -96.05
CA ALA B 63 -2.53 5.64 -95.45
C ALA B 63 -2.33 4.23 -95.98
N VAL B 64 -1.07 3.83 -96.12
CA VAL B 64 -0.70 2.53 -96.64
C VAL B 64 0.37 1.93 -95.74
N ARG B 65 0.30 0.61 -95.54
CA ARG B 65 1.24 -0.11 -94.70
C ARG B 65 2.32 -0.78 -95.55
N THR B 66 3.53 -0.82 -95.03
CA THR B 66 4.66 -1.48 -95.68
C THR B 66 5.16 -2.62 -94.81
N ASN B 67 5.72 -3.65 -95.46
CA ASN B 67 6.23 -4.80 -94.74
C ASN B 67 7.58 -5.29 -95.28
N VAL B 68 8.26 -4.49 -96.09
CA VAL B 68 9.57 -4.84 -96.66
C VAL B 68 10.59 -3.82 -96.20
N SER B 69 11.71 -4.29 -95.68
CA SER B 69 12.78 -3.44 -95.19
C SER B 69 13.55 -2.89 -96.38
N TYR B 70 13.20 -1.67 -96.80
CA TYR B 70 13.84 -1.02 -97.95
C TYR B 70 13.94 0.47 -97.69
N CYS B 71 14.95 1.10 -98.30
CA CYS B 71 15.20 2.51 -98.14
C CYS B 71 14.80 3.25 -99.42
N GLY B 72 13.93 4.25 -99.27
CA GLY B 72 13.47 5.05 -100.39
C GLY B 72 14.34 6.23 -100.74
N VAL B 73 15.46 6.41 -100.06
CA VAL B 73 16.35 7.54 -100.32
C VAL B 73 17.53 7.06 -101.16
N LEU B 74 17.84 5.77 -101.07
CA LEU B 74 18.99 5.21 -101.78
C LEU B 74 18.69 4.87 -103.24
N ASP B 75 17.43 4.97 -103.66
CA ASP B 75 17.08 4.67 -105.04
C ASP B 75 17.62 5.75 -105.98
N GLU B 76 18.30 5.32 -107.04
CA GLU B 76 18.86 6.26 -107.99
C GLU B 76 17.82 6.86 -108.93
N GLU B 77 16.65 6.23 -109.03
CA GLU B 77 15.61 6.72 -109.93
C GLU B 77 14.73 7.80 -109.30
N CYS B 78 14.88 8.06 -108.01
CA CYS B 78 14.04 9.04 -107.35
C CYS B 78 14.31 10.43 -107.93
N PRO B 79 13.25 11.20 -108.28
CA PRO B 79 13.49 12.53 -108.85
C PRO B 79 14.23 13.48 -107.91
N VAL B 80 14.01 13.35 -106.60
CA VAL B 80 14.71 14.15 -105.61
C VAL B 80 15.56 13.22 -104.77
N GLN B 81 16.87 13.46 -104.76
CA GLN B 81 17.82 12.62 -104.04
C GLN B 81 18.14 13.23 -102.69
N GLY B 82 18.19 12.38 -101.67
CA GLY B 82 18.47 12.82 -100.31
C GLY B 82 17.25 13.19 -99.49
N SER B 83 16.06 13.16 -100.08
CA SER B 83 14.83 13.51 -99.38
C SER B 83 13.89 12.33 -99.23
N GLY B 84 14.39 11.11 -99.42
CA GLY B 84 13.57 9.92 -99.32
C GLY B 84 13.34 9.50 -97.87
N VAL B 85 12.65 8.38 -97.72
CA VAL B 85 12.32 7.80 -96.41
C VAL B 85 13.20 6.59 -96.19
N ASN B 86 13.85 6.54 -95.02
CA ASN B 86 14.62 5.37 -94.61
C ASN B 86 13.76 4.45 -93.75
N PHE B 87 12.63 4.06 -94.32
CA PHE B 87 11.66 3.23 -93.60
C PHE B 87 12.12 1.78 -93.52
N GLU B 88 11.46 1.03 -92.65
CA GLU B 88 11.75 -0.39 -92.49
C GLU B 88 10.48 -1.22 -92.63
N ALA B 89 10.56 -2.51 -92.33
CA ALA B 89 9.39 -3.36 -92.37
C ALA B 89 8.46 -3.04 -91.20
N LYS B 90 7.16 -3.27 -91.42
CA LYS B 90 6.13 -3.02 -90.42
C LYS B 90 6.12 -1.55 -89.99
N ASP B 91 5.83 -0.68 -90.96
CA ASP B 91 5.74 0.75 -90.74
C ASP B 91 4.46 1.29 -91.35
N PHE B 92 4.10 2.51 -90.96
CA PHE B 92 2.88 3.16 -91.43
C PHE B 92 3.23 4.51 -92.04
N LEU B 93 2.67 4.77 -93.22
CA LEU B 93 2.95 5.99 -93.98
C LEU B 93 1.65 6.69 -94.35
N HIS B 94 1.66 8.02 -94.27
CA HIS B 94 0.50 8.84 -94.59
C HIS B 94 0.74 9.53 -95.92
N ILE B 95 -0.24 9.44 -96.82
CA ILE B 95 -0.14 9.98 -98.17
C ILE B 95 -1.11 11.14 -98.31
N LYS B 96 -0.62 12.28 -98.83
CA LYS B 96 -1.44 13.47 -99.02
C LYS B 96 -1.94 13.62 -100.45
N GLU B 97 -1.06 13.51 -101.44
CA GLU B 97 -1.44 13.65 -102.84
C GLU B 97 -0.55 12.76 -103.69
N LYS B 98 -0.98 12.55 -104.94
CA LYS B 98 -0.27 11.71 -105.88
C LYS B 98 0.71 12.55 -106.71
N TYR B 99 1.78 11.90 -107.17
CA TYR B 99 2.78 12.53 -108.02
C TYR B 99 2.87 11.88 -109.39
N SER B 100 2.94 10.57 -109.46
CA SER B 100 3.04 9.84 -110.71
C SER B 100 2.61 8.40 -110.47
N ASN B 101 2.81 7.55 -111.49
CA ASN B 101 2.51 6.14 -111.36
C ASN B 101 3.61 5.35 -110.66
N ASP B 102 4.74 5.99 -110.36
CA ASP B 102 5.85 5.33 -109.68
C ASP B 102 6.11 5.87 -108.28
N TRP B 103 5.78 7.14 -108.02
CA TRP B 103 5.98 7.74 -106.71
C TRP B 103 4.81 8.66 -106.40
N TRP B 104 4.57 8.87 -105.11
CA TRP B 104 3.55 9.80 -104.65
C TRP B 104 4.16 10.77 -103.63
N ILE B 105 3.30 11.54 -102.98
CA ILE B 105 3.69 12.49 -101.96
C ILE B 105 3.15 12.00 -100.62
N GLY B 106 4.05 11.83 -99.64
CA GLY B 106 3.66 11.28 -98.37
C GLY B 106 4.53 11.80 -97.24
N ARG B 107 4.11 11.46 -96.02
CA ARG B 107 4.81 11.88 -94.81
C ARG B 107 4.89 10.70 -93.84
N LEU B 108 5.87 10.77 -92.96
CA LEU B 108 6.10 9.72 -91.96
C LEU B 108 5.24 9.94 -90.74
N VAL B 109 4.98 8.84 -90.02
CA VAL B 109 4.21 8.91 -88.77
C VAL B 109 5.06 9.34 -87.58
N LYS B 110 6.39 9.31 -87.71
CA LYS B 110 7.26 9.73 -86.62
C LYS B 110 7.13 11.23 -86.38
N GLU B 111 7.44 11.64 -85.14
CA GLU B 111 7.39 13.05 -84.79
C GLU B 111 8.37 13.84 -85.63
N GLY B 112 7.91 14.98 -86.14
CA GLY B 112 8.71 15.78 -87.06
C GLY B 112 8.77 15.24 -88.47
N GLY B 113 7.87 14.31 -88.84
CA GLY B 113 7.86 13.73 -90.16
C GLY B 113 7.61 14.74 -91.26
N ASP B 114 8.51 14.81 -92.22
CA ASP B 114 8.44 15.75 -93.32
C ASP B 114 7.80 15.08 -94.54
N ILE B 115 7.79 15.79 -95.66
CA ILE B 115 7.20 15.29 -96.90
C ILE B 115 8.29 14.61 -97.72
N ALA B 116 8.02 13.38 -98.14
CA ALA B 116 9.00 12.58 -98.89
C ALA B 116 8.27 11.74 -99.93
N PHE B 117 9.00 10.83 -100.55
CA PHE B 117 8.47 9.98 -101.61
C PHE B 117 8.51 8.51 -101.18
N ILE B 118 7.58 7.73 -101.70
CA ILE B 118 7.53 6.31 -101.36
C ILE B 118 7.39 5.49 -102.63
N PRO B 119 8.26 4.48 -102.81
CA PRO B 119 8.22 3.65 -104.02
C PRO B 119 6.85 3.01 -104.23
N SER B 120 6.51 2.75 -105.48
CA SER B 120 5.21 2.15 -105.80
C SER B 120 5.29 0.63 -105.73
N PRO B 121 4.14 -0.06 -105.61
CA PRO B 121 4.18 -1.52 -105.68
C PRO B 121 4.74 -2.04 -106.99
N GLN B 122 4.48 -1.34 -108.10
CA GLN B 122 5.17 -1.66 -109.34
C GLN B 122 6.66 -1.41 -109.22
N ARG B 123 7.04 -0.30 -108.58
CA ARG B 123 8.45 -0.06 -108.28
C ARG B 123 8.97 -1.08 -107.28
N LEU B 124 8.15 -1.45 -106.29
CA LEU B 124 8.55 -2.49 -105.34
C LEU B 124 8.76 -3.82 -106.06
N GLU B 125 7.87 -4.16 -106.98
CA GLU B 125 8.01 -5.44 -107.70
C GLU B 125 9.30 -5.48 -108.52
N SER B 126 9.65 -4.36 -109.17
CA SER B 126 10.92 -4.30 -109.89
C SER B 126 12.09 -4.31 -108.93
N ILE B 127 11.95 -3.64 -107.78
CA ILE B 127 13.03 -3.60 -106.81
C ILE B 127 13.23 -4.96 -106.15
N ARG B 128 12.13 -5.61 -105.74
CA ARG B 128 12.25 -6.93 -105.12
C ARG B 128 12.74 -7.97 -106.12
N LEU B 129 12.37 -7.82 -107.40
CA LEU B 129 12.95 -8.69 -108.43
C LEU B 129 14.43 -8.44 -108.57
N LYS B 130 14.86 -7.17 -108.49
CA LYS B 130 16.28 -6.86 -108.50
C LYS B 130 16.98 -7.33 -107.23
N GLN B 131 16.24 -7.40 -106.11
CA GLN B 131 16.83 -7.89 -104.88
C GLN B 131 17.24 -9.35 -104.99
N GLU B 132 16.40 -10.18 -105.61
CA GLU B 132 16.70 -11.60 -105.74
C GLU B 132 17.74 -11.85 -106.82
N GLN B 133 17.70 -11.08 -107.91
CA GLN B 133 18.64 -11.29 -109.01
C GLN B 133 20.00 -10.68 -108.76
N LYS B 134 20.17 -9.92 -107.68
CA LYS B 134 21.48 -9.33 -107.39
C LYS B 134 22.53 -10.38 -107.04
N ALA B 135 22.10 -11.57 -106.61
CA ALA B 135 23.03 -12.64 -106.29
C ALA B 135 23.49 -13.31 -107.59
N ARG B 136 24.22 -14.42 -107.46
CA ARG B 136 24.76 -15.10 -108.63
C ARG B 136 23.66 -15.66 -109.53
N ARG B 137 22.66 -16.31 -108.92
CA ARG B 137 21.59 -16.93 -109.67
C ARG B 137 20.27 -16.80 -108.90
N SER B 138 19.17 -16.88 -109.63
CA SER B 138 17.84 -16.79 -109.04
C SER B 138 16.87 -17.85 -109.55
N GLY B 139 17.20 -18.56 -110.62
CA GLY B 139 16.31 -19.59 -111.15
C GLY B 139 16.80 -20.99 -110.90
N ASN B 140 16.62 -21.87 -111.88
CA ASN B 140 17.05 -23.27 -111.76
C ASN B 140 18.54 -23.53 -111.91
N PRO B 141 19.31 -22.83 -112.78
CA PRO B 141 20.66 -23.31 -113.10
C PRO B 141 21.63 -22.97 -111.97
N SER B 142 22.05 -23.98 -111.23
CA SER B 142 23.02 -23.78 -110.16
C SER B 142 24.40 -23.48 -110.74
N SER B 143 25.14 -22.60 -110.06
CA SER B 143 26.47 -22.18 -110.49
C SER B 143 27.57 -22.85 -109.67
N LEU B 144 27.37 -24.11 -109.28
CA LEU B 144 28.37 -24.84 -108.50
C LEU B 144 29.37 -25.49 -109.44
N SER B 145 30.13 -24.63 -110.13
CA SER B 145 31.15 -25.05 -111.09
C SER B 145 30.57 -25.95 -112.18
N ASP B 146 29.36 -25.63 -112.63
CA ASP B 146 28.69 -26.34 -113.73
C ASP B 146 28.23 -25.29 -114.74
N ILE B 147 29.14 -24.89 -115.63
CA ILE B 147 28.86 -23.89 -116.65
C ILE B 147 29.49 -24.35 -117.96
N GLY B 148 28.73 -24.26 -119.05
CA GLY B 148 29.25 -24.61 -120.36
C GLY B 148 28.39 -25.60 -121.12
N ASN B 149 27.69 -26.47 -120.39
CA ASN B 149 26.85 -27.49 -121.00
C ASN B 149 25.37 -27.28 -120.78
N ARG B 150 24.98 -26.32 -119.93
CA ARG B 150 23.57 -26.05 -119.64
C ARG B 150 23.36 -24.54 -119.69
N ARG B 151 22.91 -24.03 -120.84
CA ARG B 151 22.58 -22.61 -120.95
C ARG B 151 21.42 -22.26 -120.03
N SER B 152 20.39 -23.10 -119.98
CA SER B 152 19.24 -22.97 -119.10
C SER B 152 18.60 -21.58 -119.21
N PRO B 153 17.91 -21.29 -120.29
CA PRO B 153 17.22 -19.99 -120.41
C PRO B 153 16.19 -19.82 -119.31
N PRO B 154 16.03 -18.60 -118.79
CA PRO B 154 15.10 -18.38 -117.69
C PRO B 154 13.67 -18.62 -118.12
N PRO B 155 12.97 -19.55 -117.48
CA PRO B 155 11.57 -19.82 -117.80
C PRO B 155 10.65 -18.85 -117.07
N SER B 156 9.34 -19.07 -117.22
CA SER B 156 8.36 -18.24 -116.55
C SER B 156 8.30 -18.50 -115.04
N LEU B 157 8.95 -19.57 -114.55
CA LEU B 157 8.95 -19.85 -113.13
C LEU B 157 9.87 -18.92 -112.34
N ALA B 158 10.76 -18.20 -113.03
CA ALA B 158 11.68 -17.29 -112.39
C ALA B 158 11.13 -15.86 -112.29
N LYS B 159 9.89 -15.64 -112.69
CA LYS B 159 9.26 -14.33 -112.66
C LYS B 159 8.21 -14.27 -111.56
N GLN B 160 7.46 -13.17 -111.52
CA GLN B 160 6.37 -13.02 -110.57
C GLN B 160 5.09 -13.71 -111.02
N LYS B 161 5.10 -14.32 -112.21
CA LYS B 161 3.90 -15.02 -112.67
C LYS B 161 3.59 -16.21 -111.77
N GLN B 162 4.60 -16.92 -111.30
CA GLN B 162 4.41 -18.04 -110.38
C GLN B 162 4.30 -17.49 -108.96
N LYS B 163 4.33 -18.39 -107.98
CA LYS B 163 4.17 -18.03 -106.56
C LYS B 163 2.86 -17.29 -106.33
N GLN B 164 1.81 -17.73 -107.01
CA GLN B 164 0.49 -17.13 -106.90
C GLN B 164 -0.42 -17.85 -105.92
N ALA B 165 0.11 -18.83 -105.18
CA ALA B 165 -0.69 -19.53 -104.19
C ALA B 165 -1.14 -18.58 -103.09
N GLU B 166 -0.23 -17.72 -102.61
CA GLU B 166 -0.55 -16.71 -101.61
C GLU B 166 -0.41 -15.30 -102.16
N HIS B 167 0.74 -14.95 -102.70
CA HIS B 167 1.01 -13.63 -103.27
C HIS B 167 0.71 -12.53 -102.26
N VAL B 168 1.48 -12.53 -101.18
CA VAL B 168 1.32 -11.56 -100.10
C VAL B 168 1.67 -10.18 -100.64
N PRO B 169 0.74 -9.23 -100.60
CA PRO B 169 1.02 -7.89 -101.14
C PRO B 169 2.05 -7.16 -100.29
N PRO B 170 2.88 -6.32 -100.89
CA PRO B 170 3.82 -5.53 -100.10
C PRO B 170 3.16 -4.33 -99.45
N TYR B 171 2.11 -3.81 -100.09
CA TYR B 171 1.37 -2.66 -99.59
C TYR B 171 -0.08 -3.07 -99.34
N ASP B 172 -0.55 -2.81 -98.11
CA ASP B 172 -1.92 -3.11 -97.72
C ASP B 172 -2.61 -1.84 -97.26
N VAL B 173 -3.84 -1.65 -97.71
CA VAL B 173 -4.60 -0.46 -97.33
C VAL B 173 -4.92 -0.51 -95.85
N VAL B 174 -4.55 0.54 -95.13
CA VAL B 174 -4.74 0.61 -93.69
C VAL B 174 -5.41 1.94 -93.33
N PRO B 175 -6.14 2.01 -92.22
CA PRO B 175 -6.81 3.26 -91.85
C PRO B 175 -5.80 4.36 -91.58
N SER B 176 -6.22 5.61 -91.82
CA SER B 176 -5.35 6.75 -91.61
C SER B 176 -4.91 6.86 -90.15
N MET B 177 -5.84 6.67 -89.22
CA MET B 177 -5.54 6.69 -87.80
C MET B 177 -5.83 5.32 -87.21
N ARG B 178 -4.94 4.86 -86.32
CA ARG B 178 -5.12 3.56 -85.69
C ARG B 178 -6.32 3.61 -84.75
N PRO B 179 -7.30 2.72 -84.92
CA PRO B 179 -8.39 2.64 -83.94
C PRO B 179 -7.91 2.03 -82.63
N VAL B 180 -8.77 2.11 -81.63
CA VAL B 180 -8.42 1.74 -80.26
C VAL B 180 -9.14 0.45 -79.88
N VAL B 181 -8.37 -0.56 -79.48
CA VAL B 181 -8.90 -1.81 -78.97
C VAL B 181 -8.24 -2.12 -77.63
N LEU B 182 -9.04 -2.52 -76.65
CA LEU B 182 -8.54 -2.92 -75.34
C LEU B 182 -8.83 -4.39 -75.13
N VAL B 183 -7.81 -5.15 -74.75
CA VAL B 183 -7.93 -6.58 -74.55
C VAL B 183 -7.54 -6.90 -73.11
N GLY B 184 -8.10 -8.00 -72.60
CA GLY B 184 -7.83 -8.42 -71.25
C GLY B 184 -8.84 -7.92 -70.25
N PRO B 185 -8.80 -8.45 -69.02
CA PRO B 185 -7.90 -9.50 -68.54
C PRO B 185 -8.50 -10.90 -68.71
N SER B 186 -9.66 -11.01 -69.33
CA SER B 186 -10.33 -12.29 -69.54
C SER B 186 -11.30 -12.15 -70.70
N LEU B 187 -12.21 -13.11 -70.84
CA LEU B 187 -13.26 -13.01 -71.85
C LEU B 187 -14.08 -11.73 -71.67
N LYS B 188 -14.28 -11.01 -72.77
CA LYS B 188 -15.15 -9.85 -72.75
C LYS B 188 -16.61 -10.28 -72.65
N GLY B 189 -17.47 -9.32 -72.34
CA GLY B 189 -18.89 -9.56 -72.23
C GLY B 189 -19.36 -10.03 -70.87
N TYR B 190 -18.47 -10.19 -69.90
CA TYR B 190 -18.84 -10.55 -68.54
C TYR B 190 -18.85 -9.31 -67.66
N GLU B 191 -19.40 -9.46 -66.46
CA GLU B 191 -19.53 -8.32 -65.55
C GLU B 191 -18.17 -7.77 -65.15
N VAL B 192 -17.21 -8.64 -64.84
CA VAL B 192 -15.92 -8.19 -64.35
C VAL B 192 -15.13 -7.51 -65.47
N THR B 193 -15.11 -8.11 -66.66
CA THR B 193 -14.28 -7.57 -67.73
C THR B 193 -14.91 -6.33 -68.37
N ASP B 194 -16.24 -6.29 -68.48
CA ASP B 194 -16.89 -5.09 -68.98
C ASP B 194 -16.65 -3.91 -68.06
N MET B 195 -16.75 -4.14 -66.73
CA MET B 195 -16.48 -3.06 -65.79
C MET B 195 -15.01 -2.71 -65.73
N MET B 196 -14.12 -3.70 -65.84
CA MET B 196 -12.69 -3.42 -65.77
C MET B 196 -12.23 -2.56 -66.94
N GLN B 197 -12.72 -2.86 -68.14
CA GLN B 197 -12.27 -2.14 -69.34
C GLN B 197 -13.01 -0.82 -69.55
N LYS B 198 -14.21 -0.67 -68.99
CA LYS B 198 -15.03 0.50 -69.26
C LYS B 198 -14.47 1.76 -68.61
N ALA B 199 -13.79 1.62 -67.47
CA ALA B 199 -13.25 2.78 -66.77
C ALA B 199 -12.24 3.55 -67.62
N LEU B 200 -11.55 2.87 -68.54
CA LEU B 200 -10.57 3.54 -69.38
C LEU B 200 -11.24 4.46 -70.40
N PHE B 201 -12.40 4.06 -70.93
CA PHE B 201 -13.07 4.84 -71.96
C PHE B 201 -13.50 6.20 -71.43
N ASP B 202 -14.01 6.25 -70.20
CA ASP B 202 -14.54 7.49 -69.65
C ASP B 202 -13.46 8.57 -69.56
N PHE B 203 -12.22 8.17 -69.25
CA PHE B 203 -11.12 9.11 -69.27
C PHE B 203 -10.86 9.63 -70.68
N LEU B 204 -10.97 8.75 -71.68
CA LEU B 204 -10.76 9.17 -73.07
C LEU B 204 -11.79 10.20 -73.49
N LYS B 205 -13.05 10.00 -73.11
CA LYS B 205 -14.10 10.96 -73.47
C LYS B 205 -13.85 12.31 -72.81
N HIS B 206 -13.50 12.29 -71.52
CA HIS B 206 -13.34 13.56 -70.79
C HIS B 206 -12.04 14.27 -71.15
N ARG B 207 -10.95 13.51 -71.35
CA ARG B 207 -9.67 14.14 -71.64
C ARG B 207 -9.60 14.63 -73.08
N PHE B 208 -10.18 13.88 -74.01
CA PHE B 208 -10.11 14.20 -75.43
C PHE B 208 -11.47 14.62 -75.99
N ASP B 209 -12.28 15.28 -75.16
CA ASP B 209 -13.61 15.71 -75.59
C ASP B 209 -13.51 16.65 -76.77
N GLY B 210 -14.35 16.42 -77.78
CA GLY B 210 -14.29 17.17 -79.02
C GLY B 210 -13.19 16.72 -79.97
N ARG B 211 -12.46 15.66 -79.63
CA ARG B 211 -11.40 15.16 -80.50
C ARG B 211 -11.39 13.63 -80.60
N ILE B 212 -12.40 12.95 -80.05
CA ILE B 212 -12.44 11.49 -80.04
C ILE B 212 -13.83 11.04 -80.45
N SER B 213 -13.90 9.98 -81.23
CA SER B 213 -15.17 9.36 -81.64
C SER B 213 -15.30 8.02 -80.93
N ILE B 214 -16.46 7.78 -80.32
CA ILE B 214 -16.72 6.59 -79.53
C ILE B 214 -17.78 5.75 -80.24
N THR B 215 -17.46 4.50 -80.51
CA THR B 215 -18.36 3.59 -81.21
C THR B 215 -18.26 2.20 -80.59
N ARG B 216 -19.37 1.47 -80.62
CA ARG B 216 -19.43 0.10 -80.14
C ARG B 216 -19.91 -0.81 -81.27
N VAL B 217 -19.18 -1.90 -81.51
CA VAL B 217 -19.51 -2.88 -82.53
C VAL B 217 -19.83 -4.20 -81.84
N THR B 218 -20.93 -4.83 -82.24
CA THR B 218 -21.37 -6.08 -81.61
C THR B 218 -20.95 -7.31 -82.39
N ALA B 219 -20.75 -7.19 -83.71
CA ALA B 219 -20.46 -8.34 -84.54
C ALA B 219 -19.01 -8.79 -84.36
N ASP B 220 -18.73 -10.00 -84.84
CA ASP B 220 -17.39 -10.56 -84.76
C ASP B 220 -16.46 -9.87 -85.75
N LEU B 221 -15.18 -9.84 -85.39
CA LEU B 221 -14.17 -9.16 -86.20
C LEU B 221 -12.91 -9.99 -86.44
N SER B 222 -12.78 -11.16 -85.80
CA SER B 222 -11.59 -11.98 -85.98
C SER B 222 -11.45 -12.52 -87.40
N LEU B 223 -12.56 -12.66 -88.13
CA LEU B 223 -12.55 -13.19 -89.48
C LEU B 223 -12.42 -12.10 -90.55
N ALA B 224 -11.81 -10.97 -90.20
CA ALA B 224 -11.61 -9.88 -91.15
C ALA B 224 -10.40 -10.21 -92.01
N LYS B 225 -10.65 -10.94 -93.11
CA LYS B 225 -9.59 -11.37 -94.02
C LYS B 225 -9.66 -10.54 -95.30
N ARG B 226 -8.66 -10.76 -96.16
CA ARG B 226 -8.52 -9.99 -97.39
C ARG B 226 -8.49 -10.83 -98.65
N SER B 227 -8.27 -12.14 -98.55
CA SER B 227 -8.15 -13.02 -99.71
C SER B 227 -9.09 -14.21 -99.59
N VAL B 228 -10.35 -13.93 -99.24
CA VAL B 228 -11.34 -14.99 -99.11
C VAL B 228 -11.85 -15.42 -100.49
N LEU B 229 -12.46 -14.49 -101.21
CA LEU B 229 -12.99 -14.78 -102.54
C LEU B 229 -13.22 -13.45 -103.25
N ASN B 230 -13.57 -13.54 -104.54
CA ASN B 230 -13.85 -12.34 -105.32
C ASN B 230 -15.04 -11.57 -104.75
N ASN B 231 -16.10 -12.29 -104.38
CA ASN B 231 -17.28 -11.65 -103.80
C ASN B 231 -18.07 -12.66 -102.99
N PRO B 232 -17.67 -12.94 -101.75
CA PRO B 232 -18.42 -13.89 -100.92
C PRO B 232 -19.74 -13.31 -100.43
N GLY B 233 -20.85 -13.81 -100.97
CA GLY B 233 -22.16 -13.33 -100.60
C GLY B 233 -22.43 -11.92 -101.10
N LYS B 234 -22.47 -11.76 -102.43
CA LYS B 234 -22.73 -10.43 -102.99
C LYS B 234 -24.19 -10.03 -102.84
N ARG B 235 -25.11 -10.97 -103.04
CA ARG B 235 -26.54 -10.70 -102.98
C ARG B 235 -27.20 -11.67 -102.02
N THR B 236 -28.26 -11.20 -101.36
CA THR B 236 -29.05 -12.03 -100.46
C THR B 236 -30.22 -12.72 -101.13
N ILE B 237 -30.42 -12.50 -102.44
CA ILE B 237 -31.52 -13.13 -103.16
C ILE B 237 -31.11 -14.45 -103.81
N ILE B 238 -29.80 -14.70 -103.97
CA ILE B 238 -29.36 -15.96 -104.56
C ILE B 238 -29.58 -17.13 -103.62
N GLU B 239 -29.81 -16.87 -102.34
CA GLU B 239 -30.02 -17.92 -101.33
C GLU B 239 -28.85 -18.90 -101.29
N ARG B 240 -27.64 -18.35 -101.30
CA ARG B 240 -26.43 -19.15 -101.22
C ARG B 240 -26.07 -19.38 -99.75
N SER B 241 -24.92 -20.00 -99.51
CA SER B 241 -24.50 -20.27 -98.13
C SER B 241 -24.24 -18.98 -97.36
N SER B 242 -23.57 -18.02 -98.00
CA SER B 242 -23.23 -16.76 -97.35
C SER B 242 -24.38 -15.76 -97.31
N ALA B 243 -25.46 -16.01 -98.07
CA ALA B 243 -26.59 -15.09 -98.06
C ALA B 243 -27.25 -15.05 -96.69
N ARG B 244 -27.41 -16.20 -96.05
CA ARG B 244 -28.01 -16.29 -94.73
C ARG B 244 -26.98 -16.24 -93.61
N SER B 245 -25.70 -16.18 -93.94
CA SER B 245 -24.65 -16.19 -92.93
C SER B 245 -24.46 -14.77 -92.37
N SER B 246 -23.50 -14.65 -91.45
CA SER B 246 -23.20 -13.38 -90.80
C SER B 246 -22.05 -12.63 -91.46
N ILE B 247 -21.51 -13.17 -92.56
CA ILE B 247 -20.39 -12.49 -93.23
C ILE B 247 -20.85 -11.27 -94.02
N ALA B 248 -22.15 -11.16 -94.32
CA ALA B 248 -22.62 -10.01 -95.10
C ALA B 248 -22.52 -8.72 -94.30
N GLU B 249 -22.95 -8.74 -93.04
CA GLU B 249 -22.88 -7.54 -92.21
C GLU B 249 -21.45 -7.26 -91.77
N VAL B 250 -20.69 -8.30 -91.45
CA VAL B 250 -19.31 -8.11 -91.00
C VAL B 250 -18.47 -7.49 -92.10
N GLN B 251 -18.61 -8.00 -93.33
CA GLN B 251 -17.83 -7.46 -94.44
C GLN B 251 -18.26 -6.03 -94.78
N SER B 252 -19.49 -5.65 -94.44
CA SER B 252 -19.95 -4.29 -94.72
C SER B 252 -19.37 -3.30 -93.73
N GLU B 253 -19.20 -3.71 -92.47
CA GLU B 253 -18.77 -2.79 -91.42
C GLU B 253 -17.27 -2.53 -91.41
N ILE B 254 -16.48 -3.31 -92.15
CA ILE B 254 -15.05 -3.04 -92.19
C ILE B 254 -14.76 -1.75 -92.94
N GLU B 255 -15.64 -1.37 -93.88
CA GLU B 255 -15.50 -0.06 -94.52
C GLU B 255 -15.92 1.06 -93.58
N ARG B 256 -16.82 0.77 -92.64
CA ARG B 256 -17.27 1.79 -91.69
C ARG B 256 -16.12 2.27 -90.81
N ILE B 257 -15.29 1.36 -90.33
CA ILE B 257 -14.15 1.77 -89.52
C ILE B 257 -13.09 2.44 -90.38
N PHE B 258 -12.94 2.00 -91.64
CA PHE B 258 -11.97 2.61 -92.53
C PHE B 258 -12.27 4.09 -92.78
N GLU B 259 -13.55 4.42 -93.01
CA GLU B 259 -13.91 5.81 -93.27
C GLU B 259 -13.88 6.65 -92.00
N LEU B 260 -14.18 6.04 -90.85
CA LEU B 260 -14.16 6.80 -89.59
C LEU B 260 -12.76 7.28 -89.27
N ALA B 261 -11.75 6.43 -89.47
CA ALA B 261 -10.37 6.83 -89.27
C ALA B 261 -9.86 7.71 -90.39
N LYS B 262 -10.50 7.67 -91.57
CA LYS B 262 -10.08 8.53 -92.67
C LYS B 262 -10.27 10.01 -92.33
N SER B 263 -11.19 10.32 -91.42
CA SER B 263 -11.45 11.68 -90.98
C SER B 263 -10.33 12.26 -90.13
N LEU B 264 -9.21 11.56 -90.00
CA LEU B 264 -8.05 12.03 -89.23
C LEU B 264 -8.41 12.22 -87.76
N GLN B 265 -9.34 11.41 -87.25
CA GLN B 265 -9.75 11.46 -85.86
C GLN B 265 -9.73 10.06 -85.27
N LEU B 266 -9.43 9.99 -83.98
CA LEU B 266 -9.34 8.70 -83.30
C LEU B 266 -10.72 8.08 -83.15
N VAL B 267 -10.78 6.76 -83.26
CA VAL B 267 -11.99 5.98 -83.06
C VAL B 267 -11.70 4.84 -82.10
N VAL B 268 -12.58 4.66 -81.12
CA VAL B 268 -12.46 3.55 -80.18
C VAL B 268 -13.31 2.40 -80.67
N LEU B 269 -12.87 1.18 -80.39
CA LEU B 269 -13.59 -0.03 -80.77
C LEU B 269 -13.97 -0.80 -79.51
N ASP B 270 -15.24 -1.20 -79.44
CA ASP B 270 -15.76 -1.87 -78.26
C ASP B 270 -16.37 -3.22 -78.61
N ALA B 271 -15.66 -4.02 -79.41
CA ALA B 271 -16.17 -5.32 -79.79
C ALA B 271 -16.21 -6.26 -78.59
N ASP B 272 -17.12 -7.24 -78.66
CA ASP B 272 -17.29 -8.24 -77.63
C ASP B 272 -16.79 -9.61 -78.10
N THR B 273 -15.80 -9.62 -79.00
CA THR B 273 -15.30 -10.85 -79.57
C THR B 273 -13.77 -10.95 -79.57
N ILE B 274 -13.06 -9.88 -79.23
CA ILE B 274 -11.59 -9.90 -79.23
C ILE B 274 -11.09 -10.30 -77.85
N ASN B 275 -10.25 -11.33 -77.81
CA ASN B 275 -9.68 -11.79 -76.55
C ASN B 275 -8.21 -12.14 -76.64
N HIS B 276 -7.55 -11.88 -77.78
CA HIS B 276 -6.15 -12.19 -77.97
C HIS B 276 -5.64 -11.44 -79.18
N PRO B 277 -4.42 -10.89 -79.14
CA PRO B 277 -3.89 -10.20 -80.32
C PRO B 277 -3.71 -11.11 -81.53
N ALA B 278 -3.54 -12.42 -81.30
CA ALA B 278 -3.37 -13.35 -82.42
C ALA B 278 -4.61 -13.41 -83.30
N GLN B 279 -5.79 -13.13 -82.73
CA GLN B 279 -7.01 -13.10 -83.52
C GLN B 279 -7.11 -11.84 -84.38
N LEU B 280 -6.38 -10.79 -84.03
CA LEU B 280 -6.37 -9.54 -84.80
C LEU B 280 -5.04 -9.32 -85.51
N ALA B 281 -4.30 -10.39 -85.76
CA ALA B 281 -3.03 -10.31 -86.47
C ALA B 281 -3.17 -10.47 -87.97
N LYS B 282 -4.38 -10.69 -88.48
CA LYS B 282 -4.63 -10.88 -89.90
C LYS B 282 -5.72 -9.94 -90.40
N THR B 283 -5.82 -8.75 -89.82
CA THR B 283 -6.81 -7.76 -90.20
C THR B 283 -6.13 -6.49 -90.69
N SER B 284 -6.61 -5.96 -91.81
CA SER B 284 -6.05 -4.73 -92.35
C SER B 284 -6.39 -3.49 -91.52
N LEU B 285 -7.43 -3.56 -90.69
CA LEU B 285 -7.71 -2.44 -89.78
C LEU B 285 -6.56 -2.25 -88.81
N ALA B 286 -6.14 -3.32 -88.14
CA ALA B 286 -4.99 -3.24 -87.24
C ALA B 286 -4.99 -2.02 -86.32
N PRO B 287 -5.76 -2.06 -85.23
CA PRO B 287 -5.82 -0.95 -84.30
C PRO B 287 -4.65 -0.93 -83.31
N ILE B 288 -4.83 -0.30 -82.16
CA ILE B 288 -3.78 -0.28 -81.14
C ILE B 288 -4.14 -1.26 -80.05
N ILE B 289 -3.24 -2.19 -79.74
CA ILE B 289 -3.58 -3.23 -78.78
C ILE B 289 -3.07 -2.79 -77.43
N VAL B 290 -3.98 -2.58 -76.49
CA VAL B 290 -3.64 -2.12 -75.14
C VAL B 290 -4.10 -3.19 -74.17
N PHE B 291 -3.19 -3.63 -73.30
CA PHE B 291 -3.45 -4.75 -72.41
C PHE B 291 -3.50 -4.25 -70.98
N VAL B 292 -4.60 -4.54 -70.30
CA VAL B 292 -4.75 -4.28 -68.87
C VAL B 292 -4.66 -5.62 -68.16
N LYS B 293 -3.59 -5.81 -67.39
CA LYS B 293 -3.31 -7.09 -66.76
C LYS B 293 -2.95 -6.89 -65.30
N VAL B 294 -3.26 -7.89 -64.50
CA VAL B 294 -2.89 -7.91 -63.08
C VAL B 294 -1.53 -8.58 -62.96
N SER B 295 -0.74 -8.12 -62.00
CA SER B 295 0.60 -8.66 -61.81
C SER B 295 0.55 -10.13 -61.41
N SER B 296 -0.41 -10.51 -60.58
CA SER B 296 -0.50 -11.87 -60.06
C SER B 296 -1.88 -12.45 -60.34
N PRO B 297 -1.96 -13.78 -60.50
CA PRO B 297 -3.28 -14.41 -60.65
C PRO B 297 -4.07 -14.49 -59.37
N LYS B 298 -3.42 -14.37 -58.21
CA LYS B 298 -4.10 -14.55 -56.93
C LYS B 298 -5.15 -13.48 -56.64
N VAL B 299 -5.02 -12.29 -57.26
CA VAL B 299 -6.01 -11.26 -57.03
C VAL B 299 -7.26 -11.44 -57.88
N LEU B 300 -7.17 -12.22 -58.97
CA LEU B 300 -8.32 -12.39 -59.86
C LEU B 300 -9.46 -13.11 -59.16
N GLN B 301 -9.17 -14.25 -58.53
CA GLN B 301 -10.22 -15.01 -57.87
C GLN B 301 -10.84 -14.24 -56.72
N ARG B 302 -10.01 -13.54 -55.93
CA ARG B 302 -10.53 -12.70 -54.86
C ARG B 302 -11.37 -11.55 -55.42
N LEU B 303 -10.95 -10.98 -56.56
CA LEU B 303 -11.74 -9.93 -57.18
C LEU B 303 -13.05 -10.48 -57.74
N ILE B 304 -13.03 -11.71 -58.23
CA ILE B 304 -14.25 -12.33 -58.74
C ILE B 304 -15.24 -12.59 -57.61
N ARG B 305 -14.72 -12.97 -56.43
CA ARG B 305 -15.58 -13.29 -55.30
C ARG B 305 -16.46 -12.10 -54.91
N SER B 306 -15.91 -10.89 -54.97
CA SER B 306 -16.67 -9.70 -54.62
C SER B 306 -17.70 -9.31 -55.67
N ARG B 307 -17.63 -9.88 -56.87
CA ARG B 307 -18.53 -9.47 -57.93
C ARG B 307 -19.95 -9.97 -57.69
N GLY B 308 -20.10 -11.23 -57.32
CA GLY B 308 -21.41 -11.78 -57.05
C GLY B 308 -21.41 -13.28 -57.26
N LYS B 309 -22.60 -13.87 -57.01
CA LYS B 309 -22.75 -15.31 -57.14
C LYS B 309 -22.72 -15.76 -58.59
N SER B 310 -23.26 -14.96 -59.51
CA SER B 310 -23.28 -15.35 -60.91
C SER B 310 -21.88 -15.44 -61.48
N GLN B 311 -20.99 -14.52 -61.09
CA GLN B 311 -19.63 -14.52 -61.62
C GLN B 311 -18.83 -15.71 -61.13
N MET B 312 -19.08 -16.17 -59.90
CA MET B 312 -18.38 -17.34 -59.39
C MET B 312 -18.70 -18.60 -60.18
N LYS B 313 -19.91 -18.67 -60.77
CA LYS B 313 -20.28 -19.82 -61.56
C LYS B 313 -19.45 -19.92 -62.84
N HIS B 314 -19.12 -18.78 -63.44
CA HIS B 314 -18.31 -18.72 -64.65
C HIS B 314 -16.84 -18.47 -64.38
N LEU B 315 -16.41 -18.56 -63.12
CA LEU B 315 -15.02 -18.30 -62.78
C LEU B 315 -14.08 -19.28 -63.48
N THR B 316 -14.54 -20.51 -63.70
CA THR B 316 -13.67 -21.51 -64.34
C THR B 316 -13.28 -21.09 -65.75
N VAL B 317 -14.22 -20.55 -66.52
CA VAL B 317 -13.89 -20.04 -67.85
C VAL B 317 -13.22 -18.68 -67.76
N GLN B 318 -13.55 -17.89 -66.73
CA GLN B 318 -12.93 -16.58 -66.55
C GLN B 318 -11.43 -16.71 -66.36
N MET B 319 -10.99 -17.68 -65.55
CA MET B 319 -9.57 -17.88 -65.34
C MET B 319 -8.92 -18.58 -66.53
N MET B 320 -9.71 -19.22 -67.40
CA MET B 320 -9.14 -19.95 -68.52
C MET B 320 -8.37 -19.03 -69.46
N ALA B 321 -8.95 -17.88 -69.79
CA ALA B 321 -8.31 -16.93 -70.68
C ALA B 321 -7.20 -16.13 -70.03
N TYR B 322 -7.25 -15.93 -68.72
CA TYR B 322 -6.23 -15.12 -68.06
C TYR B 322 -4.84 -15.74 -68.22
N ASP B 323 -4.73 -17.04 -67.94
CA ASP B 323 -3.44 -17.71 -68.12
C ASP B 323 -3.04 -17.71 -69.60
N LYS B 324 -4.00 -18.00 -70.49
CA LYS B 324 -3.70 -18.06 -71.92
C LYS B 324 -3.27 -16.70 -72.45
N LEU B 325 -3.94 -15.63 -72.01
CA LEU B 325 -3.57 -14.29 -72.47
C LEU B 325 -2.22 -13.85 -71.93
N VAL B 326 -1.77 -14.44 -70.82
CA VAL B 326 -0.46 -14.13 -70.28
C VAL B 326 0.63 -14.65 -71.22
N GLN B 327 0.40 -15.81 -71.84
CA GLN B 327 1.41 -16.44 -72.68
C GLN B 327 1.75 -15.61 -73.92
N CYS B 328 0.96 -14.58 -74.20
CA CYS B 328 1.19 -13.75 -75.37
C CYS B 328 2.33 -12.79 -75.15
N PRO B 329 3.26 -12.73 -76.12
CA PRO B 329 4.41 -11.83 -76.00
C PRO B 329 3.95 -10.42 -75.73
N PRO B 330 4.54 -9.77 -74.72
CA PRO B 330 4.19 -8.36 -74.51
C PRO B 330 4.44 -7.63 -75.81
N GLU B 331 5.52 -7.99 -76.48
CA GLU B 331 5.82 -7.38 -77.76
C GLU B 331 4.57 -7.34 -78.63
N SER B 332 3.82 -8.43 -78.63
CA SER B 332 2.63 -8.47 -79.48
C SER B 332 1.70 -7.32 -79.15
N PHE B 333 1.49 -7.02 -77.86
CA PHE B 333 0.70 -5.87 -77.47
C PHE B 333 1.44 -4.58 -77.81
N ASP B 334 0.69 -3.57 -78.26
CA ASP B 334 1.30 -2.30 -78.62
C ASP B 334 1.83 -1.58 -77.38
N VAL B 335 1.00 -1.48 -76.34
CA VAL B 335 1.40 -0.87 -75.07
C VAL B 335 0.82 -1.70 -73.95
N ILE B 336 1.37 -1.51 -72.75
CA ILE B 336 0.97 -2.26 -71.57
C ILE B 336 0.51 -1.27 -70.50
N LEU B 337 -0.45 -1.71 -69.68
CA LEU B 337 -0.89 -0.97 -68.49
C LEU B 337 -0.86 -1.93 -67.31
N ASP B 338 0.29 -1.99 -66.64
CA ASP B 338 0.45 -2.80 -65.44
C ASP B 338 0.19 -2.03 -64.17
N GLU B 339 -0.18 -0.75 -64.27
CA GLU B 339 -0.50 0.06 -63.11
C GLU B 339 -1.84 -0.36 -62.52
N ASN B 340 -2.08 0.07 -61.27
CA ASN B 340 -3.26 -0.35 -60.53
C ASN B 340 -4.18 0.79 -60.11
N GLN B 341 -3.78 2.05 -60.29
CA GLN B 341 -4.57 3.19 -59.87
C GLN B 341 -5.15 3.93 -61.07
N LEU B 342 -5.87 5.02 -60.78
CA LEU B 342 -6.52 5.80 -61.83
C LEU B 342 -5.55 6.75 -62.51
N GLU B 343 -4.96 7.67 -61.73
CA GLU B 343 -4.20 8.78 -62.31
C GLU B 343 -2.98 8.29 -63.09
N ASP B 344 -2.25 7.32 -62.53
CA ASP B 344 -1.07 6.81 -63.22
C ASP B 344 -1.44 6.14 -64.54
N ALA B 345 -2.52 5.36 -64.55
CA ALA B 345 -2.96 4.73 -65.79
C ALA B 345 -3.53 5.76 -66.75
N CYS B 346 -4.27 6.74 -66.24
CA CYS B 346 -4.82 7.78 -67.10
C CYS B 346 -3.72 8.62 -67.73
N GLU B 347 -2.72 9.00 -66.93
CA GLU B 347 -1.60 9.78 -67.47
C GLU B 347 -0.77 8.96 -68.45
N HIS B 348 -0.56 7.67 -68.15
CA HIS B 348 0.24 6.82 -69.02
C HIS B 348 -0.43 6.64 -70.38
N LEU B 349 -1.75 6.46 -70.39
CA LEU B 349 -2.46 6.29 -71.65
C LEU B 349 -2.55 7.59 -72.42
N ALA B 350 -2.81 8.70 -71.72
CA ALA B 350 -2.92 10.00 -72.39
C ALA B 350 -1.59 10.43 -72.99
N GLU B 351 -0.49 10.19 -72.27
CA GLU B 351 0.82 10.62 -72.76
C GLU B 351 1.19 9.94 -74.07
N TYR B 352 0.91 8.65 -74.18
CA TYR B 352 1.21 7.93 -75.42
C TYR B 352 0.38 8.45 -76.57
N LEU B 353 -0.91 8.71 -76.34
CA LEU B 353 -1.79 9.16 -77.41
C LEU B 353 -1.56 10.63 -77.75
N GLU B 354 -1.28 11.47 -76.75
CA GLU B 354 -1.03 12.88 -77.02
C GLU B 354 0.22 13.05 -77.88
N VAL B 355 1.27 12.28 -77.60
CA VAL B 355 2.44 12.28 -78.47
C VAL B 355 2.11 11.65 -79.81
N TYR B 356 1.28 10.60 -79.80
CA TYR B 356 0.85 10.00 -81.06
C TYR B 356 -0.04 10.95 -81.86
N TRP B 357 -0.86 11.74 -81.16
CA TRP B 357 -1.70 12.72 -81.85
C TRP B 357 -0.84 13.77 -82.56
N ARG B 358 0.20 14.25 -81.89
CA ARG B 358 1.12 15.18 -82.53
C ARG B 358 2.05 14.49 -83.51
N ALA B 359 2.16 13.16 -83.44
CA ALA B 359 2.98 12.42 -84.40
C ALA B 359 2.32 12.33 -85.77
N THR B 360 1.00 12.49 -85.84
CA THR B 360 0.26 12.44 -87.10
C THR B 360 0.06 13.82 -87.72
N HIS B 361 0.56 14.87 -87.08
CA HIS B 361 0.37 16.23 -87.58
C HIS B 361 1.65 17.05 -87.49
N PHE C 27 10.66 -25.27 87.72
CA PHE C 27 9.38 -24.65 87.42
C PHE C 27 8.71 -24.13 88.69
N PRO C 28 8.32 -22.85 88.68
CA PRO C 28 7.61 -22.30 89.84
C PRO C 28 6.23 -22.94 89.99
N SER C 29 5.81 -23.07 91.24
CA SER C 29 4.52 -23.68 91.53
C SER C 29 3.38 -22.72 91.19
N ALA C 30 2.22 -23.29 90.86
CA ALA C 30 1.07 -22.48 90.46
C ALA C 30 0.60 -21.58 91.60
N VAL C 31 0.70 -22.04 92.84
CA VAL C 31 0.32 -21.21 93.98
C VAL C 31 1.21 -19.98 94.07
N THR C 32 2.51 -20.15 93.81
CA THR C 32 3.43 -19.02 93.80
C THR C 32 3.07 -18.03 92.68
N ILE C 33 2.65 -18.54 91.52
CA ILE C 33 2.29 -17.66 90.42
C ILE C 33 1.08 -16.82 90.80
N LYS C 34 0.09 -17.43 91.47
CA LYS C 34 -1.06 -16.65 91.95
C LYS C 34 -0.62 -15.60 92.95
N SER C 35 0.39 -15.90 93.77
CA SER C 35 0.93 -14.91 94.70
C SER C 35 1.55 -13.74 93.95
N TRP C 36 2.30 -14.02 92.88
CA TRP C 36 2.87 -12.94 92.08
C TRP C 36 1.78 -12.14 91.39
N VAL C 37 0.83 -12.82 90.76
CA VAL C 37 -0.23 -12.13 90.01
C VAL C 37 -1.07 -11.29 90.95
N ASP C 38 -1.42 -11.83 92.12
CA ASP C 38 -2.20 -11.07 93.09
C ASP C 38 -1.46 -9.82 93.53
N LYS C 39 -0.15 -9.94 93.79
CA LYS C 39 0.66 -8.76 94.08
C LYS C 39 0.72 -7.84 92.88
N MET C 40 0.85 -8.40 91.68
CA MET C 40 0.93 -7.59 90.47
C MET C 40 -0.36 -6.83 90.21
N GLN C 41 -1.50 -7.50 90.36
CA GLN C 41 -2.78 -6.87 90.03
C GLN C 41 -3.12 -5.77 91.02
N GLU C 42 -2.79 -5.96 92.29
CA GLU C 42 -3.10 -4.94 93.29
C GLU C 42 -2.17 -3.73 93.16
N ASP C 43 -0.98 -3.93 92.60
CA ASP C 43 -0.07 -2.81 92.41
C ASP C 43 -0.57 -1.86 91.33
N LEU C 44 -0.98 -2.42 90.18
CA LEU C 44 -1.43 -1.58 89.07
C LEU C 44 -2.82 -1.01 89.32
N VAL C 45 -3.71 -1.80 89.91
CA VAL C 45 -5.09 -1.34 90.12
C VAL C 45 -5.11 -0.21 91.14
N THR C 46 -4.41 -0.38 92.27
CA THR C 46 -4.41 0.66 93.29
C THR C 46 -3.74 1.93 92.78
N LEU C 47 -2.63 1.80 92.05
CA LEU C 47 -1.96 2.98 91.53
C LEU C 47 -2.84 3.76 90.57
N ALA C 48 -3.54 3.05 89.68
CA ALA C 48 -4.43 3.73 88.74
C ALA C 48 -5.66 4.29 89.44
N LYS C 49 -6.15 3.62 90.47
CA LYS C 49 -7.34 4.10 91.17
C LYS C 49 -7.08 5.43 91.88
N THR C 50 -5.92 5.57 92.52
CA THR C 50 -5.63 6.79 93.26
C THR C 50 -5.06 7.90 92.39
N ALA C 51 -4.49 7.58 91.23
CA ALA C 51 -3.91 8.59 90.36
C ALA C 51 -4.89 9.14 89.34
N SER C 52 -5.68 8.28 88.70
CA SER C 52 -6.66 8.74 87.72
C SER C 52 -7.81 9.49 88.37
N GLY C 53 -8.02 9.33 89.67
CA GLY C 53 -9.14 9.97 90.33
C GLY C 53 -10.49 9.48 89.90
N VAL C 54 -10.62 8.18 89.62
CA VAL C 54 -11.92 7.63 89.22
C VAL C 54 -12.91 7.69 90.38
N ASN C 55 -12.44 7.42 91.60
CA ASN C 55 -13.33 7.44 92.76
C ASN C 55 -13.68 8.85 93.21
N GLN C 56 -13.02 9.87 92.67
CA GLN C 56 -13.31 11.25 93.01
C GLN C 56 -14.20 11.93 91.98
N LEU C 57 -14.11 11.54 90.71
CA LEU C 57 -15.01 12.08 89.70
C LEU C 57 -16.43 11.59 89.87
N VAL C 58 -16.62 10.42 90.51
CA VAL C 58 -17.96 9.90 90.72
C VAL C 58 -18.76 10.81 91.65
N ASP C 59 -18.15 11.27 92.74
CA ASP C 59 -18.89 12.10 93.69
C ASP C 59 -19.16 13.49 93.13
N ILE C 60 -18.26 14.01 92.31
CA ILE C 60 -18.45 15.36 91.75
C ILE C 60 -19.72 15.42 90.94
N TYR C 61 -19.94 14.43 90.07
CA TYR C 61 -21.16 14.39 89.28
C TYR C 61 -22.39 14.18 90.17
N GLU C 62 -22.31 13.22 91.09
CA GLU C 62 -23.49 12.83 91.86
C GLU C 62 -23.81 13.79 93.00
N LYS C 63 -22.85 14.61 93.44
CA LYS C 63 -23.14 15.53 94.53
C LYS C 63 -23.95 16.73 94.08
N TYR C 64 -23.87 17.09 92.79
CA TYR C 64 -24.54 18.30 92.34
C TYR C 64 -26.02 18.06 92.06
N GLN C 65 -26.33 17.27 91.03
CA GLN C 65 -27.70 16.89 90.69
C GLN C 65 -28.63 18.10 90.53
N ASP C 66 -28.08 19.30 90.40
CA ASP C 66 -28.89 20.50 90.22
C ASP C 66 -28.57 21.30 88.97
N LEU C 67 -27.35 21.19 88.43
CA LEU C 67 -27.03 21.85 87.18
C LEU C 67 -27.36 21.03 85.96
N TYR C 68 -27.88 19.81 86.13
CA TYR C 68 -28.29 18.99 85.01
C TYR C 68 -29.41 18.06 85.44
N THR C 69 -30.17 17.58 84.46
CA THR C 69 -31.23 16.61 84.68
C THR C 69 -31.05 15.45 83.73
N VAL C 70 -31.19 14.23 84.27
CA VAL C 70 -31.07 13.03 83.45
C VAL C 70 -32.39 12.82 82.70
N GLU C 71 -32.30 12.65 81.38
CA GLU C 71 -33.48 12.54 80.55
C GLU C 71 -33.41 11.26 79.73
N PRO C 72 -34.56 10.66 79.43
CA PRO C 72 -34.56 9.39 78.69
C PRO C 72 -34.11 9.56 77.25
N ASN C 73 -33.67 8.44 76.69
CA ASN C 73 -33.24 8.38 75.29
C ASN C 73 -34.03 7.31 74.57
N ASN C 74 -35.36 7.35 74.71
CA ASN C 74 -36.25 6.33 74.18
C ASN C 74 -35.91 6.02 72.73
N ALA C 75 -35.45 4.79 72.49
CA ALA C 75 -34.96 4.44 71.17
C ALA C 75 -36.06 4.36 70.13
N ARG C 76 -37.29 4.08 70.55
CA ARG C 76 -38.40 4.02 69.60
C ARG C 76 -38.62 5.37 68.95
N GLN C 77 -39.04 6.36 69.74
CA GLN C 77 -39.41 7.66 69.17
C GLN C 77 -38.22 8.39 68.56
N LEU C 78 -36.98 8.02 68.92
CA LEU C 78 -35.83 8.62 68.27
C LEU C 78 -35.75 8.22 66.80
N VAL C 79 -36.04 6.96 66.49
CA VAL C 79 -35.96 6.50 65.10
C VAL C 79 -37.08 7.10 64.27
N GLU C 80 -38.30 7.12 64.80
CA GLU C 80 -39.42 7.68 64.03
C GLU C 80 -39.25 9.17 63.78
N ILE C 81 -38.65 9.91 64.72
CA ILE C 81 -38.37 11.32 64.49
C ILE C 81 -37.36 11.48 63.37
N ALA C 82 -36.30 10.67 63.39
CA ALA C 82 -35.27 10.77 62.37
C ALA C 82 -35.77 10.22 61.02
N ALA C 83 -36.58 9.17 61.07
CA ALA C 83 -37.14 8.62 59.83
C ALA C 83 -38.06 9.62 59.15
N ARG C 84 -38.84 10.36 59.94
CA ARG C 84 -39.72 11.38 59.38
C ARG C 84 -38.92 12.51 58.74
N ASP C 85 -37.83 12.93 59.41
CA ASP C 85 -37.03 14.01 58.87
C ASP C 85 -36.37 13.62 57.55
N ILE C 86 -35.90 12.39 57.44
CA ILE C 86 -35.33 11.91 56.18
C ILE C 86 -36.40 11.85 55.11
N GLU C 87 -37.60 11.37 55.46
CA GLU C 87 -38.69 11.31 54.49
C GLU C 87 -39.08 12.69 54.01
N LYS C 88 -39.12 13.67 54.92
CA LYS C 88 -39.43 15.04 54.50
C LYS C 88 -38.33 15.60 53.60
N LEU C 89 -37.07 15.31 53.90
CA LEU C 89 -35.99 15.79 53.05
C LEU C 89 -36.08 15.19 51.65
N LEU C 90 -36.36 13.89 51.57
CA LEU C 90 -36.55 13.25 50.27
C LEU C 90 -37.87 13.62 49.64
N SER C 91 -38.76 14.32 50.36
CA SER C 91 -39.99 14.82 49.79
C SER C 91 -39.84 16.19 49.15
N ASN C 92 -38.97 17.04 49.68
CA ASN C 92 -38.67 18.30 49.01
C ASN C 92 -38.01 18.04 47.65
N ARG C 93 -37.08 17.10 47.60
CA ARG C 93 -36.38 16.80 46.35
C ARG C 93 -37.33 16.19 45.33
N SER C 94 -38.23 15.31 45.77
CA SER C 94 -39.21 14.74 44.86
C SER C 94 -40.12 15.81 44.29
N LYS C 95 -40.53 16.77 45.13
CA LYS C 95 -41.35 17.87 44.64
C LYS C 95 -40.56 18.79 43.72
N ALA C 96 -39.25 18.89 43.93
CA ALA C 96 -38.41 19.69 43.03
C ALA C 96 -38.19 18.97 41.70
N LEU C 97 -38.23 17.63 41.70
CA LEU C 97 -38.05 16.89 40.47
C LEU C 97 -39.29 16.96 39.58
N VAL C 98 -40.47 16.85 40.18
CA VAL C 98 -41.70 16.88 39.39
C VAL C 98 -41.93 18.27 38.82
N ARG C 99 -41.48 19.31 39.52
CA ARG C 99 -41.57 20.66 38.97
C ARG C 99 -40.72 20.81 37.72
N LEU C 100 -39.51 20.23 37.75
CA LEU C 100 -38.63 20.31 36.59
C LEU C 100 -39.11 19.42 35.45
N ALA C 101 -39.69 18.27 35.79
CA ALA C 101 -40.16 17.35 34.76
C ALA C 101 -41.42 17.88 34.08
N LEU C 102 -42.33 18.48 34.85
CA LEU C 102 -43.58 18.97 34.29
C LEU C 102 -43.34 20.17 33.38
N GLU C 103 -42.41 21.05 33.76
CA GLU C 103 -42.13 22.22 32.92
C GLU C 103 -41.35 21.82 31.68
N ALA C 104 -40.41 20.89 31.80
CA ALA C 104 -39.62 20.48 30.65
C ALA C 104 -40.49 19.83 29.58
N GLU C 105 -41.45 19.01 30.00
CA GLU C 105 -42.35 18.38 29.04
C GLU C 105 -43.18 19.42 28.30
N LYS C 106 -43.71 20.41 29.03
CA LYS C 106 -44.57 21.41 28.41
C LYS C 106 -43.78 22.34 27.50
N VAL C 107 -42.61 22.80 27.95
CA VAL C 107 -41.82 23.75 27.16
C VAL C 107 -41.35 23.11 25.87
N GLN C 108 -40.88 21.86 25.94
CA GLN C 108 -40.39 21.20 24.74
C GLN C 108 -41.51 20.96 23.72
N ALA C 109 -42.73 20.68 24.21
CA ALA C 109 -43.84 20.43 23.30
C ALA C 109 -44.11 21.64 22.40
N ALA C 110 -43.91 22.84 22.95
CA ALA C 110 -44.07 24.07 22.17
C ALA C 110 -42.71 24.53 21.64
N HIS C 111 -42.17 23.72 20.73
CA HIS C 111 -40.91 24.02 20.05
C HIS C 111 -41.12 23.92 18.55
N GLN C 112 -40.57 24.88 17.81
CA GLN C 112 -40.82 25.01 16.39
C GLN C 112 -39.75 24.36 15.51
N TRP C 113 -38.63 23.91 16.09
CA TRP C 113 -37.56 23.22 15.36
C TRP C 113 -37.02 24.09 14.22
N ARG C 114 -36.39 25.19 14.61
CA ARG C 114 -35.69 26.03 13.64
C ARG C 114 -34.52 25.28 13.04
N GLU C 115 -34.16 25.67 11.81
CA GLU C 115 -33.05 25.05 11.10
C GLU C 115 -31.85 25.97 10.94
N ASP C 116 -31.99 27.27 11.20
CA ASP C 116 -30.89 28.21 11.10
C ASP C 116 -30.91 29.14 12.30
N PHE C 117 -29.72 29.45 12.82
CA PHE C 117 -29.56 30.25 14.02
C PHE C 117 -28.61 31.42 13.75
N ALA C 118 -28.83 32.10 12.64
CA ALA C 118 -27.98 33.23 12.27
C ALA C 118 -28.33 34.48 13.07
N SER C 119 -29.57 34.93 12.96
CA SER C 119 -29.99 36.14 13.66
C SER C 119 -30.25 35.87 15.14
N ASN C 120 -31.22 34.99 15.42
CA ASN C 120 -31.57 34.64 16.80
C ASN C 120 -30.59 33.58 17.31
N GLU C 121 -29.42 34.06 17.73
CA GLU C 121 -28.40 33.19 18.26
C GLU C 121 -28.85 32.57 19.59
N VAL C 122 -28.33 31.39 19.88
CA VAL C 122 -28.59 30.72 21.15
C VAL C 122 -27.52 31.16 22.14
N VAL C 123 -27.94 31.76 23.25
CA VAL C 123 -27.03 32.27 24.27
C VAL C 123 -27.04 31.29 25.43
N TYR C 124 -25.85 30.85 25.83
CA TYR C 124 -25.71 29.88 26.91
C TYR C 124 -24.29 29.95 27.44
N TYR C 125 -24.10 29.38 28.63
CA TYR C 125 -22.78 29.27 29.23
C TYR C 125 -22.28 27.84 29.02
N ASN C 126 -21.16 27.71 28.33
CA ASN C 126 -20.53 26.41 28.09
C ASN C 126 -19.45 26.19 29.14
N ALA C 127 -19.58 25.10 29.89
CA ALA C 127 -18.53 24.72 30.83
C ALA C 127 -17.28 24.28 30.07
N LYS C 128 -16.23 23.97 30.83
CA LYS C 128 -14.92 23.58 30.30
C LYS C 128 -14.52 24.43 29.09
N ASP C 129 -14.55 25.75 29.29
CA ASP C 129 -14.10 26.69 28.28
C ASP C 129 -13.33 27.81 28.98
N ASP C 130 -12.58 28.57 28.18
CA ASP C 130 -11.78 29.66 28.73
C ASP C 130 -12.22 31.01 28.16
N GLU C 139 -17.96 29.27 17.94
CA GLU C 139 -18.60 28.62 16.80
C GLU C 139 -19.89 29.35 16.41
N PRO C 140 -20.16 29.42 15.10
CA PRO C 140 -21.35 30.14 14.65
C PRO C 140 -22.64 29.47 15.12
N GLY C 141 -23.67 30.29 15.32
CA GLY C 141 -24.96 29.82 15.77
C GLY C 141 -25.18 29.88 17.27
N SER C 142 -24.20 30.35 18.03
CA SER C 142 -24.33 30.41 19.48
C SER C 142 -23.54 31.59 20.01
N GLN C 143 -23.92 32.05 21.20
CA GLN C 143 -23.24 33.12 21.90
C GLN C 143 -22.88 32.67 23.31
N ARG C 144 -21.67 32.98 23.73
CA ARG C 144 -21.19 32.54 25.04
C ARG C 144 -21.54 33.56 26.12
N ILE C 145 -21.42 33.12 27.37
CA ILE C 145 -21.73 33.93 28.53
C ILE C 145 -20.51 33.96 29.45
N LYS C 146 -20.14 35.15 29.90
CA LYS C 146 -19.07 35.29 30.87
C LYS C 146 -19.66 35.49 32.25
N PRO C 147 -19.55 34.52 33.16
CA PRO C 147 -20.22 34.64 34.46
C PRO C 147 -19.32 35.26 35.54
N VAL C 148 -19.89 35.52 36.71
CA VAL C 148 -19.19 36.23 37.76
C VAL C 148 -18.49 35.27 38.72
N PHE C 149 -19.14 34.15 39.06
CA PHE C 149 -18.52 33.08 39.85
C PHE C 149 -18.10 33.56 41.24
N ILE C 150 -19.11 33.92 42.03
CA ILE C 150 -18.87 34.26 43.42
C ILE C 150 -18.73 32.98 44.24
N GLU C 151 -17.85 33.02 45.24
CA GLU C 151 -17.66 31.88 46.12
C GLU C 151 -18.90 31.67 46.99
N ASP C 152 -19.13 30.41 47.36
CA ASP C 152 -20.32 30.07 48.15
C ASP C 152 -20.11 28.71 48.81
N ALA C 153 -20.62 28.60 50.04
CA ALA C 153 -20.48 27.37 50.80
C ALA C 153 -21.40 26.29 50.23
N ASN C 154 -21.37 25.11 50.86
CA ASN C 154 -22.07 23.90 50.44
C ASN C 154 -21.50 23.33 49.14
N PHE C 155 -20.53 24.02 48.53
CA PHE C 155 -19.85 23.56 47.33
C PHE C 155 -18.36 23.74 47.52
N GLY C 156 -17.58 22.86 46.90
CA GLY C 156 -16.15 22.93 46.97
C GLY C 156 -15.51 23.81 45.92
N ARG C 157 -16.30 24.54 45.13
CA ARG C 157 -15.79 25.31 44.02
C ARG C 157 -16.48 26.66 43.99
N GLN C 158 -16.28 27.39 42.88
CA GLN C 158 -16.91 28.69 42.66
C GLN C 158 -18.16 28.48 41.80
N ILE C 159 -19.29 29.00 42.28
CA ILE C 159 -20.56 28.77 41.62
C ILE C 159 -21.19 30.10 41.21
N SER C 160 -22.35 30.04 40.56
CA SER C 160 -23.08 31.23 40.15
C SER C 160 -24.55 30.88 40.04
N TYR C 161 -25.39 31.63 40.75
CA TYR C 161 -26.83 31.40 40.76
C TYR C 161 -27.56 32.10 39.62
N GLN C 162 -26.84 32.85 38.79
CA GLN C 162 -27.49 33.66 37.76
C GLN C 162 -27.97 32.83 36.56
N HIS C 163 -27.36 31.68 36.30
CA HIS C 163 -27.74 30.87 35.16
C HIS C 163 -27.24 29.43 35.39
N ALA C 164 -27.43 28.60 34.39
CA ALA C 164 -27.08 27.18 34.46
C ALA C 164 -26.02 26.87 33.41
N ALA C 165 -25.00 26.12 33.81
CA ALA C 165 -23.96 25.71 32.89
C ALA C 165 -24.43 24.58 32.01
N VAL C 166 -23.70 24.36 30.91
CA VAL C 166 -24.02 23.31 29.94
C VAL C 166 -22.74 22.55 29.64
N HIS C 167 -22.81 21.23 29.71
CA HIS C 167 -21.68 20.35 29.39
C HIS C 167 -22.03 19.57 28.12
N ILE C 168 -21.16 19.67 27.12
CA ILE C 168 -21.31 18.96 25.86
C ILE C 168 -20.08 18.08 25.68
N PRO C 169 -20.25 16.77 25.50
CA PRO C 169 -19.08 15.88 25.43
C PRO C 169 -18.21 16.17 24.23
N THR C 170 -16.96 15.70 24.30
CA THR C 170 -15.97 16.01 23.28
C THR C 170 -16.39 15.47 21.91
N ASP C 171 -16.92 14.25 21.86
CA ASP C 171 -17.29 13.65 20.59
C ASP C 171 -18.51 14.29 19.95
N ILE C 172 -19.23 15.15 20.67
CA ILE C 172 -20.44 15.79 20.17
C ILE C 172 -20.12 17.25 19.86
N TYR C 173 -20.43 17.67 18.65
CA TYR C 173 -20.15 19.03 18.20
C TYR C 173 -21.30 19.95 18.58
N GLU C 174 -21.00 20.98 19.37
CA GLU C 174 -21.98 22.02 19.61
C GLU C 174 -22.07 22.93 18.38
N GLY C 175 -23.29 23.38 18.11
CA GLY C 175 -23.54 24.16 16.91
C GLY C 175 -24.23 23.41 15.80
N SER C 176 -24.42 22.10 15.94
CA SER C 176 -25.21 21.37 14.98
C SER C 176 -26.70 21.58 15.25
N THR C 177 -27.53 21.09 14.33
CA THR C 177 -28.97 21.33 14.44
C THR C 177 -29.56 20.66 15.67
N ILE C 178 -29.08 19.45 16.00
CA ILE C 178 -29.66 18.71 17.12
C ILE C 178 -29.35 19.41 18.44
N VAL C 179 -28.09 19.79 18.66
CA VAL C 179 -27.72 20.41 19.93
C VAL C 179 -28.30 21.81 20.05
N LEU C 180 -28.27 22.58 18.96
CA LEU C 180 -28.75 23.97 19.02
C LEU C 180 -30.25 24.03 19.30
N ASN C 181 -31.02 23.11 18.71
CA ASN C 181 -32.44 23.03 19.05
C ASN C 181 -32.63 22.65 20.51
N GLU C 182 -31.81 21.73 21.01
CA GLU C 182 -31.89 21.34 22.41
C GLU C 182 -31.49 22.49 23.33
N LEU C 183 -30.52 23.30 22.91
CA LEU C 183 -30.07 24.41 23.72
C LEU C 183 -31.07 25.56 23.77
N ASN C 184 -32.12 25.53 22.95
CA ASN C 184 -33.12 26.58 22.98
C ASN C 184 -34.25 26.27 23.96
N TRP C 185 -34.92 25.14 23.79
CA TRP C 185 -36.06 24.82 24.64
C TRP C 185 -35.63 24.48 26.06
N THR C 186 -34.35 24.22 26.28
CA THR C 186 -33.87 23.94 27.62
C THR C 186 -33.53 25.22 28.36
N SER C 187 -33.43 26.34 27.63
CA SER C 187 -33.14 27.62 28.28
C SER C 187 -34.28 28.08 29.17
N ALA C 188 -35.47 27.48 29.04
CA ALA C 188 -36.57 27.78 29.93
C ALA C 188 -36.48 27.03 31.26
N LEU C 189 -35.52 26.12 31.40
CA LEU C 189 -35.32 25.41 32.65
C LEU C 189 -34.55 26.25 33.66
N ASP C 190 -33.90 27.33 33.24
CA ASP C 190 -33.12 28.14 34.17
C ASP C 190 -34.00 28.85 35.17
N GLU C 191 -35.23 29.19 34.80
CA GLU C 191 -36.14 29.81 35.75
C GLU C 191 -36.62 28.81 36.80
N VAL C 192 -36.96 27.59 36.38
CA VAL C 192 -37.38 26.57 37.33
C VAL C 192 -36.21 26.15 38.21
N PHE C 193 -35.00 26.17 37.68
CA PHE C 193 -33.82 25.85 38.49
C PHE C 193 -33.69 26.82 39.66
N LYS C 194 -33.96 28.11 39.42
CA LYS C 194 -33.90 29.08 40.50
C LYS C 194 -35.08 28.93 41.46
N LYS C 195 -36.29 28.76 40.91
CA LYS C 195 -37.47 28.66 41.76
C LYS C 195 -37.34 27.52 42.77
N ASN C 196 -36.65 26.44 42.40
CA ASN C 196 -36.38 25.37 43.34
C ASN C 196 -35.38 25.81 44.40
N ARG C 197 -34.40 26.64 44.03
CA ARG C 197 -33.36 27.03 44.96
C ARG C 197 -33.86 28.07 45.96
N GLU C 198 -34.67 29.03 45.51
CA GLU C 198 -35.25 29.99 46.44
C GLU C 198 -36.23 29.32 47.39
N GLU C 199 -36.96 28.31 46.91
CA GLU C 199 -37.87 27.58 47.78
C GLU C 199 -37.13 26.66 48.73
N ASP C 200 -35.91 26.24 48.39
CA ASP C 200 -35.11 25.37 49.25
C ASP C 200 -33.65 25.78 49.14
N PRO C 201 -33.20 26.69 50.01
CA PRO C 201 -31.83 27.20 49.89
C PRO C 201 -30.75 26.15 50.03
N SER C 202 -31.01 25.07 50.76
CA SER C 202 -30.01 24.01 50.96
C SER C 202 -30.16 22.92 49.92
N LEU C 203 -30.06 23.32 48.66
CA LEU C 203 -30.26 22.43 47.52
C LEU C 203 -28.96 22.30 46.74
N LEU C 204 -28.61 21.06 46.42
CA LEU C 204 -27.39 20.74 45.69
C LEU C 204 -27.69 20.71 44.19
N TRP C 205 -26.79 20.14 43.40
CA TRP C 205 -26.90 20.17 41.94
C TRP C 205 -28.26 19.65 41.46
N GLN C 206 -28.86 20.40 40.54
CA GLN C 206 -29.99 19.93 39.74
C GLN C 206 -29.54 19.90 38.30
N VAL C 207 -29.71 18.75 37.65
CA VAL C 207 -29.17 18.52 36.32
C VAL C 207 -30.22 17.86 35.45
N PHE C 208 -30.28 18.26 34.18
CA PHE C 208 -31.12 17.62 33.18
C PHE C 208 -30.21 16.99 32.14
N GLY C 209 -30.10 15.66 32.17
CA GLY C 209 -29.29 14.96 31.20
C GLY C 209 -30.06 14.63 29.95
N SER C 210 -29.76 15.30 28.84
CA SER C 210 -30.51 15.12 27.61
C SER C 210 -30.12 13.82 26.92
N ALA C 211 -31.08 13.26 26.18
CA ALA C 211 -30.77 12.14 25.30
C ALA C 211 -29.89 12.57 24.14
N THR C 212 -29.80 13.87 23.87
CA THR C 212 -28.87 14.38 22.87
C THR C 212 -27.43 14.11 23.27
N GLY C 213 -27.13 14.27 24.57
CA GLY C 213 -25.80 14.01 25.07
C GLY C 213 -25.30 15.11 25.99
N LEU C 214 -25.98 16.25 25.97
CA LEU C 214 -25.57 17.38 26.78
C LEU C 214 -26.28 17.36 28.13
N ALA C 215 -25.62 17.97 29.13
CA ALA C 215 -26.16 18.08 30.47
C ALA C 215 -26.19 19.54 30.87
N ARG C 216 -27.35 20.03 31.31
CA ARG C 216 -27.52 21.39 31.77
C ARG C 216 -27.81 21.36 33.26
N TYR C 217 -26.88 21.88 34.06
CA TYR C 217 -26.96 21.80 35.51
C TYR C 217 -26.89 23.19 36.13
N TYR C 218 -27.47 23.30 37.33
CA TYR C 218 -27.55 24.53 38.09
C TYR C 218 -27.14 24.27 39.53
N PRO C 219 -26.35 25.17 40.15
CA PRO C 219 -25.82 26.43 39.63
C PRO C 219 -24.66 26.24 38.66
N ALA C 220 -24.23 27.32 38.00
CA ALA C 220 -23.19 27.22 36.98
C ALA C 220 -21.82 27.18 37.64
N SER C 221 -21.07 26.12 37.37
CA SER C 221 -19.70 25.97 37.84
C SER C 221 -18.85 25.47 36.68
N PRO C 222 -17.57 25.84 36.64
CA PRO C 222 -16.70 25.33 35.58
C PRO C 222 -16.48 23.83 35.72
N TRP C 223 -16.27 23.17 34.59
CA TRP C 223 -16.05 21.74 34.62
C TRP C 223 -14.68 21.42 35.20
N VAL C 224 -14.55 20.20 35.72
CA VAL C 224 -13.32 19.74 36.34
C VAL C 224 -12.17 19.72 35.34
N LYS C 232 -5.75 16.22 31.35
CA LYS C 232 -5.96 15.03 30.55
C LYS C 232 -7.18 15.16 29.66
N ILE C 233 -7.73 14.03 29.24
CA ILE C 233 -8.89 14.01 28.36
C ILE C 233 -10.16 13.93 29.19
N ASP C 234 -11.26 14.38 28.59
CA ASP C 234 -12.57 14.38 29.24
C ASP C 234 -13.47 13.40 28.51
N LEU C 235 -13.84 12.32 29.18
CA LEU C 235 -14.69 11.28 28.60
C LEU C 235 -16.05 11.20 29.26
N TYR C 236 -16.46 12.27 29.94
CA TYR C 236 -17.76 12.28 30.60
C TYR C 236 -18.88 12.27 29.56
N ASP C 237 -19.88 11.43 29.79
CA ASP C 237 -21.10 11.40 29.00
C ASP C 237 -22.27 11.21 29.95
N VAL C 238 -23.24 12.13 29.91
CA VAL C 238 -24.32 12.09 30.87
C VAL C 238 -25.18 10.84 30.69
N ARG C 239 -25.24 10.29 29.47
CA ARG C 239 -26.08 9.14 29.21
C ARG C 239 -25.52 7.85 29.79
N ARG C 240 -24.25 7.84 30.19
CA ARG C 240 -23.62 6.68 30.81
C ARG C 240 -23.63 6.73 32.32
N ARG C 241 -24.08 7.83 32.93
CA ARG C 241 -24.05 7.96 34.37
C ARG C 241 -25.05 7.00 35.01
N PRO C 242 -24.72 6.47 36.20
CA PRO C 242 -25.64 5.55 36.86
C PRO C 242 -27.00 6.15 37.15
N TRP C 243 -27.07 7.45 37.45
CA TRP C 243 -28.37 8.06 37.73
C TRP C 243 -29.20 8.23 36.46
N TYR C 244 -28.55 8.43 35.31
CA TYR C 244 -29.28 8.48 34.05
C TYR C 244 -29.75 7.09 33.64
N ILE C 245 -28.89 6.08 33.78
CA ILE C 245 -29.23 4.75 33.30
C ILE C 245 -30.38 4.14 34.09
N GLN C 246 -30.44 4.43 35.40
CA GLN C 246 -31.49 3.86 36.22
C GLN C 246 -32.85 4.48 35.95
N GLY C 247 -32.90 5.67 35.34
CA GLY C 247 -34.16 6.30 35.04
C GLY C 247 -34.55 6.19 33.58
N ALA C 248 -33.60 5.83 32.72
CA ALA C 248 -33.89 5.66 31.31
C ALA C 248 -34.65 4.36 31.03
N ALA C 249 -34.57 3.39 31.93
CA ALA C 249 -35.23 2.11 31.73
C ALA C 249 -35.35 1.40 33.08
N SER C 250 -35.95 0.22 33.05
CA SER C 250 -36.14 -0.63 34.22
C SER C 250 -35.00 -1.64 34.32
N PRO C 251 -34.88 -2.33 35.45
CA PRO C 251 -33.87 -3.39 35.56
C PRO C 251 -34.04 -4.44 34.46
N LYS C 252 -32.97 -5.19 34.22
CA LYS C 252 -32.93 -6.11 33.10
C LYS C 252 -32.30 -7.43 33.53
N ASP C 253 -32.33 -8.39 32.60
CA ASP C 253 -31.75 -9.72 32.76
C ASP C 253 -30.81 -10.01 31.61
N MET C 254 -29.90 -9.08 31.34
CA MET C 254 -29.02 -9.17 30.18
C MET C 254 -28.21 -10.46 30.21
N LEU C 255 -28.07 -11.09 29.05
CA LEU C 255 -27.23 -12.26 28.87
C LEU C 255 -26.42 -12.06 27.61
N ILE C 256 -25.12 -11.86 27.76
CA ILE C 256 -24.24 -11.51 26.65
C ILE C 256 -23.79 -12.78 25.95
N LEU C 257 -23.98 -12.84 24.64
CA LEU C 257 -23.49 -13.93 23.81
C LEU C 257 -22.29 -13.45 23.02
N VAL C 258 -21.19 -14.18 23.10
CA VAL C 258 -19.94 -13.81 22.45
C VAL C 258 -19.58 -14.89 21.45
N ASP C 259 -19.32 -14.49 20.22
CA ASP C 259 -18.90 -15.41 19.16
C ASP C 259 -17.38 -15.52 19.18
N VAL C 260 -16.88 -16.71 19.52
CA VAL C 260 -15.44 -16.92 19.65
C VAL C 260 -14.98 -17.91 18.60
N SER C 261 -15.64 -17.92 17.45
CA SER C 261 -15.18 -18.74 16.34
C SER C 261 -13.87 -18.18 15.79
N GLY C 262 -13.30 -18.89 14.82
CA GLY C 262 -11.99 -18.50 14.31
C GLY C 262 -12.00 -17.17 13.60
N SER C 263 -13.09 -16.85 12.90
CA SER C 263 -13.13 -15.66 12.06
C SER C 263 -13.05 -14.38 12.86
N VAL C 264 -13.26 -14.41 14.18
CA VAL C 264 -13.21 -13.20 14.99
C VAL C 264 -11.84 -12.94 15.58
N SER C 265 -10.87 -13.82 15.33
CA SER C 265 -9.53 -13.64 15.87
C SER C 265 -8.84 -12.44 15.23
N GLY C 266 -8.02 -11.77 16.04
CA GLY C 266 -7.30 -10.60 15.55
C GLY C 266 -7.80 -9.31 16.15
N LEU C 267 -8.16 -8.35 15.30
CA LEU C 267 -8.67 -7.07 15.79
C LEU C 267 -10.08 -7.20 16.33
N THR C 268 -10.90 -8.05 15.72
CA THR C 268 -12.29 -8.18 16.15
C THR C 268 -12.37 -8.70 17.57
N LEU C 269 -11.52 -9.67 17.93
CA LEU C 269 -11.58 -10.25 19.27
C LEU C 269 -11.25 -9.22 20.34
N LYS C 270 -10.25 -8.37 20.10
CA LYS C 270 -9.92 -7.36 21.09
C LYS C 270 -10.92 -6.21 21.10
N LEU C 271 -11.68 -6.03 20.02
CA LEU C 271 -12.79 -5.09 20.05
C LEU C 271 -13.99 -5.67 20.79
N ILE C 272 -14.23 -6.98 20.63
CA ILE C 272 -15.32 -7.63 21.34
C ILE C 272 -15.05 -7.64 22.84
N ARG C 273 -13.79 -7.85 23.22
CA ARG C 273 -13.44 -7.81 24.64
C ARG C 273 -13.68 -6.44 25.24
N THR C 274 -13.36 -5.38 24.50
CA THR C 274 -13.58 -4.03 25.01
C THR C 274 -15.05 -3.65 24.93
N SER C 275 -15.76 -4.15 23.93
CA SER C 275 -17.19 -3.84 23.81
C SER C 275 -17.98 -4.52 24.93
N VAL C 276 -17.63 -5.75 25.27
CA VAL C 276 -18.32 -6.44 26.35
C VAL C 276 -17.99 -5.78 27.69
N SER C 277 -16.72 -5.41 27.89
CA SER C 277 -16.33 -4.76 29.14
C SER C 277 -17.02 -3.42 29.30
N GLU C 278 -17.12 -2.64 28.22
CA GLU C 278 -17.83 -1.37 28.30
C GLU C 278 -19.33 -1.55 28.39
N MET C 279 -19.85 -2.73 28.01
CA MET C 279 -21.28 -2.99 28.15
C MET C 279 -21.65 -3.31 29.59
N LEU C 280 -20.74 -3.94 30.34
CA LEU C 280 -21.00 -4.22 31.75
C LEU C 280 -21.03 -2.95 32.59
N GLU C 281 -20.48 -1.85 32.08
CA GLU C 281 -20.52 -0.59 32.82
C GLU C 281 -21.91 0.02 32.85
N THR C 282 -22.82 -0.46 32.02
CA THR C 282 -24.19 0.04 31.99
C THR C 282 -25.13 -0.75 32.89
N LEU C 283 -24.61 -1.70 33.66
CA LEU C 283 -25.41 -2.54 34.53
C LEU C 283 -25.19 -2.12 35.98
N SER C 284 -26.21 -2.34 36.80
CA SER C 284 -26.20 -1.93 38.20
C SER C 284 -26.50 -3.14 39.09
N ASP C 285 -26.70 -2.87 40.38
CA ASP C 285 -26.98 -3.94 41.34
C ASP C 285 -28.38 -4.52 41.16
N ASP C 286 -29.28 -3.79 40.50
CA ASP C 286 -30.62 -4.30 40.24
C ASP C 286 -30.69 -5.14 38.97
N ASP C 287 -29.64 -5.14 38.15
CA ASP C 287 -29.61 -5.89 36.91
C ASP C 287 -28.83 -7.18 37.11
N PHE C 288 -29.23 -8.21 36.38
CA PHE C 288 -28.60 -9.53 36.48
C PHE C 288 -28.04 -9.92 35.12
N VAL C 289 -26.78 -10.36 35.11
CA VAL C 289 -26.04 -10.56 33.87
C VAL C 289 -25.27 -11.87 33.92
N ASN C 290 -24.98 -12.40 32.73
CA ASN C 290 -24.06 -13.51 32.55
C ASN C 290 -23.47 -13.41 31.14
N VAL C 291 -22.23 -13.85 31.00
CA VAL C 291 -21.54 -13.84 29.72
C VAL C 291 -21.30 -15.29 29.29
N ALA C 292 -21.69 -15.62 28.06
CA ALA C 292 -21.50 -16.95 27.52
C ALA C 292 -20.90 -16.85 26.12
N SER C 293 -20.10 -17.84 25.77
CA SER C 293 -19.43 -17.90 24.48
C SER C 293 -19.76 -19.20 23.77
N PHE C 294 -19.65 -19.20 22.45
CA PHE C 294 -20.01 -20.37 21.67
C PHE C 294 -19.18 -20.44 20.39
N ASN C 295 -18.64 -21.63 20.11
CA ASN C 295 -17.98 -21.94 18.84
C ASN C 295 -18.21 -23.43 18.59
N SER C 296 -19.30 -23.74 17.88
CA SER C 296 -19.77 -25.10 17.66
C SER C 296 -20.13 -25.80 18.97
N ASN C 297 -20.02 -25.07 20.09
CA ASN C 297 -20.37 -25.57 21.41
C ASN C 297 -20.52 -24.38 22.33
N ALA C 298 -21.69 -24.21 22.93
CA ALA C 298 -21.96 -23.07 23.79
C ALA C 298 -21.60 -23.41 25.23
N GLN C 299 -20.89 -22.50 25.89
CA GLN C 299 -20.45 -22.73 27.26
C GLN C 299 -20.34 -21.39 27.97
N ASP C 300 -20.35 -21.45 29.30
CA ASP C 300 -20.14 -20.25 30.09
C ASP C 300 -18.68 -19.80 30.00
N VAL C 301 -18.46 -18.51 30.24
CA VAL C 301 -17.12 -17.95 30.17
C VAL C 301 -16.42 -17.94 31.52
N SER C 302 -17.16 -18.14 32.62
CA SER C 302 -16.61 -17.97 33.96
C SER C 302 -17.21 -19.06 34.85
N CYS C 303 -17.06 -18.87 36.17
CA CYS C 303 -17.43 -19.86 37.18
C CYS C 303 -18.85 -19.70 37.68
N PHE C 304 -19.76 -19.15 36.88
CA PHE C 304 -21.07 -18.76 37.39
C PHE C 304 -22.18 -19.72 36.98
N GLN C 305 -22.35 -19.97 35.68
CA GLN C 305 -23.33 -20.88 35.11
C GLN C 305 -24.77 -20.38 35.24
N HIS C 306 -25.00 -19.20 35.80
CA HIS C 306 -26.35 -18.62 35.84
C HIS C 306 -26.21 -17.11 36.03
N LEU C 307 -27.35 -16.44 35.95
CA LEU C 307 -27.37 -14.98 36.07
C LEU C 307 -26.97 -14.57 37.49
N VAL C 308 -26.04 -13.63 37.59
CA VAL C 308 -25.56 -13.13 38.87
C VAL C 308 -25.99 -11.68 39.03
N GLN C 309 -25.82 -11.15 40.25
CA GLN C 309 -26.43 -9.88 40.61
C GLN C 309 -25.74 -8.67 39.97
N ALA C 310 -24.59 -8.88 39.31
CA ALA C 310 -23.91 -7.82 38.57
C ALA C 310 -23.57 -6.63 39.46
N ASN C 311 -23.01 -6.93 40.62
CA ASN C 311 -22.47 -5.89 41.50
C ASN C 311 -21.00 -5.67 41.16
N VAL C 312 -20.29 -4.92 41.99
CA VAL C 312 -18.91 -4.57 41.68
C VAL C 312 -18.03 -5.82 41.66
N ARG C 313 -18.20 -6.71 42.64
CA ARG C 313 -17.36 -7.90 42.72
C ARG C 313 -17.64 -8.86 41.57
N ASN C 314 -18.91 -9.10 41.25
CA ASN C 314 -19.25 -10.07 40.22
C ASN C 314 -18.88 -9.58 38.83
N LYS C 315 -18.96 -8.27 38.58
CA LYS C 315 -18.64 -7.74 37.26
C LYS C 315 -17.16 -7.86 36.94
N LYS C 316 -16.30 -7.92 37.95
CA LYS C 316 -14.88 -8.10 37.69
C LYS C 316 -14.55 -9.53 37.29
N VAL C 317 -15.27 -10.50 37.84
CA VAL C 317 -15.06 -11.90 37.45
C VAL C 317 -15.38 -12.08 35.98
N LEU C 318 -16.48 -11.47 35.52
CA LEU C 318 -16.83 -11.56 34.11
C LEU C 318 -15.84 -10.80 33.23
N LYS C 319 -15.31 -9.67 33.74
CA LYS C 319 -14.35 -8.91 32.95
C LYS C 319 -13.04 -9.67 32.79
N ASP C 320 -12.55 -10.31 33.85
CA ASP C 320 -11.33 -11.10 33.73
C ASP C 320 -11.54 -12.31 32.84
N ALA C 321 -12.69 -12.97 32.95
CA ALA C 321 -12.98 -14.13 32.12
C ALA C 321 -13.08 -13.74 30.65
N VAL C 322 -13.75 -12.62 30.35
CA VAL C 322 -13.94 -12.22 28.96
C VAL C 322 -12.65 -11.68 28.36
N ASN C 323 -11.67 -11.36 29.19
CA ASN C 323 -10.36 -10.91 28.72
C ASN C 323 -9.38 -12.05 28.56
N ASN C 324 -9.83 -13.30 28.73
CA ASN C 324 -8.96 -14.47 28.63
C ASN C 324 -9.46 -15.46 27.58
N ILE C 325 -10.37 -15.04 26.72
CA ILE C 325 -10.96 -15.93 25.72
C ILE C 325 -10.10 -15.95 24.47
N THR C 326 -10.04 -17.12 23.83
CA THR C 326 -9.35 -17.30 22.57
C THR C 326 -10.36 -17.69 21.49
N ALA C 327 -10.01 -17.41 20.25
CA ALA C 327 -10.90 -17.63 19.12
C ALA C 327 -10.42 -18.84 18.32
N LYS C 328 -11.30 -19.82 18.16
CA LYS C 328 -11.05 -20.99 17.32
C LYS C 328 -12.35 -21.78 17.21
N GLY C 329 -12.52 -22.44 16.08
CA GLY C 329 -13.68 -23.28 15.84
C GLY C 329 -14.59 -22.73 14.76
N ILE C 330 -15.80 -23.28 14.73
CA ILE C 330 -16.80 -22.94 13.72
C ILE C 330 -18.04 -22.40 14.44
N THR C 331 -18.61 -21.32 13.91
CA THR C 331 -19.81 -20.74 14.50
C THR C 331 -20.99 -21.69 14.40
N ASP C 332 -21.81 -21.71 15.45
CA ASP C 332 -23.04 -22.52 15.49
C ASP C 332 -24.07 -21.71 16.25
N TYR C 333 -24.95 -21.01 15.51
CA TYR C 333 -25.91 -20.13 16.15
C TYR C 333 -27.03 -20.91 16.85
N LYS C 334 -27.37 -22.09 16.33
CA LYS C 334 -28.43 -22.88 16.96
C LYS C 334 -28.04 -23.32 18.35
N LYS C 335 -26.79 -23.78 18.53
CA LYS C 335 -26.34 -24.17 19.86
C LYS C 335 -26.05 -22.97 20.74
N GLY C 336 -25.60 -21.86 20.17
CA GLY C 336 -25.35 -20.67 20.96
C GLY C 336 -26.63 -20.05 21.50
N PHE C 337 -27.70 -20.08 20.71
CA PHE C 337 -28.95 -19.46 21.14
C PHE C 337 -29.79 -20.40 22.00
N SER C 338 -29.61 -21.71 21.85
CA SER C 338 -30.29 -22.64 22.75
C SER C 338 -29.77 -22.49 24.18
N PHE C 339 -28.45 -22.31 24.32
CA PHE C 339 -27.87 -22.06 25.64
C PHE C 339 -28.35 -20.73 26.20
N ALA C 340 -28.48 -19.71 25.34
CA ALA C 340 -28.92 -18.41 25.81
C ALA C 340 -30.35 -18.44 26.33
N PHE C 341 -31.24 -19.12 25.62
CA PHE C 341 -32.63 -19.15 26.06
C PHE C 341 -32.82 -20.02 27.30
N GLU C 342 -32.04 -21.08 27.44
CA GLU C 342 -32.10 -21.90 28.65
C GLU C 342 -31.63 -21.12 29.87
N GLN C 343 -30.66 -20.22 29.70
CA GLN C 343 -30.17 -19.45 30.83
C GLN C 343 -31.21 -18.46 31.35
N LEU C 344 -32.12 -18.03 30.49
CA LEU C 344 -33.14 -17.05 30.86
C LEU C 344 -34.44 -17.69 31.34
N LEU C 345 -34.50 -19.02 31.42
CA LEU C 345 -35.67 -19.73 31.94
C LEU C 345 -35.35 -20.49 33.23
N ASN C 346 -34.25 -20.13 33.90
CA ASN C 346 -33.81 -20.85 35.09
C ASN C 346 -34.84 -20.77 36.21
N TYR C 347 -35.06 -19.57 36.73
CA TYR C 347 -36.02 -19.30 37.80
C TYR C 347 -35.70 -20.05 39.10
N ASN C 348 -34.59 -20.79 39.13
CA ASN C 348 -34.14 -21.40 40.37
C ASN C 348 -33.36 -20.42 41.24
N VAL C 349 -32.93 -19.30 40.67
CA VAL C 349 -32.06 -18.35 41.34
C VAL C 349 -32.74 -17.00 41.42
N SER C 350 -32.14 -16.08 42.17
CA SER C 350 -32.67 -14.73 42.25
C SER C 350 -32.41 -13.99 40.95
N ARG C 351 -33.44 -13.34 40.44
CA ARG C 351 -33.36 -12.64 39.15
C ARG C 351 -34.04 -11.29 39.31
N ALA C 352 -34.19 -10.59 38.19
CA ALA C 352 -34.89 -9.31 38.18
C ALA C 352 -36.36 -9.42 37.77
N ASN C 353 -36.74 -10.50 37.09
CA ASN C 353 -38.11 -10.68 36.60
C ASN C 353 -38.56 -9.48 35.77
N CYS C 354 -37.65 -9.02 34.92
CA CYS C 354 -37.86 -7.83 34.11
C CYS C 354 -37.25 -8.12 32.74
N ASN C 355 -36.97 -7.06 31.98
CA ASN C 355 -36.47 -7.15 30.61
C ASN C 355 -35.48 -8.29 30.45
N LYS C 356 -35.80 -9.23 29.56
CA LYS C 356 -34.94 -10.37 29.27
C LYS C 356 -34.37 -10.16 27.87
N ILE C 357 -33.08 -9.87 27.79
CA ILE C 357 -32.44 -9.46 26.56
C ILE C 357 -31.21 -10.32 26.32
N ILE C 358 -30.92 -10.57 25.04
CA ILE C 358 -29.76 -11.34 24.62
C ILE C 358 -28.90 -10.43 23.75
N MET C 359 -27.64 -10.28 24.12
CA MET C 359 -26.69 -9.46 23.37
C MET C 359 -25.76 -10.37 22.59
N LEU C 360 -25.85 -10.32 21.26
CA LEU C 360 -25.03 -11.15 20.39
C LEU C 360 -23.88 -10.31 19.86
N PHE C 361 -22.67 -10.58 20.35
CA PHE C 361 -21.46 -9.91 19.89
C PHE C 361 -20.78 -10.83 18.89
N THR C 362 -20.93 -10.52 17.60
CA THR C 362 -20.41 -11.34 16.52
C THR C 362 -19.78 -10.43 15.48
N ASP C 363 -19.44 -11.00 14.33
CA ASP C 363 -18.97 -10.24 13.19
C ASP C 363 -19.92 -10.34 12.00
N GLY C 364 -20.28 -11.56 11.60
CA GLY C 364 -21.17 -11.76 10.48
C GLY C 364 -21.25 -13.21 10.07
N GLY C 365 -22.46 -13.67 9.74
CA GLY C 365 -22.64 -15.05 9.36
C GLY C 365 -23.61 -15.23 8.20
N GLU C 366 -24.12 -16.44 8.02
CA GLU C 366 -25.09 -16.73 6.97
C GLU C 366 -26.26 -17.55 7.49
N GLU C 367 -26.36 -17.77 8.80
CA GLU C 367 -27.41 -18.60 9.38
C GLU C 367 -28.44 -17.69 10.05
N ARG C 368 -29.70 -17.81 9.61
CA ARG C 368 -30.78 -17.06 10.23
C ARG C 368 -31.20 -17.64 11.57
N ALA C 369 -30.94 -18.93 11.80
CA ALA C 369 -31.33 -19.62 13.04
C ALA C 369 -32.82 -19.45 13.30
N GLN C 370 -33.63 -19.62 12.25
CA GLN C 370 -35.07 -19.40 12.38
C GLN C 370 -35.71 -20.40 13.33
N GLU C 371 -35.36 -21.68 13.21
CA GLU C 371 -36.06 -22.72 13.97
C GLU C 371 -35.93 -22.52 15.47
N ILE C 372 -34.85 -21.87 15.92
CA ILE C 372 -34.67 -21.62 17.35
C ILE C 372 -35.65 -20.57 17.84
N PHE C 373 -35.81 -19.48 17.08
CA PHE C 373 -36.60 -18.34 17.56
C PHE C 373 -38.09 -18.67 17.59
N ASN C 374 -38.59 -19.39 16.58
CA ASN C 374 -39.99 -19.82 16.62
C ASN C 374 -40.23 -20.94 17.62
N LYS C 375 -39.18 -21.46 18.26
CA LYS C 375 -39.34 -22.49 19.28
C LYS C 375 -39.38 -21.89 20.68
N TYR C 376 -38.40 -21.03 21.01
CA TYR C 376 -38.30 -20.52 22.37
C TYR C 376 -39.20 -19.30 22.58
N ASN C 377 -38.90 -18.20 21.90
CA ASN C 377 -39.68 -16.96 22.05
C ASN C 377 -40.70 -16.79 20.93
N LYS C 378 -41.64 -17.74 20.90
CA LYS C 378 -42.73 -17.67 19.93
C LYS C 378 -43.59 -16.42 20.14
N ASP C 379 -43.77 -15.99 21.38
CA ASP C 379 -44.53 -14.79 21.69
C ASP C 379 -43.66 -13.54 21.76
N LYS C 380 -42.37 -13.66 21.44
CA LYS C 380 -41.43 -12.52 21.40
C LYS C 380 -41.39 -11.79 22.75
N LYS C 381 -41.16 -12.55 23.80
CA LYS C 381 -41.00 -12.00 25.14
C LYS C 381 -39.53 -11.76 25.50
N VAL C 382 -38.61 -11.98 24.57
CA VAL C 382 -37.18 -11.80 24.80
C VAL C 382 -36.63 -10.96 23.66
N ARG C 383 -36.07 -9.79 23.99
CA ARG C 383 -35.44 -8.96 22.98
C ARG C 383 -34.07 -9.52 22.61
N VAL C 384 -33.65 -9.26 21.38
CA VAL C 384 -32.34 -9.69 20.88
C VAL C 384 -31.67 -8.47 20.26
N PHE C 385 -30.56 -8.03 20.86
CA PHE C 385 -29.74 -6.96 20.33
C PHE C 385 -28.48 -7.56 19.75
N THR C 386 -28.23 -7.30 18.47
CA THR C 386 -27.09 -7.88 17.77
C THR C 386 -26.10 -6.80 17.39
N PHE C 387 -24.82 -7.09 17.62
CA PHE C 387 -23.74 -6.15 17.35
C PHE C 387 -22.79 -6.75 16.32
N SER C 388 -22.43 -5.96 15.32
CA SER C 388 -21.46 -6.36 14.30
C SER C 388 -20.18 -5.59 14.58
N VAL C 389 -19.13 -6.32 14.97
CA VAL C 389 -17.90 -5.74 15.47
C VAL C 389 -16.77 -6.03 14.50
N GLY C 390 -16.00 -5.01 14.16
CA GLY C 390 -14.80 -5.16 13.37
C GLY C 390 -14.98 -4.66 11.94
N GLN C 391 -13.85 -4.63 11.22
CA GLN C 391 -13.82 -4.28 9.81
C GLN C 391 -13.80 -5.57 9.00
N HIS C 392 -14.93 -5.87 8.35
CA HIS C 392 -15.06 -7.09 7.59
C HIS C 392 -16.12 -6.90 6.52
N ASN C 393 -16.24 -7.90 5.65
CA ASN C 393 -17.20 -7.88 4.56
C ASN C 393 -18.17 -9.06 4.63
N TYR C 394 -18.32 -9.68 5.80
CA TYR C 394 -19.26 -10.77 5.96
C TYR C 394 -20.69 -10.26 5.84
N ASP C 395 -21.59 -11.18 5.50
CA ASP C 395 -22.99 -10.82 5.33
C ASP C 395 -23.61 -10.47 6.67
N ARG C 396 -24.19 -9.28 6.76
CA ARG C 396 -24.86 -8.82 7.97
C ARG C 396 -26.36 -9.07 7.94
N GLY C 397 -26.87 -9.70 6.89
CA GLY C 397 -28.30 -9.92 6.74
C GLY C 397 -28.94 -10.72 7.85
N PRO C 398 -28.40 -11.92 8.13
CA PRO C 398 -28.94 -12.69 9.26
C PRO C 398 -28.83 -11.96 10.59
N ILE C 399 -27.75 -11.21 10.79
CA ILE C 399 -27.57 -10.45 12.03
C ILE C 399 -28.60 -9.34 12.12
N GLN C 400 -28.89 -8.68 10.99
CA GLN C 400 -29.87 -7.61 11.01
C GLN C 400 -31.29 -8.14 11.10
N TRP C 401 -31.52 -9.37 10.63
CA TRP C 401 -32.89 -9.91 10.62
C TRP C 401 -33.32 -10.34 12.02
N MET C 402 -32.53 -11.18 12.68
CA MET C 402 -32.89 -11.65 14.01
C MET C 402 -32.87 -10.53 15.04
N ALA C 403 -32.20 -9.42 14.74
CA ALA C 403 -32.18 -8.29 15.67
C ALA C 403 -33.56 -7.69 15.83
N CYS C 404 -34.22 -7.36 14.73
CA CYS C 404 -35.52 -6.70 14.78
C CYS C 404 -36.67 -7.62 14.40
N GLU C 405 -36.42 -8.93 14.30
CA GLU C 405 -37.52 -9.88 14.33
C GLU C 405 -37.92 -10.24 15.76
N ASN C 406 -37.14 -9.82 16.74
CA ASN C 406 -37.37 -10.12 18.15
C ASN C 406 -37.36 -8.84 18.98
N LYS C 407 -37.94 -7.77 18.44
CA LYS C 407 -38.12 -6.50 19.17
C LYS C 407 -36.79 -5.96 19.69
N GLY C 408 -35.76 -6.00 18.86
CA GLY C 408 -34.46 -5.54 19.29
C GLY C 408 -33.90 -4.42 18.45
N TYR C 409 -32.59 -4.40 18.29
CA TYR C 409 -31.91 -3.36 17.51
C TYR C 409 -30.59 -3.92 17.00
N TYR C 410 -30.08 -3.31 15.93
CA TYR C 410 -28.84 -3.74 15.32
C TYR C 410 -27.83 -2.61 15.42
N TYR C 411 -26.62 -2.94 15.87
CA TYR C 411 -25.57 -1.95 16.08
C TYR C 411 -24.29 -2.42 15.39
N GLU C 412 -23.49 -1.45 14.94
CA GLU C 412 -22.21 -1.71 14.30
C GLU C 412 -21.11 -1.04 15.09
N ILE C 413 -20.02 -1.78 15.33
CA ILE C 413 -18.88 -1.26 16.08
C ILE C 413 -17.62 -1.50 15.25
N PRO C 414 -17.28 -0.58 14.33
CA PRO C 414 -16.13 -0.82 13.45
C PRO C 414 -14.78 -0.43 14.03
N SER C 415 -14.74 0.41 15.07
CA SER C 415 -13.48 0.85 15.64
C SER C 415 -13.66 1.13 17.13
N ILE C 416 -12.57 1.53 17.78
CA ILE C 416 -12.61 1.80 19.21
C ILE C 416 -13.49 3.00 19.51
N GLY C 417 -13.50 4.00 18.63
CA GLY C 417 -14.29 5.19 18.86
C GLY C 417 -15.78 4.92 18.90
N ALA C 418 -16.22 3.87 18.22
CA ALA C 418 -17.64 3.51 18.17
C ALA C 418 -18.05 2.58 19.31
N ILE C 419 -17.11 2.13 20.14
CA ILE C 419 -17.46 1.23 21.24
C ILE C 419 -18.29 1.95 22.28
N ARG C 420 -17.86 3.15 22.67
CA ARG C 420 -18.50 3.85 23.78
C ARG C 420 -19.92 4.26 23.45
N ILE C 421 -20.16 4.73 22.23
CA ILE C 421 -21.48 5.28 21.89
C ILE C 421 -22.48 4.20 21.50
N ASN C 422 -22.02 3.02 21.10
CA ASN C 422 -22.92 1.98 20.63
C ASN C 422 -23.31 0.98 21.71
N THR C 423 -22.53 0.87 22.78
CA THR C 423 -22.88 -0.01 23.89
C THR C 423 -23.74 0.68 24.93
N GLN C 424 -24.14 1.93 24.69
CA GLN C 424 -25.04 2.65 25.58
C GLN C 424 -26.40 2.91 24.97
N GLU C 425 -26.56 2.75 23.66
CA GLU C 425 -27.78 3.17 22.97
C GLU C 425 -28.88 2.12 23.02
N TYR C 426 -28.63 0.94 23.59
CA TYR C 426 -29.68 -0.07 23.68
C TYR C 426 -30.75 0.30 24.68
N LEU C 427 -30.53 1.33 25.51
CA LEU C 427 -31.51 1.75 26.49
C LEU C 427 -32.65 2.54 25.88
N ASP C 428 -32.49 3.02 24.64
CA ASP C 428 -33.62 3.65 23.95
C ASP C 428 -34.69 2.63 23.62
N VAL C 429 -34.29 1.43 23.21
CA VAL C 429 -35.25 0.37 22.92
C VAL C 429 -35.96 -0.08 24.20
N LEU C 430 -35.21 -0.23 25.28
CA LEU C 430 -35.79 -0.68 26.55
C LEU C 430 -36.73 0.36 27.16
N GLY C 431 -36.60 1.62 26.75
CA GLY C 431 -37.45 2.66 27.30
C GLY C 431 -38.80 2.82 26.63
N ARG C 432 -39.05 2.09 25.53
CA ARG C 432 -40.34 2.20 24.85
C ARG C 432 -41.51 1.78 25.74
N PRO C 433 -41.50 0.63 26.42
CA PRO C 433 -42.65 0.29 27.29
C PRO C 433 -42.81 1.23 28.47
N MET C 434 -41.75 1.92 28.88
CA MET C 434 -41.87 2.86 29.98
C MET C 434 -42.58 4.13 29.54
N VAL C 435 -42.31 4.60 28.31
CA VAL C 435 -42.98 5.78 27.80
C VAL C 435 -44.47 5.52 27.60
N LEU C 436 -44.81 4.36 27.04
CA LEU C 436 -46.20 4.05 26.77
C LEU C 436 -47.03 3.91 28.05
N ALA C 437 -46.38 3.63 29.19
CA ALA C 437 -47.10 3.56 30.44
C ALA C 437 -47.58 4.93 30.92
N GLY C 438 -47.05 6.01 30.34
CA GLY C 438 -47.56 7.34 30.62
C GLY C 438 -47.18 7.82 32.02
N ASP C 439 -48.14 8.47 32.68
CA ASP C 439 -47.88 9.05 34.00
C ASP C 439 -47.70 7.99 35.08
N LYS C 440 -48.08 6.74 34.80
CA LYS C 440 -47.83 5.67 35.75
C LYS C 440 -46.34 5.38 35.88
N ALA C 441 -45.59 5.51 34.79
CA ALA C 441 -44.15 5.27 34.80
C ALA C 441 -43.36 6.55 35.08
N LYS C 442 -43.73 7.26 36.14
CA LYS C 442 -43.00 8.46 36.56
C LYS C 442 -42.89 8.40 38.08
N GLN C 443 -41.84 7.75 38.57
CA GLN C 443 -41.58 7.60 39.99
C GLN C 443 -40.14 7.98 40.28
N VAL C 444 -39.94 8.70 41.38
CA VAL C 444 -38.60 9.15 41.76
C VAL C 444 -37.84 7.97 42.36
N GLN C 445 -36.65 7.73 41.83
CA GLN C 445 -35.77 6.67 42.31
C GLN C 445 -34.47 7.29 42.81
N TRP C 446 -33.84 6.62 43.76
CA TRP C 446 -32.60 7.08 44.37
C TRP C 446 -31.50 6.06 44.12
N THR C 447 -30.34 6.56 43.68
CA THR C 447 -29.24 5.70 43.30
C THR C 447 -28.44 5.25 44.53
N ASN C 448 -27.50 4.35 44.29
CA ASN C 448 -26.56 3.97 45.34
C ASN C 448 -25.62 5.14 45.63
N VAL C 449 -24.98 5.08 46.80
CA VAL C 449 -24.04 6.13 47.19
C VAL C 449 -22.85 6.11 46.24
N TYR C 450 -22.52 7.27 45.69
CA TYR C 450 -21.42 7.39 44.75
C TYR C 450 -20.78 8.76 44.91
N LEU C 451 -19.58 8.90 44.35
CA LEU C 451 -18.83 10.14 44.43
C LEU C 451 -19.26 11.06 43.29
N ASP C 452 -19.63 12.29 43.64
CA ASP C 452 -20.11 13.24 42.64
C ASP C 452 -19.00 13.57 41.64
N ALA C 453 -19.40 13.74 40.38
CA ALA C 453 -18.43 14.05 39.33
C ALA C 453 -17.78 15.42 39.55
N LEU C 454 -18.51 16.36 40.14
CA LEU C 454 -18.01 17.71 40.36
C LEU C 454 -17.34 17.86 41.73
N GLU C 455 -16.83 16.78 42.30
CA GLU C 455 -16.06 16.80 43.54
C GLU C 455 -16.87 17.39 44.69
N LEU C 456 -17.95 16.70 45.04
CA LEU C 456 -18.80 17.09 46.14
C LEU C 456 -18.90 16.06 47.25
N GLY C 457 -18.22 14.92 47.11
CA GLY C 457 -18.25 13.89 48.14
C GLY C 457 -19.22 12.78 47.80
N LEU C 458 -19.73 12.09 48.82
CA LEU C 458 -20.70 11.02 48.61
C LEU C 458 -22.10 11.62 48.49
N VAL C 459 -22.80 11.26 47.41
CA VAL C 459 -24.12 11.79 47.13
C VAL C 459 -25.03 10.67 46.66
N ILE C 460 -26.33 10.93 46.74
CA ILE C 460 -27.35 10.12 46.10
C ILE C 460 -28.19 11.05 45.22
N THR C 461 -28.72 10.51 44.13
CA THR C 461 -29.40 11.31 43.13
C THR C 461 -30.83 10.81 42.94
N GLY C 462 -31.77 11.74 43.04
CA GLY C 462 -33.12 11.46 42.58
C GLY C 462 -33.19 11.41 41.07
N THR C 463 -34.27 10.83 40.55
CA THR C 463 -34.32 10.57 39.12
C THR C 463 -35.76 10.49 38.65
N LEU C 464 -36.06 11.21 37.58
CA LEU C 464 -37.38 11.19 36.95
C LEU C 464 -37.22 11.42 35.45
N PRO C 465 -37.69 10.50 34.60
CA PRO C 465 -37.55 10.67 33.16
C PRO C 465 -38.49 11.74 32.62
N VAL C 466 -38.15 12.24 31.43
CA VAL C 466 -38.94 13.26 30.74
C VAL C 466 -39.36 12.70 29.38
N PHE C 467 -40.65 12.85 29.06
CA PHE C 467 -41.24 12.26 27.87
C PHE C 467 -41.46 13.35 26.82
N ASN C 468 -41.31 12.97 25.54
CA ASN C 468 -41.39 13.90 24.41
C ASN C 468 -42.78 13.84 23.80
N ILE C 469 -43.62 14.82 24.15
CA ILE C 469 -45.06 14.68 24.04
C ILE C 469 -45.67 15.66 23.05
N THR C 470 -44.94 15.98 21.98
CA THR C 470 -45.48 16.89 20.98
C THR C 470 -46.64 16.23 20.25
N GLY C 471 -47.73 16.98 20.06
CA GLY C 471 -48.88 16.48 19.34
C GLY C 471 -49.73 15.48 20.10
N GLN C 472 -49.57 15.38 21.42
CA GLN C 472 -50.38 14.45 22.20
C GLN C 472 -51.80 14.96 22.41
N PHE C 473 -52.05 16.25 22.16
CA PHE C 473 -53.41 16.77 22.28
C PHE C 473 -54.35 16.10 21.29
N GLU C 474 -53.90 15.91 20.06
CA GLU C 474 -54.68 15.24 19.03
C GLU C 474 -54.27 13.78 18.81
N ASN C 475 -53.14 13.35 19.39
CA ASN C 475 -52.68 11.97 19.32
C ASN C 475 -52.51 11.52 17.85
N LYS C 476 -51.58 12.18 17.16
CA LYS C 476 -51.37 11.93 15.75
C LYS C 476 -49.93 11.59 15.37
N THR C 477 -48.93 12.04 16.13
CA THR C 477 -47.55 11.79 15.72
C THR C 477 -47.09 10.38 16.10
N ASN C 478 -46.97 10.12 17.41
CA ASN C 478 -46.70 8.80 17.97
C ASN C 478 -45.52 8.08 17.30
N LEU C 479 -44.64 8.82 16.61
CA LEU C 479 -43.56 8.20 15.85
C LEU C 479 -42.20 8.31 16.53
N LYS C 480 -41.86 9.48 17.08
CA LYS C 480 -40.66 9.65 17.88
C LYS C 480 -41.00 9.95 19.33
N ASN C 481 -42.26 9.78 19.72
CA ASN C 481 -42.73 10.09 21.06
C ASN C 481 -42.53 8.95 22.05
N GLN C 482 -42.06 7.80 21.58
CA GLN C 482 -41.79 6.67 22.46
C GLN C 482 -40.37 6.69 23.00
N LEU C 483 -39.59 7.72 22.70
CA LEU C 483 -38.26 7.93 23.27
C LEU C 483 -38.34 9.03 24.31
N ILE C 484 -37.51 8.91 25.35
CA ILE C 484 -37.52 9.89 26.44
C ILE C 484 -36.67 11.10 26.04
N LEU C 485 -37.06 12.26 26.54
CA LEU C 485 -36.26 13.46 26.35
C LEU C 485 -34.94 13.36 27.10
N GLY C 486 -34.98 12.80 28.31
CA GLY C 486 -33.79 12.71 29.13
C GLY C 486 -34.17 12.29 30.53
N VAL C 487 -33.31 12.62 31.48
CA VAL C 487 -33.53 12.27 32.88
C VAL C 487 -33.22 13.49 33.74
N MET C 488 -34.17 13.85 34.59
CA MET C 488 -33.97 14.92 35.56
C MET C 488 -33.43 14.32 36.85
N GLY C 489 -32.50 15.02 37.48
CA GLY C 489 -31.88 14.52 38.70
C GLY C 489 -31.52 15.66 39.63
N VAL C 490 -31.62 15.37 40.93
CA VAL C 490 -31.21 16.29 41.98
C VAL C 490 -30.36 15.53 42.98
N ASP C 491 -29.25 16.14 43.39
CA ASP C 491 -28.29 15.48 44.26
C ASP C 491 -28.61 15.74 45.72
N VAL C 492 -28.42 14.72 46.55
CA VAL C 492 -28.52 14.82 48.00
C VAL C 492 -27.24 14.26 48.60
N SER C 493 -26.49 15.12 49.30
CA SER C 493 -25.26 14.68 49.93
C SER C 493 -25.55 13.91 51.21
N LEU C 494 -24.64 13.01 51.57
CA LEU C 494 -24.80 12.24 52.79
C LEU C 494 -24.67 13.11 54.04
N GLU C 495 -24.02 14.27 53.93
CA GLU C 495 -23.94 15.18 55.06
C GLU C 495 -25.29 15.79 55.38
N ASP C 496 -26.17 15.94 54.37
CA ASP C 496 -27.53 16.39 54.64
C ASP C 496 -28.28 15.37 55.47
N ILE C 497 -28.12 14.08 55.16
CA ILE C 497 -28.78 13.03 55.93
C ILE C 497 -28.20 12.94 57.33
N LYS C 498 -26.88 13.13 57.45
CA LYS C 498 -26.24 13.03 58.76
C LYS C 498 -26.69 14.16 59.69
N ARG C 499 -27.13 15.28 59.14
CA ARG C 499 -27.62 16.38 59.98
C ARG C 499 -28.98 16.09 60.58
N LEU C 500 -29.78 15.23 59.95
CA LEU C 500 -31.09 14.87 60.47
C LEU C 500 -31.02 13.77 61.53
N THR C 501 -29.83 13.21 61.78
CA THR C 501 -29.62 12.17 62.77
C THR C 501 -28.53 12.61 63.72
N PRO C 502 -28.85 13.48 64.68
CA PRO C 502 -27.83 13.94 65.64
C PRO C 502 -27.35 12.79 66.50
N ARG C 503 -26.06 12.82 66.84
CA ARG C 503 -25.45 11.70 67.55
C ARG C 503 -24.76 12.12 68.85
N PHE C 504 -24.99 13.34 69.33
CA PHE C 504 -24.33 13.83 70.53
C PHE C 504 -25.18 13.72 71.79
N THR C 505 -26.37 13.13 71.68
CA THR C 505 -27.21 12.87 72.84
C THR C 505 -27.10 11.43 73.33
N LEU C 506 -26.15 10.67 72.82
CA LEU C 506 -25.95 9.28 73.18
C LEU C 506 -24.45 8.98 73.15
N CYS C 507 -24.07 7.87 73.78
CA CYS C 507 -22.67 7.56 74.01
C CYS C 507 -21.96 7.28 72.67
N PRO C 508 -20.63 7.35 72.66
CA PRO C 508 -19.90 7.08 71.40
C PRO C 508 -20.21 5.71 70.81
N ASN C 509 -20.63 4.74 71.62
CA ASN C 509 -20.97 3.43 71.09
C ASN C 509 -22.30 3.42 70.35
N GLY C 510 -23.14 4.43 70.52
CA GLY C 510 -24.42 4.49 69.86
C GLY C 510 -24.35 5.27 68.55
N TYR C 511 -25.07 4.77 67.55
CA TYR C 511 -25.02 5.37 66.22
C TYR C 511 -26.26 4.98 65.43
N TYR C 512 -26.49 5.72 64.35
CA TYR C 512 -27.54 5.42 63.38
C TYR C 512 -26.95 4.69 62.18
N PHE C 513 -27.82 3.99 61.46
CA PHE C 513 -27.44 3.48 60.14
C PHE C 513 -28.70 3.17 59.36
N ALA C 514 -28.65 3.40 58.06
CA ALA C 514 -29.77 3.14 57.16
C ALA C 514 -29.34 2.14 56.10
N ILE C 515 -30.30 1.35 55.62
CA ILE C 515 -30.00 0.22 54.74
C ILE C 515 -30.84 0.33 53.47
N ASP C 516 -30.26 -0.10 52.36
CA ASP C 516 -30.87 -0.23 51.05
C ASP C 516 -31.74 -1.49 51.01
N PRO C 517 -32.73 -1.55 50.10
CA PRO C 517 -33.40 -2.83 49.83
C PRO C 517 -32.46 -3.89 49.28
N ASN C 518 -31.29 -3.52 48.78
CA ASN C 518 -30.26 -4.47 48.38
C ASN C 518 -29.28 -4.80 49.50
N GLY C 519 -29.46 -4.22 50.68
CA GLY C 519 -28.60 -4.48 51.81
C GLY C 519 -27.49 -3.48 52.02
N TYR C 520 -27.22 -2.61 51.06
CA TYR C 520 -26.16 -1.63 51.19
C TYR C 520 -26.54 -0.56 52.21
N VAL C 521 -25.53 0.05 52.81
CA VAL C 521 -25.73 1.06 53.83
C VAL C 521 -25.71 2.43 53.17
N LEU C 522 -26.84 3.15 53.27
CA LEU C 522 -26.85 4.56 52.87
C LEU C 522 -26.11 5.42 53.88
N LEU C 523 -26.09 5.00 55.15
CA LEU C 523 -25.48 5.77 56.22
C LEU C 523 -24.92 4.79 57.24
N HIS C 524 -23.66 4.97 57.61
CA HIS C 524 -23.00 4.09 58.58
C HIS C 524 -21.68 4.71 59.01
N PRO C 525 -21.27 4.53 60.27
CA PRO C 525 -19.96 5.05 60.70
C PRO C 525 -18.80 4.46 59.92
N ASN C 526 -18.93 3.24 59.42
CA ASN C 526 -17.84 2.56 58.72
C ASN C 526 -17.83 2.84 57.23
N LEU C 527 -18.74 3.67 56.74
CA LEU C 527 -18.71 4.08 55.35
C LEU C 527 -17.72 5.24 55.17
N GLN C 528 -16.85 5.13 54.18
CA GLN C 528 -15.82 6.12 53.98
C GLN C 528 -15.87 6.68 52.57
N PRO C 529 -15.46 7.93 52.37
CA PRO C 529 -15.53 8.53 51.03
C PRO C 529 -14.44 8.03 50.10
N LYS C 530 -14.29 6.71 50.01
CA LYS C 530 -13.31 6.08 49.12
C LYS C 530 -14.00 4.95 48.36
N PRO C 531 -13.59 4.71 47.11
CA PRO C 531 -14.19 3.60 46.35
C PRO C 531 -13.90 2.26 47.00
N ILE C 532 -14.89 1.37 46.94
CA ILE C 532 -14.69 0.03 47.49
C ILE C 532 -13.75 -0.75 46.59
N GLY C 533 -12.76 -1.40 47.21
CA GLY C 533 -11.76 -2.11 46.45
C GLY C 533 -12.20 -3.52 46.07
N VAL C 534 -11.76 -3.95 44.90
CA VAL C 534 -12.02 -5.30 44.42
C VAL C 534 -10.74 -5.86 43.82
N GLY C 535 -10.36 -7.08 44.21
CA GLY C 535 -9.14 -7.69 43.73
C GLY C 535 -7.90 -7.06 44.34
N ILE C 536 -6.76 -7.44 43.75
CA ILE C 536 -5.46 -6.90 44.12
C ILE C 536 -5.01 -5.96 43.01
N PRO C 537 -4.53 -4.75 43.33
CA PRO C 537 -4.09 -3.83 42.28
C PRO C 537 -2.79 -4.26 41.64
N THR C 538 -2.86 -4.74 40.40
CA THR C 538 -1.70 -5.14 39.64
C THR C 538 -1.57 -4.22 38.44
N ILE C 539 -0.41 -3.56 38.31
CA ILE C 539 -0.18 -2.57 37.27
C ILE C 539 1.11 -2.92 36.54
N ASN C 540 1.21 -2.43 35.31
CA ASN C 540 2.37 -2.69 34.46
C ASN C 540 3.52 -1.76 34.81
N SER C 553 -12.70 6.16 39.61
CA SER C 553 -13.63 5.86 40.68
C SER C 553 -15.07 5.99 40.20
N GLN C 554 -15.33 5.51 38.98
CA GLN C 554 -16.67 5.60 38.42
C GLN C 554 -17.62 4.57 39.02
N GLU C 555 -17.09 3.56 39.72
CA GLU C 555 -17.95 2.60 40.39
C GLU C 555 -18.53 3.22 41.67
N PRO C 556 -19.74 2.82 42.05
CA PRO C 556 -20.36 3.40 43.25
C PRO C 556 -19.81 2.79 44.52
N VAL C 557 -20.04 3.49 45.63
CA VAL C 557 -19.62 3.05 46.96
C VAL C 557 -20.76 2.20 47.51
N THR C 558 -20.75 0.92 47.15
CA THR C 558 -21.77 -0.03 47.60
C THR C 558 -21.14 -0.95 48.64
N LEU C 559 -21.36 -0.62 49.91
CA LEU C 559 -20.86 -1.41 51.03
C LEU C 559 -22.04 -2.07 51.72
N ASP C 560 -21.97 -3.38 51.90
CA ASP C 560 -23.07 -4.11 52.52
C ASP C 560 -23.09 -3.89 54.02
N PHE C 561 -24.27 -4.08 54.61
CA PHE C 561 -24.39 -4.00 56.06
C PHE C 561 -23.59 -5.09 56.74
N LEU C 562 -23.62 -6.30 56.20
CA LEU C 562 -22.88 -7.42 56.77
C LEU C 562 -21.37 -7.29 56.57
N ASP C 563 -20.92 -6.34 55.76
CA ASP C 563 -19.50 -6.04 55.63
C ASP C 563 -19.09 -4.76 56.36
N ALA C 564 -20.06 -3.90 56.70
CA ALA C 564 -19.73 -2.69 57.45
C ALA C 564 -19.27 -3.03 58.87
N GLU C 565 -19.90 -4.02 59.50
CA GLU C 565 -19.48 -4.45 60.83
C GLU C 565 -19.36 -5.97 60.89
N LEU C 566 -19.09 -6.50 62.08
CA LEU C 566 -18.87 -7.94 62.23
C LEU C 566 -20.16 -8.71 61.98
N GLU C 567 -20.08 -9.72 61.11
CA GLU C 567 -21.25 -10.52 60.80
C GLU C 567 -21.61 -11.44 61.96
N ASN C 568 -22.90 -11.76 62.05
CA ASN C 568 -23.41 -12.55 63.15
C ASN C 568 -24.70 -13.23 62.69
N ASP C 569 -25.10 -14.28 63.41
CA ASP C 569 -26.35 -14.95 63.10
C ASP C 569 -27.54 -14.03 63.30
N ILE C 570 -27.53 -13.24 64.38
CA ILE C 570 -28.62 -12.31 64.65
C ILE C 570 -28.64 -11.19 63.62
N LYS C 571 -27.46 -10.73 63.20
CA LYS C 571 -27.38 -9.63 62.24
C LYS C 571 -28.09 -9.96 60.94
N VAL C 572 -27.94 -11.19 60.46
CA VAL C 572 -28.59 -11.60 59.22
C VAL C 572 -30.10 -11.54 59.36
N GLU C 573 -30.63 -12.04 60.48
CA GLU C 573 -32.07 -11.96 60.70
C GLU C 573 -32.53 -10.52 60.85
N ILE C 574 -31.75 -9.70 61.55
CA ILE C 574 -32.10 -8.29 61.72
C ILE C 574 -32.06 -7.56 60.39
N ARG C 575 -31.02 -7.81 59.58
CA ARG C 575 -30.91 -7.17 58.28
C ARG C 575 -32.05 -7.61 57.36
N ASN C 576 -32.39 -8.90 57.38
CA ASN C 576 -33.46 -9.40 56.54
C ASN C 576 -34.80 -8.78 56.91
N LYS C 577 -34.99 -8.43 58.18
CA LYS C 577 -36.21 -7.76 58.60
C LYS C 577 -36.24 -6.30 58.15
N MET C 578 -35.09 -5.71 57.86
CA MET C 578 -35.04 -4.35 57.34
C MET C 578 -35.19 -4.30 55.82
N ILE C 579 -34.80 -5.36 55.11
CA ILE C 579 -34.88 -5.34 53.66
C ILE C 579 -36.32 -5.24 53.19
N ASP C 580 -37.19 -6.11 53.73
CA ASP C 580 -38.59 -6.08 53.33
C ASP C 580 -39.35 -4.92 53.97
N GLY C 581 -38.95 -4.52 55.18
CA GLY C 581 -39.53 -3.35 55.81
C GLY C 581 -40.54 -3.69 56.88
N GLU C 582 -40.13 -3.63 58.15
CA GLU C 582 -41.01 -3.86 59.27
C GLU C 582 -40.30 -3.42 60.54
N SER C 583 -41.02 -2.70 61.40
CA SER C 583 -40.43 -2.18 62.62
C SER C 583 -40.18 -3.31 63.62
N GLY C 584 -39.37 -3.02 64.62
CA GLY C 584 -39.10 -3.99 65.66
C GLY C 584 -37.90 -3.56 66.49
N GLU C 585 -37.68 -4.34 67.54
CA GLU C 585 -36.55 -4.13 68.44
C GLU C 585 -35.92 -5.48 68.76
N LYS C 586 -34.63 -5.44 69.11
CA LYS C 586 -33.93 -6.67 69.49
C LYS C 586 -32.68 -6.30 70.28
N THR C 587 -32.58 -6.81 71.50
CA THR C 587 -31.38 -6.67 72.31
C THR C 587 -30.70 -8.03 72.46
N PHE C 588 -29.38 -8.04 72.39
CA PHE C 588 -28.63 -9.29 72.40
C PHE C 588 -27.18 -8.99 72.78
N ARG C 589 -26.38 -10.05 72.84
CA ARG C 589 -24.97 -9.96 73.14
C ARG C 589 -24.17 -10.16 71.85
N THR C 590 -23.31 -9.21 71.53
CA THR C 590 -22.49 -9.27 70.34
C THR C 590 -21.08 -8.78 70.65
N LEU C 591 -20.13 -9.23 69.85
CA LEU C 591 -18.75 -8.78 69.96
C LEU C 591 -18.50 -7.72 68.89
N VAL C 592 -18.07 -6.54 69.32
CA VAL C 592 -17.93 -5.39 68.43
C VAL C 592 -16.46 -5.05 68.28
N LYS C 593 -16.12 -4.46 67.15
CA LYS C 593 -14.75 -4.10 66.84
C LYS C 593 -14.47 -2.66 67.27
N SER C 594 -13.22 -2.41 67.66
CA SER C 594 -12.81 -1.11 68.14
C SER C 594 -12.48 -0.18 66.98
N GLN C 595 -12.28 1.10 67.30
CA GLN C 595 -11.95 2.09 66.28
C GLN C 595 -10.67 1.73 65.56
N ASP C 596 -9.60 1.48 66.31
CA ASP C 596 -8.39 0.92 65.73
C ASP C 596 -8.58 -0.58 65.54
N GLU C 597 -8.21 -1.07 64.36
CA GLU C 597 -8.52 -2.43 63.96
C GLU C 597 -7.58 -3.42 64.65
N ARG C 598 -7.59 -3.39 65.99
CA ARG C 598 -6.69 -4.20 66.79
C ARG C 598 -7.35 -4.91 67.95
N TYR C 599 -8.57 -4.52 68.34
CA TYR C 599 -9.23 -5.10 69.50
C TYR C 599 -10.66 -5.47 69.17
N ILE C 600 -11.19 -6.45 69.92
CA ILE C 600 -12.59 -6.85 69.83
C ILE C 600 -13.09 -7.07 71.25
N ASP C 601 -14.28 -6.56 71.54
CA ASP C 601 -14.88 -6.69 72.87
C ASP C 601 -16.36 -7.01 72.72
N LYS C 602 -16.90 -7.66 73.75
CA LYS C 602 -18.30 -8.04 73.79
C LYS C 602 -19.10 -6.98 74.55
N GLY C 603 -20.35 -6.79 74.12
CA GLY C 603 -21.22 -5.83 74.79
C GLY C 603 -22.67 -5.95 74.38
N ASN C 604 -23.57 -5.58 75.29
CA ASN C 604 -24.99 -5.61 74.98
C ASN C 604 -25.35 -4.47 74.03
N ARG C 605 -26.19 -4.78 73.04
CA ARG C 605 -26.63 -3.81 72.06
C ARG C 605 -28.12 -3.96 71.83
N THR C 606 -28.77 -2.86 71.45
CA THR C 606 -30.19 -2.85 71.12
C THR C 606 -30.35 -2.27 69.74
N TYR C 607 -31.01 -3.01 68.85
CA TYR C 607 -31.28 -2.57 67.48
C TYR C 607 -32.77 -2.30 67.35
N THR C 608 -33.13 -1.03 67.24
CA THR C 608 -34.50 -0.62 66.98
C THR C 608 -34.54 0.07 65.62
N TRP C 609 -35.40 -0.45 64.74
CA TRP C 609 -35.43 0.02 63.36
C TRP C 609 -36.87 0.26 62.93
N THR C 610 -37.04 1.20 62.01
CA THR C 610 -38.33 1.50 61.39
C THR C 610 -38.09 1.82 59.93
N PRO C 611 -39.08 1.57 59.07
CA PRO C 611 -38.95 1.95 57.65
C PRO C 611 -39.38 3.39 57.41
N VAL C 612 -38.65 4.05 56.52
CA VAL C 612 -39.04 5.39 56.10
C VAL C 612 -40.22 5.29 55.14
N ASN C 613 -41.23 6.12 55.37
CA ASN C 613 -42.52 5.95 54.68
C ASN C 613 -42.39 6.17 53.19
N GLY C 614 -41.68 7.22 52.78
CA GLY C 614 -41.65 7.60 51.38
C GLY C 614 -40.93 6.62 50.47
N THR C 615 -39.63 6.51 50.63
CA THR C 615 -38.81 5.63 49.80
C THR C 615 -38.67 4.26 50.46
N ASP C 616 -37.76 3.43 49.92
CA ASP C 616 -37.62 2.05 50.34
C ASP C 616 -36.51 1.83 51.36
N TYR C 617 -35.95 2.89 51.92
CA TYR C 617 -34.88 2.74 52.89
C TYR C 617 -35.45 2.30 54.24
N SER C 618 -34.55 1.84 55.11
CA SER C 618 -34.90 1.45 56.47
C SER C 618 -33.85 2.03 57.42
N LEU C 619 -34.30 2.70 58.47
CA LEU C 619 -33.42 3.39 59.40
C LEU C 619 -33.39 2.63 60.72
N ALA C 620 -32.19 2.42 61.26
CA ALA C 620 -32.01 1.71 62.52
C ALA C 620 -31.09 2.52 63.43
N LEU C 621 -31.29 2.35 64.73
CA LEU C 621 -30.51 3.05 65.75
C LEU C 621 -29.90 2.01 66.68
N VAL C 622 -28.59 1.88 66.64
CA VAL C 622 -27.87 0.94 67.49
C VAL C 622 -27.60 1.63 68.81
N LEU C 623 -28.41 1.33 69.82
CA LEU C 623 -28.28 1.94 71.13
C LEU C 623 -27.84 0.89 72.15
N PRO C 624 -26.62 0.95 72.66
CA PRO C 624 -26.21 0.00 73.70
C PRO C 624 -26.92 0.27 75.01
N THR C 625 -26.73 -0.59 76.00
CA THR C 625 -27.22 -0.30 77.34
C THR C 625 -26.42 0.85 77.93
N TYR C 626 -26.72 1.21 79.18
CA TYR C 626 -26.10 2.33 79.89
C TYR C 626 -26.13 3.62 79.07
N SER C 627 -27.01 3.68 78.07
CA SER C 627 -27.11 4.82 77.17
C SER C 627 -28.53 5.35 77.01
N PHE C 628 -29.50 4.77 77.72
CA PHE C 628 -30.88 5.25 77.64
C PHE C 628 -31.07 6.57 78.37
N TYR C 629 -30.08 7.03 79.13
CA TYR C 629 -30.17 8.29 79.86
C TYR C 629 -28.90 9.09 79.61
N TYR C 630 -29.07 10.40 79.42
CA TYR C 630 -27.98 11.31 79.16
C TYR C 630 -28.09 12.51 80.10
N ILE C 631 -27.03 13.32 80.12
CA ILE C 631 -26.97 14.49 80.98
C ILE C 631 -27.35 15.71 80.15
N LYS C 632 -28.43 16.36 80.52
CA LYS C 632 -28.90 17.58 79.86
C LYS C 632 -28.59 18.76 80.77
N ALA C 633 -27.77 19.69 80.27
CA ALA C 633 -27.29 20.81 81.07
C ALA C 633 -28.34 21.92 81.06
N LYS C 634 -28.95 22.17 82.20
CA LYS C 634 -29.86 23.30 82.38
C LYS C 634 -29.13 24.39 83.15
N LEU C 635 -29.03 25.58 82.55
CA LEU C 635 -28.27 26.68 83.15
C LEU C 635 -28.64 27.99 82.48
N GLU C 636 -29.06 28.98 83.28
CA GLU C 636 -29.46 30.27 82.73
C GLU C 636 -28.94 31.44 83.56
N GLU C 637 -28.04 31.20 84.51
CA GLU C 637 -27.49 32.26 85.35
C GLU C 637 -26.09 32.62 84.86
N THR C 638 -25.83 33.93 84.73
CA THR C 638 -24.55 34.39 84.20
C THR C 638 -23.40 34.12 85.16
N ILE C 639 -23.68 34.13 86.47
CA ILE C 639 -22.60 33.99 87.45
C ILE C 639 -21.92 32.63 87.33
N THR C 640 -22.70 31.56 87.20
CA THR C 640 -22.11 30.23 87.07
C THR C 640 -21.50 30.05 85.68
N GLN C 641 -22.12 30.62 84.66
CA GLN C 641 -21.59 30.51 83.30
C GLN C 641 -20.27 31.26 83.16
N ALA C 642 -20.13 32.39 83.87
CA ALA C 642 -18.91 33.18 83.74
C ALA C 642 -17.69 32.43 84.24
N ARG C 643 -17.82 31.71 85.36
CA ARG C 643 -16.66 31.01 85.90
C ARG C 643 -16.29 29.79 85.08
N TYR C 644 -17.26 29.14 84.43
CA TYR C 644 -16.96 27.94 83.65
C TYR C 644 -16.28 28.29 82.34
N SER C 645 -16.73 29.37 81.68
CA SER C 645 -16.22 29.70 80.35
C SER C 645 -14.75 30.10 80.38
N GLU C 646 -14.27 30.62 81.51
CA GLU C 646 -12.88 31.05 81.64
C GLU C 646 -11.95 29.92 82.07
N THR C 647 -12.32 28.67 81.81
CA THR C 647 -11.47 27.54 82.16
C THR C 647 -10.65 27.05 80.96
N LEU C 648 -11.07 27.37 79.73
CA LEU C 648 -10.41 26.89 78.53
C LEU C 648 -9.47 27.93 77.92
N LYS C 649 -8.85 28.76 78.75
CA LYS C 649 -7.94 29.78 78.25
C LYS C 649 -6.54 29.22 78.09
N PRO C 650 -5.93 29.31 76.89
CA PRO C 650 -4.58 28.77 76.71
C PRO C 650 -3.55 29.25 77.73
N ASP C 651 -3.60 30.52 78.12
CA ASP C 651 -2.67 31.01 79.13
C ASP C 651 -2.97 30.46 80.52
N ASN C 652 -4.17 29.89 80.71
CA ASN C 652 -4.57 29.30 81.98
C ASN C 652 -4.37 27.79 81.97
N PHE C 653 -3.34 27.30 81.28
CA PHE C 653 -3.13 25.87 81.12
C PHE C 653 -2.08 25.32 82.09
N GLU C 654 -1.16 26.15 82.57
CA GLU C 654 -0.10 25.66 83.45
C GLU C 654 -0.59 25.31 84.84
N GLU C 655 -1.82 25.67 85.20
CA GLU C 655 -2.37 25.35 86.51
C GLU C 655 -3.59 24.42 86.45
N SER C 656 -4.25 24.32 85.30
CA SER C 656 -5.36 23.39 85.13
C SER C 656 -5.07 22.25 84.16
N GLY C 657 -3.97 22.32 83.41
CA GLY C 657 -3.61 21.28 82.50
C GLY C 657 -3.97 21.62 81.05
N TYR C 658 -3.26 20.98 80.12
CA TYR C 658 -3.53 21.17 78.71
C TYR C 658 -4.96 20.73 78.39
N THR C 659 -5.69 21.57 77.68
CA THR C 659 -7.10 21.34 77.38
C THR C 659 -7.31 21.33 75.89
N PHE C 660 -8.05 20.33 75.40
CA PHE C 660 -8.50 20.26 74.01
C PHE C 660 -9.97 20.57 73.93
N ILE C 661 -10.47 20.64 72.70
CA ILE C 661 -11.88 20.94 72.43
C ILE C 661 -12.34 20.07 71.28
N ALA C 662 -13.58 19.59 71.36
CA ALA C 662 -14.14 18.78 70.29
C ALA C 662 -14.60 19.67 69.15
N PRO C 663 -14.10 19.48 67.93
CA PRO C 663 -14.52 20.35 66.82
C PRO C 663 -15.95 20.08 66.37
N ARG C 664 -16.91 20.33 67.24
CA ARG C 664 -18.32 20.09 66.94
C ARG C 664 -18.94 21.33 66.30
N ASP C 665 -20.06 21.11 65.62
CA ASP C 665 -20.80 22.19 64.97
C ASP C 665 -21.71 22.78 66.06
N TYR C 666 -21.13 23.70 66.83
CA TYR C 666 -21.90 24.39 67.87
C TYR C 666 -22.96 25.30 67.24
N CYS C 667 -22.58 26.04 66.21
CA CYS C 667 -23.53 26.72 65.34
C CYS C 667 -22.83 27.09 64.04
N ASN C 668 -23.64 27.44 63.04
CA ASN C 668 -23.13 27.73 61.71
C ASN C 668 -22.16 28.91 61.69
N ASP C 669 -22.24 29.81 62.68
CA ASP C 669 -21.33 30.95 62.71
C ASP C 669 -19.89 30.49 62.95
N LEU C 670 -19.69 29.54 63.85
CA LEU C 670 -18.35 29.05 64.16
C LEU C 670 -17.83 28.14 63.05
N LYS C 671 -16.52 28.22 62.80
CA LYS C 671 -15.86 27.47 61.75
C LYS C 671 -14.90 26.45 62.34
N ILE C 672 -14.93 25.24 61.80
CA ILE C 672 -14.05 24.17 62.24
C ILE C 672 -12.90 24.04 61.25
N SER C 673 -11.73 23.65 61.75
CA SER C 673 -10.55 23.55 60.89
C SER C 673 -9.67 22.34 61.17
N ASP C 674 -10.06 21.44 62.08
CA ASP C 674 -9.26 20.26 62.42
C ASP C 674 -7.85 20.65 62.86
N ASN C 675 -7.73 21.73 63.63
CA ASN C 675 -6.46 22.20 64.14
C ASN C 675 -6.40 22.14 65.66
N ASN C 676 -7.42 22.66 66.35
CA ASN C 676 -7.62 22.62 67.79
C ASN C 676 -6.60 23.44 68.56
N THR C 677 -5.61 24.02 67.89
CA THR C 677 -4.78 25.04 68.52
C THR C 677 -5.35 26.44 68.32
N GLU C 678 -6.08 26.64 67.22
CA GLU C 678 -6.80 27.88 66.97
C GLU C 678 -8.30 27.76 67.17
N PHE C 679 -8.85 26.56 67.07
CA PHE C 679 -10.28 26.39 67.31
C PHE C 679 -10.64 26.68 68.76
N LEU C 680 -9.76 26.30 69.70
CA LEU C 680 -9.98 26.66 71.08
C LEU C 680 -9.91 28.17 71.27
N LEU C 681 -8.99 28.84 70.58
CA LEU C 681 -8.96 30.29 70.59
C LEU C 681 -10.21 30.89 69.97
N ASN C 682 -10.74 30.26 68.93
CA ASN C 682 -11.99 30.73 68.34
C ASN C 682 -13.18 30.47 69.26
N PHE C 683 -13.17 29.37 70.00
CA PHE C 683 -14.32 29.02 70.83
C PHE C 683 -14.50 30.01 71.98
N ASN C 684 -13.44 30.27 72.74
CA ASN C 684 -13.59 31.10 73.93
C ASN C 684 -13.74 32.57 73.57
N GLU C 685 -13.25 32.99 72.42
CA GLU C 685 -13.49 34.36 71.97
C GLU C 685 -14.92 34.54 71.47
N PHE C 686 -15.53 33.47 70.96
CA PHE C 686 -16.92 33.56 70.49
C PHE C 686 -17.88 33.68 71.67
N ILE C 687 -17.68 32.87 72.71
CA ILE C 687 -18.58 32.89 73.86
C ILE C 687 -18.42 34.19 74.63
N ASP C 688 -17.22 34.78 74.63
CA ASP C 688 -17.00 36.06 75.30
C ASP C 688 -17.46 37.24 74.47
N ARG C 689 -17.77 37.03 73.19
CA ARG C 689 -18.26 38.09 72.31
C ARG C 689 -19.74 37.97 71.99
N LYS C 690 -20.37 36.84 72.33
CA LYS C 690 -21.76 36.59 72.03
C LYS C 690 -22.55 36.48 73.33
N THR C 691 -23.69 37.16 73.38
CA THR C 691 -24.56 37.07 74.55
C THR C 691 -25.17 35.67 74.63
N PRO C 692 -25.44 35.18 75.85
CA PRO C 692 -25.96 33.81 75.99
C PRO C 692 -27.36 33.60 75.43
N ASN C 693 -28.01 34.64 74.90
CA ASN C 693 -29.33 34.45 74.32
C ASN C 693 -29.28 33.52 73.12
N ASN C 694 -28.27 33.68 72.27
CA ASN C 694 -27.98 32.80 71.14
C ASN C 694 -29.21 32.61 70.25
N PRO C 695 -29.60 33.61 69.48
CA PRO C 695 -30.78 33.46 68.61
C PRO C 695 -30.66 32.33 67.60
N SER C 696 -29.45 32.04 67.12
CA SER C 696 -29.25 30.99 66.13
C SER C 696 -28.24 29.93 66.55
N CYS C 697 -27.57 30.10 67.69
CA CYS C 697 -26.62 29.11 68.19
C CYS C 697 -27.32 28.22 69.21
N ASN C 698 -27.27 26.91 68.99
CA ASN C 698 -27.90 25.99 69.92
C ASN C 698 -27.12 25.95 71.23
N ALA C 699 -27.84 26.10 72.35
CA ALA C 699 -27.22 26.13 73.66
C ALA C 699 -27.11 24.75 74.31
N ASP C 700 -27.73 23.72 73.70
CA ASP C 700 -27.63 22.38 74.27
C ASP C 700 -26.19 21.88 74.22
N LEU C 701 -25.49 22.14 73.12
CA LEU C 701 -24.08 21.73 73.01
C LEU C 701 -23.18 22.65 73.82
N ILE C 702 -23.47 23.95 73.82
CA ILE C 702 -22.62 24.91 74.53
C ILE C 702 -22.67 24.67 76.04
N ASN C 703 -23.87 24.46 76.58
CA ASN C 703 -23.99 24.23 78.01
C ASN C 703 -23.33 22.91 78.41
N ARG C 704 -23.50 21.87 77.60
CA ARG C 704 -22.91 20.57 77.94
C ARG C 704 -21.38 20.65 77.95
N VAL C 705 -20.79 21.33 76.97
CA VAL C 705 -19.34 21.44 76.91
C VAL C 705 -18.80 22.34 78.02
N LEU C 706 -19.66 23.15 78.65
CA LEU C 706 -19.23 24.04 79.71
C LEU C 706 -19.58 23.55 81.10
N LEU C 707 -20.66 22.78 81.25
CA LEU C 707 -21.00 22.23 82.56
C LEU C 707 -19.91 21.31 83.06
N ASP C 708 -19.39 20.44 82.19
CA ASP C 708 -18.32 19.53 82.59
C ASP C 708 -16.94 20.18 82.56
N ALA C 709 -16.82 21.39 82.01
CA ALA C 709 -15.56 22.11 82.13
C ALA C 709 -15.25 22.43 83.58
N GLY C 710 -16.26 22.88 84.32
CA GLY C 710 -16.09 23.03 85.76
C GLY C 710 -15.96 21.69 86.47
N PHE C 711 -16.71 20.68 86.00
CA PHE C 711 -16.59 19.35 86.58
C PHE C 711 -15.17 18.82 86.42
N THR C 712 -14.60 18.97 85.22
CA THR C 712 -13.22 18.58 85.00
C THR C 712 -12.26 19.44 85.81
N ASN C 713 -12.52 20.75 85.88
CA ASN C 713 -11.65 21.64 86.65
C ASN C 713 -11.70 21.31 88.14
N GLU C 714 -12.87 20.90 88.62
CA GLU C 714 -12.99 20.53 90.03
C GLU C 714 -12.08 19.35 90.35
N LEU C 715 -11.94 18.40 89.42
CA LEU C 715 -11.08 17.25 89.65
C LEU C 715 -9.61 17.64 89.65
N VAL C 716 -9.18 18.40 88.62
CA VAL C 716 -7.76 18.71 88.48
C VAL C 716 -7.32 19.72 89.54
N GLN C 717 -8.16 20.71 89.84
CA GLN C 717 -7.77 21.73 90.81
C GLN C 717 -7.68 21.17 92.22
N ASN C 718 -8.59 20.28 92.58
CA ASN C 718 -8.72 19.84 93.97
C ASN C 718 -7.97 18.54 94.28
N TYR C 719 -7.94 17.59 93.35
CA TYR C 719 -7.29 16.30 93.61
C TYR C 719 -6.02 16.10 92.81
N TRP C 720 -6.03 16.36 91.50
CA TRP C 720 -4.82 16.18 90.71
C TRP C 720 -3.73 17.15 91.13
N SER C 721 -4.08 18.38 91.46
CA SER C 721 -3.10 19.38 91.85
C SER C 721 -2.56 19.17 93.27
N LYS C 722 -3.23 18.33 94.07
CA LYS C 722 -2.71 18.03 95.39
C LYS C 722 -1.35 17.34 95.31
N GLN C 723 -1.23 16.38 94.39
CA GLN C 723 0.02 15.66 94.16
C GLN C 723 0.48 16.00 92.74
N LYS C 724 1.40 16.96 92.63
CA LYS C 724 1.84 17.41 91.30
C LYS C 724 2.53 16.29 90.54
N ASN C 725 3.37 15.51 91.22
CA ASN C 725 4.13 14.44 90.58
C ASN C 725 3.94 13.15 91.35
N ILE C 726 3.78 12.05 90.61
CA ILE C 726 3.68 10.70 91.16
C ILE C 726 4.78 9.86 90.55
N LYS C 727 5.43 9.04 91.38
CA LYS C 727 6.59 8.28 90.93
C LYS C 727 6.25 7.35 89.77
N GLY C 728 5.15 6.62 89.89
CA GLY C 728 4.75 5.66 88.88
C GLY C 728 3.77 6.17 87.85
N VAL C 729 3.60 7.48 87.73
CA VAL C 729 2.64 8.07 86.80
C VAL C 729 3.36 9.12 85.97
N LYS C 730 3.19 9.04 84.65
CA LYS C 730 3.79 10.02 83.75
C LYS C 730 2.79 11.14 83.42
N ALA C 731 1.64 10.79 82.87
CA ALA C 731 0.62 11.77 82.51
C ALA C 731 -0.74 11.28 82.96
N ARG C 732 -1.58 12.22 83.38
CA ARG C 732 -2.95 11.94 83.79
C ARG C 732 -3.90 12.69 82.87
N PHE C 733 -4.88 11.98 82.32
CA PHE C 733 -5.81 12.55 81.37
C PHE C 733 -7.25 12.22 81.76
N VAL C 734 -8.17 13.08 81.32
CA VAL C 734 -9.61 12.85 81.48
C VAL C 734 -10.28 13.21 80.17
N VAL C 735 -11.28 12.41 79.78
CA VAL C 735 -12.09 12.68 78.60
C VAL C 735 -13.55 12.54 79.00
N THR C 736 -14.38 13.47 78.52
CA THR C 736 -15.78 13.53 78.93
C THR C 736 -16.68 13.61 77.71
N ASP C 737 -17.96 13.33 77.94
CA ASP C 737 -18.95 13.32 76.86
C ASP C 737 -19.13 14.71 76.26
N GLY C 738 -18.92 15.76 77.05
CA GLY C 738 -19.11 17.12 76.53
C GLY C 738 -18.18 17.46 75.39
N GLY C 739 -16.94 16.95 75.44
CA GLY C 739 -16.03 17.15 74.34
C GLY C 739 -14.73 17.87 74.66
N ILE C 740 -14.25 17.74 75.89
CA ILE C 740 -12.97 18.31 76.28
C ILE C 740 -12.13 17.23 76.97
N THR C 741 -10.86 17.16 76.61
CA THR C 741 -9.91 16.29 77.28
C THR C 741 -8.78 17.13 77.88
N ARG C 742 -8.39 16.79 79.11
CA ARG C 742 -7.43 17.58 79.87
C ARG C 742 -6.30 16.68 80.37
N VAL C 743 -5.07 17.10 80.13
CA VAL C 743 -3.87 16.41 80.61
C VAL C 743 -3.14 17.36 81.55
N TYR C 744 -2.82 16.87 82.77
CA TYR C 744 -2.25 17.78 83.76
C TYR C 744 -0.83 18.20 83.37
N PRO C 745 0.15 17.29 83.18
CA PRO C 745 1.39 17.73 82.54
C PRO C 745 1.13 18.47 81.25
N LYS C 746 1.39 19.78 81.22
CA LYS C 746 1.25 20.51 79.96
C LYS C 746 2.30 20.07 78.96
N GLU C 747 3.46 19.63 79.44
CA GLU C 747 4.49 19.04 78.58
C GLU C 747 4.05 17.73 77.97
N ALA C 748 2.99 17.11 78.48
CA ALA C 748 2.42 15.91 77.90
C ALA C 748 1.36 16.22 76.85
N GLY C 749 1.03 17.49 76.63
CA GLY C 749 0.05 17.84 75.61
C GLY C 749 0.53 17.49 74.21
N GLU C 750 1.82 17.68 73.94
CA GLU C 750 2.38 17.27 72.67
C GLU C 750 2.47 15.76 72.53
N ASN C 751 2.37 15.03 73.64
CA ASN C 751 2.33 13.58 73.62
C ASN C 751 0.92 13.02 73.47
N TRP C 752 -0.10 13.87 73.53
CA TRP C 752 -1.49 13.42 73.45
C TRP C 752 -1.89 13.36 71.98
N GLN C 753 -1.50 12.26 71.34
CA GLN C 753 -1.77 12.06 69.91
C GLN C 753 -3.09 11.34 69.69
N GLU C 754 -4.16 11.86 70.27
CA GLU C 754 -5.49 11.32 70.12
C GLU C 754 -6.39 12.34 69.42
N ASN C 755 -7.43 11.83 68.78
CA ASN C 755 -8.37 12.68 68.07
C ASN C 755 -9.07 13.61 69.07
N PRO C 756 -9.03 14.93 68.87
CA PRO C 756 -9.73 15.83 69.80
C PRO C 756 -11.22 15.55 69.88
N GLU C 757 -11.85 15.12 68.79
CA GLU C 757 -13.25 14.72 68.83
C GLU C 757 -13.40 13.52 69.76
N THR C 758 -14.10 13.72 70.87
CA THR C 758 -14.20 12.69 71.90
C THR C 758 -14.88 11.43 71.35
N TYR C 759 -15.89 11.60 70.49
CA TYR C 759 -16.64 10.48 69.95
C TYR C 759 -15.86 9.67 68.95
N GLU C 760 -14.57 9.91 68.76
CA GLU C 760 -13.75 9.12 67.86
C GLU C 760 -12.52 8.52 68.55
N ASP C 761 -12.37 8.71 69.86
CA ASP C 761 -11.25 8.12 70.58
C ASP C 761 -11.46 6.62 70.72
N SER C 762 -10.43 5.85 70.36
CA SER C 762 -10.54 4.40 70.43
C SER C 762 -10.60 3.90 71.88
N PHE C 763 -9.79 4.50 72.75
CA PHE C 763 -9.75 4.05 74.14
C PHE C 763 -11.02 4.41 74.89
N TYR C 764 -11.66 5.53 74.54
CA TYR C 764 -12.89 5.91 75.22
C TYR C 764 -14.00 4.90 74.94
N LYS C 765 -14.15 4.48 73.70
CA LYS C 765 -15.18 3.51 73.36
C LYS C 765 -14.90 2.16 74.01
N ARG C 766 -13.63 1.74 74.02
CA ARG C 766 -13.28 0.44 74.60
C ARG C 766 -13.51 0.43 76.10
N SER C 767 -13.18 1.53 76.78
CA SER C 767 -13.35 1.57 78.23
C SER C 767 -14.82 1.64 78.63
N LEU C 768 -15.68 2.15 77.75
CA LEU C 768 -17.10 2.21 78.06
C LEU C 768 -17.71 0.82 78.17
N ASP C 769 -17.31 -0.10 77.29
CA ASP C 769 -17.87 -1.44 77.28
C ASP C 769 -17.40 -2.24 78.50
N ASN C 770 -16.10 -2.20 78.78
CA ASN C 770 -15.56 -2.94 79.92
C ASN C 770 -15.91 -2.24 81.23
N ASP C 771 -16.15 -3.05 82.26
CA ASP C 771 -16.40 -2.54 83.61
C ASP C 771 -15.12 -2.44 84.43
N ASN C 772 -13.97 -2.72 83.84
CA ASN C 772 -12.70 -2.72 84.56
C ASN C 772 -11.64 -1.88 83.83
N TYR C 773 -10.41 -1.90 84.35
CA TYR C 773 -9.34 -1.11 83.75
C TYR C 773 -8.92 -1.70 82.40
N VAL C 774 -8.70 -0.83 81.43
CA VAL C 774 -8.34 -1.22 80.08
C VAL C 774 -6.95 -0.69 79.77
N PHE C 775 -6.06 -1.59 79.35
CA PHE C 775 -4.69 -1.24 78.98
C PHE C 775 -4.60 -1.16 77.46
N THR C 776 -4.11 -0.04 76.96
CA THR C 776 -3.98 0.19 75.52
C THR C 776 -2.51 0.11 75.13
N ALA C 777 -2.19 -0.84 74.26
CA ALA C 777 -0.82 -1.00 73.82
C ALA C 777 -0.45 0.10 72.82
N PRO C 778 0.78 0.61 72.87
CA PRO C 778 1.21 1.59 71.88
C PRO C 778 1.44 0.94 70.52
N TYR C 779 1.68 1.79 69.53
CA TYR C 779 1.92 1.33 68.17
C TYR C 779 3.36 0.83 68.05
N PHE C 780 3.77 0.50 66.83
CA PHE C 780 5.08 -0.10 66.59
C PHE C 780 5.72 0.56 65.38
N ASN C 781 7.05 0.43 65.30
CA ASN C 781 7.84 0.86 64.14
C ASN C 781 7.80 2.38 63.98
N LYS C 782 8.13 3.09 65.06
CA LYS C 782 8.31 4.55 65.09
C LYS C 782 7.29 5.28 64.23
N SER C 783 6.01 4.97 64.46
CA SER C 783 4.94 5.72 63.81
C SER C 783 4.83 7.15 64.32
N GLY C 784 5.47 7.46 65.44
CA GLY C 784 5.43 8.79 66.01
C GLY C 784 6.20 8.85 67.31
N PRO C 785 6.12 9.99 68.00
CA PRO C 785 6.82 10.13 69.28
C PRO C 785 5.98 9.65 70.46
N GLY C 786 6.64 8.94 71.37
CA GLY C 786 5.96 8.43 72.55
C GLY C 786 6.16 6.96 72.82
N ALA C 787 7.15 6.35 72.15
CA ALA C 787 7.44 4.94 72.39
C ALA C 787 7.88 4.71 73.83
N TYR C 788 8.77 5.57 74.34
CA TYR C 788 9.21 5.51 75.73
C TYR C 788 8.87 6.76 76.53
N GLU C 789 8.65 7.90 75.89
CA GLU C 789 8.36 9.15 76.58
C GLU C 789 6.88 9.34 76.88
N SER C 790 6.03 8.38 76.51
CA SER C 790 4.60 8.44 76.81
C SER C 790 4.17 7.37 77.78
N GLY C 791 4.46 6.10 77.48
CA GLY C 791 4.13 5.02 78.38
C GLY C 791 2.94 4.20 77.91
N ILE C 792 2.47 3.35 78.82
CA ILE C 792 1.35 2.46 78.54
C ILE C 792 0.07 3.12 79.03
N MET C 793 -0.88 3.32 78.12
CA MET C 793 -2.12 4.02 78.44
C MET C 793 -3.07 3.11 79.20
N VAL C 794 -3.62 3.62 80.30
CA VAL C 794 -4.63 2.91 81.09
C VAL C 794 -5.86 3.82 81.18
N SER C 795 -7.03 3.22 81.13
CA SER C 795 -8.27 3.99 81.15
C SER C 795 -9.33 3.24 81.94
N LYS C 796 -10.31 4.00 82.46
CA LYS C 796 -11.40 3.42 83.24
C LYS C 796 -12.54 4.43 83.27
N ALA C 797 -13.71 4.02 82.79
CA ALA C 797 -14.86 4.90 82.77
C ALA C 797 -15.44 5.08 84.17
N VAL C 798 -16.17 6.19 84.36
CA VAL C 798 -16.83 6.49 85.62
C VAL C 798 -18.30 6.12 85.51
N GLU C 799 -18.81 5.45 86.53
CA GLU C 799 -20.20 5.02 86.59
C GLU C 799 -20.94 5.84 87.63
N ILE C 800 -22.12 6.32 87.28
CA ILE C 800 -22.84 7.31 88.07
C ILE C 800 -24.29 6.86 88.23
N TYR C 801 -24.82 7.02 89.45
CA TYR C 801 -26.21 6.69 89.74
C TYR C 801 -26.89 7.92 90.33
N ILE C 802 -28.00 8.34 89.72
CA ILE C 802 -28.79 9.47 90.21
C ILE C 802 -30.01 8.96 90.96
N GLN C 803 -30.90 8.28 90.24
CA GLN C 803 -32.14 7.73 90.79
C GLN C 803 -32.18 6.22 90.57
N GLY C 804 -31.03 5.56 90.74
CA GLY C 804 -30.89 4.17 90.35
C GLY C 804 -30.64 3.97 88.88
N LYS C 805 -30.31 5.03 88.14
CA LYS C 805 -30.04 4.96 86.71
C LYS C 805 -28.54 5.07 86.48
N LEU C 806 -27.99 4.13 85.71
CA LEU C 806 -26.55 4.04 85.50
C LEU C 806 -26.14 4.95 84.34
N LEU C 807 -25.10 5.74 84.58
CA LEU C 807 -24.58 6.67 83.58
C LEU C 807 -23.06 6.53 83.50
N LYS C 808 -22.53 6.76 82.30
CA LYS C 808 -21.08 6.74 82.04
C LYS C 808 -20.72 8.00 81.29
N PRO C 809 -20.59 9.13 81.99
CA PRO C 809 -20.40 10.42 81.32
C PRO C 809 -18.96 10.79 81.02
N ALA C 810 -17.97 10.08 81.53
CA ALA C 810 -16.58 10.46 81.31
C ALA C 810 -15.69 9.25 81.51
N VAL C 811 -14.44 9.38 81.06
CA VAL C 811 -13.42 8.36 81.26
C VAL C 811 -12.19 9.04 81.84
N VAL C 812 -11.47 8.31 82.69
CA VAL C 812 -10.26 8.79 83.32
C VAL C 812 -9.18 7.73 83.14
N GLY C 813 -7.93 8.16 83.25
CA GLY C 813 -6.82 7.23 83.15
C GLY C 813 -5.51 7.94 83.30
N ILE C 814 -4.45 7.13 83.39
CA ILE C 814 -3.08 7.62 83.54
C ILE C 814 -2.21 6.91 82.52
N LYS C 815 -1.03 7.48 82.28
CA LYS C 815 -0.02 6.87 81.43
C LYS C 815 1.05 6.27 82.33
N ILE C 816 1.18 4.95 82.30
CA ILE C 816 2.14 4.25 83.14
C ILE C 816 3.52 4.36 82.50
N ASP C 817 4.48 4.88 83.26
CA ASP C 817 5.85 4.97 82.76
C ASP C 817 6.45 3.57 82.65
N VAL C 818 7.14 3.31 81.54
CA VAL C 818 7.64 1.97 81.27
C VAL C 818 8.76 1.60 82.24
N ASN C 819 9.63 2.56 82.57
CA ASN C 819 10.76 2.26 83.44
C ASN C 819 10.31 1.90 84.85
N SER C 820 9.28 2.58 85.37
CA SER C 820 8.77 2.24 86.69
C SER C 820 8.09 0.88 86.68
N TRP C 821 7.44 0.51 85.57
CA TRP C 821 6.73 -0.76 85.52
C TRP C 821 7.67 -1.94 85.48
N ILE C 822 8.75 -1.85 84.69
CA ILE C 822 9.67 -2.97 84.56
C ILE C 822 10.39 -3.24 85.87
N GLU C 823 10.69 -2.19 86.63
CA GLU C 823 11.43 -2.37 87.88
C GLU C 823 10.62 -3.19 88.88
N ASN C 824 9.35 -2.83 89.08
CA ASN C 824 8.51 -3.59 89.99
C ASN C 824 8.27 -5.01 89.48
N PHE C 825 8.11 -5.16 88.16
CA PHE C 825 7.92 -6.49 87.59
C PHE C 825 9.16 -7.35 87.78
N THR C 826 10.35 -6.77 87.61
CA THR C 826 11.58 -7.52 87.82
C THR C 826 11.70 -7.99 89.26
N LYS C 827 11.37 -7.12 90.21
CA LYS C 827 11.44 -7.45 91.63
C LYS C 827 10.45 -8.56 91.99
N ARG C 843 15.38 -10.72 85.78
CA ARG C 843 15.67 -9.86 84.63
C ARG C 843 16.74 -10.48 83.74
N ASN C 844 16.56 -10.37 82.43
CA ASN C 844 17.50 -10.90 81.44
C ASN C 844 17.73 -12.40 81.61
N SER C 845 16.74 -13.10 82.14
CA SER C 845 16.85 -14.54 82.33
C SER C 845 16.85 -15.24 80.97
N ASP C 846 17.70 -16.26 80.83
CA ASP C 846 17.79 -17.04 79.61
C ASP C 846 17.32 -18.48 79.82
N VAL C 847 16.55 -18.73 80.86
CA VAL C 847 15.92 -20.02 81.11
C VAL C 847 14.41 -19.95 80.90
N MET C 848 13.74 -19.06 81.63
CA MET C 848 12.32 -18.81 81.45
C MET C 848 12.07 -17.31 81.40
N ASP C 849 11.22 -16.87 80.48
CA ASP C 849 10.89 -15.47 80.30
C ASP C 849 9.48 -15.19 80.75
N CYS C 850 9.27 -14.02 81.35
CA CYS C 850 7.97 -13.60 81.86
C CYS C 850 7.52 -12.39 81.07
N VAL C 851 6.33 -12.48 80.45
CA VAL C 851 5.78 -11.39 79.66
C VAL C 851 4.30 -11.21 80.00
N ILE C 852 3.82 -10.00 79.74
CA ILE C 852 2.43 -9.62 80.01
C ILE C 852 1.78 -9.24 78.69
N LEU C 853 0.59 -9.78 78.45
CA LEU C 853 -0.16 -9.50 77.23
C LEU C 853 -1.54 -8.97 77.58
N ASP C 854 -2.09 -8.14 76.70
CA ASP C 854 -3.39 -7.53 76.88
C ASP C 854 -4.45 -8.33 76.12
N ASP C 855 -5.67 -7.79 76.07
CA ASP C 855 -6.75 -8.44 75.33
C ASP C 855 -6.54 -8.25 73.84
N GLY C 856 -5.75 -9.12 73.23
CA GLY C 856 -5.35 -8.94 71.84
C GLY C 856 -3.94 -9.41 71.58
N GLY C 857 -3.24 -9.80 72.65
CA GLY C 857 -1.89 -10.33 72.51
C GLY C 857 -0.84 -9.33 72.07
N PHE C 858 -0.86 -8.13 72.60
CA PHE C 858 0.14 -7.12 72.32
C PHE C 858 1.11 -7.01 73.49
N LEU C 859 2.40 -6.96 73.19
CA LEU C 859 3.45 -6.99 74.21
C LEU C 859 3.42 -5.72 75.02
N LEU C 860 3.04 -5.83 76.29
CA LEU C 860 3.09 -4.70 77.21
C LEU C 860 4.20 -4.78 78.24
N MET C 861 4.82 -5.95 78.42
CA MET C 861 5.91 -6.13 79.36
C MET C 861 6.86 -7.18 78.80
N ALA C 862 8.08 -7.21 79.32
CA ALA C 862 9.09 -8.12 78.82
C ALA C 862 10.03 -8.50 79.96
N ASN C 863 10.90 -9.47 79.69
CA ASN C 863 11.86 -9.92 80.68
C ASN C 863 13.27 -9.93 80.11
N HIS C 864 13.40 -10.15 78.80
CA HIS C 864 14.71 -10.26 78.16
C HIS C 864 15.38 -8.92 77.93
N ASP C 865 14.65 -7.81 78.07
CA ASP C 865 15.14 -6.47 77.75
C ASP C 865 15.49 -6.34 76.27
N ASP C 866 15.26 -7.40 75.50
CA ASP C 866 15.29 -7.34 74.05
C ASP C 866 13.90 -7.22 73.45
N TYR C 867 12.89 -7.76 74.14
CA TYR C 867 11.51 -7.53 73.78
C TYR C 867 11.02 -6.15 74.18
N THR C 868 11.61 -5.55 75.22
CA THR C 868 11.19 -4.23 75.67
C THR C 868 11.44 -3.16 74.60
N ASN C 869 12.47 -3.35 73.78
CA ASN C 869 12.69 -2.44 72.66
C ASN C 869 11.53 -2.49 71.68
N GLN C 870 11.02 -3.68 71.40
CA GLN C 870 9.83 -3.87 70.56
C GLN C 870 8.57 -3.92 71.40
N ILE C 871 8.36 -2.89 72.23
CA ILE C 871 7.18 -2.83 73.07
C ILE C 871 5.97 -2.49 72.22
N GLY C 872 4.80 -2.95 72.66
CA GLY C 872 3.58 -2.73 71.91
C GLY C 872 3.54 -3.45 70.57
N ARG C 873 4.04 -4.68 70.52
CA ARG C 873 4.07 -5.47 69.30
C ARG C 873 3.27 -6.75 69.51
N PHE C 874 2.66 -7.24 68.44
CA PHE C 874 1.88 -8.47 68.54
C PHE C 874 2.77 -9.64 68.92
N PHE C 875 2.32 -10.42 69.91
CA PHE C 875 3.14 -11.51 70.42
C PHE C 875 3.38 -12.59 69.37
N GLY C 876 2.42 -12.79 68.47
CA GLY C 876 2.60 -13.78 67.43
C GLY C 876 3.67 -13.43 66.40
N GLU C 877 4.02 -12.15 66.32
CA GLU C 877 5.09 -11.74 65.41
C GLU C 877 6.46 -12.11 65.95
N ILE C 878 6.58 -12.31 67.26
CA ILE C 878 7.87 -12.60 67.87
C ILE C 878 7.95 -14.02 68.43
N ASP C 879 6.85 -14.58 68.93
CA ASP C 879 6.83 -15.92 69.51
C ASP C 879 5.70 -16.73 68.86
N PRO C 880 5.87 -17.11 67.60
CA PRO C 880 4.78 -17.82 66.90
C PRO C 880 4.42 -19.16 67.54
N SER C 881 5.39 -19.86 68.12
CA SER C 881 5.12 -21.19 68.66
C SER C 881 4.15 -21.11 69.84
N LEU C 882 4.43 -20.24 70.80
CA LEU C 882 3.53 -20.11 71.95
C LEU C 882 2.21 -19.48 71.54
N MET C 883 2.24 -18.51 70.62
CA MET C 883 1.03 -17.84 70.20
C MET C 883 0.07 -18.80 69.50
N ARG C 884 0.58 -19.62 68.59
CA ARG C 884 -0.28 -20.54 67.87
C ARG C 884 -0.92 -21.55 68.80
N HIS C 885 -0.15 -22.03 69.79
CA HIS C 885 -0.72 -22.96 70.76
C HIS C 885 -1.78 -22.29 71.63
N LEU C 886 -1.60 -21.01 71.95
CA LEU C 886 -2.61 -20.31 72.76
C LEU C 886 -3.95 -20.26 72.05
N VAL C 887 -3.93 -19.99 70.74
CA VAL C 887 -5.17 -20.02 69.97
C VAL C 887 -5.80 -21.41 70.02
N ASN C 888 -4.96 -22.45 69.95
CA ASN C 888 -5.46 -23.82 69.91
C ASN C 888 -6.14 -24.20 71.22
N ILE C 889 -5.55 -23.82 72.36
CA ILE C 889 -6.12 -24.20 73.66
C ILE C 889 -7.32 -23.35 74.04
N SER C 890 -7.77 -22.45 73.16
CA SER C 890 -8.99 -21.66 73.36
C SER C 890 -8.86 -20.71 74.55
N VAL C 891 -7.77 -19.94 74.57
CA VAL C 891 -7.66 -18.78 75.44
C VAL C 891 -7.75 -17.49 74.63
N TYR C 892 -7.24 -17.49 73.40
CA TYR C 892 -7.43 -16.39 72.46
C TYR C 892 -8.23 -16.91 71.27
N ALA C 893 -9.28 -16.17 70.91
CA ALA C 893 -10.18 -16.56 69.83
C ALA C 893 -10.18 -15.47 68.78
N PHE C 894 -9.98 -15.85 67.52
CA PHE C 894 -10.02 -14.88 66.44
C PHE C 894 -11.21 -15.13 65.52
N ASN C 895 -11.77 -14.05 65.00
CA ASN C 895 -12.45 -14.09 63.71
C ASN C 895 -11.78 -13.07 62.79
N LYS C 896 -11.77 -13.35 61.50
CA LYS C 896 -11.25 -12.44 60.51
C LYS C 896 -12.38 -11.67 59.84
N SER C 897 -12.01 -10.60 59.16
CA SER C 897 -12.98 -9.78 58.44
C SER C 897 -12.26 -9.07 57.32
N TYR C 898 -13.03 -8.59 56.35
CA TYR C 898 -12.50 -7.94 55.16
C TYR C 898 -12.82 -6.45 55.20
N ASP C 899 -11.84 -5.63 54.83
CA ASP C 899 -11.99 -4.19 54.72
C ASP C 899 -11.94 -3.84 53.23
N TYR C 900 -13.08 -3.44 52.68
CA TYR C 900 -13.18 -3.17 51.26
C TYR C 900 -12.76 -1.75 50.90
N GLN C 901 -12.84 -0.82 51.86
CA GLN C 901 -12.36 0.55 51.66
C GLN C 901 -10.99 0.68 52.33
N SER C 902 -9.98 0.13 51.65
CA SER C 902 -8.62 0.16 52.16
C SER C 902 -7.67 0.39 51.00
N VAL C 903 -6.71 1.29 51.19
CA VAL C 903 -5.75 1.63 50.14
C VAL C 903 -4.56 0.68 50.21
N CYS C 904 -4.11 0.22 49.05
CA CYS C 904 -3.07 -0.80 48.96
C CYS C 904 -2.02 -0.40 47.93
N GLU C 905 -0.81 -0.88 48.13
CA GLU C 905 0.29 -0.60 47.21
C GLU C 905 0.17 -1.50 45.98
N PRO C 906 0.19 -0.93 44.77
CA PRO C 906 0.04 -1.76 43.56
C PRO C 906 1.17 -2.76 43.43
N GLY C 907 0.82 -3.95 42.92
CA GLY C 907 1.77 -5.03 42.71
C GLY C 907 2.10 -5.20 41.24
N ALA C 908 3.08 -6.08 41.00
CA ALA C 908 3.53 -6.34 39.63
C ALA C 908 2.47 -7.10 38.85
N ALA C 909 2.27 -6.69 37.60
CA ALA C 909 1.30 -7.34 36.73
C ALA C 909 1.99 -8.06 35.58
N SER C 970 1.52 5.53 42.14
CA SER C 970 0.21 5.82 42.72
C SER C 970 -0.28 4.66 43.58
N LYS C 971 -1.49 4.79 44.11
CA LYS C 971 -2.08 3.77 44.97
C LYS C 971 -3.53 3.54 44.57
N GLN C 972 -4.02 2.34 44.85
CA GLN C 972 -5.39 1.97 44.54
C GLN C 972 -5.98 1.21 45.71
N SER C 973 -7.31 1.19 45.79
CA SER C 973 -8.01 0.53 46.87
C SER C 973 -8.14 -0.96 46.60
N CYS C 974 -8.13 -1.75 47.67
CA CYS C 974 -8.25 -3.20 47.56
C CYS C 974 -8.71 -3.75 48.89
N ILE C 975 -9.15 -5.00 48.88
CA ILE C 975 -9.58 -5.67 50.10
C ILE C 975 -8.35 -6.13 50.87
N THR C 976 -8.30 -5.78 52.16
CA THR C 976 -7.28 -6.27 53.07
C THR C 976 -7.96 -7.02 54.20
N GLU C 977 -7.61 -8.28 54.38
CA GLU C 977 -8.19 -9.08 55.44
C GLU C 977 -7.64 -8.63 56.79
N GLN C 978 -8.52 -8.54 57.78
CA GLN C 978 -8.16 -8.14 59.13
C GLN C 978 -8.36 -9.31 60.09
N THR C 979 -7.78 -9.18 61.27
CA THR C 979 -7.93 -10.20 62.30
C THR C 979 -7.73 -9.55 63.66
N GLN C 980 -8.50 -10.01 64.64
CA GLN C 980 -8.43 -9.48 66.00
C GLN C 980 -8.58 -10.62 66.98
N TYR C 981 -7.93 -10.48 68.13
CA TYR C 981 -7.91 -11.52 69.14
C TYR C 981 -8.48 -11.01 70.45
N PHE C 982 -9.08 -11.91 71.22
CA PHE C 982 -9.70 -11.55 72.49
C PHE C 982 -9.82 -12.80 73.35
N PHE C 983 -10.09 -12.59 74.63
CA PHE C 983 -10.30 -13.70 75.55
C PHE C 983 -11.54 -14.49 75.14
N ASP C 984 -11.41 -15.81 75.06
CA ASP C 984 -12.54 -16.66 74.70
C ASP C 984 -13.32 -17.13 75.92
N ASN C 985 -12.67 -17.86 76.82
CA ASN C 985 -13.35 -18.48 77.94
C ASN C 985 -13.17 -17.63 79.20
N ASP C 986 -14.10 -17.80 80.14
CA ASP C 986 -14.04 -17.06 81.39
C ASP C 986 -13.13 -17.72 82.42
N SER C 987 -12.52 -18.85 82.09
CA SER C 987 -11.56 -19.48 82.98
C SER C 987 -10.38 -18.54 83.22
N LYS C 988 -9.82 -18.59 84.42
CA LYS C 988 -8.79 -17.65 84.85
C LYS C 988 -7.39 -18.22 84.69
N SER C 989 -7.11 -19.36 85.30
CA SER C 989 -5.77 -19.94 85.31
C SER C 989 -5.64 -20.98 84.22
N PHE C 990 -4.50 -20.95 83.52
CA PHE C 990 -4.21 -21.92 82.47
C PHE C 990 -2.81 -22.48 82.68
N SER C 991 -2.68 -23.79 82.47
CA SER C 991 -1.39 -24.46 82.57
C SER C 991 -1.36 -25.60 81.57
N GLY C 992 -0.19 -25.83 80.99
CA GLY C 992 -0.06 -26.89 80.00
C GLY C 992 1.38 -27.00 79.53
N VAL C 993 1.60 -27.95 78.62
CA VAL C 993 2.92 -28.25 78.08
C VAL C 993 2.89 -28.00 76.58
N LEU C 994 3.85 -27.22 76.09
CA LEU C 994 3.93 -26.89 74.67
C LEU C 994 4.89 -27.85 73.97
N ASP C 995 4.43 -28.42 72.85
CA ASP C 995 5.21 -29.37 72.07
C ASP C 995 5.56 -28.75 70.72
N CYS C 996 6.85 -28.71 70.40
CA CYS C 996 7.32 -28.15 69.15
C CYS C 996 8.19 -29.11 68.36
N GLY C 997 8.42 -30.31 68.86
CA GLY C 997 9.28 -31.28 68.18
C GLY C 997 10.56 -31.53 68.94
N ASN C 998 10.74 -32.78 69.39
CA ASN C 998 11.90 -33.23 70.18
C ASN C 998 12.25 -32.25 71.30
N CYS C 999 11.23 -31.56 71.82
CA CYS C 999 11.42 -30.61 72.89
C CYS C 999 10.11 -30.49 73.66
N SER C 1000 10.20 -29.94 74.87
CA SER C 1000 9.04 -29.83 75.76
C SER C 1000 9.17 -28.57 76.59
N ARG C 1001 8.18 -27.69 76.49
CA ARG C 1001 8.13 -26.46 77.29
C ARG C 1001 6.78 -26.37 77.98
N ILE C 1002 6.80 -26.20 79.30
CA ILE C 1002 5.60 -26.16 80.11
C ILE C 1002 5.34 -24.70 80.50
N PHE C 1003 4.09 -24.27 80.35
CA PHE C 1003 3.71 -22.88 80.58
C PHE C 1003 2.56 -22.82 81.59
N HIS C 1004 2.52 -21.72 82.34
CA HIS C 1004 1.43 -21.44 83.26
C HIS C 1004 0.92 -20.03 82.99
N GLY C 1005 -0.40 -19.89 82.92
CA GLY C 1005 -0.99 -18.60 82.62
C GLY C 1005 -2.08 -18.21 83.59
N GLU C 1006 -1.97 -16.99 84.13
CA GLU C 1006 -2.97 -16.44 85.04
C GLU C 1006 -3.33 -15.03 84.58
N LYS C 1007 -4.61 -14.70 84.64
CA LYS C 1007 -5.12 -13.42 84.18
C LYS C 1007 -5.26 -12.46 85.35
N LEU C 1008 -4.77 -11.24 85.17
CA LEU C 1008 -4.89 -10.22 86.21
C LEU C 1008 -6.35 -9.85 86.43
N MET C 1009 -6.74 -9.75 87.70
CA MET C 1009 -8.11 -9.41 88.04
C MET C 1009 -8.39 -7.94 87.77
N ASN C 1010 -9.64 -7.65 87.39
CA ASN C 1010 -10.09 -6.29 87.09
C ASN C 1010 -9.23 -5.63 86.03
N THR C 1011 -8.74 -6.42 85.08
CA THR C 1011 -7.84 -5.91 84.05
C THR C 1011 -7.98 -6.82 82.83
N ASN C 1012 -7.65 -6.26 81.66
CA ASN C 1012 -7.63 -7.01 80.41
C ASN C 1012 -6.26 -7.59 80.11
N LEU C 1013 -5.48 -7.89 81.14
CA LEU C 1013 -4.11 -8.36 81.00
C LEU C 1013 -4.01 -9.84 81.37
N ILE C 1014 -3.06 -10.52 80.74
CA ILE C 1014 -2.76 -11.91 81.02
C ILE C 1014 -1.27 -12.02 81.30
N PHE C 1015 -0.92 -12.94 82.21
CA PHE C 1015 0.47 -13.22 82.57
C PHE C 1015 0.79 -14.65 82.15
N ILE C 1016 1.83 -14.81 81.33
CA ILE C 1016 2.28 -16.11 80.86
C ILE C 1016 3.74 -16.27 81.25
N MET C 1017 4.15 -17.52 81.47
CA MET C 1017 5.55 -17.84 81.72
C MET C 1017 5.87 -19.15 81.00
N VAL C 1018 6.85 -19.10 80.11
CA VAL C 1018 7.30 -20.28 79.36
C VAL C 1018 8.82 -20.30 79.39
N GLU C 1019 9.39 -21.46 79.07
CA GLU C 1019 10.84 -21.55 78.99
C GLU C 1019 11.34 -20.80 77.77
N SER C 1020 12.63 -20.45 77.81
CA SER C 1020 13.21 -19.62 76.76
C SER C 1020 13.17 -20.33 75.42
N LYS C 1021 13.07 -19.53 74.36
CA LYS C 1021 13.01 -20.08 73.00
C LYS C 1021 14.27 -20.85 72.65
N GLY C 1022 15.41 -20.49 73.25
CA GLY C 1022 16.65 -21.20 72.99
C GLY C 1022 16.65 -22.62 73.52
N THR C 1023 15.84 -22.92 74.52
CA THR C 1023 15.79 -24.27 75.05
C THR C 1023 15.25 -25.25 74.02
N CYS C 1024 14.25 -24.84 73.24
CA CYS C 1024 13.68 -25.69 72.22
C CYS C 1024 14.18 -25.27 70.85
N PRO C 1025 14.98 -26.09 70.16
CA PRO C 1025 15.49 -25.70 68.83
C PRO C 1025 14.43 -25.86 67.74
N CYS C 1026 13.43 -24.97 67.78
CA CYS C 1026 12.36 -24.96 66.78
C CYS C 1026 11.98 -23.53 66.47
N ASP C 1027 11.45 -23.32 65.27
CA ASP C 1027 11.01 -22.00 64.84
C ASP C 1027 9.87 -22.18 63.85
N THR C 1028 8.63 -22.05 64.32
CA THR C 1028 7.47 -22.16 63.47
C THR C 1028 7.27 -20.87 62.68
N ARG C 1029 6.40 -20.94 61.67
CA ARG C 1029 6.10 -19.79 60.84
C ARG C 1029 5.36 -18.72 61.64
N LEU C 1030 5.61 -17.46 61.29
CA LEU C 1030 5.07 -16.34 62.05
C LEU C 1030 3.56 -16.28 61.95
N LEU C 1031 2.92 -15.83 63.03
CA LEU C 1031 1.48 -15.58 63.09
C LEU C 1031 1.31 -14.07 63.23
N ILE C 1032 1.08 -13.41 62.11
CA ILE C 1032 1.04 -11.95 62.05
C ILE C 1032 -0.40 -11.47 62.07
N GLN C 1033 -0.66 -10.44 62.87
CA GLN C 1033 -1.97 -9.79 62.95
C GLN C 1033 -1.80 -8.35 62.48
N ALA C 1034 -2.05 -8.11 61.19
CA ALA C 1034 -1.89 -6.79 60.61
C ALA C 1034 -2.72 -6.73 59.33
N GLU C 1035 -2.65 -5.59 58.65
CA GLU C 1035 -3.40 -5.35 57.43
C GLU C 1035 -2.74 -6.10 56.28
N GLN C 1036 -3.26 -7.29 55.97
CA GLN C 1036 -2.74 -8.12 54.90
C GLN C 1036 -3.67 -8.02 53.69
N THR C 1037 -3.14 -7.54 52.57
CA THR C 1037 -3.92 -7.46 51.35
C THR C 1037 -4.33 -8.85 50.88
N SER C 1038 -5.53 -8.95 50.34
CA SER C 1038 -6.07 -10.23 49.89
C SER C 1038 -7.06 -9.98 48.75
N ASP C 1039 -7.81 -11.01 48.39
CA ASP C 1039 -8.84 -10.90 47.38
C ASP C 1039 -10.15 -11.57 47.78
N GLY C 1040 -10.20 -12.28 48.91
CA GLY C 1040 -11.37 -13.02 49.29
C GLY C 1040 -12.50 -12.12 49.74
N PRO C 1041 -13.69 -12.69 49.92
CA PRO C 1041 -14.05 -14.11 49.72
C PRO C 1041 -14.22 -14.46 48.25
N ASN C 1042 -14.22 -15.73 47.91
CA ASN C 1042 -14.38 -16.14 46.52
C ASN C 1042 -15.81 -15.89 46.08
N PRO C 1043 -16.03 -15.14 44.99
CA PRO C 1043 -17.39 -14.92 44.50
C PRO C 1043 -17.95 -16.09 43.69
N CYS C 1044 -17.14 -17.07 43.34
CA CYS C 1044 -17.63 -18.21 42.57
C CYS C 1044 -18.66 -19.02 43.35
N ASP C 1045 -18.50 -19.10 44.68
CA ASP C 1045 -19.45 -19.82 45.51
C ASP C 1045 -20.32 -18.90 46.36
N MET C 1046 -20.06 -17.60 46.38
CA MET C 1046 -20.96 -16.66 47.04
C MET C 1046 -22.29 -16.58 46.32
N VAL C 1047 -22.27 -16.70 44.99
CA VAL C 1047 -23.50 -16.58 44.20
C VAL C 1047 -24.39 -17.80 44.36
N LYS C 1048 -23.85 -18.92 44.82
CA LYS C 1048 -24.68 -20.12 45.01
C LYS C 1048 -25.64 -19.94 46.18
N GLN C 1049 -25.19 -19.26 47.24
CA GLN C 1049 -26.03 -18.94 48.39
C GLN C 1049 -25.94 -17.44 48.63
N PRO C 1050 -26.60 -16.64 47.81
CA PRO C 1050 -26.48 -15.19 47.92
C PRO C 1050 -27.28 -14.63 49.09
N ARG C 1051 -26.92 -13.41 49.48
CA ARG C 1051 -27.63 -12.72 50.53
C ARG C 1051 -29.05 -12.35 50.09
N TYR C 1052 -29.95 -12.26 51.06
CA TYR C 1052 -31.32 -11.89 50.75
C TYR C 1052 -31.40 -10.44 50.28
N ARG C 1053 -32.24 -10.22 49.28
CA ARG C 1053 -32.44 -8.89 48.72
C ARG C 1053 -33.83 -8.79 48.14
N LYS C 1054 -34.31 -7.56 47.96
CA LYS C 1054 -35.65 -7.31 47.44
C LYS C 1054 -35.54 -6.22 46.38
N GLY C 1055 -35.87 -6.57 45.14
CA GLY C 1055 -35.79 -5.64 44.04
C GLY C 1055 -37.08 -4.88 43.82
N PRO C 1056 -37.06 -3.94 42.86
CA PRO C 1056 -38.28 -3.17 42.58
C PRO C 1056 -39.40 -4.05 42.07
N ASP C 1057 -40.63 -3.69 42.44
CA ASP C 1057 -41.82 -4.39 41.99
C ASP C 1057 -42.43 -3.78 40.74
N VAL C 1058 -41.79 -2.75 40.18
CA VAL C 1058 -42.30 -2.04 39.01
C VAL C 1058 -41.54 -2.53 37.79
N CYS C 1059 -42.25 -3.09 36.82
CA CYS C 1059 -41.66 -3.60 35.59
C CYS C 1059 -42.40 -3.02 34.40
N PHE C 1060 -41.64 -2.63 33.38
CA PHE C 1060 -42.21 -2.08 32.15
C PHE C 1060 -41.56 -2.76 30.96
N ASP C 1061 -42.29 -3.67 30.32
CA ASP C 1061 -41.83 -4.37 29.13
C ASP C 1061 -43.03 -4.90 28.38
N ASN C 1062 -42.78 -5.27 27.12
CA ASN C 1062 -43.75 -5.91 26.22
C ASN C 1062 -45.12 -5.23 26.28
N ASN C 1063 -45.14 -3.97 25.84
CA ASN C 1063 -46.38 -3.24 25.66
C ASN C 1063 -46.92 -3.46 24.26
N VAL C 1064 -48.23 -3.70 24.16
CA VAL C 1064 -48.83 -4.04 22.88
C VAL C 1064 -48.84 -2.85 21.92
N LEU C 1065 -48.74 -1.63 22.42
CA LEU C 1065 -48.73 -0.45 21.57
C LEU C 1065 -47.35 -0.13 21.02
N GLU C 1066 -46.33 -0.91 21.38
CA GLU C 1066 -44.97 -0.61 20.96
C GLU C 1066 -44.82 -0.71 19.45
N ASP C 1067 -44.00 0.16 18.88
CA ASP C 1067 -43.80 0.19 17.44
C ASP C 1067 -42.82 -0.91 17.00
N TYR C 1068 -41.57 -0.81 17.46
CA TYR C 1068 -40.48 -1.73 17.10
C TYR C 1068 -40.42 -2.00 15.60
N THR C 1069 -40.88 -1.04 14.80
CA THR C 1069 -40.81 -1.13 13.35
C THR C 1069 -39.51 -0.57 12.80
N ASP C 1070 -38.67 0.01 13.65
CA ASP C 1070 -37.37 0.55 13.24
C ASP C 1070 -36.29 -0.40 13.73
N CYS C 1071 -35.65 -1.09 12.79
CA CYS C 1071 -34.50 -1.93 13.10
C CYS C 1071 -33.27 -1.03 13.19
N GLY C 1072 -32.09 -1.62 13.24
CA GLY C 1072 -30.88 -0.83 13.15
C GLY C 1072 -30.28 -0.92 11.76
N GLY C 1073 -30.86 -1.75 10.90
CA GLY C 1073 -30.32 -1.99 9.58
C GLY C 1073 -30.95 -1.18 8.48
N VAL C 1074 -32.29 -1.11 8.46
CA VAL C 1074 -32.98 -0.36 7.42
C VAL C 1074 -32.66 1.12 7.54
N SER C 1075 -32.60 1.64 8.77
CA SER C 1075 -32.27 3.05 8.97
C SER C 1075 -30.88 3.37 8.46
N GLY C 1076 -29.91 2.48 8.73
CA GLY C 1076 -28.56 2.69 8.27
C GLY C 1076 -28.31 2.19 6.86
#